data_8RKU
#
_entry.id   8RKU
#
_cell.length_a   1.00
_cell.length_b   1.00
_cell.length_c   1.00
_cell.angle_alpha   90.00
_cell.angle_beta   90.00
_cell.angle_gamma   90.00
#
_symmetry.space_group_name_H-M   'P 1'
#
loop_
_entity.id
_entity.type
_entity.pdbx_description
1 polymer 'Non-target strand - LE'
2 polymer 'Target strand - LE'
3 polymer ShTnsC
4 non-polymer 'MAGNESIUM ION'
5 non-polymer "ADENOSINE-5'-TRIPHOSPHATE"
6 water water
#
loop_
_entity_poly.entity_id
_entity_poly.type
_entity_poly.pdbx_seq_one_letter_code
_entity_poly.pdbx_strand_id
1 'polydeoxyribonucleotide'
;(DG)(DT)(DG)(DA)(DA)(DG)(DG)(DT)(DT)(DC)(DT)(DC)(DT)(DT)(DC)(DA)(DG)(DT)(DA)(DT)
(DT)(DA)(DA)(DT)(DA)(DA)(DG)(DG)(DC)(DC)(DA)(DC)(DT)(DG)(DT)(DT)(DA)(DA)(DA)(DA)
(DC)(DG)(DT)(DA)(DC)(DT)(DA)(DT)(DA)(DT)(DA)(DG)(DA)(DC)(DA)(DT)(DC)(DT)(DC)(DC)
(DA)(DC)(DA)(DA)(DA)(DA)(DG)(DG)
;
2
2 'polydeoxyribonucleotide'
;(DA)(DA)(DT)(DT)(DA)(DA)(DA)(DT)(DA)(DG)(DT)(DC)(DA)(DC)(DA)(DA)(DT)(DG)(DA)(DC)
(DA)(DT)(DT)(DA)(DA)(DT)(DC)(DT)(DG)(DT)(DC)(DA)(DC)(DC)(DG)(DA)(DC)(DG)(DA)(DC)
(DA)(DG)(DA)(DT)(DA)(DA)(DT)(DT)(DT)(DG)(DT)(DC)(DA)(DC)(DT)(DG)(DT)(DA)(DC)(DA)
(DC)(DT)(DA)(DC)(DG)(DC)(DC)(DT)(DT)(DT)(DT)(DG)(DT)(DG)(DG)(DA)(DG)(DA)(DT)(DG)
(DT)(DC)(DT)(DA)(DA)(DT)(DA)(DT)(DC)(DT)(DA)(DC)(DG)(DT)(DT)(DT)(DT)(DA)(DA)(DC)
(DA)(DG)(DT)(DG)(DG)(DC)(DC)(DT)(DT)(DA)(DT)(DT)(DA)(DA)(DA)(DT)(DG)(DA)(DC)(DT)
(DT)(DC)(DT)(DC)(DA)(DA)(DC)(DC)(DT)(DT)(DC)(DA)(DC)
;
3
3 'polypeptide(L)'
;STEAQAIAKQLGGVKPDDEWLQAEIARLKGKSIVPLQQVKTLHDWLDGKRKARKSCRVVGESRTGKTVACDAYRYRHKPQ
QEAGRPPTVPVVYIRPHQKCGPKDLFKKITEYLKYRVTKGTVSDFRDRTIEVLKGCGVEMLIIDEADRLKPETFADVRDI
AEDLGIAVVLVGTDRLDAVIKRDEQVLERFRAHLRFGKLSGEDFKNTVEMWEQMVLKLPVSSNLKSKEMLRILTSATEGY
IGRLDEILREAAIRSLSRGLKKIDKAVLQEVAKEYK
;
D,E,F,G,H,I,J,K,L,M,N,O,P,Q
#
# COMPACT_ATOMS: atom_id res chain seq x y z
N GLU C 19 -37.49 -7.38 63.16
CA GLU C 19 -36.55 -6.33 62.83
C GLU C 19 -37.02 -5.50 61.63
N TRP C 20 -37.04 -4.18 61.83
CA TRP C 20 -37.52 -3.26 60.81
C TRP C 20 -36.70 -3.36 59.53
N LEU C 21 -35.37 -3.50 59.65
CA LEU C 21 -34.49 -3.52 58.49
C LEU C 21 -34.86 -4.64 57.51
N GLN C 22 -35.20 -5.82 58.04
CA GLN C 22 -35.49 -6.97 57.19
C GLN C 22 -36.69 -6.73 56.27
N ALA C 23 -37.72 -6.05 56.79
CA ALA C 23 -38.92 -5.77 56.00
C ALA C 23 -38.68 -4.73 54.91
N GLU C 24 -37.85 -3.72 55.18
CA GLU C 24 -37.50 -2.78 54.12
C GLU C 24 -36.64 -3.41 53.03
N ILE C 25 -35.64 -4.20 53.41
CA ILE C 25 -34.84 -4.90 52.41
C ILE C 25 -35.69 -5.89 51.61
N ALA C 26 -36.58 -6.60 52.30
CA ALA C 26 -37.51 -7.49 51.60
C ALA C 26 -38.43 -6.75 50.64
N ARG C 27 -38.80 -5.51 50.95
CA ARG C 27 -39.56 -4.69 50.02
C ARG C 27 -38.70 -4.15 48.88
N LEU C 28 -37.52 -3.61 49.19
CA LEU C 28 -36.68 -2.99 48.17
C LEU C 28 -36.13 -4.00 47.17
N LYS C 29 -35.98 -5.27 47.54
CA LYS C 29 -35.58 -6.26 46.55
C LYS C 29 -36.70 -6.61 45.58
N GLY C 30 -37.96 -6.35 45.93
CA GLY C 30 -39.06 -6.70 45.06
C GLY C 30 -39.38 -5.63 44.01
N LYS C 31 -40.11 -6.05 42.99
CA LYS C 31 -40.55 -5.17 41.91
C LYS C 31 -41.84 -4.43 42.27
N SER C 32 -42.07 -3.33 41.58
CA SER C 32 -43.28 -2.53 41.70
C SER C 32 -43.60 -1.92 40.34
N ILE C 33 -44.85 -1.49 40.17
CA ILE C 33 -45.32 -0.90 38.92
C ILE C 33 -45.55 0.59 39.17
N VAL C 34 -44.91 1.43 38.37
CA VAL C 34 -45.06 2.88 38.42
C VAL C 34 -45.83 3.34 37.19
N PRO C 35 -46.86 4.20 37.35
CA PRO C 35 -47.77 4.55 36.24
C PRO C 35 -47.22 5.61 35.29
N LEU C 36 -46.03 5.33 34.73
CA LEU C 36 -45.39 6.26 33.81
C LEU C 36 -46.25 6.50 32.57
N GLN C 37 -46.11 7.71 32.01
CA GLN C 37 -46.84 8.10 30.81
C GLN C 37 -46.47 7.24 29.60
N GLN C 38 -45.26 6.70 29.60
CA GLN C 38 -44.85 5.71 28.61
C GLN C 38 -45.76 4.49 28.64
N VAL C 39 -46.14 4.03 29.84
CA VAL C 39 -47.07 2.93 29.97
C VAL C 39 -48.48 3.32 29.52
N LYS C 40 -48.97 4.49 29.96
CA LYS C 40 -50.28 4.97 29.53
C LYS C 40 -50.37 5.09 28.00
N THR C 41 -49.29 5.52 27.34
CA THR C 41 -49.29 5.61 25.89
C THR C 41 -49.55 4.27 25.22
N LEU C 42 -48.84 3.22 25.64
CA LEU C 42 -49.08 1.89 25.10
C LEU C 42 -50.50 1.40 25.39
N HIS C 43 -50.99 1.59 26.62
CA HIS C 43 -52.32 1.08 26.98
C HIS C 43 -53.42 1.71 26.14
N ASP C 44 -53.38 3.03 25.95
CA ASP C 44 -54.34 3.67 25.05
C ASP C 44 -54.17 3.20 23.61
N TRP C 45 -52.93 2.97 23.19
CA TRP C 45 -52.67 2.50 21.82
C TRP C 45 -53.11 1.07 21.62
N LEU C 46 -52.78 0.18 22.56
CA LEU C 46 -53.23 -1.20 22.52
C LEU C 46 -54.75 -1.30 22.53
N ASP C 47 -55.41 -0.40 23.26
CA ASP C 47 -56.87 -0.31 23.20
C ASP C 47 -57.37 0.00 21.79
N GLY C 48 -56.69 0.87 21.07
CA GLY C 48 -57.07 1.12 19.68
C GLY C 48 -56.87 -0.08 18.77
N LYS C 49 -55.73 -0.77 18.90
CA LYS C 49 -55.47 -1.96 18.10
C LYS C 49 -56.40 -3.12 18.47
N ARG C 50 -56.64 -3.32 19.75
CA ARG C 50 -57.63 -4.31 20.18
C ARG C 50 -59.02 -3.96 19.68
N LYS C 51 -59.45 -2.71 19.84
CA LYS C 51 -60.78 -2.31 19.37
C LYS C 51 -60.90 -2.51 17.87
N ALA C 52 -59.94 -1.99 17.12
CA ALA C 52 -59.89 -2.20 15.67
C ALA C 52 -59.49 -3.62 15.30
N ARG C 53 -59.27 -4.48 16.29
CA ARG C 53 -58.90 -5.88 16.07
C ARG C 53 -57.69 -6.01 15.15
N LYS C 54 -56.71 -5.13 15.37
CA LYS C 54 -55.61 -4.89 14.45
C LYS C 54 -54.33 -5.50 15.01
N SER C 55 -53.63 -6.26 14.17
CA SER C 55 -52.30 -6.76 14.48
C SER C 55 -51.25 -5.66 14.35
N CYS C 56 -50.21 -5.77 15.16
CA CYS C 56 -49.20 -4.72 15.28
C CYS C 56 -47.98 -5.30 15.98
N ARG C 57 -46.98 -4.45 16.22
CA ARG C 57 -45.83 -4.84 17.02
C ARG C 57 -45.40 -3.72 17.96
N VAL C 58 -44.73 -4.13 19.04
CA VAL C 58 -44.09 -3.23 20.00
C VAL C 58 -42.59 -3.48 19.97
N VAL C 59 -41.80 -2.43 19.79
CA VAL C 59 -40.35 -2.54 19.62
C VAL C 59 -39.66 -1.46 20.45
N GLY C 60 -38.54 -1.82 21.06
CA GLY C 60 -37.72 -0.84 21.76
C GLY C 60 -36.51 -1.51 22.36
N GLU C 61 -35.53 -0.68 22.73
CA GLU C 61 -34.30 -1.16 23.36
C GLU C 61 -34.61 -1.95 24.63
N SER C 62 -33.64 -2.77 25.03
CA SER C 62 -33.73 -3.51 26.28
C SER C 62 -33.92 -2.59 27.49
N ARG C 63 -34.65 -3.09 28.47
CA ARG C 63 -34.91 -2.44 29.75
C ARG C 63 -35.62 -1.10 29.62
N THR C 64 -36.30 -0.87 28.51
CA THR C 64 -37.13 0.32 28.34
C THR C 64 -38.50 0.19 28.98
N GLY C 65 -38.90 -1.01 29.40
CA GLY C 65 -40.13 -1.19 30.13
C GLY C 65 -41.26 -1.82 29.35
N LYS C 66 -40.98 -2.36 28.16
CA LYS C 66 -42.04 -2.91 27.31
C LYS C 66 -42.80 -4.03 28.01
N THR C 67 -42.08 -5.03 28.53
CA THR C 67 -42.69 -6.13 29.25
C THR C 67 -43.57 -5.66 30.41
N VAL C 68 -43.06 -4.79 31.27
CA VAL C 68 -43.85 -4.33 32.41
C VAL C 68 -45.09 -3.58 31.96
N ALA C 69 -45.00 -2.78 30.91
CA ALA C 69 -46.19 -2.11 30.38
C ALA C 69 -47.20 -3.08 29.77
N CYS C 70 -46.73 -4.07 29.00
CA CYS C 70 -47.63 -5.07 28.46
C CYS C 70 -48.23 -5.97 29.54
N ASP C 71 -47.40 -6.39 30.49
CA ASP C 71 -47.88 -7.19 31.61
C ASP C 71 -48.92 -6.46 32.44
N ALA C 72 -48.69 -5.16 32.69
CA ALA C 72 -49.68 -4.33 33.39
C ALA C 72 -50.98 -4.22 32.63
N TYR C 73 -50.91 -4.20 31.30
CA TYR C 73 -52.13 -4.16 30.48
C TYR C 73 -52.97 -5.43 30.63
N ARG C 74 -52.33 -6.59 30.72
CA ARG C 74 -53.07 -7.82 30.95
C ARG C 74 -53.78 -7.82 32.30
N TYR C 75 -53.11 -7.35 33.36
CA TYR C 75 -53.78 -7.19 34.65
C TYR C 75 -54.95 -6.22 34.58
N ARG C 76 -54.89 -5.24 33.67
CA ARG C 76 -55.98 -4.29 33.50
C ARG C 76 -57.23 -4.87 32.84
N HIS C 77 -57.17 -6.10 32.34
CA HIS C 77 -58.28 -6.74 31.62
C HIS C 77 -58.38 -8.22 31.99
N LYS C 78 -58.38 -8.48 33.30
CA LYS C 78 -58.45 -9.84 33.81
C LYS C 78 -59.71 -10.55 33.30
N PRO C 79 -59.66 -11.88 33.19
CA PRO C 79 -60.79 -12.66 32.67
C PRO C 79 -62.11 -12.44 33.39
N GLN C 80 -63.19 -12.86 32.72
CA GLN C 80 -64.56 -12.74 33.19
C GLN C 80 -65.25 -14.09 32.98
N GLN C 81 -66.34 -14.31 33.72
CA GLN C 81 -67.00 -15.61 33.74
C GLN C 81 -68.51 -15.47 33.73
N GLU C 82 -69.17 -16.57 33.36
CA GLU C 82 -70.62 -16.70 33.41
C GLU C 82 -70.97 -18.14 33.77
N ALA C 83 -72.11 -18.32 34.42
CA ALA C 83 -72.51 -19.61 34.97
C ALA C 83 -72.61 -20.68 33.89
N GLY C 84 -71.89 -21.78 34.11
CA GLY C 84 -71.91 -22.92 33.20
C GLY C 84 -71.29 -22.64 31.86
N ARG C 85 -70.43 -21.63 31.78
CA ARG C 85 -69.72 -21.25 30.58
C ARG C 85 -68.23 -21.24 30.87
N PRO C 86 -67.38 -21.46 29.87
CA PRO C 86 -65.95 -21.22 30.05
C PRO C 86 -65.69 -19.76 30.36
N PRO C 87 -64.57 -19.44 31.01
CA PRO C 87 -64.22 -18.04 31.22
C PRO C 87 -63.92 -17.34 29.91
N THR C 88 -64.20 -16.04 29.87
CA THR C 88 -63.80 -15.20 28.75
C THR C 88 -62.60 -14.35 29.13
N VAL C 89 -61.65 -14.27 28.21
CA VAL C 89 -60.30 -13.78 28.48
C VAL C 89 -59.97 -12.71 27.43
N PRO C 90 -60.27 -11.44 27.70
CA PRO C 90 -60.13 -10.42 26.64
C PRO C 90 -58.74 -10.33 26.03
N VAL C 91 -57.68 -10.36 26.83
CA VAL C 91 -56.32 -10.31 26.32
C VAL C 91 -55.52 -11.47 26.91
N VAL C 92 -54.78 -12.16 26.04
CA VAL C 92 -53.80 -13.17 26.44
C VAL C 92 -52.41 -12.58 26.33
N TYR C 93 -51.60 -12.73 27.39
CA TYR C 93 -50.20 -12.36 27.36
C TYR C 93 -49.36 -13.62 27.56
N ILE C 94 -48.46 -13.91 26.62
CA ILE C 94 -47.54 -15.04 26.72
C ILE C 94 -46.12 -14.58 26.40
N ARG C 95 -45.16 -15.26 27.01
CA ARG C 95 -43.76 -15.13 26.59
C ARG C 95 -43.23 -16.51 26.21
N PRO C 96 -43.07 -16.80 24.92
CA PRO C 96 -42.46 -18.06 24.49
C PRO C 96 -41.11 -18.32 25.13
N HIS C 97 -40.77 -19.60 25.28
CA HIS C 97 -39.39 -19.95 25.54
C HIS C 97 -38.56 -19.76 24.28
N GLN C 98 -37.25 -19.66 24.45
CA GLN C 98 -36.35 -19.47 23.31
C GLN C 98 -36.47 -20.62 22.32
N LYS C 99 -36.40 -20.27 21.03
CA LYS C 99 -36.64 -21.17 19.91
C LYS C 99 -37.96 -21.93 20.04
N CYS C 100 -39.04 -21.17 20.17
CA CYS C 100 -40.36 -21.76 20.34
C CYS C 100 -40.87 -22.34 19.02
N GLY C 101 -41.07 -23.66 18.98
CA GLY C 101 -41.73 -24.30 17.87
C GLY C 101 -43.24 -24.22 17.96
N PRO C 102 -43.92 -24.50 16.84
CA PRO C 102 -45.39 -24.35 16.81
C PRO C 102 -46.14 -25.06 17.92
N LYS C 103 -45.79 -26.32 18.18
CA LYS C 103 -46.49 -27.12 19.18
C LYS C 103 -46.38 -26.51 20.57
N ASP C 104 -45.21 -25.95 20.91
CA ASP C 104 -45.02 -25.32 22.20
C ASP C 104 -45.66 -23.94 22.31
N LEU C 105 -45.83 -23.24 21.18
CA LEU C 105 -46.66 -22.04 21.17
C LEU C 105 -48.13 -22.36 21.43
N PHE C 106 -48.65 -23.39 20.77
CA PHE C 106 -50.01 -23.85 21.05
C PHE C 106 -50.16 -24.26 22.51
N LYS C 107 -49.18 -24.97 23.06
CA LYS C 107 -49.19 -25.32 24.48
C LYS C 107 -49.16 -24.08 25.37
N LYS C 108 -48.33 -23.10 25.02
CA LYS C 108 -48.33 -21.84 25.76
C LYS C 108 -49.71 -21.18 25.78
N ILE C 109 -50.34 -21.06 24.63
CA ILE C 109 -51.68 -20.46 24.56
C ILE C 109 -52.70 -21.33 25.30
N THR C 110 -52.68 -22.64 25.05
CA THR C 110 -53.57 -23.59 25.70
C THR C 110 -53.47 -23.53 27.22
N GLU C 111 -52.25 -23.56 27.74
CA GLU C 111 -52.04 -23.52 29.19
C GLU C 111 -52.44 -22.18 29.80
N TYR C 112 -52.22 -21.08 29.09
CA TYR C 112 -52.70 -19.79 29.59
C TYR C 112 -54.22 -19.80 29.74
N LEU C 113 -54.94 -20.41 28.80
CA LEU C 113 -56.39 -20.58 28.89
C LEU C 113 -56.80 -21.74 29.80
N LYS C 114 -55.87 -22.34 30.54
CA LYS C 114 -56.11 -23.40 31.51
C LYS C 114 -56.62 -24.70 30.89
N TYR C 115 -56.58 -24.83 29.56
CA TYR C 115 -56.84 -26.13 28.95
C TYR C 115 -55.59 -27.02 29.03
N ARG C 116 -55.77 -28.28 28.66
CA ARG C 116 -54.68 -29.23 28.59
C ARG C 116 -54.83 -30.10 27.34
N VAL C 117 -53.70 -30.48 26.76
CA VAL C 117 -53.66 -31.32 25.57
C VAL C 117 -52.48 -32.26 25.71
N THR C 118 -52.76 -33.51 26.08
CA THR C 118 -51.70 -34.45 26.43
C THR C 118 -51.12 -35.18 25.23
N LYS C 119 -51.85 -35.27 24.14
CA LYS C 119 -51.44 -36.05 22.99
C LYS C 119 -51.99 -35.40 21.73
N GLY C 120 -51.26 -35.54 20.64
CA GLY C 120 -51.74 -35.10 19.35
C GLY C 120 -50.61 -34.74 18.41
N THR C 121 -50.93 -34.71 17.12
CA THR C 121 -50.05 -34.07 16.15
C THR C 121 -50.03 -32.56 16.36
N VAL C 122 -49.06 -31.91 15.71
CA VAL C 122 -49.04 -30.45 15.69
C VAL C 122 -50.34 -29.89 15.13
N SER C 123 -50.91 -30.57 14.13
CA SER C 123 -52.21 -30.17 13.59
C SER C 123 -53.30 -30.25 14.66
N ASP C 124 -53.28 -31.31 15.47
CA ASP C 124 -54.24 -31.43 16.56
C ASP C 124 -54.05 -30.35 17.63
N PHE C 125 -52.79 -30.02 17.94
CA PHE C 125 -52.54 -28.90 18.85
C PHE C 125 -53.02 -27.57 18.26
N ARG C 126 -52.77 -27.35 16.96
CA ARG C 126 -53.29 -26.17 16.30
C ARG C 126 -54.81 -26.11 16.37
N ASP C 127 -55.47 -27.20 15.97
CA ASP C 127 -56.93 -27.22 15.94
C ASP C 127 -57.54 -27.01 17.32
N ARG C 128 -56.98 -27.64 18.35
CA ARG C 128 -57.44 -27.40 19.71
C ARG C 128 -57.21 -25.95 20.14
N THR C 129 -56.11 -25.35 19.69
CA THR C 129 -55.88 -23.93 19.97
C THR C 129 -56.93 -23.04 19.34
N ILE C 130 -57.25 -23.26 18.07
CA ILE C 130 -58.26 -22.46 17.39
C ILE C 130 -59.61 -22.51 18.11
N GLU C 131 -60.05 -23.71 18.52
CA GLU C 131 -61.35 -23.80 19.18
C GLU C 131 -61.35 -23.29 20.61
N VAL C 132 -60.22 -23.37 21.33
CA VAL C 132 -60.19 -22.74 22.65
C VAL C 132 -60.00 -21.22 22.58
N LEU C 133 -59.27 -20.71 21.59
CA LEU C 133 -59.19 -19.26 21.42
C LEU C 133 -60.57 -18.66 21.15
N LYS C 134 -61.28 -19.18 20.15
CA LYS C 134 -62.63 -18.72 19.87
C LYS C 134 -63.63 -19.12 20.95
N GLY C 135 -63.34 -20.19 21.69
CA GLY C 135 -64.20 -20.56 22.80
C GLY C 135 -64.18 -19.54 23.92
N CYS C 136 -62.98 -19.11 24.32
CA CYS C 136 -62.84 -18.02 25.28
C CYS C 136 -63.02 -16.64 24.65
N GLY C 137 -63.09 -16.56 23.32
CA GLY C 137 -63.38 -15.31 22.65
C GLY C 137 -62.32 -14.24 22.82
N VAL C 138 -61.05 -14.64 22.90
CA VAL C 138 -59.97 -13.68 23.06
C VAL C 138 -59.93 -12.74 21.87
N GLU C 139 -59.59 -11.48 22.14
CA GLU C 139 -59.53 -10.47 21.10
C GLU C 139 -58.12 -9.93 20.85
N MET C 140 -57.20 -10.03 21.81
CA MET C 140 -55.82 -9.63 21.56
C MET C 140 -54.88 -10.68 22.14
N LEU C 141 -53.87 -11.05 21.36
CA LEU C 141 -52.79 -11.94 21.79
C LEU C 141 -51.46 -11.19 21.73
N ILE C 142 -50.86 -10.93 22.89
CA ILE C 142 -49.54 -10.31 22.98
C ILE C 142 -48.49 -11.39 23.11
N ILE C 143 -47.55 -11.44 22.19
CA ILE C 143 -46.42 -12.38 22.22
C ILE C 143 -45.17 -11.60 22.59
N ASP C 144 -44.79 -11.64 23.85
CA ASP C 144 -43.59 -10.97 24.33
C ASP C 144 -42.32 -11.73 23.98
N GLU C 145 -41.29 -11.00 23.58
CA GLU C 145 -40.07 -11.55 22.99
C GLU C 145 -40.38 -12.51 21.84
N ALA C 146 -41.23 -12.04 20.93
CA ALA C 146 -41.66 -12.83 19.77
C ALA C 146 -40.49 -13.29 18.90
N ASP C 147 -39.34 -12.62 18.96
CA ASP C 147 -38.16 -13.12 18.25
C ASP C 147 -37.65 -14.45 18.78
N ARG C 148 -38.22 -14.98 19.87
CA ARG C 148 -37.95 -16.35 20.28
C ARG C 148 -38.68 -17.39 19.43
N LEU C 149 -39.71 -16.98 18.68
CA LEU C 149 -40.41 -17.90 17.78
C LEU C 149 -39.46 -18.43 16.72
N LYS C 150 -39.59 -19.72 16.41
CA LYS C 150 -38.97 -20.26 15.20
C LYS C 150 -39.60 -19.63 13.95
N PRO C 151 -38.83 -19.52 12.87
CA PRO C 151 -39.37 -18.91 11.63
C PRO C 151 -40.68 -19.49 11.14
N GLU C 152 -40.82 -20.82 11.16
CA GLU C 152 -42.06 -21.46 10.76
C GLU C 152 -43.22 -21.11 11.68
N THR C 153 -42.94 -20.84 12.96
CA THR C 153 -44.01 -20.54 13.90
C THR C 153 -44.73 -19.24 13.57
N PHE C 154 -44.06 -18.31 12.88
CA PHE C 154 -44.74 -17.10 12.42
C PHE C 154 -45.83 -17.40 11.40
N ALA C 155 -45.69 -18.47 10.61
CA ALA C 155 -46.76 -18.88 9.72
C ALA C 155 -48.03 -19.22 10.49
N ASP C 156 -47.89 -20.06 11.52
CA ASP C 156 -49.04 -20.38 12.38
C ASP C 156 -49.55 -19.17 13.15
N VAL C 157 -48.67 -18.26 13.53
CA VAL C 157 -49.11 -17.00 14.13
C VAL C 157 -49.94 -16.18 13.15
N ARG C 158 -49.48 -16.09 11.90
CA ARG C 158 -50.26 -15.43 10.85
C ARG C 158 -51.63 -16.08 10.65
N ASP C 159 -51.68 -17.41 10.66
CA ASP C 159 -52.96 -18.12 10.52
C ASP C 159 -53.91 -17.80 11.66
N ILE C 160 -53.41 -17.82 12.90
CA ILE C 160 -54.24 -17.47 14.04
C ILE C 160 -54.75 -16.03 13.95
N ALA C 161 -53.92 -15.12 13.44
CA ALA C 161 -54.36 -13.74 13.26
C ALA C 161 -55.50 -13.65 12.26
N GLU C 162 -55.32 -14.20 11.06
CA GLU C 162 -56.29 -14.01 9.99
C GLU C 162 -57.55 -14.84 10.19
N ASP C 163 -57.40 -16.13 10.49
CA ASP C 163 -58.54 -17.03 10.49
C ASP C 163 -59.54 -16.72 11.61
N LEU C 164 -59.10 -16.08 12.68
CA LEU C 164 -59.98 -15.80 13.80
C LEU C 164 -60.19 -14.32 14.06
N GLY C 165 -59.34 -13.46 13.52
CA GLY C 165 -59.43 -12.04 13.77
C GLY C 165 -59.04 -11.66 15.18
N ILE C 166 -57.82 -12.00 15.57
CA ILE C 166 -57.22 -11.57 16.83
C ILE C 166 -56.24 -10.46 16.53
N ALA C 167 -56.26 -9.41 17.34
CA ALA C 167 -55.16 -8.44 17.36
C ALA C 167 -53.92 -9.12 17.95
N VAL C 168 -53.04 -9.59 17.09
CA VAL C 168 -51.76 -10.13 17.56
C VAL C 168 -50.77 -9.00 17.74
N VAL C 169 -50.17 -8.90 18.93
CA VAL C 169 -49.17 -7.89 19.22
C VAL C 169 -47.84 -8.58 19.48
N LEU C 170 -46.87 -8.39 18.59
CA LEU C 170 -45.52 -8.90 18.81
C LEU C 170 -44.69 -7.88 19.57
N VAL C 171 -43.94 -8.36 20.57
CA VAL C 171 -43.09 -7.48 21.36
C VAL C 171 -41.64 -7.96 21.27
N GLY C 172 -40.72 -7.02 21.16
CA GLY C 172 -39.32 -7.37 21.10
C GLY C 172 -38.43 -6.15 21.10
N THR C 173 -37.14 -6.40 20.88
CA THR C 173 -36.17 -5.37 20.57
C THR C 173 -36.03 -5.23 19.05
N ASP C 174 -35.09 -4.40 18.61
CA ASP C 174 -34.78 -4.28 17.18
C ASP C 174 -34.43 -5.61 16.54
N ARG C 175 -34.07 -6.62 17.33
CA ARG C 175 -33.98 -7.99 16.84
C ARG C 175 -35.30 -8.51 16.26
N LEU C 176 -36.43 -8.07 16.83
CA LEU C 176 -37.73 -8.44 16.26
C LEU C 176 -37.95 -7.85 14.87
N ASP C 177 -37.63 -6.58 14.67
CA ASP C 177 -37.66 -6.01 13.33
C ASP C 177 -36.76 -6.76 12.35
N ALA C 178 -35.59 -7.20 12.80
CA ALA C 178 -34.70 -7.95 11.90
C ALA C 178 -35.27 -9.31 11.49
N VAL C 179 -36.00 -10.00 12.38
CA VAL C 179 -36.59 -11.27 11.97
C VAL C 179 -37.87 -11.08 11.14
N ILE C 180 -38.66 -10.06 11.46
CA ILE C 180 -39.88 -9.80 10.69
C ILE C 180 -39.60 -9.43 9.24
N LYS C 181 -38.49 -8.74 8.97
CA LYS C 181 -38.07 -8.44 7.60
C LYS C 181 -37.77 -9.69 6.75
N ARG C 182 -37.73 -10.88 7.34
CA ARG C 182 -37.42 -12.10 6.62
C ARG C 182 -38.64 -12.86 6.13
N ASP C 183 -39.85 -12.40 6.41
CA ASP C 183 -41.05 -13.01 5.84
C ASP C 183 -42.03 -11.90 5.47
N GLU C 184 -42.20 -11.69 4.16
CA GLU C 184 -43.07 -10.64 3.64
C GLU C 184 -44.48 -10.70 4.21
N GLN C 185 -45.01 -11.90 4.44
CA GLN C 185 -46.36 -12.02 4.96
C GLN C 185 -46.45 -11.61 6.42
N VAL C 186 -45.38 -11.81 7.19
CA VAL C 186 -45.32 -11.30 8.55
C VAL C 186 -45.12 -9.79 8.56
N LEU C 187 -44.18 -9.32 7.74
CA LEU C 187 -43.94 -7.90 7.58
C LEU C 187 -45.21 -7.14 7.19
N GLU C 188 -46.04 -7.74 6.34
CA GLU C 188 -47.27 -7.09 5.91
C GLU C 188 -48.32 -6.98 7.01
N ARG C 189 -48.63 -8.06 7.70
CA ARG C 189 -49.72 -7.99 8.67
C ARG C 189 -49.34 -7.41 10.03
N PHE C 190 -48.05 -7.38 10.37
CA PHE C 190 -47.56 -6.73 11.59
C PHE C 190 -46.95 -5.36 11.34
N ARG C 191 -47.33 -4.70 10.24
CA ARG C 191 -46.69 -3.46 9.81
C ARG C 191 -46.86 -2.32 10.81
N ALA C 192 -48.03 -2.17 11.40
CA ALA C 192 -48.24 -1.13 12.40
C ALA C 192 -47.44 -1.41 13.67
N HIS C 193 -46.86 -0.35 14.25
CA HIS C 193 -45.94 -0.55 15.36
C HIS C 193 -45.98 0.64 16.32
N LEU C 194 -45.52 0.37 17.54
CA LEU C 194 -45.20 1.39 18.53
C LEU C 194 -43.74 1.26 18.95
N ARG C 195 -43.07 2.39 19.08
CA ARG C 195 -41.67 2.44 19.54
C ARG C 195 -41.64 2.82 21.01
N PHE C 196 -41.02 1.98 21.84
CA PHE C 196 -40.63 2.37 23.19
C PHE C 196 -39.32 3.14 23.17
N GLY C 197 -39.36 4.38 23.62
CA GLY C 197 -38.17 5.18 23.80
C GLY C 197 -37.53 5.02 25.17
N LYS C 198 -36.29 5.49 25.24
CA LYS C 198 -35.58 5.77 26.48
C LYS C 198 -36.05 7.09 27.09
N LEU C 199 -35.82 7.25 28.39
CA LEU C 199 -36.12 8.50 29.07
C LEU C 199 -35.06 9.56 28.79
N SER C 200 -35.47 10.83 28.86
CA SER C 200 -34.54 11.94 28.65
C SER C 200 -35.10 13.20 29.31
N GLY C 201 -34.24 14.21 29.40
CA GLY C 201 -34.65 15.55 29.79
C GLY C 201 -35.33 15.63 31.14
N GLU C 202 -36.33 16.51 31.22
CA GLU C 202 -37.11 16.65 32.43
C GLU C 202 -37.98 15.44 32.71
N ASP C 203 -38.30 14.66 31.67
CA ASP C 203 -39.10 13.46 31.86
C ASP C 203 -38.34 12.41 32.66
N PHE C 204 -37.04 12.27 32.36
CA PHE C 204 -36.18 11.42 33.19
C PHE C 204 -36.14 11.92 34.63
N LYS C 205 -35.89 13.22 34.83
CA LYS C 205 -35.93 13.82 36.15
C LYS C 205 -37.24 13.55 36.88
N ASN C 206 -38.38 13.73 36.20
CA ASN C 206 -39.67 13.43 36.81
C ASN C 206 -39.78 11.96 37.21
N THR C 207 -39.23 11.06 36.40
CA THR C 207 -39.19 9.66 36.77
C THR C 207 -38.31 9.40 37.98
N VAL C 208 -37.21 10.14 38.12
CA VAL C 208 -36.35 10.02 39.29
C VAL C 208 -37.10 10.40 40.56
N GLU C 209 -37.82 11.53 40.56
CA GLU C 209 -38.60 11.90 41.73
C GLU C 209 -39.78 10.95 41.98
N MET C 210 -40.40 10.42 40.93
CA MET C 210 -41.42 9.39 41.12
C MET C 210 -40.84 8.14 41.79
N TRP C 211 -39.61 7.77 41.46
CA TRP C 211 -38.93 6.69 42.18
C TRP C 211 -38.64 7.03 43.63
N GLU C 212 -38.17 8.25 43.90
CA GLU C 212 -37.89 8.64 45.28
C GLU C 212 -39.12 8.52 46.17
N GLN C 213 -40.26 9.03 45.72
CA GLN C 213 -41.44 9.07 46.57
C GLN C 213 -42.39 7.89 46.42
N MET C 214 -42.47 7.26 45.25
CA MET C 214 -43.40 6.15 45.05
C MET C 214 -42.74 4.78 45.07
N VAL C 215 -41.41 4.70 45.08
CA VAL C 215 -40.74 3.41 45.07
C VAL C 215 -39.85 3.26 46.29
N LEU C 216 -38.91 4.20 46.47
CA LEU C 216 -37.96 4.09 47.56
C LEU C 216 -38.62 4.28 48.92
N LYS C 217 -39.35 5.39 49.11
CA LYS C 217 -40.16 5.64 50.31
C LYS C 217 -39.32 5.63 51.59
N LEU C 218 -38.04 5.92 51.49
CA LEU C 218 -37.16 5.91 52.64
C LEU C 218 -37.55 6.98 53.66
N PRO C 219 -37.25 6.76 54.95
CA PRO C 219 -37.72 7.68 56.00
C PRO C 219 -37.29 9.13 55.83
N VAL C 220 -36.16 9.39 55.19
CA VAL C 220 -35.70 10.75 54.91
C VAL C 220 -35.49 10.89 53.41
N SER C 221 -35.82 12.05 52.86
CA SER C 221 -35.65 12.29 51.44
C SER C 221 -34.17 12.39 51.08
N SER C 222 -33.88 12.12 49.80
CA SER C 222 -32.52 12.08 49.28
C SER C 222 -32.23 13.19 48.29
N ASN C 223 -33.25 13.89 47.81
CA ASN C 223 -33.11 14.94 46.79
C ASN C 223 -32.40 14.43 45.54
N LEU C 224 -32.79 13.23 45.10
CA LEU C 224 -32.22 12.65 43.89
C LEU C 224 -32.56 13.46 42.64
N LYS C 225 -33.63 14.25 42.70
CA LYS C 225 -33.99 15.28 41.72
C LYS C 225 -32.98 16.42 41.63
N SER C 226 -32.04 16.52 42.56
CA SER C 226 -31.04 17.58 42.50
C SER C 226 -30.03 17.35 41.38
N LYS C 227 -29.55 18.47 40.84
CA LYS C 227 -28.64 18.45 39.68
C LYS C 227 -27.42 17.56 39.90
N GLU C 228 -26.82 17.62 41.10
CA GLU C 228 -25.65 16.79 41.35
C GLU C 228 -26.00 15.31 41.46
N MET C 229 -27.20 14.98 41.93
CA MET C 229 -27.68 13.60 41.89
C MET C 229 -28.08 13.19 40.47
N LEU C 230 -28.85 14.04 39.79
CA LEU C 230 -29.22 13.79 38.40
C LEU C 230 -28.01 13.59 37.50
N ARG C 231 -26.92 14.32 37.75
CA ARG C 231 -25.72 14.14 36.95
C ARG C 231 -25.22 12.70 36.99
N ILE C 232 -24.94 12.18 38.18
CA ILE C 232 -24.41 10.82 38.27
C ILE C 232 -25.46 9.79 37.83
N LEU C 233 -26.73 10.00 38.20
CA LEU C 233 -27.80 9.13 37.73
C LEU C 233 -27.90 9.11 36.21
N THR C 234 -27.83 10.28 35.57
CA THR C 234 -27.90 10.31 34.11
C THR C 234 -26.74 9.55 33.47
N SER C 235 -25.53 9.74 33.99
CA SER C 235 -24.38 9.02 33.47
C SER C 235 -24.51 7.52 33.68
N ALA C 236 -25.05 7.10 34.83
CA ALA C 236 -25.16 5.68 35.13
C ALA C 236 -26.40 5.05 34.51
N THR C 237 -27.53 5.76 34.53
CA THR C 237 -28.78 5.19 34.04
C THR C 237 -28.87 5.26 32.52
N GLU C 238 -28.37 6.34 31.93
CA GLU C 238 -28.44 6.60 30.49
C GLU C 238 -29.86 6.57 29.94
N GLY C 239 -30.86 6.69 30.81
CA GLY C 239 -32.25 6.66 30.41
C GLY C 239 -32.94 5.30 30.45
N TYR C 240 -32.22 4.21 30.68
CA TYR C 240 -32.87 2.93 30.84
C TYR C 240 -33.58 2.84 32.19
N ILE C 241 -34.88 2.59 32.15
CA ILE C 241 -35.66 2.52 33.37
C ILE C 241 -35.23 1.31 34.21
N GLY C 242 -34.73 0.27 33.56
CA GLY C 242 -34.17 -0.85 34.30
C GLY C 242 -32.88 -0.54 35.06
N ARG C 243 -31.99 0.26 34.45
CA ARG C 243 -30.84 0.73 35.21
C ARG C 243 -31.24 1.61 36.37
N LEU C 244 -32.18 2.54 36.13
CA LEU C 244 -32.66 3.41 37.19
C LEU C 244 -33.18 2.61 38.39
N ASP C 245 -34.07 1.65 38.12
CA ASP C 245 -34.65 0.85 39.18
C ASP C 245 -33.60 0.03 39.93
N GLU C 246 -32.75 -0.68 39.20
CA GLU C 246 -31.70 -1.51 39.80
C GLU C 246 -30.65 -0.70 40.54
N ILE C 247 -30.30 0.49 40.04
CA ILE C 247 -29.36 1.34 40.76
C ILE C 247 -29.95 1.84 42.07
N LEU C 248 -31.14 2.43 42.02
CA LEU C 248 -31.71 3.06 43.19
C LEU C 248 -32.08 2.05 44.27
N ARG C 249 -32.61 0.90 43.89
CA ARG C 249 -32.92 -0.13 44.88
C ARG C 249 -31.68 -0.68 45.57
N GLU C 250 -30.61 -0.97 44.83
CA GLU C 250 -29.37 -1.37 45.50
C GLU C 250 -28.78 -0.28 46.36
N ALA C 251 -28.79 0.96 45.87
CA ALA C 251 -28.31 2.09 46.67
C ALA C 251 -29.13 2.28 47.94
N ALA C 252 -30.44 2.14 47.85
CA ALA C 252 -31.28 2.18 49.05
C ALA C 252 -30.98 1.03 50.01
N ILE C 253 -30.88 -0.19 49.50
CA ILE C 253 -30.56 -1.35 50.35
C ILE C 253 -29.19 -1.17 51.01
N ARG C 254 -28.19 -0.76 50.23
CA ARG C 254 -26.86 -0.49 50.79
C ARG C 254 -26.90 0.58 51.86
N SER C 255 -27.67 1.64 51.64
CA SER C 255 -27.74 2.74 52.60
C SER C 255 -28.41 2.33 53.91
N LEU C 256 -29.53 1.61 53.83
CA LEU C 256 -30.14 1.07 55.04
C LEU C 256 -29.23 0.08 55.76
N SER C 257 -28.51 -0.74 55.01
CA SER C 257 -27.54 -1.64 55.65
C SER C 257 -26.46 -0.86 56.39
N ARG C 258 -26.04 0.28 55.85
CA ARG C 258 -25.13 1.18 56.55
C ARG C 258 -25.82 1.99 57.63
N GLY C 259 -27.11 1.76 57.87
CA GLY C 259 -27.85 2.46 58.90
C GLY C 259 -28.28 3.86 58.51
N LEU C 260 -28.04 4.26 57.27
CA LEU C 260 -28.45 5.57 56.79
C LEU C 260 -29.96 5.59 56.58
N LYS C 261 -30.54 6.78 56.74
CA LYS C 261 -31.98 6.92 56.56
C LYS C 261 -32.35 7.28 55.13
N LYS C 262 -31.37 7.32 54.23
CA LYS C 262 -31.52 7.88 52.90
C LYS C 262 -30.38 7.32 52.06
N ILE C 263 -30.51 7.46 50.74
CA ILE C 263 -29.36 7.33 49.86
C ILE C 263 -28.44 8.52 50.06
N ASP C 264 -27.15 8.24 50.29
CA ASP C 264 -26.12 9.26 50.21
C ASP C 264 -25.43 9.26 48.85
N LYS C 265 -24.96 10.44 48.46
CA LYS C 265 -24.21 10.59 47.22
C LYS C 265 -23.03 9.62 47.15
N ALA C 266 -22.35 9.41 48.28
CA ALA C 266 -21.24 8.49 48.31
C ALA C 266 -21.67 7.05 48.05
N VAL C 267 -22.82 6.64 48.59
CA VAL C 267 -23.34 5.30 48.27
C VAL C 267 -23.79 5.22 46.83
N LEU C 268 -24.46 6.26 46.33
CA LEU C 268 -24.84 6.33 44.92
C LEU C 268 -23.62 6.30 44.00
N GLN C 269 -22.52 6.95 44.41
CA GLN C 269 -21.25 6.82 43.70
C GLN C 269 -20.69 5.40 43.76
N GLU C 270 -20.71 4.77 44.94
CA GLU C 270 -20.23 3.40 45.06
C GLU C 270 -21.02 2.42 44.20
N VAL C 271 -22.33 2.64 44.07
CA VAL C 271 -23.12 1.82 43.16
C VAL C 271 -22.79 2.15 41.71
N ALA C 272 -22.81 3.43 41.35
CA ALA C 272 -22.60 3.82 39.96
C ALA C 272 -21.22 3.42 39.43
N LYS C 273 -20.20 3.33 40.30
CA LYS C 273 -18.90 2.84 39.87
C LYS C 273 -18.92 1.43 39.29
N GLU C 274 -19.94 0.64 39.57
CA GLU C 274 -19.97 -0.72 39.08
C GLU C 274 -20.52 -0.84 37.67
N TYR C 275 -21.03 0.24 37.10
CA TYR C 275 -21.75 0.13 35.84
C TYR C 275 -20.89 0.61 34.68
N GLU D 19 5.25 -43.98 55.31
CA GLU D 19 6.39 -43.09 55.43
C GLU D 19 5.96 -41.63 55.40
N TRP D 20 6.62 -40.83 56.23
CA TRP D 20 6.30 -39.41 56.35
C TRP D 20 6.40 -38.67 55.02
N LEU D 21 7.41 -38.96 54.20
CA LEU D 21 7.56 -38.28 52.92
C LEU D 21 6.33 -38.46 52.04
N GLN D 22 5.82 -39.69 51.95
CA GLN D 22 4.65 -39.97 51.13
C GLN D 22 3.43 -39.16 51.56
N ALA D 23 3.32 -38.88 52.86
CA ALA D 23 2.23 -38.07 53.40
C ALA D 23 2.40 -36.58 53.11
N GLU D 24 3.65 -36.08 53.12
CA GLU D 24 3.89 -34.71 52.71
C GLU D 24 3.64 -34.48 51.23
N ILE D 25 4.01 -35.43 50.38
CA ILE D 25 3.67 -35.31 48.95
C ILE D 25 2.16 -35.42 48.74
N ALA D 26 1.50 -36.35 49.42
CA ALA D 26 0.05 -36.45 49.31
C ALA D 26 -0.65 -35.18 49.79
N ARG D 27 -0.06 -34.48 50.76
CA ARG D 27 -0.56 -33.17 51.17
C ARG D 27 -0.26 -32.10 50.12
N LEU D 28 1.00 -32.00 49.70
CA LEU D 28 1.41 -30.89 48.85
C LEU D 28 0.84 -30.96 47.45
N LYS D 29 0.63 -32.17 46.90
CA LYS D 29 0.01 -32.30 45.59
C LYS D 29 -1.44 -31.80 45.55
N GLY D 30 -2.08 -31.64 46.71
CA GLY D 30 -3.48 -31.27 46.78
C GLY D 30 -3.73 -29.79 46.55
N LYS D 31 -4.91 -29.35 47.01
CA LYS D 31 -5.37 -27.98 46.89
C LYS D 31 -5.90 -27.50 48.24
N SER D 32 -5.79 -26.19 48.48
CA SER D 32 -6.29 -25.59 49.71
C SER D 32 -6.82 -24.20 49.41
N ILE D 33 -7.56 -23.64 50.36
CA ILE D 33 -8.12 -22.29 50.24
C ILE D 33 -7.45 -21.40 51.26
N VAL D 34 -6.76 -20.37 50.78
CA VAL D 34 -6.09 -19.37 51.61
C VAL D 34 -6.99 -18.14 51.70
N PRO D 35 -7.18 -17.55 52.88
CA PRO D 35 -8.13 -16.43 53.02
C PRO D 35 -7.53 -15.11 52.55
N LEU D 36 -7.30 -15.02 51.25
CA LEU D 36 -6.80 -13.80 50.64
C LEU D 36 -7.83 -12.68 50.72
N GLN D 37 -7.32 -11.44 50.67
CA GLN D 37 -8.19 -10.28 50.65
C GLN D 37 -9.05 -10.20 49.40
N GLN D 38 -8.55 -10.72 48.28
CA GLN D 38 -9.36 -10.80 47.06
C GLN D 38 -10.61 -11.65 47.28
N VAL D 39 -10.47 -12.78 47.99
CA VAL D 39 -11.60 -13.63 48.32
C VAL D 39 -12.59 -12.91 49.23
N LYS D 40 -12.07 -12.28 50.28
CA LYS D 40 -12.90 -11.50 51.19
C LYS D 40 -13.66 -10.39 50.45
N THR D 41 -12.99 -9.72 49.52
CA THR D 41 -13.64 -8.68 48.72
C THR D 41 -14.78 -9.22 47.88
N LEU D 42 -14.57 -10.34 47.19
CA LEU D 42 -15.65 -10.96 46.42
C LEU D 42 -16.81 -11.39 47.31
N HIS D 43 -16.52 -12.08 48.42
CA HIS D 43 -17.60 -12.61 49.26
C HIS D 43 -18.50 -11.51 49.80
N ASP D 44 -17.92 -10.42 50.30
CA ASP D 44 -18.72 -9.28 50.75
C ASP D 44 -19.54 -8.67 49.62
N TRP D 45 -18.99 -8.64 48.41
CA TRP D 45 -19.71 -8.13 47.25
C TRP D 45 -20.87 -9.05 46.86
N LEU D 46 -20.63 -10.35 46.80
CA LEU D 46 -21.70 -11.32 46.55
C LEU D 46 -22.80 -11.27 47.59
N ASP D 47 -22.46 -11.02 48.85
CA ASP D 47 -23.48 -10.86 49.90
C ASP D 47 -24.43 -9.71 49.62
N GLY D 48 -23.93 -8.57 49.14
CA GLY D 48 -24.80 -7.50 48.72
C GLY D 48 -25.66 -7.84 47.51
N LYS D 49 -25.05 -8.48 46.51
CA LYS D 49 -25.81 -8.88 45.32
C LYS D 49 -26.87 -9.92 45.65
N ARG D 50 -26.52 -10.89 46.50
CA ARG D 50 -27.50 -11.87 46.97
C ARG D 50 -28.61 -11.22 47.79
N LYS D 51 -28.24 -10.31 48.70
CA LYS D 51 -29.23 -9.58 49.48
C LYS D 51 -30.20 -8.79 48.60
N ALA D 52 -29.68 -8.10 47.59
CA ALA D 52 -30.51 -7.34 46.66
C ALA D 52 -31.11 -8.18 45.53
N ARG D 53 -30.71 -9.45 45.38
CA ARG D 53 -31.11 -10.29 44.26
C ARG D 53 -30.75 -9.68 42.91
N LYS D 54 -29.58 -9.04 42.82
CA LYS D 54 -29.17 -8.40 41.59
C LYS D 54 -28.23 -9.31 40.81
N SER D 55 -28.53 -9.49 39.52
CA SER D 55 -27.67 -10.21 38.61
C SER D 55 -26.48 -9.34 38.22
N CYS D 56 -25.32 -9.97 38.05
CA CYS D 56 -24.06 -9.26 37.90
C CYS D 56 -23.04 -10.22 37.31
N ARG D 57 -21.83 -9.71 37.06
CA ARG D 57 -20.75 -10.55 36.58
C ARG D 57 -19.45 -10.31 37.33
N VAL D 58 -18.65 -11.37 37.43
CA VAL D 58 -17.29 -11.33 37.96
C VAL D 58 -16.36 -11.62 36.81
N VAL D 59 -15.43 -10.72 36.55
CA VAL D 59 -14.53 -10.80 35.40
C VAL D 59 -13.11 -10.54 35.85
N GLY D 60 -12.18 -11.34 35.33
CA GLY D 60 -10.77 -11.16 35.60
C GLY D 60 -9.99 -12.18 34.81
N GLU D 61 -8.74 -11.88 34.47
CA GLU D 61 -7.99 -12.78 33.61
C GLU D 61 -7.71 -14.12 34.30
N SER D 62 -7.27 -15.07 33.47
CA SER D 62 -7.13 -16.47 33.88
C SER D 62 -6.18 -16.66 35.05
N ARG D 63 -6.51 -17.64 35.89
CA ARG D 63 -5.73 -18.08 37.07
C ARG D 63 -5.59 -17.01 38.14
N THR D 64 -6.49 -16.05 38.19
CA THR D 64 -6.50 -15.03 39.23
C THR D 64 -7.27 -15.43 40.47
N GLY D 65 -7.81 -16.65 40.52
CA GLY D 65 -8.48 -17.13 41.71
C GLY D 65 -9.98 -17.00 41.73
N LYS D 66 -10.61 -16.67 40.59
CA LYS D 66 -12.05 -16.49 40.54
C LYS D 66 -12.80 -17.75 40.93
N THR D 67 -12.46 -18.89 40.32
CA THR D 67 -13.08 -20.16 40.65
C THR D 67 -12.91 -20.54 42.12
N VAL D 68 -11.70 -20.41 42.66
CA VAL D 68 -11.49 -20.75 44.08
C VAL D 68 -12.30 -19.84 44.99
N ALA D 69 -12.32 -18.54 44.70
CA ALA D 69 -13.09 -17.59 45.51
C ALA D 69 -14.60 -17.83 45.42
N CYS D 70 -15.11 -18.13 44.22
CA CYS D 70 -16.52 -18.48 44.07
C CYS D 70 -16.85 -19.84 44.69
N ASP D 71 -15.97 -20.82 44.54
CA ASP D 71 -16.18 -22.10 45.21
C ASP D 71 -16.16 -21.95 46.73
N ALA D 72 -15.33 -21.06 47.26
CA ALA D 72 -15.34 -20.81 48.70
C ALA D 72 -16.67 -20.24 49.19
N TYR D 73 -17.38 -19.50 48.32
CA TYR D 73 -18.61 -18.83 48.74
C TYR D 73 -19.78 -19.78 48.93
N ARG D 74 -19.85 -20.87 48.17
CA ARG D 74 -20.94 -21.84 48.33
C ARG D 74 -20.84 -22.61 49.64
N TYR D 75 -19.64 -22.97 50.09
CA TYR D 75 -19.50 -23.61 51.39
C TYR D 75 -19.93 -22.68 52.52
N ARG D 76 -19.68 -21.39 52.37
CA ARG D 76 -20.11 -20.39 53.34
C ARG D 76 -21.63 -20.29 53.45
N HIS D 77 -22.38 -20.91 52.54
CA HIS D 77 -23.84 -20.97 52.55
C HIS D 77 -24.35 -22.39 52.35
N LYS D 78 -23.67 -23.37 52.96
CA LYS D 78 -24.00 -24.77 52.72
C LYS D 78 -25.45 -25.08 53.10
N PRO D 79 -26.11 -25.98 52.34
CA PRO D 79 -27.53 -26.29 52.55
C PRO D 79 -27.96 -26.71 53.96
N GLN D 80 -29.26 -26.60 54.19
CA GLN D 80 -29.97 -27.17 55.33
C GLN D 80 -31.14 -27.96 54.79
N GLN D 81 -31.34 -29.18 55.29
CA GLN D 81 -32.38 -30.05 54.75
C GLN D 81 -33.07 -30.84 55.85
N GLU D 82 -34.35 -31.11 55.64
CA GLU D 82 -35.16 -31.99 56.46
C GLU D 82 -35.56 -33.20 55.63
N ALA D 83 -35.68 -34.35 56.28
CA ALA D 83 -36.00 -35.59 55.57
C ALA D 83 -37.35 -35.46 54.86
N GLY D 84 -37.37 -35.89 53.59
CA GLY D 84 -38.56 -35.82 52.75
C GLY D 84 -38.93 -34.43 52.27
N ARG D 85 -37.97 -33.51 52.24
CA ARG D 85 -38.20 -32.14 51.81
C ARG D 85 -37.12 -31.77 50.81
N PRO D 86 -37.39 -30.79 49.95
CA PRO D 86 -36.31 -30.17 49.18
C PRO D 86 -35.34 -29.44 50.11
N PRO D 87 -34.04 -29.49 49.81
CA PRO D 87 -33.08 -28.77 50.65
C PRO D 87 -33.16 -27.27 50.44
N THR D 88 -32.99 -26.51 51.52
CA THR D 88 -32.76 -25.07 51.40
C THR D 88 -31.32 -24.83 50.99
N VAL D 89 -31.13 -24.28 49.79
CA VAL D 89 -29.81 -24.09 49.20
C VAL D 89 -29.69 -22.67 48.68
N PRO D 90 -29.24 -21.71 49.50
CA PRO D 90 -29.24 -20.31 49.06
C PRO D 90 -28.39 -20.03 47.84
N VAL D 91 -27.23 -20.68 47.72
CA VAL D 91 -26.29 -20.43 46.64
C VAL D 91 -26.10 -21.72 45.84
N VAL D 92 -26.43 -21.66 44.54
CA VAL D 92 -26.13 -22.72 43.59
C VAL D 92 -24.90 -22.31 42.80
N TYR D 93 -23.95 -23.23 42.63
CA TYR D 93 -22.77 -23.00 41.82
C TYR D 93 -22.67 -24.08 40.75
N ILE D 94 -22.56 -23.66 39.50
CA ILE D 94 -22.39 -24.57 38.37
C ILE D 94 -21.26 -24.07 37.48
N ARG D 95 -20.46 -25.01 36.96
CA ARG D 95 -19.65 -24.74 35.79
C ARG D 95 -20.17 -25.56 34.61
N PRO D 96 -20.90 -24.95 33.68
CA PRO D 96 -21.28 -25.65 32.46
C PRO D 96 -20.09 -26.20 31.70
N HIS D 97 -20.34 -27.28 30.95
CA HIS D 97 -19.40 -27.76 29.96
C HIS D 97 -19.40 -26.84 28.73
N GLN D 98 -18.41 -27.02 27.88
CA GLN D 98 -18.31 -26.20 26.68
C GLN D 98 -19.51 -26.42 25.77
N LYS D 99 -19.95 -25.33 25.13
CA LYS D 99 -21.14 -25.33 24.27
C LYS D 99 -22.36 -25.87 25.02
N CYS D 100 -22.56 -25.37 26.23
CA CYS D 100 -23.71 -25.77 27.03
C CYS D 100 -24.98 -25.24 26.38
N GLY D 101 -25.85 -26.17 25.96
CA GLY D 101 -27.19 -25.81 25.56
C GLY D 101 -28.13 -25.77 26.75
N PRO D 102 -29.39 -25.43 26.51
CA PRO D 102 -30.32 -25.25 27.64
C PRO D 102 -30.59 -26.51 28.45
N LYS D 103 -30.70 -27.67 27.81
CA LYS D 103 -30.93 -28.91 28.55
C LYS D 103 -29.78 -29.21 29.51
N ASP D 104 -28.55 -29.11 29.03
CA ASP D 104 -27.38 -29.30 29.90
C ASP D 104 -27.32 -28.27 31.02
N LEU D 105 -27.76 -27.03 30.77
CA LEU D 105 -27.90 -26.06 31.84
C LEU D 105 -28.87 -26.53 32.92
N PHE D 106 -30.05 -26.99 32.52
CA PHE D 106 -31.04 -27.50 33.47
C PHE D 106 -30.56 -28.75 34.19
N LYS D 107 -29.85 -29.63 33.50
CA LYS D 107 -29.24 -30.79 34.14
C LYS D 107 -28.22 -30.38 35.21
N LYS D 108 -27.30 -29.49 34.87
CA LYS D 108 -26.31 -28.99 35.85
C LYS D 108 -26.98 -28.44 37.11
N ILE D 109 -28.04 -27.64 36.94
CA ILE D 109 -28.73 -27.06 38.10
C ILE D 109 -29.42 -28.13 38.94
N THR D 110 -30.21 -29.00 38.31
CA THR D 110 -30.92 -30.03 39.06
C THR D 110 -30.00 -31.09 39.65
N GLU D 111 -28.87 -31.38 38.99
CA GLU D 111 -27.88 -32.28 39.59
C GLU D 111 -27.16 -31.65 40.77
N TYR D 112 -26.90 -30.34 40.73
CA TYR D 112 -26.32 -29.69 41.90
C TYR D 112 -27.25 -29.80 43.10
N LEU D 113 -28.54 -29.58 42.89
CA LEU D 113 -29.54 -29.70 43.94
C LEU D 113 -29.90 -31.15 44.24
N LYS D 114 -29.28 -32.11 43.55
CA LYS D 114 -29.52 -33.55 43.70
C LYS D 114 -30.97 -33.94 43.48
N TYR D 115 -31.69 -33.23 42.61
CA TYR D 115 -33.03 -33.64 42.22
C TYR D 115 -32.94 -34.87 41.32
N ARG D 116 -33.74 -35.89 41.64
CA ARG D 116 -33.54 -37.24 41.10
C ARG D 116 -33.94 -37.45 39.65
N VAL D 117 -34.75 -36.57 39.05
CA VAL D 117 -35.20 -36.80 37.68
C VAL D 117 -34.14 -36.35 36.69
N THR D 118 -33.54 -37.30 36.00
CA THR D 118 -32.45 -37.05 35.06
C THR D 118 -32.86 -37.22 33.60
N LYS D 119 -34.11 -37.58 33.32
CA LYS D 119 -34.56 -37.79 31.95
C LYS D 119 -35.82 -36.99 31.67
N GLY D 120 -36.00 -36.63 30.41
CA GLY D 120 -37.16 -35.90 29.95
C GLY D 120 -36.81 -34.94 28.84
N THR D 121 -37.84 -34.35 28.26
CA THR D 121 -37.64 -33.33 27.23
C THR D 121 -37.05 -32.05 27.83
N VAL D 122 -36.55 -31.19 26.94
CA VAL D 122 -36.11 -29.86 27.34
C VAL D 122 -37.24 -29.08 28.01
N SER D 123 -38.47 -29.27 27.56
CA SER D 123 -39.60 -28.61 28.20
C SER D 123 -39.82 -29.11 29.62
N ASP D 124 -39.74 -30.42 29.84
CA ASP D 124 -39.82 -30.96 31.19
C ASP D 124 -38.64 -30.50 32.04
N PHE D 125 -37.42 -30.54 31.48
CA PHE D 125 -36.26 -30.09 32.22
C PHE D 125 -36.35 -28.61 32.59
N ARG D 126 -36.89 -27.77 31.70
CA ARG D 126 -37.12 -26.38 32.06
C ARG D 126 -38.10 -26.27 33.23
N ASP D 127 -39.27 -26.88 33.10
CA ASP D 127 -40.32 -26.75 34.10
C ASP D 127 -39.91 -27.34 35.45
N ARG D 128 -39.25 -28.50 35.42
CA ARG D 128 -38.70 -29.08 36.65
C ARG D 128 -37.61 -28.22 37.26
N THR D 129 -36.76 -27.60 36.43
CA THR D 129 -35.70 -26.75 36.96
C THR D 129 -36.26 -25.52 37.65
N ILE D 130 -37.21 -24.84 37.03
CA ILE D 130 -37.81 -23.66 37.63
C ILE D 130 -38.54 -24.02 38.93
N GLU D 131 -39.21 -25.17 38.95
CA GLU D 131 -39.84 -25.65 40.17
C GLU D 131 -38.84 -26.03 41.25
N VAL D 132 -37.75 -26.69 40.88
CA VAL D 132 -36.70 -27.04 41.83
C VAL D 132 -36.01 -25.81 42.40
N LEU D 133 -35.67 -24.84 41.55
CA LEU D 133 -35.08 -23.59 42.03
C LEU D 133 -36.00 -22.89 43.03
N LYS D 134 -37.29 -22.79 42.71
CA LYS D 134 -38.25 -22.19 43.63
C LYS D 134 -38.39 -23.00 44.92
N GLY D 135 -38.53 -24.32 44.80
CA GLY D 135 -38.72 -25.15 45.98
C GLY D 135 -37.53 -25.18 46.91
N CYS D 136 -36.31 -25.15 46.37
CA CYS D 136 -35.12 -25.10 47.20
C CYS D 136 -34.81 -23.72 47.77
N GLY D 137 -35.60 -22.71 47.44
CA GLY D 137 -35.36 -21.37 47.96
C GLY D 137 -34.06 -20.74 47.52
N VAL D 138 -33.59 -21.08 46.32
CA VAL D 138 -32.35 -20.52 45.81
C VAL D 138 -32.49 -19.01 45.69
N GLU D 139 -31.43 -18.29 46.07
CA GLU D 139 -31.41 -16.85 45.93
C GLU D 139 -30.25 -16.33 45.10
N MET D 140 -29.15 -17.07 44.98
CA MET D 140 -28.08 -16.71 44.06
C MET D 140 -27.66 -17.92 43.26
N LEU D 141 -27.52 -17.73 41.95
CA LEU D 141 -26.99 -18.74 41.03
C LEU D 141 -25.70 -18.22 40.42
N ILE D 142 -24.61 -18.94 40.65
CA ILE D 142 -23.30 -18.58 40.10
C ILE D 142 -23.00 -19.49 38.92
N ILE D 143 -22.74 -18.90 37.76
CA ILE D 143 -22.40 -19.64 36.55
C ILE D 143 -20.95 -19.32 36.23
N ASP D 144 -20.07 -20.22 36.64
CA ASP D 144 -18.65 -20.11 36.38
C ASP D 144 -18.31 -20.50 34.95
N GLU D 145 -17.37 -19.76 34.36
CA GLU D 145 -17.04 -19.81 32.93
C GLU D 145 -18.30 -19.69 32.07
N ALA D 146 -19.12 -18.68 32.39
CA ALA D 146 -20.39 -18.45 31.71
C ALA D 146 -20.23 -18.22 30.21
N ASP D 147 -19.04 -17.86 29.74
CA ASP D 147 -18.79 -17.76 28.31
C ASP D 147 -18.90 -19.10 27.59
N ARG D 148 -18.95 -20.21 28.32
CA ARG D 148 -19.22 -21.53 27.73
C ARG D 148 -20.68 -21.72 27.32
N LEU D 149 -21.59 -20.89 27.82
CA LEU D 149 -22.99 -20.98 27.42
C LEU D 149 -23.19 -20.64 25.95
N LYS D 150 -24.02 -21.43 25.28
CA LYS D 150 -24.51 -21.08 23.96
C LYS D 150 -25.33 -19.79 24.00
N PRO D 151 -25.30 -19.00 22.94
CA PRO D 151 -26.06 -17.74 22.92
C PRO D 151 -27.57 -17.91 23.11
N GLU D 152 -28.15 -19.00 22.61
CA GLU D 152 -29.55 -19.29 22.88
C GLU D 152 -29.83 -19.67 24.33
N THR D 153 -28.88 -20.26 25.04
CA THR D 153 -29.18 -20.65 26.42
C THR D 153 -29.12 -19.49 27.40
N PHE D 154 -28.55 -18.34 27.02
CA PHE D 154 -28.63 -17.15 27.85
C PHE D 154 -30.07 -16.66 28.03
N ALA D 155 -30.96 -16.99 27.11
CA ALA D 155 -32.38 -16.67 27.29
C ALA D 155 -32.98 -17.37 28.51
N ASP D 156 -32.65 -18.63 28.72
CA ASP D 156 -33.12 -19.33 29.93
C ASP D 156 -32.49 -18.78 31.19
N VAL D 157 -31.22 -18.38 31.13
CA VAL D 157 -30.57 -17.70 32.25
C VAL D 157 -31.26 -16.39 32.60
N ARG D 158 -31.57 -15.57 31.59
CA ARG D 158 -32.33 -14.35 31.83
C ARG D 158 -33.69 -14.61 32.45
N ASP D 159 -34.38 -15.66 32.01
CA ASP D 159 -35.70 -15.97 32.54
C ASP D 159 -35.64 -16.45 33.99
N ILE D 160 -34.63 -17.23 34.35
CA ILE D 160 -34.39 -17.54 35.76
C ILE D 160 -34.26 -16.26 36.59
N ALA D 161 -33.52 -15.27 36.09
CA ALA D 161 -33.33 -14.04 36.85
C ALA D 161 -34.58 -13.18 36.89
N GLU D 162 -35.43 -13.24 35.86
CA GLU D 162 -36.63 -12.43 35.80
C GLU D 162 -37.84 -13.13 36.42
N ASP D 163 -38.02 -14.41 36.15
CA ASP D 163 -39.21 -15.11 36.64
C ASP D 163 -39.07 -15.45 38.12
N LEU D 164 -37.85 -15.57 38.61
CA LEU D 164 -37.60 -15.85 40.01
C LEU D 164 -36.74 -14.73 40.58
N GLY D 165 -36.89 -14.47 41.87
CA GLY D 165 -36.02 -13.50 42.51
C GLY D 165 -34.63 -14.05 42.76
N ILE D 166 -33.82 -14.20 41.72
CA ILE D 166 -32.51 -14.84 41.85
C ILE D 166 -31.46 -13.91 41.27
N ALA D 167 -30.42 -13.65 42.06
CA ALA D 167 -29.19 -13.04 41.57
C ALA D 167 -28.39 -14.07 40.79
N VAL D 168 -28.27 -13.87 39.48
CA VAL D 168 -27.40 -14.69 38.65
C VAL D 168 -26.04 -14.00 38.52
N VAL D 169 -24.98 -14.76 38.76
CA VAL D 169 -23.62 -14.25 38.70
C VAL D 169 -22.88 -14.98 37.58
N LEU D 170 -22.46 -14.25 36.57
CA LEU D 170 -21.68 -14.80 35.47
C LEU D 170 -20.21 -14.58 35.74
N VAL D 171 -19.42 -15.66 35.70
CA VAL D 171 -17.98 -15.58 35.97
C VAL D 171 -17.24 -15.99 34.71
N GLY D 172 -16.19 -15.23 34.38
CA GLY D 172 -15.36 -15.61 33.25
C GLY D 172 -14.17 -14.68 33.13
N THR D 173 -13.39 -14.92 32.08
CA THR D 173 -12.33 -14.02 31.68
C THR D 173 -12.90 -12.93 30.76
N ASP D 174 -12.03 -12.08 30.22
CA ASP D 174 -12.45 -11.02 29.30
C ASP D 174 -13.17 -11.55 28.07
N ARG D 175 -13.03 -12.83 27.75
CA ARG D 175 -13.85 -13.49 26.75
C ARG D 175 -15.34 -13.40 27.06
N LEU D 176 -15.71 -13.40 28.34
CA LEU D 176 -17.10 -13.21 28.73
C LEU D 176 -17.60 -11.80 28.43
N ASP D 177 -16.76 -10.80 28.63
CA ASP D 177 -17.13 -9.43 28.27
C ASP D 177 -17.43 -9.29 26.77
N ALA D 178 -16.70 -10.01 25.93
CA ALA D 178 -16.99 -10.02 24.50
C ALA D 178 -18.31 -10.71 24.19
N VAL D 179 -18.55 -11.87 24.79
CA VAL D 179 -19.78 -12.63 24.52
C VAL D 179 -21.02 -11.84 24.94
N ILE D 180 -20.98 -11.20 26.11
CA ILE D 180 -22.14 -10.48 26.61
C ILE D 180 -22.52 -9.32 25.69
N LYS D 181 -21.53 -8.64 25.10
CA LYS D 181 -21.84 -7.49 24.26
C LYS D 181 -22.55 -7.85 22.97
N ARG D 182 -22.56 -9.12 22.58
CA ARG D 182 -23.25 -9.58 21.39
C ARG D 182 -24.75 -9.79 21.59
N ASP D 183 -25.28 -9.61 22.80
CA ASP D 183 -26.71 -9.69 23.03
C ASP D 183 -27.10 -8.59 24.02
N GLU D 184 -27.72 -7.53 23.49
CA GLU D 184 -28.10 -6.38 24.31
C GLU D 184 -28.97 -6.76 25.51
N GLN D 185 -29.74 -7.84 25.41
CA GLN D 185 -30.62 -8.21 26.51
C GLN D 185 -29.85 -8.75 27.71
N VAL D 186 -28.75 -9.47 27.43
CA VAL D 186 -27.84 -9.92 28.48
C VAL D 186 -26.99 -8.76 28.98
N LEU D 187 -26.43 -7.99 28.05
CA LEU D 187 -25.60 -6.83 28.38
C LEU D 187 -26.28 -5.91 29.39
N GLU D 188 -27.53 -5.55 29.16
CA GLU D 188 -28.23 -4.63 30.06
C GLU D 188 -28.73 -5.28 31.34
N ARG D 189 -28.68 -6.60 31.47
CA ARG D 189 -29.01 -7.23 32.74
C ARG D 189 -27.80 -7.44 33.65
N PHE D 190 -26.65 -7.74 33.07
CA PHE D 190 -25.46 -8.18 33.78
C PHE D 190 -24.34 -7.15 33.80
N ARG D 191 -24.66 -5.87 33.65
CA ARG D 191 -23.63 -4.86 33.49
C ARG D 191 -22.93 -4.45 34.79
N ALA D 192 -23.55 -4.65 35.95
CA ALA D 192 -22.81 -4.50 37.20
C ALA D 192 -21.73 -5.57 37.32
N HIS D 193 -20.51 -5.17 37.65
CA HIS D 193 -19.39 -6.10 37.58
C HIS D 193 -18.41 -5.89 38.74
N LEU D 194 -17.62 -6.93 38.98
CA LEU D 194 -16.43 -6.90 39.82
C LEU D 194 -15.23 -7.35 38.99
N ARG D 195 -14.12 -6.63 39.13
CA ARG D 195 -12.87 -7.00 38.48
C ARG D 195 -11.92 -7.70 39.44
N PHE D 196 -11.61 -8.96 39.17
CA PHE D 196 -10.53 -9.68 39.83
C PHE D 196 -9.17 -9.23 39.30
N GLY D 197 -8.25 -8.95 40.22
CA GLY D 197 -6.92 -8.52 39.83
C GLY D 197 -5.82 -9.55 40.01
N LYS D 198 -4.70 -9.36 39.33
CA LYS D 198 -3.47 -10.04 39.66
C LYS D 198 -2.85 -9.48 40.94
N LEU D 199 -1.98 -10.29 41.55
CA LEU D 199 -1.19 -9.83 42.70
C LEU D 199 -0.03 -8.95 42.25
N SER D 200 0.26 -7.92 43.04
CA SER D 200 1.43 -7.09 42.77
C SER D 200 2.02 -6.54 44.06
N GLY D 201 3.28 -6.14 43.98
CA GLY D 201 3.94 -5.38 45.04
C GLY D 201 3.89 -6.00 46.41
N GLU D 202 3.45 -5.21 47.40
CA GLU D 202 3.36 -5.68 48.78
C GLU D 202 2.31 -6.76 48.97
N ASP D 203 1.20 -6.69 48.24
CA ASP D 203 0.21 -7.75 48.29
C ASP D 203 0.80 -9.09 47.88
N PHE D 204 1.61 -9.07 46.82
CA PHE D 204 2.30 -10.29 46.39
C PHE D 204 3.27 -10.78 47.45
N LYS D 205 4.08 -9.87 48.01
CA LYS D 205 4.99 -10.23 49.08
C LYS D 205 4.26 -10.79 50.31
N ASN D 206 3.14 -10.19 50.69
CA ASN D 206 2.33 -10.74 51.77
C ASN D 206 1.82 -12.15 51.45
N THR D 207 1.39 -12.36 50.21
CA THR D 207 0.85 -13.65 49.80
C THR D 207 1.92 -14.74 49.79
N VAL D 208 3.14 -14.41 49.41
CA VAL D 208 4.25 -15.36 49.42
C VAL D 208 4.53 -15.90 50.82
N GLU D 209 4.53 -15.03 51.82
CA GLU D 209 4.74 -15.47 53.20
C GLU D 209 3.56 -16.27 53.77
N MET D 210 2.32 -15.90 53.42
CA MET D 210 1.18 -16.75 53.78
C MET D 210 1.24 -18.13 53.15
N TRP D 211 1.74 -18.24 51.91
CA TRP D 211 1.91 -19.56 51.29
C TRP D 211 2.91 -20.43 52.05
N GLU D 212 4.04 -19.86 52.44
CA GLU D 212 5.02 -20.65 53.20
C GLU D 212 4.44 -21.15 54.52
N GLN D 213 3.75 -20.28 55.25
CA GLN D 213 3.27 -20.63 56.58
C GLN D 213 1.95 -21.38 56.59
N MET D 214 1.08 -21.17 55.60
CA MET D 214 -0.23 -21.81 55.57
C MET D 214 -0.31 -22.97 54.60
N VAL D 215 0.42 -22.93 53.50
CA VAL D 215 0.33 -23.96 52.47
C VAL D 215 1.49 -24.94 52.59
N LEU D 216 2.71 -24.44 52.51
CA LEU D 216 3.87 -25.33 52.41
C LEU D 216 4.15 -26.01 53.74
N LYS D 217 4.25 -25.25 54.82
CA LYS D 217 4.41 -25.80 56.16
C LYS D 217 5.56 -26.81 56.22
N LEU D 218 6.62 -26.51 55.49
CA LEU D 218 7.81 -27.35 55.47
C LEU D 218 8.51 -27.32 56.83
N PRO D 219 9.27 -28.36 57.16
CA PRO D 219 9.99 -28.41 58.45
C PRO D 219 10.84 -27.20 58.75
N VAL D 220 11.47 -26.59 57.76
CA VAL D 220 12.40 -25.47 57.97
C VAL D 220 11.97 -24.30 57.09
N SER D 221 12.07 -23.09 57.64
CA SER D 221 11.68 -21.90 56.89
C SER D 221 12.56 -21.69 55.67
N SER D 222 11.92 -21.54 54.51
CA SER D 222 12.56 -21.26 53.25
C SER D 222 12.85 -19.78 53.06
N ASN D 223 12.13 -18.92 53.79
CA ASN D 223 12.29 -17.46 53.74
C ASN D 223 12.03 -16.93 52.34
N LEU D 224 10.95 -17.43 51.72
CA LEU D 224 10.56 -17.00 50.38
C LEU D 224 10.26 -15.50 50.36
N LYS D 225 9.84 -14.97 51.50
CA LYS D 225 9.69 -13.55 51.78
C LYS D 225 10.95 -12.73 51.53
N SER D 226 12.12 -13.36 51.45
CA SER D 226 13.36 -12.64 51.25
C SER D 226 13.51 -12.09 49.83
N LYS D 227 14.16 -10.92 49.74
CA LYS D 227 14.27 -10.14 48.51
C LYS D 227 14.72 -10.97 47.30
N GLU D 228 15.68 -11.87 47.50
CA GLU D 228 16.16 -12.66 46.37
C GLU D 228 15.20 -13.77 45.98
N MET D 229 14.60 -14.45 46.96
CA MET D 229 13.55 -15.41 46.66
C MET D 229 12.32 -14.73 46.06
N LEU D 230 11.95 -13.57 46.61
CA LEU D 230 10.85 -12.78 46.07
C LEU D 230 11.13 -12.32 44.64
N ARG D 231 12.38 -12.05 44.30
CA ARG D 231 12.71 -11.68 42.93
C ARG D 231 12.47 -12.83 41.96
N ILE D 232 12.93 -14.03 42.32
CA ILE D 232 12.66 -15.20 41.50
C ILE D 232 11.16 -15.41 41.33
N LEU D 233 10.42 -15.42 42.44
CA LEU D 233 8.98 -15.60 42.39
C LEU D 233 8.29 -14.50 41.58
N THR D 234 8.72 -13.24 41.74
CA THR D 234 8.09 -12.16 40.98
C THR D 234 8.28 -12.32 39.49
N SER D 235 9.47 -12.74 39.06
CA SER D 235 9.69 -12.96 37.62
C SER D 235 8.89 -14.15 37.11
N ALA D 236 8.90 -15.26 37.86
CA ALA D 236 8.26 -16.49 37.37
C ALA D 236 6.75 -16.46 37.50
N THR D 237 6.22 -15.77 38.49
CA THR D 237 4.78 -15.79 38.75
C THR D 237 4.02 -14.78 37.90
N GLU D 238 4.65 -13.66 37.59
CA GLU D 238 3.99 -12.52 36.96
C GLU D 238 2.75 -12.06 37.71
N GLY D 239 2.64 -12.42 38.99
CA GLY D 239 1.48 -12.11 39.80
C GLY D 239 0.30 -13.05 39.70
N TYR D 240 0.38 -14.12 38.93
CA TYR D 240 -0.73 -15.06 38.87
C TYR D 240 -0.69 -15.99 40.08
N ILE D 241 -1.76 -15.97 40.88
CA ILE D 241 -1.83 -16.82 42.06
C ILE D 241 -1.79 -18.29 41.70
N GLY D 242 -2.30 -18.67 40.54
CA GLY D 242 -2.15 -20.04 40.08
C GLY D 242 -0.71 -20.45 39.86
N ARG D 243 0.10 -19.58 39.27
CA ARG D 243 1.51 -19.86 39.08
C ARG D 243 2.28 -19.87 40.40
N LEU D 244 1.91 -19.02 41.35
CA LEU D 244 2.53 -19.05 42.67
C LEU D 244 2.31 -20.39 43.36
N ASP D 245 1.06 -20.85 43.41
CA ASP D 245 0.73 -22.12 44.05
C ASP D 245 1.39 -23.31 43.36
N GLU D 246 1.32 -23.35 42.03
CA GLU D 246 1.91 -24.45 41.27
C GLU D 246 3.43 -24.50 41.37
N ILE D 247 4.09 -23.35 41.43
CA ILE D 247 5.54 -23.32 41.56
C ILE D 247 5.99 -23.73 42.96
N LEU D 248 5.37 -23.15 43.99
CA LEU D 248 5.83 -23.43 45.34
C LEU D 248 5.54 -24.84 45.81
N ARG D 249 4.38 -25.39 45.46
CA ARG D 249 4.10 -26.79 45.80
C ARG D 249 5.06 -27.75 45.13
N GLU D 250 5.29 -27.59 43.83
CA GLU D 250 6.25 -28.46 43.14
C GLU D 250 7.66 -28.29 43.67
N ALA D 251 8.06 -27.06 43.95
CA ALA D 251 9.38 -26.80 44.53
C ALA D 251 9.53 -27.48 45.88
N ALA D 252 8.49 -27.43 46.71
CA ALA D 252 8.50 -28.16 47.98
C ALA D 252 8.62 -29.66 47.78
N ILE D 253 7.83 -30.21 46.86
CA ILE D 253 7.86 -31.65 46.58
C ILE D 253 9.23 -32.10 46.09
N ARG D 254 9.85 -31.32 45.21
CA ARG D 254 11.21 -31.65 44.78
C ARG D 254 12.21 -31.57 45.92
N SER D 255 12.15 -30.49 46.70
CA SER D 255 13.04 -30.33 47.85
C SER D 255 12.91 -31.49 48.83
N LEU D 256 11.68 -31.81 49.24
CA LEU D 256 11.45 -32.92 50.17
C LEU D 256 11.90 -34.27 49.60
N SER D 257 11.68 -34.49 48.31
CA SER D 257 12.09 -35.76 47.70
C SER D 257 13.59 -35.95 47.70
N ARG D 258 14.37 -34.88 47.68
CA ARG D 258 15.82 -34.96 47.76
C ARG D 258 16.35 -34.72 49.17
N GLY D 259 15.50 -34.83 50.18
CA GLY D 259 15.93 -34.76 51.55
C GLY D 259 16.25 -33.38 52.06
N LEU D 260 15.94 -32.34 51.31
CA LEU D 260 15.98 -30.99 51.85
C LEU D 260 14.83 -30.78 52.82
N LYS D 261 15.06 -29.92 53.81
CA LYS D 261 14.05 -29.58 54.80
C LYS D 261 13.35 -28.27 54.47
N LYS D 262 13.78 -27.61 53.39
CA LYS D 262 13.29 -26.31 52.99
C LYS D 262 13.39 -26.23 51.47
N ILE D 263 12.65 -25.31 50.88
CA ILE D 263 12.90 -24.91 49.49
C ILE D 263 14.24 -24.21 49.43
N ASP D 264 15.21 -24.83 48.74
CA ASP D 264 16.50 -24.21 48.46
C ASP D 264 16.43 -23.33 47.21
N LYS D 265 17.31 -22.33 47.18
CA LYS D 265 17.45 -21.44 46.03
C LYS D 265 17.56 -22.21 44.72
N ALA D 266 18.43 -23.22 44.69
CA ALA D 266 18.66 -23.98 43.46
C ALA D 266 17.41 -24.74 43.01
N VAL D 267 16.62 -25.25 43.94
CA VAL D 267 15.41 -25.96 43.57
C VAL D 267 14.35 -25.00 43.04
N LEU D 268 14.17 -23.85 43.70
CA LEU D 268 13.24 -22.84 43.20
C LEU D 268 13.65 -22.32 41.82
N GLN D 269 14.96 -22.17 41.58
CA GLN D 269 15.44 -21.78 40.26
C GLN D 269 15.24 -22.88 39.21
N GLU D 270 15.47 -24.13 39.57
CA GLU D 270 15.13 -25.24 38.66
C GLU D 270 13.67 -25.21 38.24
N VAL D 271 12.76 -25.00 39.19
CA VAL D 271 11.33 -24.96 38.86
C VAL D 271 11.00 -23.70 38.05
N ALA D 272 11.53 -22.56 38.45
CA ALA D 272 11.22 -21.32 37.76
C ALA D 272 11.69 -21.33 36.30
N LYS D 273 12.84 -21.93 36.02
CA LYS D 273 13.30 -21.97 34.63
C LYS D 273 12.51 -22.92 33.75
N GLU D 274 11.48 -23.59 34.27
CA GLU D 274 10.55 -24.32 33.41
C GLU D 274 9.47 -23.43 32.83
N TYR D 275 9.33 -22.20 33.32
CA TYR D 275 8.34 -21.27 32.83
C TYR D 275 8.94 -20.25 31.86
N GLU E 19 14.20 -69.01 4.80
CA GLU E 19 15.40 -68.29 4.40
C GLU E 19 15.75 -67.26 5.47
N TRP E 20 17.06 -67.09 5.70
CA TRP E 20 17.55 -66.25 6.79
C TRP E 20 17.35 -64.76 6.51
N LEU E 21 17.57 -64.34 5.27
CA LEU E 21 17.52 -62.91 4.94
C LEU E 21 16.17 -62.28 5.25
N GLN E 22 15.08 -63.01 4.98
CA GLN E 22 13.74 -62.52 5.30
C GLN E 22 13.53 -62.29 6.79
N ALA E 23 14.17 -63.08 7.65
CA ALA E 23 14.08 -62.84 9.09
C ALA E 23 14.85 -61.60 9.51
N GLU E 24 15.97 -61.31 8.87
CA GLU E 24 16.68 -60.07 9.16
C GLU E 24 15.98 -58.85 8.61
N ILE E 25 15.45 -58.92 7.39
CA ILE E 25 14.67 -57.81 6.85
C ILE E 25 13.40 -57.59 7.67
N ALA E 26 12.72 -58.66 8.07
CA ALA E 26 11.55 -58.51 8.94
C ALA E 26 11.90 -57.86 10.28
N ARG E 27 13.10 -58.12 10.81
CA ARG E 27 13.56 -57.41 12.00
C ARG E 27 13.86 -55.94 11.73
N LEU E 28 14.62 -55.65 10.68
CA LEU E 28 14.99 -54.27 10.37
C LEU E 28 13.82 -53.46 9.85
N LYS E 29 12.82 -54.11 9.26
CA LYS E 29 11.61 -53.42 8.81
C LYS E 29 10.86 -52.74 9.96
N GLY E 30 10.90 -53.31 11.16
CA GLY E 30 10.12 -52.81 12.29
C GLY E 30 10.77 -51.69 13.08
N LYS E 31 10.26 -51.50 14.29
CA LYS E 31 10.71 -50.46 15.22
C LYS E 31 11.15 -51.05 16.56
N SER E 32 12.08 -50.36 17.20
CA SER E 32 12.61 -50.75 18.51
C SER E 32 12.83 -49.49 19.34
N ILE E 33 13.01 -49.66 20.64
CA ILE E 33 13.25 -48.55 21.56
C ILE E 33 14.69 -48.63 22.05
N VAL E 34 15.44 -47.57 21.79
CA VAL E 34 16.82 -47.42 22.26
C VAL E 34 16.83 -46.52 23.48
N PRO E 35 17.55 -46.87 24.56
CA PRO E 35 17.58 -46.06 25.80
C PRO E 35 18.46 -44.83 25.66
N LEU E 36 18.00 -43.87 24.87
CA LEU E 36 18.69 -42.59 24.71
C LEU E 36 18.53 -41.73 25.95
N GLN E 37 19.51 -40.84 26.16
CA GLN E 37 19.52 -39.96 27.33
C GLN E 37 18.32 -39.02 27.38
N GLN E 38 17.78 -38.62 26.23
CA GLN E 38 16.64 -37.72 26.24
C GLN E 38 15.34 -38.43 26.62
N VAL E 39 15.25 -39.73 26.38
CA VAL E 39 14.14 -40.51 26.92
C VAL E 39 14.20 -40.55 28.44
N LYS E 40 15.36 -40.90 28.99
CA LYS E 40 15.57 -40.88 30.43
C LYS E 40 15.32 -39.50 31.03
N THR E 41 15.74 -38.44 30.34
CA THR E 41 15.44 -37.09 30.79
C THR E 41 13.94 -36.82 30.87
N LEU E 42 13.20 -37.15 29.82
CA LEU E 42 11.75 -37.01 29.84
C LEU E 42 11.10 -37.86 30.93
N HIS E 43 11.53 -39.11 31.06
CA HIS E 43 10.92 -40.02 32.02
C HIS E 43 11.03 -39.49 33.45
N ASP E 44 12.23 -39.06 33.86
CA ASP E 44 12.40 -38.49 35.18
C ASP E 44 11.64 -37.18 35.37
N TRP E 45 11.49 -36.40 34.32
CA TRP E 45 10.71 -35.17 34.38
C TRP E 45 9.21 -35.46 34.50
N LEU E 46 8.72 -36.45 33.76
CA LEU E 46 7.33 -36.89 33.86
C LEU E 46 7.02 -37.54 35.20
N ASP E 47 7.97 -38.29 35.77
CA ASP E 47 7.78 -38.81 37.12
C ASP E 47 7.61 -37.71 38.16
N GLY E 48 8.36 -36.62 38.03
CA GLY E 48 8.09 -35.45 38.86
C GLY E 48 6.72 -34.85 38.66
N LYS E 49 6.33 -34.63 37.40
CA LYS E 49 5.01 -34.05 37.11
C LYS E 49 3.87 -34.96 37.55
N ARG E 50 4.02 -36.27 37.38
CA ARG E 50 2.99 -37.20 37.83
C ARG E 50 2.86 -37.23 39.35
N LYS E 51 3.99 -37.21 40.05
CA LYS E 51 3.94 -37.12 41.51
C LYS E 51 3.28 -35.82 41.98
N ALA E 52 3.62 -34.68 41.36
CA ALA E 52 3.01 -33.42 41.75
C ALA E 52 1.61 -33.23 41.20
N ARG E 53 1.14 -34.13 40.32
CA ARG E 53 -0.11 -33.96 39.60
C ARG E 53 -0.14 -32.70 38.74
N LYS E 54 0.99 -32.34 38.16
CA LYS E 54 1.19 -31.05 37.53
C LYS E 54 1.08 -31.15 36.01
N SER E 55 0.16 -30.38 35.45
CA SER E 55 -0.04 -30.31 34.01
C SER E 55 1.10 -29.53 33.35
N CYS E 56 1.47 -29.95 32.14
CA CYS E 56 2.68 -29.47 31.50
C CYS E 56 2.62 -29.78 30.01
N ARG E 57 3.60 -29.27 29.27
CA ARG E 57 3.72 -29.58 27.86
C ARG E 57 5.12 -30.01 27.48
N VAL E 58 5.19 -30.86 26.47
CA VAL E 58 6.44 -31.33 25.87
C VAL E 58 6.45 -30.87 24.43
N VAL E 59 7.49 -30.13 24.05
CA VAL E 59 7.55 -29.44 22.77
C VAL E 59 8.89 -29.75 22.14
N GLY E 60 8.89 -29.99 20.83
CA GLY E 60 10.13 -30.12 20.08
C GLY E 60 9.82 -30.39 18.63
N GLU E 61 10.85 -30.18 17.80
CA GLU E 61 10.74 -30.42 16.37
C GLU E 61 10.21 -31.79 16.02
N SER E 62 9.60 -31.90 14.84
CA SER E 62 9.17 -33.19 14.30
C SER E 62 10.32 -34.20 14.21
N ARG E 63 9.99 -35.46 14.46
CA ARG E 63 10.90 -36.61 14.39
C ARG E 63 12.07 -36.54 15.35
N THR E 64 11.96 -35.76 16.43
CA THR E 64 12.97 -35.73 17.48
C THR E 64 12.82 -36.84 18.51
N GLY E 65 11.74 -37.64 18.46
CA GLY E 65 11.59 -38.77 19.35
C GLY E 65 10.57 -38.61 20.45
N LYS E 66 9.76 -37.55 20.43
CA LYS E 66 8.80 -37.27 21.49
C LYS E 66 7.79 -38.40 21.66
N THR E 67 7.17 -38.84 20.57
CA THR E 67 6.21 -39.94 20.62
C THR E 67 6.82 -41.23 21.15
N VAL E 68 7.99 -41.62 20.64
CA VAL E 68 8.61 -42.85 21.11
C VAL E 68 8.94 -42.78 22.59
N ALA E 69 9.45 -41.65 23.06
CA ALA E 69 9.76 -41.49 24.48
C ALA E 69 8.52 -41.49 25.36
N CYS E 70 7.43 -40.85 24.92
CA CYS E 70 6.18 -40.88 25.67
C CYS E 70 5.53 -42.26 25.64
N ASP E 71 5.56 -42.93 24.50
CA ASP E 71 5.02 -44.28 24.42
C ASP E 71 5.77 -45.26 25.30
N ALA E 72 7.10 -45.14 25.36
CA ALA E 72 7.91 -45.93 26.29
C ALA E 72 7.66 -45.60 27.75
N TYR E 73 7.16 -44.41 28.07
CA TYR E 73 6.90 -44.06 29.46
C TYR E 73 5.73 -44.85 30.05
N ARG E 74 4.64 -44.99 29.31
CA ARG E 74 3.50 -45.75 29.84
C ARG E 74 3.77 -47.25 29.93
N TYR E 75 4.75 -47.78 29.20
CA TYR E 75 5.15 -49.17 29.37
C TYR E 75 6.03 -49.43 30.58
N ARG E 76 6.58 -48.40 31.24
CA ARG E 76 7.10 -48.57 32.58
C ARG E 76 6.02 -48.52 33.65
N HIS E 77 4.79 -48.17 33.27
CA HIS E 77 3.67 -47.94 34.17
C HIS E 77 2.42 -48.63 33.65
N LYS E 78 2.59 -49.88 33.23
CA LYS E 78 1.50 -50.68 32.70
C LYS E 78 0.33 -50.77 33.69
N PRO E 79 -0.89 -50.98 33.19
CA PRO E 79 -2.00 -51.36 34.05
C PRO E 79 -1.65 -52.49 35.01
N GLN E 80 -2.08 -52.34 36.26
CA GLN E 80 -1.86 -53.34 37.29
C GLN E 80 -3.20 -53.79 37.86
N GLN E 81 -3.33 -55.09 38.12
CA GLN E 81 -4.56 -55.73 38.55
C GLN E 81 -4.73 -55.72 40.07
N GLU E 82 -5.97 -55.92 40.49
CA GLU E 82 -6.32 -56.21 41.87
C GLU E 82 -7.56 -57.09 41.85
N ALA E 83 -7.69 -57.95 42.88
CA ALA E 83 -8.82 -58.86 42.96
C ALA E 83 -10.11 -58.13 43.26
N GLY E 84 -11.12 -58.34 42.41
CA GLY E 84 -12.41 -57.72 42.62
C GLY E 84 -12.46 -56.24 42.39
N ARG E 85 -11.53 -55.69 41.61
CA ARG E 85 -11.39 -54.26 41.43
C ARG E 85 -11.11 -53.98 39.96
N PRO E 86 -11.37 -52.76 39.50
CA PRO E 86 -10.82 -52.33 38.22
C PRO E 86 -9.31 -52.20 38.31
N PRO E 87 -8.60 -52.27 37.19
CA PRO E 87 -7.14 -52.13 37.24
C PRO E 87 -6.74 -50.72 37.60
N THR E 88 -5.65 -50.60 38.34
CA THR E 88 -5.01 -49.29 38.48
C THR E 88 -4.16 -49.01 37.25
N VAL E 89 -4.39 -47.85 36.63
CA VAL E 89 -3.73 -47.48 35.39
C VAL E 89 -3.20 -46.06 35.55
N PRO E 90 -1.99 -45.88 36.06
CA PRO E 90 -1.48 -44.53 36.32
C PRO E 90 -1.42 -43.65 35.09
N VAL E 91 -0.97 -44.17 33.96
CA VAL E 91 -0.72 -43.37 32.76
C VAL E 91 -1.65 -43.83 31.64
N VAL E 92 -2.44 -42.89 31.13
CA VAL E 92 -3.16 -43.06 29.87
C VAL E 92 -2.39 -42.31 28.80
N TYR E 93 -2.14 -42.96 27.66
CA TYR E 93 -1.56 -42.31 26.50
C TYR E 93 -2.57 -42.37 25.36
N ILE E 94 -2.90 -41.20 24.80
CA ILE E 94 -3.76 -41.10 23.63
C ILE E 94 -3.09 -40.24 22.58
N ARG E 95 -3.26 -40.59 21.31
CA ARG E 95 -3.07 -39.61 20.25
C ARG E 95 -4.40 -39.32 19.59
N PRO E 96 -4.94 -38.12 19.74
CA PRO E 96 -6.18 -37.76 19.04
C PRO E 96 -6.04 -37.86 17.53
N HIS E 97 -7.17 -38.09 16.88
CA HIS E 97 -7.26 -37.88 15.45
C HIS E 97 -7.30 -36.38 15.15
N GLN E 98 -7.03 -36.04 13.89
CA GLN E 98 -7.05 -34.64 13.48
C GLN E 98 -8.43 -34.01 13.69
N LYS E 99 -8.43 -32.74 14.05
CA LYS E 99 -9.63 -32.00 14.44
C LYS E 99 -10.49 -32.76 15.44
N CYS E 100 -9.85 -33.32 16.46
CA CYS E 100 -10.54 -34.11 17.47
C CYS E 100 -11.53 -33.25 18.25
N GLY E 101 -12.79 -33.71 18.31
CA GLY E 101 -13.77 -33.08 19.15
C GLY E 101 -13.87 -33.75 20.51
N PRO E 102 -14.73 -33.21 21.38
CA PRO E 102 -14.89 -33.80 22.72
C PRO E 102 -15.23 -35.28 22.75
N LYS E 103 -16.21 -35.73 21.97
CA LYS E 103 -16.60 -37.14 22.01
C LYS E 103 -15.51 -38.05 21.49
N ASP E 104 -14.78 -37.63 20.45
CA ASP E 104 -13.60 -38.36 20.01
C ASP E 104 -12.58 -38.50 21.13
N LEU E 105 -12.35 -37.43 21.89
CA LEU E 105 -11.44 -37.49 23.03
C LEU E 105 -11.92 -38.47 24.10
N PHE E 106 -13.22 -38.40 24.42
CA PHE E 106 -13.81 -39.34 25.38
C PHE E 106 -13.73 -40.79 24.91
N LYS E 107 -14.03 -41.03 23.63
CA LYS E 107 -13.83 -42.36 23.05
C LYS E 107 -12.39 -42.85 23.20
N LYS E 108 -11.43 -42.01 22.85
CA LYS E 108 -10.02 -42.35 22.99
C LYS E 108 -9.67 -42.79 24.41
N ILE E 109 -10.13 -42.04 25.40
CA ILE E 109 -9.75 -42.31 26.79
C ILE E 109 -10.43 -43.57 27.31
N THR E 110 -11.74 -43.71 27.10
CA THR E 110 -12.44 -44.88 27.61
C THR E 110 -12.01 -46.17 26.94
N GLU E 111 -11.75 -46.13 25.63
CA GLU E 111 -11.23 -47.32 24.97
C GLU E 111 -9.80 -47.66 25.35
N TYR E 112 -9.00 -46.65 25.75
CA TYR E 112 -7.70 -46.96 26.32
C TYR E 112 -7.84 -47.75 27.61
N LEU E 113 -8.78 -47.37 28.46
CA LEU E 113 -9.06 -48.03 29.72
C LEU E 113 -9.87 -49.31 29.56
N LYS E 114 -9.97 -49.84 28.35
CA LYS E 114 -10.58 -51.13 28.04
C LYS E 114 -12.07 -51.19 28.30
N TYR E 115 -12.74 -50.05 28.44
CA TYR E 115 -14.20 -50.01 28.53
C TYR E 115 -14.81 -49.88 27.15
N ARG E 116 -15.84 -50.68 26.89
CA ARG E 116 -16.62 -50.53 25.67
C ARG E 116 -17.51 -49.29 25.73
N VAL E 117 -17.63 -48.61 24.61
CA VAL E 117 -18.44 -47.40 24.49
C VAL E 117 -19.75 -47.72 23.79
N THR E 118 -20.86 -47.25 24.37
CA THR E 118 -22.18 -47.45 23.81
C THR E 118 -22.54 -46.30 22.88
N LYS E 119 -23.78 -46.32 22.36
CA LYS E 119 -24.44 -45.08 21.97
C LYS E 119 -24.51 -44.13 23.15
N GLY E 120 -24.66 -42.84 22.84
CA GLY E 120 -24.88 -41.84 23.85
C GLY E 120 -24.64 -40.45 23.31
N THR E 121 -25.13 -39.46 24.06
CA THR E 121 -24.76 -38.08 23.82
C THR E 121 -23.31 -37.83 24.23
N VAL E 122 -22.79 -36.67 23.82
CA VAL E 122 -21.52 -36.17 24.36
C VAL E 122 -21.55 -36.12 25.88
N SER E 123 -22.67 -35.67 26.44
CA SER E 123 -22.81 -35.60 27.90
C SER E 123 -22.69 -36.97 28.56
N ASP E 124 -23.21 -38.02 27.94
CA ASP E 124 -23.02 -39.37 28.47
C ASP E 124 -21.58 -39.86 28.33
N PHE E 125 -20.96 -39.59 27.19
CA PHE E 125 -19.55 -39.94 26.99
C PHE E 125 -18.64 -39.23 27.98
N ARG E 126 -18.92 -37.97 28.29
CA ARG E 126 -18.16 -37.24 29.30
C ARG E 126 -18.26 -37.89 30.68
N ASP E 127 -19.48 -38.17 31.13
CA ASP E 127 -19.66 -38.74 32.46
C ASP E 127 -19.05 -40.13 32.59
N ARG E 128 -19.21 -40.97 31.57
CA ARG E 128 -18.52 -42.26 31.57
C ARG E 128 -17.00 -42.10 31.57
N THR E 129 -16.48 -41.08 30.90
CA THR E 129 -15.03 -40.85 30.93
C THR E 129 -14.56 -40.43 32.31
N ILE E 130 -15.22 -39.45 32.91
CA ILE E 130 -14.86 -39.01 34.26
C ILE E 130 -14.92 -40.18 35.24
N GLU E 131 -16.02 -40.93 35.22
CA GLU E 131 -16.19 -42.05 36.15
C GLU E 131 -15.26 -43.22 35.88
N VAL E 132 -14.61 -43.26 34.73
CA VAL E 132 -13.65 -44.31 34.42
C VAL E 132 -12.21 -43.85 34.62
N LEU E 133 -11.96 -42.55 34.43
CA LEU E 133 -10.69 -41.99 34.86
C LEU E 133 -10.52 -42.10 36.38
N LYS E 134 -11.56 -41.76 37.12
CA LYS E 134 -11.67 -42.22 38.50
C LYS E 134 -11.83 -43.74 38.52
N GLY E 135 -11.38 -44.35 39.61
CA GLY E 135 -11.54 -45.78 39.75
C GLY E 135 -10.50 -46.62 39.03
N CYS E 136 -10.12 -46.26 37.81
CA CYS E 136 -8.85 -46.75 37.28
C CYS E 136 -7.66 -46.05 37.89
N GLY E 137 -7.89 -44.97 38.64
CA GLY E 137 -6.83 -44.31 39.37
C GLY E 137 -5.82 -43.61 38.48
N VAL E 138 -6.24 -43.17 37.30
CA VAL E 138 -5.36 -42.46 36.40
C VAL E 138 -4.80 -41.23 37.08
N GLU E 139 -3.50 -41.04 36.98
CA GLU E 139 -2.85 -39.88 37.54
C GLU E 139 -2.08 -39.07 36.52
N MET E 140 -1.83 -39.60 35.33
CA MET E 140 -1.27 -38.83 34.23
C MET E 140 -1.99 -39.18 32.93
N LEU E 141 -2.38 -38.15 32.19
CA LEU E 141 -2.93 -38.28 30.84
C LEU E 141 -1.98 -37.58 29.88
N ILE E 142 -1.39 -38.35 28.97
CA ILE E 142 -0.55 -37.79 27.91
C ILE E 142 -1.36 -37.69 26.63
N ILE E 143 -1.42 -36.47 26.08
CA ILE E 143 -2.11 -36.19 24.83
C ILE E 143 -1.07 -35.81 23.79
N ASP E 144 -0.65 -36.79 22.99
CA ASP E 144 0.33 -36.58 21.96
C ASP E 144 -0.30 -35.94 20.73
N GLU E 145 0.40 -34.96 20.17
CA GLU E 145 -0.12 -34.08 19.13
C GLU E 145 -1.41 -33.39 19.57
N ALA E 146 -1.38 -32.83 20.78
CA ALA E 146 -2.49 -32.06 21.32
C ALA E 146 -2.92 -30.90 20.44
N ASP E 147 -2.07 -30.44 19.52
CA ASP E 147 -2.48 -29.44 18.54
C ASP E 147 -3.60 -29.92 17.61
N ARG E 148 -3.83 -31.22 17.51
CA ARG E 148 -4.94 -31.75 16.72
C ARG E 148 -6.29 -31.50 17.37
N LEU E 149 -6.32 -31.20 18.66
CA LEU E 149 -7.57 -30.93 19.36
C LEU E 149 -8.25 -29.67 18.82
N LYS E 150 -9.56 -29.75 18.62
CA LYS E 150 -10.36 -28.57 18.37
C LYS E 150 -10.28 -27.59 19.54
N PRO E 151 -10.30 -26.29 19.27
CA PRO E 151 -10.32 -25.30 20.35
C PRO E 151 -11.34 -25.55 21.45
N GLU E 152 -12.55 -26.00 21.11
CA GLU E 152 -13.57 -26.29 22.12
C GLU E 152 -13.27 -27.50 22.99
N THR E 153 -12.41 -28.41 22.56
CA THR E 153 -12.14 -29.59 23.38
C THR E 153 -11.01 -29.39 24.38
N PHE E 154 -10.23 -28.31 24.24
CA PHE E 154 -9.28 -27.96 25.28
C PHE E 154 -9.96 -27.62 26.60
N ALA E 155 -11.21 -27.15 26.56
CA ALA E 155 -11.97 -26.96 27.78
C ALA E 155 -12.20 -28.28 28.52
N ASP E 156 -12.53 -29.35 27.79
CA ASP E 156 -12.69 -30.66 28.41
C ASP E 156 -11.38 -31.25 28.93
N VAL E 157 -10.27 -30.97 28.26
CA VAL E 157 -8.96 -31.35 28.77
C VAL E 157 -8.63 -30.60 30.05
N ARG E 158 -8.94 -29.30 30.09
CA ARG E 158 -8.75 -28.50 31.30
C ARG E 158 -9.64 -28.97 32.44
N ASP E 159 -10.87 -29.39 32.15
CA ASP E 159 -11.77 -29.88 33.18
C ASP E 159 -11.32 -31.22 33.76
N ILE E 160 -10.75 -32.09 32.93
CA ILE E 160 -10.08 -33.29 33.45
C ILE E 160 -8.94 -32.91 34.38
N ALA E 161 -8.08 -32.00 33.95
CA ALA E 161 -6.97 -31.56 34.78
C ALA E 161 -7.45 -30.91 36.07
N GLU E 162 -8.49 -30.08 35.99
CA GLU E 162 -8.95 -29.33 37.15
C GLU E 162 -9.70 -30.20 38.15
N ASP E 163 -10.61 -31.04 37.67
CA ASP E 163 -11.55 -31.70 38.57
C ASP E 163 -11.04 -33.02 39.11
N LEU E 164 -10.05 -33.62 38.46
CA LEU E 164 -9.47 -34.86 38.91
C LEU E 164 -8.01 -34.61 39.26
N GLY E 165 -7.45 -35.53 40.04
CA GLY E 165 -6.04 -35.47 40.37
C GLY E 165 -5.12 -35.94 39.26
N ILE E 166 -5.18 -35.30 38.08
CA ILE E 166 -4.50 -35.81 36.90
C ILE E 166 -3.59 -34.73 36.35
N ALA E 167 -2.32 -35.08 36.15
CA ALA E 167 -1.38 -34.33 35.32
C ALA E 167 -1.63 -34.61 33.85
N VAL E 168 -2.06 -33.60 33.10
CA VAL E 168 -2.20 -33.71 31.65
C VAL E 168 -0.93 -33.20 31.00
N VAL E 169 -0.35 -34.01 30.13
CA VAL E 169 0.86 -33.64 29.38
C VAL E 169 0.47 -33.47 27.91
N LEU E 170 0.63 -32.25 27.40
CA LEU E 170 0.39 -31.97 25.99
C LEU E 170 1.70 -32.08 25.22
N VAL E 171 1.76 -32.98 24.24
CA VAL E 171 2.95 -33.20 23.44
C VAL E 171 2.71 -32.67 22.04
N GLY E 172 3.68 -31.95 21.50
CA GLY E 172 3.52 -31.44 20.14
C GLY E 172 4.78 -30.82 19.62
N THR E 173 4.69 -30.30 18.40
CA THR E 173 5.69 -29.43 17.82
C THR E 173 5.38 -27.97 18.16
N ASP E 174 6.22 -27.06 17.67
CA ASP E 174 6.02 -25.63 17.83
C ASP E 174 4.62 -25.15 17.43
N ARG E 175 3.90 -25.90 16.60
CA ARG E 175 2.51 -25.57 16.30
C ARG E 175 1.60 -25.64 17.53
N LEU E 176 1.89 -26.54 18.47
CA LEU E 176 1.15 -26.56 19.73
C LEU E 176 1.37 -25.27 20.53
N ASP E 177 2.60 -24.79 20.58
CA ASP E 177 2.86 -23.53 21.26
C ASP E 177 2.06 -22.36 20.68
N ALA E 178 1.92 -22.31 19.36
CA ALA E 178 1.07 -21.29 18.75
C ALA E 178 -0.41 -21.49 19.08
N VAL E 179 -0.91 -22.72 18.99
CA VAL E 179 -2.29 -23.01 19.34
C VAL E 179 -2.58 -22.69 20.81
N ILE E 180 -1.69 -23.11 21.70
CA ILE E 180 -1.88 -22.84 23.13
C ILE E 180 -1.93 -21.35 23.42
N LYS E 181 -1.09 -20.56 22.77
CA LYS E 181 -1.11 -19.10 22.98
C LYS E 181 -2.42 -18.43 22.58
N ARG E 182 -3.23 -19.06 21.74
CA ARG E 182 -4.50 -18.48 21.35
C ARG E 182 -5.64 -18.69 22.36
N ASP E 183 -5.37 -19.30 23.51
CA ASP E 183 -6.36 -19.33 24.59
C ASP E 183 -5.62 -19.20 25.92
N GLU E 184 -5.73 -18.02 26.54
CA GLU E 184 -5.04 -17.76 27.80
C GLU E 184 -5.32 -18.81 28.87
N GLN E 185 -6.54 -19.36 28.91
CA GLN E 185 -6.88 -20.33 29.95
C GLN E 185 -6.15 -21.65 29.78
N VAL E 186 -5.84 -22.02 28.54
CA VAL E 186 -4.99 -23.17 28.29
C VAL E 186 -3.52 -22.81 28.52
N LEU E 187 -3.09 -21.68 27.96
CA LEU E 187 -1.72 -21.22 28.12
C LEU E 187 -1.29 -21.15 29.57
N GLU E 188 -2.10 -20.55 30.44
CA GLU E 188 -1.72 -20.41 31.84
C GLU E 188 -1.80 -21.72 32.63
N ARG E 189 -2.53 -22.71 32.15
CA ARG E 189 -2.55 -24.03 32.79
C ARG E 189 -1.41 -24.93 32.37
N PHE E 190 -0.77 -24.68 31.24
CA PHE E 190 0.18 -25.62 30.65
C PHE E 190 1.53 -25.00 30.34
N ARG E 191 1.88 -23.88 30.97
CA ARG E 191 3.10 -23.17 30.61
C ARG E 191 4.40 -23.76 31.17
N ALA E 192 4.37 -24.69 32.12
CA ALA E 192 5.59 -25.47 32.38
C ALA E 192 5.86 -26.40 31.20
N HIS E 193 7.10 -26.43 30.72
CA HIS E 193 7.42 -27.24 29.55
C HIS E 193 8.75 -27.95 29.69
N LEU E 194 8.89 -29.02 28.93
CA LEU E 194 10.16 -29.62 28.55
C LEU E 194 10.38 -29.43 27.05
N ARG E 195 11.59 -29.06 26.67
CA ARG E 195 11.97 -28.94 25.27
C ARG E 195 12.74 -30.17 24.82
N PHE E 196 12.20 -30.87 23.81
CA PHE E 196 12.85 -32.01 23.18
C PHE E 196 13.78 -31.54 22.07
N GLY E 197 15.06 -31.92 22.15
CA GLY E 197 16.07 -31.42 21.25
C GLY E 197 16.49 -32.40 20.17
N LYS E 198 17.05 -31.87 19.10
CA LYS E 198 17.84 -32.65 18.15
C LYS E 198 19.14 -33.16 18.78
N LEU E 199 19.76 -34.12 18.11
CA LEU E 199 21.09 -34.61 18.45
C LEU E 199 22.19 -33.78 17.78
N SER E 200 23.33 -33.68 18.47
CA SER E 200 24.49 -33.01 17.91
C SER E 200 25.76 -33.61 18.49
N GLY E 201 26.88 -33.33 17.82
CA GLY E 201 28.21 -33.59 18.34
C GLY E 201 28.45 -34.97 18.88
N GLU E 202 29.00 -35.04 20.10
CA GLU E 202 29.26 -36.31 20.76
C GLU E 202 27.98 -37.08 21.04
N ASP E 203 26.89 -36.37 21.34
CA ASP E 203 25.61 -37.03 21.57
C ASP E 203 25.14 -37.75 20.31
N PHE E 204 25.27 -37.10 19.16
CA PHE E 204 25.00 -37.75 17.88
C PHE E 204 25.96 -38.91 17.63
N LYS E 205 27.26 -38.68 17.78
CA LYS E 205 28.26 -39.73 17.56
C LYS E 205 28.03 -40.94 18.46
N ASN E 206 27.66 -40.73 19.72
CA ASN E 206 27.29 -41.84 20.60
C ASN E 206 26.02 -42.54 20.13
N THR E 207 25.00 -41.78 19.77
CA THR E 207 23.75 -42.36 19.27
C THR E 207 23.96 -43.21 18.02
N VAL E 208 24.84 -42.77 17.13
CA VAL E 208 25.19 -43.56 15.94
C VAL E 208 25.77 -44.92 16.31
N GLU E 209 26.69 -44.95 17.27
CA GLU E 209 27.27 -46.22 17.69
C GLU E 209 26.27 -47.13 18.40
N MET E 210 25.37 -46.55 19.20
CA MET E 210 24.28 -47.33 19.76
C MET E 210 23.41 -47.98 18.68
N TRP E 211 23.11 -47.27 17.61
CA TRP E 211 22.32 -47.85 16.53
C TRP E 211 23.02 -49.06 15.90
N GLU E 212 24.29 -48.92 15.57
CA GLU E 212 25.05 -50.02 15.00
C GLU E 212 25.03 -51.24 15.91
N GLN E 213 25.28 -51.04 17.21
CA GLN E 213 25.48 -52.15 18.13
C GLN E 213 24.18 -52.77 18.63
N MET E 214 23.12 -51.98 18.81
CA MET E 214 21.90 -52.51 19.41
C MET E 214 20.64 -52.35 18.56
N VAL E 215 20.73 -51.77 17.37
CA VAL E 215 19.60 -51.72 16.43
C VAL E 215 19.87 -52.54 15.19
N LEU E 216 20.98 -52.26 14.50
CA LEU E 216 21.25 -52.94 13.23
C LEU E 216 21.71 -54.37 13.47
N LYS E 217 22.66 -54.55 14.39
CA LYS E 217 23.11 -55.88 14.82
C LYS E 217 23.50 -56.74 13.63
N LEU E 218 24.24 -56.17 12.70
CA LEU E 218 24.68 -56.86 11.50
C LEU E 218 25.77 -57.87 11.84
N PRO E 219 25.95 -58.89 11.00
CA PRO E 219 26.99 -59.88 11.27
C PRO E 219 28.39 -59.29 11.40
N VAL E 220 28.67 -58.18 10.74
CA VAL E 220 29.99 -57.55 10.82
C VAL E 220 29.80 -56.08 11.15
N SER E 221 30.79 -55.53 11.87
CA SER E 221 30.81 -54.11 12.19
C SER E 221 30.80 -53.24 10.94
N SER E 222 29.97 -52.21 10.97
CA SER E 222 29.95 -51.21 9.92
C SER E 222 30.81 -50.00 10.24
N ASN E 223 31.19 -49.83 11.50
CA ASN E 223 32.06 -48.74 11.96
C ASN E 223 31.47 -47.38 11.60
N LEU E 224 30.16 -47.22 11.82
CA LEU E 224 29.44 -46.05 11.35
C LEU E 224 29.90 -44.77 12.03
N LYS E 225 30.56 -44.88 13.19
CA LYS E 225 31.17 -43.73 13.86
C LYS E 225 32.45 -43.23 13.20
N SER E 226 33.01 -43.95 12.24
CA SER E 226 34.19 -43.47 11.53
C SER E 226 33.92 -42.14 10.84
N LYS E 227 34.97 -41.30 10.77
CA LYS E 227 34.85 -39.92 10.30
C LYS E 227 34.06 -39.79 9.01
N GLU E 228 34.37 -40.62 8.01
CA GLU E 228 33.72 -40.49 6.72
C GLU E 228 32.24 -40.85 6.81
N MET E 229 31.93 -41.98 7.43
CA MET E 229 30.54 -42.39 7.55
C MET E 229 29.78 -41.53 8.55
N LEU E 230 30.43 -41.07 9.61
CA LEU E 230 29.82 -40.12 10.54
C LEU E 230 29.54 -38.78 9.88
N ARG E 231 30.37 -38.40 8.90
CA ARG E 231 30.14 -37.19 8.13
C ARG E 231 28.93 -37.34 7.21
N ILE E 232 28.83 -38.48 6.53
CA ILE E 232 27.67 -38.78 5.70
C ILE E 232 26.39 -38.77 6.55
N LEU E 233 26.43 -39.44 7.69
CA LEU E 233 25.28 -39.47 8.61
C LEU E 233 24.93 -38.08 9.17
N THR E 234 25.94 -37.30 9.58
CA THR E 234 25.64 -35.96 10.08
C THR E 234 25.01 -35.08 9.02
N SER E 235 25.45 -35.24 7.77
CA SER E 235 24.86 -34.46 6.67
C SER E 235 23.44 -34.90 6.38
N ALA E 236 23.21 -36.20 6.22
CA ALA E 236 21.90 -36.69 5.83
C ALA E 236 20.86 -36.58 6.96
N THR E 237 21.26 -36.85 8.20
CA THR E 237 20.27 -36.87 9.28
C THR E 237 19.97 -35.48 9.83
N GLU E 238 20.92 -34.55 9.72
CA GLU E 238 20.78 -33.20 10.26
C GLU E 238 20.44 -33.19 11.76
N GLY E 239 20.76 -34.29 12.44
CA GLY E 239 20.47 -34.46 13.86
C GLY E 239 19.09 -35.00 14.21
N TYR E 240 18.25 -35.30 13.23
CA TYR E 240 16.97 -35.94 13.52
C TYR E 240 17.16 -37.42 13.77
N ILE E 241 16.64 -37.90 14.90
CA ILE E 241 16.72 -39.32 15.22
C ILE E 241 15.85 -40.13 14.27
N GLY E 242 14.74 -39.55 13.80
CA GLY E 242 13.92 -40.22 12.81
C GLY E 242 14.61 -40.47 11.48
N ARG E 243 15.41 -39.51 11.03
CA ARG E 243 16.21 -39.75 9.83
C ARG E 243 17.31 -40.78 10.06
N LEU E 244 18.01 -40.70 11.19
CA LEU E 244 19.06 -41.67 11.50
C LEU E 244 18.52 -43.09 11.50
N ASP E 245 17.36 -43.31 12.13
CA ASP E 245 16.77 -44.64 12.15
C ASP E 245 16.38 -45.12 10.76
N GLU E 246 15.63 -44.31 10.02
CA GLU E 246 15.17 -44.70 8.68
C GLU E 246 16.32 -44.91 7.70
N ILE E 247 17.33 -44.04 7.73
CA ILE E 247 18.48 -44.18 6.85
C ILE E 247 19.26 -45.47 7.13
N LEU E 248 19.59 -45.71 8.40
CA LEU E 248 20.40 -46.88 8.74
C LEU E 248 19.65 -48.19 8.56
N ARG E 249 18.35 -48.22 8.86
CA ARG E 249 17.57 -49.44 8.60
C ARG E 249 17.45 -49.75 7.11
N GLU E 250 17.14 -48.74 6.28
CA GLU E 250 17.12 -48.99 4.84
C GLU E 250 18.50 -49.34 4.30
N ALA E 251 19.55 -48.68 4.80
CA ALA E 251 20.90 -49.02 4.39
C ALA E 251 21.28 -50.43 4.79
N ALA E 252 20.81 -50.89 5.96
CA ALA E 252 21.03 -52.28 6.37
C ALA E 252 20.28 -53.26 5.47
N ILE E 253 19.00 -52.98 5.21
CA ILE E 253 18.21 -53.83 4.33
C ILE E 253 18.80 -53.89 2.92
N ARG E 254 19.22 -52.75 2.38
CA ARG E 254 19.89 -52.75 1.08
C ARG E 254 21.18 -53.54 1.10
N SER E 255 22.03 -53.29 2.10
CA SER E 255 23.32 -53.98 2.17
C SER E 255 23.17 -55.48 2.32
N LEU E 256 22.26 -55.93 3.20
CA LEU E 256 22.00 -57.36 3.32
C LEU E 256 21.42 -57.95 2.04
N SER E 257 20.53 -57.21 1.37
CA SER E 257 19.95 -57.67 0.11
C SER E 257 20.98 -57.75 -1.01
N ARG E 258 21.98 -56.88 -1.00
CA ARG E 258 23.12 -57.01 -1.90
C ARG E 258 24.08 -58.11 -1.52
N GLY E 259 23.86 -58.77 -0.38
CA GLY E 259 24.72 -59.83 0.09
C GLY E 259 25.95 -59.39 0.85
N LEU E 260 26.05 -58.12 1.21
CA LEU E 260 27.08 -57.69 2.14
C LEU E 260 26.68 -58.07 3.57
N LYS E 261 27.66 -58.39 4.39
CA LYS E 261 27.42 -58.59 5.81
C LYS E 261 27.41 -57.29 6.61
N LYS E 262 27.59 -56.15 5.96
CA LYS E 262 27.71 -54.88 6.66
C LYS E 262 27.19 -53.77 5.75
N ILE E 263 26.87 -52.63 6.36
CA ILE E 263 26.73 -51.40 5.59
C ILE E 263 28.10 -50.91 5.14
N ASP E 264 28.16 -50.31 3.95
CA ASP E 264 29.35 -49.60 3.50
C ASP E 264 28.96 -48.24 2.96
N LYS E 265 29.98 -47.40 2.75
CA LYS E 265 29.77 -46.06 2.22
C LYS E 265 28.96 -46.06 0.93
N ALA E 266 29.18 -47.06 0.07
CA ALA E 266 28.46 -47.09 -1.20
C ALA E 266 26.96 -47.16 -0.99
N VAL E 267 26.48 -48.12 -0.18
CA VAL E 267 25.07 -48.18 0.12
C VAL E 267 24.63 -46.99 0.97
N LEU E 268 25.47 -46.57 1.92
CA LEU E 268 25.11 -45.45 2.78
C LEU E 268 24.99 -44.14 2.00
N GLN E 269 25.88 -43.91 1.03
CA GLN E 269 25.75 -42.76 0.15
C GLN E 269 24.57 -42.90 -0.80
N GLU E 270 24.34 -44.10 -1.32
CA GLU E 270 23.16 -44.34 -2.16
C GLU E 270 21.86 -44.05 -1.43
N VAL E 271 21.77 -44.36 -0.14
CA VAL E 271 20.61 -43.96 0.64
C VAL E 271 20.60 -42.45 0.89
N ALA E 272 21.73 -41.91 1.35
CA ALA E 272 21.79 -40.50 1.72
C ALA E 272 21.48 -39.55 0.56
N LYS E 273 21.78 -39.97 -0.67
CA LYS E 273 21.41 -39.17 -1.83
C LYS E 273 19.91 -38.96 -2.00
N GLU E 274 19.08 -39.79 -1.38
CA GLU E 274 17.65 -39.63 -1.57
C GLU E 274 17.03 -38.60 -0.64
N TYR E 275 17.74 -38.18 0.40
CA TYR E 275 17.20 -37.24 1.37
C TYR E 275 17.59 -35.81 1.00
N GLU F 19 -15.58 -52.74 -40.73
CA GLU F 19 -14.57 -52.00 -41.48
C GLU F 19 -13.25 -51.95 -40.72
N TRP F 20 -12.17 -52.25 -41.43
CA TRP F 20 -10.84 -52.30 -40.83
C TRP F 20 -10.40 -50.96 -40.24
N LEU F 21 -10.67 -49.86 -40.96
CA LEU F 21 -10.24 -48.54 -40.50
C LEU F 21 -10.84 -48.18 -39.14
N GLN F 22 -12.09 -48.60 -38.89
CA GLN F 22 -12.74 -48.32 -37.61
C GLN F 22 -12.11 -49.09 -36.45
N ALA F 23 -11.61 -50.29 -36.71
CA ALA F 23 -10.92 -51.06 -35.67
C ALA F 23 -9.56 -50.48 -35.32
N GLU F 24 -8.82 -49.98 -36.32
CA GLU F 24 -7.56 -49.30 -36.06
C GLU F 24 -7.74 -48.00 -35.28
N ILE F 25 -8.71 -47.17 -35.67
CA ILE F 25 -8.96 -45.93 -34.94
C ILE F 25 -9.43 -46.21 -33.50
N ALA F 26 -10.27 -47.22 -33.31
CA ALA F 26 -10.65 -47.61 -31.95
C ALA F 26 -9.46 -48.09 -31.12
N ARG F 27 -8.45 -48.69 -31.74
CA ARG F 27 -7.22 -49.02 -31.01
C ARG F 27 -6.36 -47.80 -30.74
N LEU F 28 -6.04 -47.03 -31.80
CA LEU F 28 -5.13 -45.88 -31.64
C LEU F 28 -5.73 -44.81 -30.74
N LYS F 29 -7.05 -44.69 -30.74
CA LYS F 29 -7.75 -43.85 -29.77
C LYS F 29 -7.40 -44.22 -28.33
N GLY F 30 -7.04 -45.49 -28.08
CA GLY F 30 -6.90 -45.98 -26.73
C GLY F 30 -5.60 -45.59 -26.03
N LYS F 31 -5.29 -46.36 -24.99
CA LYS F 31 -4.06 -46.24 -24.22
C LYS F 31 -3.40 -47.60 -24.10
N SER F 32 -2.09 -47.58 -23.90
CA SER F 32 -1.35 -48.79 -23.59
C SER F 32 -0.06 -48.39 -22.88
N ILE F 33 0.57 -49.37 -22.24
CA ILE F 33 1.76 -49.14 -21.42
C ILE F 33 2.98 -49.63 -22.18
N VAL F 34 3.96 -48.76 -22.31
CA VAL F 34 5.27 -49.10 -22.86
C VAL F 34 6.25 -49.26 -21.70
N PRO F 35 7.05 -50.33 -21.66
CA PRO F 35 7.98 -50.60 -20.55
C PRO F 35 9.23 -49.76 -20.65
N LEU F 36 9.08 -48.45 -20.45
CA LEU F 36 10.19 -47.52 -20.49
C LEU F 36 11.13 -47.76 -19.30
N GLN F 37 12.40 -47.40 -19.50
CA GLN F 37 13.40 -47.61 -18.45
C GLN F 37 13.11 -46.82 -17.19
N GLN F 38 12.45 -45.67 -17.30
CA GLN F 38 12.08 -44.92 -16.11
C GLN F 38 10.96 -45.60 -15.33
N VAL F 39 10.10 -46.35 -16.03
CA VAL F 39 9.10 -47.17 -15.36
C VAL F 39 9.76 -48.24 -14.51
N LYS F 40 10.71 -48.99 -15.08
CA LYS F 40 11.44 -49.99 -14.32
C LYS F 40 12.19 -49.36 -13.15
N THR F 41 12.80 -48.20 -13.36
CA THR F 41 13.49 -47.50 -12.27
C THR F 41 12.56 -47.25 -11.10
N LEU F 42 11.37 -46.70 -11.36
CA LEU F 42 10.39 -46.49 -10.31
C LEU F 42 10.00 -47.80 -9.64
N HIS F 43 9.70 -48.82 -10.43
CA HIS F 43 9.22 -50.08 -9.86
C HIS F 43 10.24 -50.73 -8.93
N ASP F 44 11.51 -50.78 -9.32
CA ASP F 44 12.53 -51.31 -8.41
C ASP F 44 12.72 -50.44 -7.18
N TRP F 45 12.58 -49.12 -7.30
CA TRP F 45 12.70 -48.26 -6.14
C TRP F 45 11.50 -48.40 -5.21
N LEU F 46 10.31 -48.53 -5.79
CA LEU F 46 9.11 -48.82 -5.01
C LEU F 46 9.17 -50.18 -4.33
N ASP F 47 9.79 -51.17 -4.96
CA ASP F 47 10.00 -52.46 -4.30
C ASP F 47 10.89 -52.34 -3.07
N GLY F 48 11.94 -51.53 -3.15
CA GLY F 48 12.74 -51.26 -1.96
C GLY F 48 11.96 -50.58 -0.85
N LYS F 49 11.23 -49.52 -1.19
CA LYS F 49 10.43 -48.79 -0.21
C LYS F 49 9.33 -49.64 0.39
N ARG F 50 8.69 -50.50 -0.40
CA ARG F 50 7.72 -51.43 0.14
C ARG F 50 8.36 -52.42 1.10
N LYS F 51 9.50 -53.00 0.71
CA LYS F 51 10.19 -53.97 1.57
C LYS F 51 10.60 -53.39 2.91
N ALA F 52 11.09 -52.15 2.92
CA ALA F 52 11.46 -51.48 4.16
C ALA F 52 10.28 -50.78 4.83
N ARG F 53 9.12 -50.75 4.18
CA ARG F 53 7.95 -49.99 4.62
C ARG F 53 8.24 -48.50 4.79
N LYS F 54 9.18 -47.98 4.01
CA LYS F 54 9.59 -46.59 4.11
C LYS F 54 8.67 -45.70 3.27
N SER F 55 8.08 -44.71 3.91
CA SER F 55 7.31 -43.68 3.23
C SER F 55 8.22 -42.73 2.44
N CYS F 56 7.72 -42.26 1.31
CA CYS F 56 8.55 -41.61 0.30
C CYS F 56 7.64 -40.84 -0.64
N ARG F 57 8.25 -40.11 -1.58
CA ARG F 57 7.50 -39.35 -2.56
C ARG F 57 8.09 -39.49 -3.96
N VAL F 58 7.21 -39.38 -4.96
CA VAL F 58 7.57 -39.40 -6.37
C VAL F 58 7.18 -38.05 -6.97
N VAL F 59 8.15 -37.34 -7.51
CA VAL F 59 7.95 -35.98 -8.03
C VAL F 59 8.52 -35.91 -9.43
N GLY F 60 7.78 -35.29 -10.34
CA GLY F 60 8.26 -35.04 -11.68
C GLY F 60 7.28 -34.16 -12.42
N GLU F 61 7.79 -33.53 -13.48
CA GLU F 61 6.97 -32.64 -14.28
C GLU F 61 5.70 -33.33 -14.77
N SER F 62 4.66 -32.53 -15.01
CA SER F 62 3.43 -33.02 -15.61
C SER F 62 3.70 -33.77 -16.91
N ARG F 63 2.94 -34.86 -17.10
CA ARG F 63 2.95 -35.71 -18.29
C ARG F 63 4.27 -36.41 -18.54
N THR F 64 5.11 -36.55 -17.52
CA THR F 64 6.32 -37.37 -17.59
C THR F 64 6.04 -38.86 -17.43
N GLY F 65 4.80 -39.24 -17.15
CA GLY F 65 4.42 -40.63 -17.06
C GLY F 65 4.38 -41.23 -15.67
N LYS F 66 4.23 -40.40 -14.64
CA LYS F 66 4.22 -40.88 -13.27
C LYS F 66 3.01 -41.77 -12.99
N THR F 67 1.82 -41.32 -13.41
CA THR F 67 0.58 -42.06 -13.20
C THR F 67 0.59 -43.41 -13.90
N VAL F 68 1.06 -43.46 -15.15
CA VAL F 68 1.15 -44.75 -15.85
C VAL F 68 2.15 -45.69 -15.19
N ALA F 69 3.29 -45.17 -14.72
CA ALA F 69 4.27 -46.01 -14.03
C ALA F 69 3.76 -46.48 -12.66
N CYS F 70 3.05 -45.62 -11.93
CA CYS F 70 2.46 -46.02 -10.66
C CYS F 70 1.30 -46.99 -10.83
N ASP F 71 0.46 -46.77 -11.84
CA ASP F 71 -0.62 -47.69 -12.14
C ASP F 71 -0.10 -49.05 -12.59
N ALA F 72 0.96 -49.08 -13.39
CA ALA F 72 1.60 -50.33 -13.81
C ALA F 72 2.15 -51.13 -12.64
N TYR F 73 2.60 -50.47 -11.58
CA TYR F 73 3.10 -51.17 -10.39
C TYR F 73 1.99 -51.89 -9.65
N ARG F 74 0.87 -51.20 -9.44
CA ARG F 74 -0.34 -51.80 -8.89
C ARG F 74 -0.80 -53.06 -9.64
N TYR F 75 -0.78 -53.05 -10.97
CA TYR F 75 -1.13 -54.24 -11.73
C TYR F 75 -0.06 -55.32 -11.75
N ARG F 76 1.18 -54.99 -11.39
CA ARG F 76 2.22 -56.00 -11.23
C ARG F 76 2.12 -56.74 -9.91
N HIS F 77 1.49 -56.13 -8.90
CA HIS F 77 1.29 -56.71 -7.58
C HIS F 77 -0.20 -56.87 -7.31
N LYS F 78 -0.83 -57.78 -8.04
CA LYS F 78 -2.25 -58.10 -7.96
C LYS F 78 -2.69 -58.38 -6.52
N PRO F 79 -3.96 -58.09 -6.19
CA PRO F 79 -4.60 -58.77 -5.06
C PRO F 79 -4.39 -60.27 -5.12
N GLN F 80 -4.05 -60.85 -3.97
CA GLN F 80 -3.71 -62.26 -3.85
C GLN F 80 -4.85 -62.99 -3.15
N GLN F 81 -5.40 -64.00 -3.82
CA GLN F 81 -6.56 -64.71 -3.32
C GLN F 81 -6.18 -65.71 -2.23
N GLU F 82 -7.10 -65.90 -1.29
CA GLU F 82 -6.91 -66.81 -0.16
C GLU F 82 -8.21 -67.56 0.07
N ALA F 83 -8.09 -68.70 0.73
CA ALA F 83 -9.25 -69.55 1.00
C ALA F 83 -10.04 -69.01 2.18
N GLY F 84 -11.26 -68.55 1.90
CA GLY F 84 -12.18 -68.06 2.91
C GLY F 84 -11.85 -66.70 3.52
N ARG F 85 -10.59 -66.47 3.87
CA ARG F 85 -10.17 -65.18 4.38
C ARG F 85 -10.12 -64.15 3.26
N PRO F 86 -10.15 -62.86 3.59
CA PRO F 86 -10.06 -61.81 2.56
C PRO F 86 -8.77 -61.90 1.78
N PRO F 87 -8.76 -61.38 0.55
CA PRO F 87 -7.54 -61.40 -0.25
C PRO F 87 -6.47 -60.48 0.31
N THR F 88 -5.21 -60.88 0.12
CA THR F 88 -4.09 -59.99 0.37
C THR F 88 -3.94 -58.98 -0.77
N VAL F 89 -3.88 -57.70 -0.42
CA VAL F 89 -3.69 -56.64 -1.40
C VAL F 89 -2.46 -55.83 -1.04
N PRO F 90 -1.27 -56.21 -1.52
CA PRO F 90 -0.04 -55.54 -1.06
C PRO F 90 0.02 -54.05 -1.39
N VAL F 91 -0.44 -53.65 -2.57
CA VAL F 91 -0.33 -52.27 -3.04
C VAL F 91 -1.73 -51.73 -3.27
N VAL F 92 -2.04 -50.60 -2.63
CA VAL F 92 -3.25 -49.83 -2.89
C VAL F 92 -2.88 -48.56 -3.65
N TYR F 93 -3.52 -48.33 -4.79
CA TYR F 93 -3.33 -47.11 -5.58
C TYR F 93 -4.63 -46.31 -5.54
N ILE F 94 -4.54 -45.05 -5.13
CA ILE F 94 -5.67 -44.11 -5.17
C ILE F 94 -5.24 -42.79 -5.80
N ARG F 95 -6.16 -42.17 -6.53
CA ARG F 95 -6.04 -40.75 -6.84
C ARG F 95 -7.16 -39.97 -6.17
N PRO F 96 -6.87 -39.11 -5.20
CA PRO F 96 -7.91 -38.27 -4.60
C PRO F 96 -8.59 -37.35 -5.60
N HIS F 97 -9.84 -37.02 -5.30
CA HIS F 97 -10.49 -35.89 -5.94
C HIS F 97 -9.90 -34.59 -5.42
N GLN F 98 -10.12 -33.52 -6.17
CA GLN F 98 -9.64 -32.21 -5.75
C GLN F 98 -10.25 -31.82 -4.41
N LYS F 99 -9.47 -31.13 -3.58
CA LYS F 99 -9.88 -30.77 -2.22
C LYS F 99 -10.30 -32.00 -1.41
N CYS F 100 -9.46 -33.03 -1.44
CA CYS F 100 -9.81 -34.29 -0.78
C CYS F 100 -9.79 -34.14 0.74
N GLY F 101 -10.94 -34.33 1.38
CA GLY F 101 -11.01 -34.47 2.80
C GLY F 101 -10.73 -35.88 3.26
N PRO F 102 -10.72 -36.07 4.59
CA PRO F 102 -10.38 -37.39 5.11
C PRO F 102 -11.43 -38.46 4.84
N LYS F 103 -12.71 -38.12 4.89
CA LYS F 103 -13.75 -39.10 4.55
C LYS F 103 -13.65 -39.55 3.08
N ASP F 104 -13.35 -38.62 2.17
CA ASP F 104 -13.10 -38.99 0.79
C ASP F 104 -11.87 -39.86 0.63
N LEU F 105 -10.81 -39.57 1.38
CA LEU F 105 -9.65 -40.46 1.42
C LEU F 105 -10.03 -41.87 1.85
N PHE F 106 -10.81 -41.99 2.91
CA PHE F 106 -11.19 -43.30 3.44
C PHE F 106 -12.13 -44.06 2.51
N LYS F 107 -13.09 -43.37 1.90
CA LYS F 107 -13.90 -43.98 0.84
C LYS F 107 -13.06 -44.60 -0.26
N LYS F 108 -12.13 -43.84 -0.82
CA LYS F 108 -11.32 -44.36 -1.92
C LYS F 108 -10.50 -45.58 -1.52
N ILE F 109 -9.96 -45.61 -0.31
CA ILE F 109 -9.19 -46.78 0.12
C ILE F 109 -10.11 -47.98 0.31
N THR F 110 -11.21 -47.81 1.04
CA THR F 110 -12.12 -48.93 1.28
C THR F 110 -12.81 -49.39 -0.01
N GLU F 111 -13.14 -48.46 -0.90
CA GLU F 111 -13.67 -48.84 -2.20
C GLU F 111 -12.63 -49.54 -3.07
N TYR F 112 -11.37 -49.13 -2.98
CA TYR F 112 -10.32 -49.85 -3.70
C TYR F 112 -10.22 -51.29 -3.22
N LEU F 113 -10.34 -51.51 -1.92
CA LEU F 113 -10.34 -52.85 -1.36
C LEU F 113 -11.69 -53.55 -1.53
N LYS F 114 -12.62 -52.91 -2.24
CA LYS F 114 -13.91 -53.49 -2.61
C LYS F 114 -14.80 -53.79 -1.41
N TYR F 115 -14.75 -52.92 -0.41
CA TYR F 115 -15.67 -52.98 0.71
C TYR F 115 -16.74 -51.91 0.56
N ARG F 116 -18.00 -52.31 0.69
CA ARG F 116 -19.13 -51.41 0.52
C ARG F 116 -19.13 -50.34 1.61
N VAL F 117 -18.96 -49.08 1.21
CA VAL F 117 -18.83 -47.99 2.18
C VAL F 117 -20.18 -47.75 2.84
N THR F 118 -20.22 -47.89 4.17
CA THR F 118 -21.45 -47.66 4.91
C THR F 118 -21.75 -46.16 5.00
N LYS F 119 -22.96 -45.84 5.44
CA LYS F 119 -23.20 -44.57 6.09
C LYS F 119 -22.34 -44.45 7.34
N GLY F 120 -21.99 -43.23 7.71
CA GLY F 120 -21.27 -43.03 8.95
C GLY F 120 -20.64 -41.67 9.04
N THR F 121 -20.19 -41.35 10.24
CA THR F 121 -19.27 -40.26 10.46
C THR F 121 -17.88 -40.59 9.92
N VAL F 122 -17.06 -39.55 9.74
CA VAL F 122 -15.67 -39.75 9.38
C VAL F 122 -14.92 -40.63 10.38
N SER F 123 -15.30 -40.58 11.65
CA SER F 123 -14.71 -41.49 12.64
C SER F 123 -15.04 -42.96 12.34
N ASP F 124 -16.27 -43.22 11.91
CA ASP F 124 -16.63 -44.57 11.47
C ASP F 124 -15.87 -44.98 10.23
N PHE F 125 -15.75 -44.07 9.25
CA PHE F 125 -14.94 -44.34 8.06
C PHE F 125 -13.48 -44.58 8.37
N ARG F 126 -12.91 -43.79 9.28
CA ARG F 126 -11.53 -44.01 9.73
C ARG F 126 -11.36 -45.41 10.33
N ASP F 127 -12.22 -45.77 11.27
CA ASP F 127 -12.13 -47.07 11.92
C ASP F 127 -12.27 -48.23 10.92
N ARG F 128 -13.24 -48.13 10.01
CA ARG F 128 -13.40 -49.17 9.00
C ARG F 128 -12.23 -49.23 8.02
N THR F 129 -11.62 -48.09 7.68
CA THR F 129 -10.44 -48.09 6.83
C THR F 129 -9.26 -48.79 7.49
N ILE F 130 -8.97 -48.45 8.74
CA ILE F 130 -7.83 -49.04 9.43
C ILE F 130 -7.96 -50.55 9.52
N GLU F 131 -9.17 -51.05 9.79
CA GLU F 131 -9.38 -52.49 9.85
C GLU F 131 -9.35 -53.20 8.50
N VAL F 132 -9.54 -52.51 7.38
CA VAL F 132 -9.34 -53.19 6.10
C VAL F 132 -7.93 -53.06 5.55
N LEU F 133 -7.17 -52.04 5.97
CA LEU F 133 -5.75 -52.03 5.64
C LEU F 133 -5.02 -53.17 6.33
N LYS F 134 -5.40 -53.48 7.56
CA LYS F 134 -5.08 -54.77 8.15
C LYS F 134 -5.97 -55.86 7.56
N GLY F 135 -5.49 -57.09 7.62
CA GLY F 135 -6.26 -58.19 7.07
C GLY F 135 -6.24 -58.34 5.57
N CYS F 136 -6.43 -57.24 4.82
CA CYS F 136 -5.95 -57.24 3.45
C CYS F 136 -4.43 -57.17 3.34
N GLY F 137 -3.74 -56.90 4.44
CA GLY F 137 -2.29 -56.95 4.46
C GLY F 137 -1.61 -55.94 3.56
N VAL F 138 -2.21 -54.75 3.43
CA VAL F 138 -1.63 -53.68 2.62
C VAL F 138 -0.22 -53.37 3.09
N GLU F 139 0.73 -53.36 2.16
CA GLU F 139 2.10 -52.97 2.43
C GLU F 139 2.43 -51.58 1.93
N MET F 140 1.79 -51.12 0.86
CA MET F 140 2.10 -49.85 0.25
C MET F 140 0.82 -49.14 -0.12
N LEU F 141 0.76 -47.84 0.16
CA LEU F 141 -0.33 -46.97 -0.26
C LEU F 141 0.22 -45.86 -1.15
N ILE F 142 -0.17 -45.85 -2.42
CA ILE F 142 0.25 -44.83 -3.36
C ILE F 142 -0.87 -43.81 -3.52
N ILE F 143 -0.57 -42.56 -3.23
CA ILE F 143 -1.54 -41.47 -3.35
C ILE F 143 -1.07 -40.58 -4.49
N ASP F 144 -1.85 -40.55 -5.56
CA ASP F 144 -1.47 -39.87 -6.80
C ASP F 144 -2.16 -38.52 -6.86
N GLU F 145 -1.38 -37.49 -7.19
CA GLU F 145 -1.77 -36.09 -6.99
C GLU F 145 -2.08 -35.79 -5.53
N ALA F 146 -1.15 -36.19 -4.65
CA ALA F 146 -1.27 -35.92 -3.23
C ALA F 146 -1.40 -34.43 -2.91
N ASP F 147 -0.99 -33.55 -3.81
CA ASP F 147 -1.25 -32.13 -3.63
C ASP F 147 -2.74 -31.78 -3.64
N ARG F 148 -3.60 -32.67 -4.09
CA ARG F 148 -5.04 -32.46 -3.95
C ARG F 148 -5.55 -32.70 -2.54
N LEU F 149 -4.78 -33.37 -1.69
CA LEU F 149 -5.18 -33.59 -0.30
C LEU F 149 -5.33 -32.26 0.43
N LYS F 150 -6.41 -32.13 1.18
CA LYS F 150 -6.51 -31.04 2.13
C LYS F 150 -5.39 -31.12 3.18
N PRO F 151 -4.92 -29.97 3.67
CA PRO F 151 -3.95 -29.96 4.78
C PRO F 151 -4.32 -30.80 5.98
N GLU F 152 -5.61 -30.88 6.34
CA GLU F 152 -6.06 -31.70 7.45
C GLU F 152 -6.00 -33.20 7.17
N THR F 153 -6.17 -33.63 5.92
CA THR F 153 -6.12 -35.07 5.63
C THR F 153 -4.71 -35.64 5.56
N PHE F 154 -3.68 -34.81 5.43
CA PHE F 154 -2.31 -35.29 5.59
C PHE F 154 -2.03 -35.90 6.95
N ALA F 155 -2.70 -35.42 8.01
CA ALA F 155 -2.55 -36.03 9.32
C ALA F 155 -3.04 -37.48 9.36
N ASP F 156 -4.16 -37.77 8.71
CA ASP F 156 -4.63 -39.15 8.57
C ASP F 156 -3.71 -40.01 7.71
N VAL F 157 -3.07 -39.44 6.70
CA VAL F 157 -2.07 -40.18 5.94
C VAL F 157 -0.85 -40.50 6.77
N ARG F 158 -0.36 -39.54 7.56
CA ARG F 158 0.71 -39.83 8.52
C ARG F 158 0.36 -40.96 9.46
N ASP F 159 -0.86 -40.94 10.01
CA ASP F 159 -1.30 -41.98 10.93
C ASP F 159 -1.35 -43.36 10.26
N ILE F 160 -1.81 -43.44 9.02
CA ILE F 160 -1.74 -44.70 8.30
C ILE F 160 -0.30 -45.16 8.15
N ALA F 161 0.61 -44.25 7.82
CA ALA F 161 2.02 -44.58 7.70
C ALA F 161 2.63 -44.96 9.06
N GLU F 162 2.21 -44.29 10.12
CA GLU F 162 2.83 -44.53 11.43
C GLU F 162 2.21 -45.68 12.18
N ASP F 163 0.89 -45.80 12.21
CA ASP F 163 0.26 -46.81 13.04
C ASP F 163 0.38 -48.19 12.43
N LEU F 164 0.54 -48.26 11.12
CA LEU F 164 0.64 -49.52 10.41
C LEU F 164 2.00 -49.57 9.73
N GLY F 165 2.50 -50.77 9.51
CA GLY F 165 3.69 -50.90 8.69
C GLY F 165 3.41 -50.71 7.22
N ILE F 166 3.08 -49.50 6.80
CA ILE F 166 2.70 -49.23 5.41
C ILE F 166 3.59 -48.12 4.88
N ALA F 167 4.28 -48.41 3.78
CA ALA F 167 4.95 -47.40 2.96
C ALA F 167 3.93 -46.61 2.17
N VAL F 168 3.72 -45.36 2.56
CA VAL F 168 2.93 -44.42 1.76
C VAL F 168 3.82 -43.75 0.74
N VAL F 169 3.37 -43.71 -0.52
CA VAL F 169 4.07 -43.02 -1.60
C VAL F 169 3.19 -41.87 -2.09
N LEU F 170 3.69 -40.64 -1.97
CA LEU F 170 2.99 -39.46 -2.46
C LEU F 170 3.51 -39.09 -3.84
N VAL F 171 2.61 -38.96 -4.81
CA VAL F 171 2.98 -38.71 -6.20
C VAL F 171 2.41 -37.38 -6.64
N GLY F 172 3.26 -36.52 -7.18
CA GLY F 172 2.78 -35.25 -7.70
C GLY F 172 3.84 -34.54 -8.50
N THR F 173 3.49 -33.34 -8.96
CA THR F 173 4.43 -32.43 -9.58
C THR F 173 5.13 -31.59 -8.52
N ASP F 174 5.97 -30.65 -8.96
CA ASP F 174 6.64 -29.73 -8.05
C ASP F 174 5.67 -28.97 -7.15
N ARG F 175 4.40 -28.87 -7.56
CA ARG F 175 3.32 -28.42 -6.67
C ARG F 175 3.31 -29.17 -5.34
N LEU F 176 3.63 -30.46 -5.36
CA LEU F 176 3.62 -31.27 -4.15
C LEU F 176 4.72 -30.87 -3.18
N ASP F 177 5.94 -30.69 -3.67
CA ASP F 177 7.02 -30.21 -2.81
C ASP F 177 6.67 -28.89 -2.12
N ALA F 178 5.98 -27.99 -2.82
CA ALA F 178 5.54 -26.75 -2.19
C ALA F 178 4.57 -27.00 -1.03
N VAL F 179 3.56 -27.85 -1.23
CA VAL F 179 2.60 -28.08 -0.15
C VAL F 179 3.21 -28.90 0.98
N ILE F 180 4.06 -29.87 0.65
CA ILE F 180 4.72 -30.68 1.67
C ILE F 180 5.58 -29.82 2.59
N LYS F 181 6.34 -28.89 2.02
CA LYS F 181 7.21 -28.04 2.85
C LYS F 181 6.44 -27.07 3.74
N ARG F 182 5.15 -26.91 3.54
CA ARG F 182 4.34 -26.10 4.44
C ARG F 182 3.93 -26.83 5.72
N ASP F 183 4.33 -28.08 5.91
CA ASP F 183 4.00 -28.82 7.13
C ASP F 183 5.20 -29.68 7.50
N GLU F 184 5.93 -29.26 8.53
CA GLU F 184 7.15 -29.94 8.95
C GLU F 184 6.91 -31.41 9.28
N GLN F 185 5.76 -31.73 9.85
CA GLN F 185 5.46 -33.12 10.20
C GLN F 185 5.25 -34.00 8.97
N VAL F 186 4.78 -33.42 7.88
CA VAL F 186 4.69 -34.16 6.63
C VAL F 186 6.04 -34.22 5.94
N LEU F 187 6.68 -33.05 5.78
CA LEU F 187 8.00 -32.97 5.16
C LEU F 187 9.01 -33.94 5.77
N GLU F 188 9.10 -33.98 7.09
CA GLU F 188 10.08 -34.83 7.76
C GLU F 188 9.79 -36.32 7.66
N ARG F 189 8.58 -36.71 7.30
CA ARG F 189 8.28 -38.12 7.05
C ARG F 189 8.54 -38.57 5.62
N PHE F 190 8.48 -37.65 4.65
CA PHE F 190 8.55 -37.97 3.22
C PHE F 190 9.79 -37.37 2.54
N ARG F 191 10.91 -37.31 3.27
CA ARG F 191 12.15 -36.76 2.71
C ARG F 191 12.68 -37.61 1.56
N ALA F 192 12.66 -38.93 1.68
CA ALA F 192 13.12 -39.78 0.58
C ALA F 192 12.24 -39.58 -0.64
N HIS F 193 12.86 -39.31 -1.79
CA HIS F 193 12.11 -39.00 -3.00
C HIS F 193 12.77 -39.64 -4.22
N LEU F 194 11.96 -39.81 -5.26
CA LEU F 194 12.40 -40.15 -6.60
C LEU F 194 11.95 -39.06 -7.57
N ARG F 195 12.83 -38.68 -8.50
CA ARG F 195 12.53 -37.68 -9.51
C ARG F 195 12.21 -38.34 -10.85
N PHE F 196 11.05 -38.00 -11.40
CA PHE F 196 10.70 -38.30 -12.78
C PHE F 196 11.14 -37.15 -13.68
N GLY F 197 11.91 -37.48 -14.72
CA GLY F 197 12.34 -36.50 -15.69
C GLY F 197 11.71 -36.64 -17.06
N LYS F 198 11.92 -35.61 -17.86
CA LYS F 198 11.68 -35.64 -19.30
C LYS F 198 12.59 -36.66 -20.00
N LEU F 199 12.20 -37.03 -21.22
CA LEU F 199 13.08 -37.73 -22.13
C LEU F 199 14.03 -36.75 -22.82
N SER F 200 15.23 -37.23 -23.16
CA SER F 200 16.23 -36.37 -23.75
C SER F 200 17.12 -37.16 -24.70
N GLY F 201 17.78 -36.44 -25.59
CA GLY F 201 18.88 -36.98 -26.38
C GLY F 201 18.59 -38.29 -27.08
N GLU F 202 19.46 -39.27 -26.84
CA GLU F 202 19.32 -40.60 -27.42
C GLU F 202 18.22 -41.42 -26.76
N ASP F 203 17.94 -41.17 -25.49
CA ASP F 203 16.84 -41.86 -24.82
C ASP F 203 15.51 -41.56 -25.50
N PHE F 204 15.30 -40.31 -25.91
CA PHE F 204 14.14 -39.95 -26.72
C PHE F 204 14.09 -40.72 -28.04
N LYS F 205 15.22 -40.79 -28.75
CA LYS F 205 15.24 -41.51 -30.02
C LYS F 205 14.81 -42.97 -29.88
N ASN F 206 15.33 -43.67 -28.86
CA ASN F 206 14.87 -45.03 -28.58
C ASN F 206 13.40 -45.10 -28.17
N THR F 207 12.88 -44.06 -27.52
CA THR F 207 11.47 -44.05 -27.16
C THR F 207 10.57 -43.83 -28.37
N VAL F 208 10.95 -42.92 -29.27
CA VAL F 208 10.25 -42.77 -30.54
C VAL F 208 10.28 -44.07 -31.34
N GLU F 209 11.40 -44.78 -31.29
CA GLU F 209 11.48 -46.10 -31.90
C GLU F 209 10.44 -47.07 -31.33
N MET F 210 10.39 -47.22 -30.01
CA MET F 210 9.43 -48.10 -29.38
C MET F 210 7.98 -47.74 -29.71
N TRP F 211 7.66 -46.44 -29.79
CA TRP F 211 6.30 -46.06 -30.15
C TRP F 211 5.92 -46.52 -31.55
N GLU F 212 6.79 -46.30 -32.52
CA GLU F 212 6.54 -46.80 -33.88
C GLU F 212 6.31 -48.32 -33.89
N GLN F 213 7.19 -49.06 -33.22
CA GLN F 213 7.07 -50.52 -33.16
C GLN F 213 5.88 -50.98 -32.33
N MET F 214 5.75 -50.47 -31.11
CA MET F 214 4.92 -51.11 -30.09
C MET F 214 3.57 -50.44 -29.88
N VAL F 215 3.37 -49.23 -30.39
CA VAL F 215 2.14 -48.49 -30.13
C VAL F 215 1.35 -48.26 -31.42
N LEU F 216 1.99 -47.63 -32.40
CA LEU F 216 1.28 -47.27 -33.62
C LEU F 216 0.92 -48.49 -34.43
N LYS F 217 1.84 -49.45 -34.55
CA LYS F 217 1.59 -50.73 -35.24
C LYS F 217 1.01 -50.51 -36.64
N LEU F 218 1.43 -49.42 -37.28
CA LEU F 218 0.90 -49.05 -38.59
C LEU F 218 1.36 -50.04 -39.66
N PRO F 219 0.54 -50.23 -40.71
CA PRO F 219 0.89 -51.20 -41.75
C PRO F 219 2.25 -50.97 -42.40
N VAL F 220 2.66 -49.72 -42.59
CA VAL F 220 3.95 -49.41 -43.19
C VAL F 220 4.78 -48.60 -42.19
N SER F 221 6.09 -48.89 -42.17
CA SER F 221 7.05 -48.17 -41.36
C SER F 221 7.13 -46.69 -41.73
N SER F 222 7.07 -45.82 -40.71
CA SER F 222 7.21 -44.39 -40.90
C SER F 222 8.65 -43.91 -40.74
N ASN F 223 9.50 -44.70 -40.10
CA ASN F 223 10.87 -44.34 -39.72
C ASN F 223 10.92 -42.99 -39.00
N LEU F 224 10.18 -42.92 -37.89
CA LEU F 224 10.07 -41.69 -37.11
C LEU F 224 11.38 -41.30 -36.47
N LYS F 225 12.29 -42.26 -36.29
CA LYS F 225 13.68 -42.01 -35.88
C LYS F 225 14.48 -41.20 -36.89
N SER F 226 14.01 -41.05 -38.13
CA SER F 226 14.76 -40.30 -39.12
C SER F 226 14.94 -38.86 -38.67
N LYS F 227 16.16 -38.33 -38.91
CA LYS F 227 16.52 -37.01 -38.42
C LYS F 227 15.49 -35.94 -38.77
N GLU F 228 14.95 -35.98 -39.99
CA GLU F 228 13.96 -35.00 -40.39
C GLU F 228 12.66 -35.16 -39.61
N MET F 229 12.21 -36.40 -39.44
CA MET F 229 11.08 -36.68 -38.55
C MET F 229 11.42 -36.37 -37.10
N LEU F 230 12.60 -36.83 -36.65
CA LEU F 230 13.00 -36.68 -35.25
C LEU F 230 13.10 -35.23 -34.81
N ARG F 231 13.50 -34.32 -35.71
CA ARG F 231 13.49 -32.89 -35.40
C ARG F 231 12.08 -32.38 -35.13
N ILE F 232 11.10 -32.78 -35.94
CA ILE F 232 9.72 -32.39 -35.69
C ILE F 232 9.25 -32.90 -34.33
N LEU F 233 9.50 -34.18 -34.04
CA LEU F 233 9.07 -34.75 -32.77
C LEU F 233 9.80 -34.11 -31.59
N THR F 234 11.12 -33.94 -31.69
CA THR F 234 11.86 -33.35 -30.60
C THR F 234 11.40 -31.92 -30.32
N SER F 235 11.16 -31.15 -31.38
CA SER F 235 10.69 -29.78 -31.19
C SER F 235 9.28 -29.74 -30.62
N ALA F 236 8.37 -30.55 -31.17
CA ALA F 236 6.97 -30.49 -30.74
C ALA F 236 6.73 -31.17 -29.40
N THR F 237 7.39 -32.30 -29.12
CA THR F 237 7.12 -32.99 -27.86
C THR F 237 7.92 -32.43 -26.70
N GLU F 238 9.10 -31.87 -26.96
CA GLU F 238 10.01 -31.36 -25.92
C GLU F 238 10.41 -32.41 -24.90
N GLY F 239 10.25 -33.69 -25.21
CA GLY F 239 10.54 -34.75 -24.27
C GLY F 239 9.43 -35.13 -23.31
N TYR F 240 8.26 -34.50 -23.40
CA TYR F 240 7.11 -34.97 -22.64
C TYR F 240 6.54 -36.21 -23.32
N ILE F 241 6.53 -37.34 -22.60
CA ILE F 241 6.02 -38.59 -23.17
C ILE F 241 4.53 -38.46 -23.47
N GLY F 242 3.83 -37.63 -22.70
CA GLY F 242 2.42 -37.37 -23.00
C GLY F 242 2.21 -36.67 -24.32
N ARG F 243 3.06 -35.70 -24.64
CA ARG F 243 2.99 -35.05 -25.95
C ARG F 243 3.33 -36.01 -27.07
N LEU F 244 4.38 -36.81 -26.90
CA LEU F 244 4.76 -37.78 -27.92
C LEU F 244 3.61 -38.73 -28.25
N ASP F 245 2.98 -39.30 -27.23
CA ASP F 245 1.87 -40.22 -27.44
C ASP F 245 0.69 -39.56 -28.14
N GLU F 246 0.25 -38.40 -27.64
CA GLU F 246 -0.89 -37.70 -28.22
C GLU F 246 -0.63 -37.20 -29.64
N ILE F 247 0.60 -36.81 -29.96
CA ILE F 247 0.93 -36.36 -31.31
C ILE F 247 0.96 -37.53 -32.28
N LEU F 248 1.64 -38.62 -31.93
CA LEU F 248 1.75 -39.74 -32.86
C LEU F 248 0.44 -40.48 -33.06
N ARG F 249 -0.36 -40.67 -32.00
CA ARG F 249 -1.66 -41.30 -32.19
C ARG F 249 -2.59 -40.47 -33.07
N GLU F 250 -2.63 -39.15 -32.87
CA GLU F 250 -3.43 -38.30 -33.72
C GLU F 250 -2.90 -38.25 -35.15
N ALA F 251 -1.59 -38.16 -35.31
CA ALA F 251 -1.00 -38.21 -36.65
C ALA F 251 -1.33 -39.53 -37.37
N ALA F 252 -1.27 -40.65 -36.65
CA ALA F 252 -1.67 -41.93 -37.23
C ALA F 252 -3.14 -41.95 -37.64
N ILE F 253 -4.05 -41.55 -36.74
CA ILE F 253 -5.47 -41.52 -37.07
C ILE F 253 -5.75 -40.60 -38.24
N ARG F 254 -5.11 -39.43 -38.28
CA ARG F 254 -5.23 -38.55 -39.43
C ARG F 254 -4.71 -39.19 -40.71
N SER F 255 -3.61 -39.93 -40.62
CA SER F 255 -3.05 -40.58 -41.80
C SER F 255 -3.93 -41.72 -42.31
N LEU F 256 -4.38 -42.60 -41.42
CA LEU F 256 -5.23 -43.70 -41.83
C LEU F 256 -6.57 -43.21 -42.39
N SER F 257 -7.10 -42.11 -41.83
CA SER F 257 -8.31 -41.53 -42.37
C SER F 257 -8.11 -40.94 -43.76
N ARG F 258 -6.89 -40.67 -44.16
CA ARG F 258 -6.55 -40.32 -45.54
C ARG F 258 -6.32 -41.53 -46.43
N GLY F 259 -6.39 -42.74 -45.89
CA GLY F 259 -6.03 -43.93 -46.63
C GLY F 259 -4.56 -44.14 -46.82
N LEU F 260 -3.72 -43.38 -46.12
CA LEU F 260 -2.30 -43.64 -46.06
C LEU F 260 -2.04 -44.90 -45.23
N LYS F 261 -0.87 -45.49 -45.43
CA LYS F 261 -0.47 -46.68 -44.69
C LYS F 261 0.61 -46.37 -43.65
N LYS F 262 1.05 -45.11 -43.58
CA LYS F 262 2.12 -44.68 -42.69
C LYS F 262 1.75 -43.29 -42.19
N ILE F 263 2.46 -42.81 -41.18
CA ILE F 263 2.50 -41.37 -40.93
C ILE F 263 3.37 -40.71 -41.99
N ASP F 264 2.79 -39.79 -42.74
CA ASP F 264 3.54 -38.92 -43.64
C ASP F 264 4.06 -37.72 -42.87
N LYS F 265 5.26 -37.27 -43.24
CA LYS F 265 5.85 -36.08 -42.62
C LYS F 265 4.91 -34.87 -42.69
N ALA F 266 4.19 -34.73 -43.80
CA ALA F 266 3.24 -33.62 -43.93
C ALA F 266 2.15 -33.69 -42.87
N VAL F 267 1.60 -34.89 -42.63
CA VAL F 267 0.62 -35.05 -41.56
C VAL F 267 1.27 -34.82 -40.19
N LEU F 268 2.50 -35.27 -40.00
CA LEU F 268 3.19 -35.02 -38.74
C LEU F 268 3.42 -33.54 -38.48
N GLN F 269 3.87 -32.79 -39.50
CA GLN F 269 3.96 -31.34 -39.34
C GLN F 269 2.61 -30.67 -39.15
N GLU F 270 1.60 -31.12 -39.90
CA GLU F 270 0.26 -30.57 -39.78
C GLU F 270 -0.30 -30.72 -38.36
N VAL F 271 -0.13 -31.90 -37.77
CA VAL F 271 -0.49 -32.08 -36.35
C VAL F 271 0.41 -31.23 -35.46
N ALA F 272 1.72 -31.33 -35.66
CA ALA F 272 2.68 -30.69 -34.75
C ALA F 272 2.50 -29.19 -34.66
N LYS F 273 2.06 -28.54 -35.74
CA LYS F 273 1.86 -27.09 -35.68
C LYS F 273 0.67 -26.65 -34.85
N GLU F 274 -0.22 -27.55 -34.41
CA GLU F 274 -1.25 -27.13 -33.48
C GLU F 274 -0.72 -26.93 -32.07
N TYR F 275 0.48 -27.38 -31.80
CA TYR F 275 1.11 -27.22 -30.50
C TYR F 275 1.92 -25.94 -30.41
N GLU G 19 -49.70 -6.98 -39.16
CA GLU G 19 -49.03 -6.12 -40.13
C GLU G 19 -47.69 -6.70 -40.58
N TRP G 20 -47.41 -6.55 -41.87
CA TRP G 20 -46.20 -7.09 -42.46
C TRP G 20 -44.95 -6.55 -41.79
N LEU G 21 -44.96 -5.25 -41.44
CA LEU G 21 -43.80 -4.65 -40.78
C LEU G 21 -43.45 -5.34 -39.48
N GLN G 22 -44.45 -5.69 -38.67
CA GLN G 22 -44.19 -6.34 -37.40
C GLN G 22 -43.65 -7.76 -37.56
N ALA G 23 -44.04 -8.45 -38.63
CA ALA G 23 -43.47 -9.76 -38.92
C ALA G 23 -42.01 -9.68 -39.35
N GLU G 24 -41.67 -8.73 -40.21
CA GLU G 24 -40.28 -8.56 -40.62
C GLU G 24 -39.39 -8.08 -39.49
N ILE G 25 -39.85 -7.11 -38.69
CA ILE G 25 -39.08 -6.69 -37.51
C ILE G 25 -38.91 -7.83 -36.53
N ALA G 26 -39.96 -8.63 -36.30
CA ALA G 26 -39.82 -9.80 -35.44
C ALA G 26 -38.83 -10.82 -35.98
N ARG G 27 -38.75 -10.97 -37.29
CA ARG G 27 -37.71 -11.81 -37.91
C ARG G 27 -36.32 -11.21 -37.77
N LEU G 28 -36.16 -9.93 -38.13
CA LEU G 28 -34.86 -9.28 -38.08
C LEU G 28 -34.34 -9.10 -36.66
N LYS G 29 -35.26 -8.90 -35.71
CA LYS G 29 -34.91 -8.82 -34.29
C LYS G 29 -34.22 -10.08 -33.77
N GLY G 30 -34.45 -11.23 -34.42
CA GLY G 30 -33.93 -12.50 -33.95
C GLY G 30 -32.49 -12.81 -34.31
N LYS G 31 -32.19 -14.11 -34.39
CA LYS G 31 -30.89 -14.63 -34.76
C LYS G 31 -31.04 -15.72 -35.81
N SER G 32 -29.93 -16.02 -36.48
CA SER G 32 -29.86 -17.12 -37.44
C SER G 32 -28.41 -17.58 -37.54
N ILE G 33 -28.22 -18.79 -38.09
CA ILE G 33 -26.89 -19.35 -38.28
C ILE G 33 -26.59 -19.40 -39.78
N VAL G 34 -25.55 -18.71 -40.19
CA VAL G 34 -25.06 -18.65 -41.57
C VAL G 34 -23.89 -19.62 -41.73
N PRO G 35 -23.83 -20.39 -42.81
CA PRO G 35 -22.76 -21.39 -43.00
C PRO G 35 -21.44 -20.76 -43.40
N LEU G 36 -20.92 -19.88 -42.55
CA LEU G 36 -19.61 -19.28 -42.78
C LEU G 36 -18.51 -20.34 -42.81
N GLN G 37 -17.48 -20.07 -43.62
CA GLN G 37 -16.41 -21.02 -43.83
C GLN G 37 -15.63 -21.34 -42.55
N GLN G 38 -15.54 -20.39 -41.62
CA GLN G 38 -14.87 -20.68 -40.37
C GLN G 38 -15.67 -21.64 -39.49
N VAL G 39 -17.00 -21.61 -39.59
CA VAL G 39 -17.81 -22.62 -38.91
C VAL G 39 -17.49 -24.00 -39.43
N LYS G 40 -17.44 -24.14 -40.76
CA LYS G 40 -17.07 -25.40 -41.39
C LYS G 40 -15.67 -25.85 -40.97
N THR G 41 -14.73 -24.89 -40.90
CA THR G 41 -13.36 -25.19 -40.45
C THR G 41 -13.32 -25.73 -39.03
N LEU G 42 -14.05 -25.10 -38.11
CA LEU G 42 -14.15 -25.62 -36.74
C LEU G 42 -14.77 -27.01 -36.70
N HIS G 43 -15.90 -27.20 -37.37
CA HIS G 43 -16.60 -28.48 -37.31
C HIS G 43 -15.75 -29.63 -37.82
N ASP G 44 -15.01 -29.41 -38.91
CA ASP G 44 -14.08 -30.42 -39.39
C ASP G 44 -12.98 -30.73 -38.38
N TRP G 45 -12.55 -29.72 -37.63
CA TRP G 45 -11.53 -29.91 -36.61
C TRP G 45 -12.06 -30.65 -35.40
N LEU G 46 -13.23 -30.26 -34.91
CA LEU G 46 -13.88 -30.96 -33.81
C LEU G 46 -14.23 -32.40 -34.15
N ASP G 47 -14.59 -32.67 -35.41
CA ASP G 47 -14.77 -34.07 -35.84
C ASP G 47 -13.48 -34.89 -35.70
N GLY G 48 -12.34 -34.31 -36.05
CA GLY G 48 -11.09 -35.02 -35.84
C GLY G 48 -10.74 -35.22 -34.38
N LYS G 49 -10.96 -34.21 -33.54
CA LYS G 49 -10.68 -34.34 -32.12
C LYS G 49 -11.62 -35.29 -31.42
N ARG G 50 -12.90 -35.27 -31.78
CA ARG G 50 -13.87 -36.20 -31.23
C ARG G 50 -13.58 -37.64 -31.59
N LYS G 51 -13.18 -37.91 -32.83
CA LYS G 51 -12.70 -39.23 -33.20
C LYS G 51 -11.50 -39.66 -32.36
N ALA G 52 -10.52 -38.77 -32.19
CA ALA G 52 -9.33 -39.11 -31.43
C ALA G 52 -9.55 -39.03 -29.92
N ARG G 53 -10.70 -38.56 -29.46
CA ARG G 53 -10.96 -38.26 -28.06
C ARG G 53 -9.94 -37.31 -27.46
N LYS G 54 -9.43 -36.39 -28.28
CA LYS G 54 -8.31 -35.54 -27.91
C LYS G 54 -8.81 -34.21 -27.37
N SER G 55 -8.34 -33.85 -26.19
CA SER G 55 -8.66 -32.58 -25.57
C SER G 55 -7.83 -31.46 -26.19
N CYS G 56 -8.42 -30.28 -26.27
CA CYS G 56 -7.94 -29.19 -27.11
C CYS G 56 -8.67 -27.92 -26.70
N ARG G 57 -8.27 -26.80 -27.29
CA ARG G 57 -8.92 -25.53 -27.01
C ARG G 57 -9.18 -24.72 -28.27
N VAL G 58 -10.23 -23.91 -28.21
CA VAL G 58 -10.59 -22.96 -29.26
C VAL G 58 -10.45 -21.57 -28.71
N VAL G 59 -9.68 -20.73 -29.39
CA VAL G 59 -9.33 -19.40 -28.91
C VAL G 59 -9.53 -18.38 -30.03
N GLY G 60 -10.09 -17.24 -29.70
CA GLY G 60 -10.20 -16.16 -30.65
C GLY G 60 -10.89 -14.97 -30.01
N GLU G 61 -10.69 -13.81 -30.63
CA GLU G 61 -11.23 -12.56 -30.10
C GLU G 61 -12.73 -12.63 -29.90
N SER G 62 -13.21 -11.81 -28.97
CA SER G 62 -14.64 -11.68 -28.72
C SER G 62 -15.42 -11.31 -29.98
N ARG G 63 -16.63 -11.86 -30.08
CA ARG G 63 -17.59 -11.59 -31.16
C ARG G 63 -17.09 -12.03 -32.52
N THR G 64 -16.20 -13.02 -32.55
CA THR G 64 -15.73 -13.64 -33.79
C THR G 64 -16.58 -14.83 -34.23
N GLY G 65 -17.54 -15.26 -33.43
CA GLY G 65 -18.45 -16.31 -33.82
C GLY G 65 -18.21 -17.66 -33.17
N LYS G 66 -17.38 -17.72 -32.13
CA LYS G 66 -16.98 -18.99 -31.53
C LYS G 66 -18.17 -19.73 -30.93
N THR G 67 -18.99 -19.03 -30.17
CA THR G 67 -20.17 -19.63 -29.54
C THR G 67 -21.20 -20.11 -30.56
N VAL G 68 -21.48 -19.32 -31.58
CA VAL G 68 -22.41 -19.76 -32.63
C VAL G 68 -21.88 -21.00 -33.35
N ALA G 69 -20.59 -21.03 -33.66
CA ALA G 69 -20.02 -22.19 -34.34
C ALA G 69 -20.00 -23.45 -33.48
N CYS G 70 -19.70 -23.32 -32.18
CA CYS G 70 -19.75 -24.45 -31.26
C CYS G 70 -21.17 -24.94 -31.02
N ASP G 71 -22.12 -24.03 -30.82
CA ASP G 71 -23.51 -24.42 -30.65
C ASP G 71 -24.06 -25.10 -31.90
N ALA G 72 -23.68 -24.62 -33.07
CA ALA G 72 -24.06 -25.27 -34.33
C ALA G 72 -23.55 -26.70 -34.42
N TYR G 73 -22.43 -27.01 -33.78
CA TYR G 73 -21.88 -28.36 -33.84
C TYR G 73 -22.74 -29.35 -33.04
N ARG G 74 -23.15 -28.97 -31.85
CA ARG G 74 -24.00 -29.84 -31.03
C ARG G 74 -25.44 -29.94 -31.52
N TYR G 75 -25.84 -29.16 -32.52
CA TYR G 75 -27.08 -29.45 -33.25
C TYR G 75 -26.90 -30.46 -34.37
N ARG G 76 -25.71 -30.54 -34.97
CA ARG G 76 -25.45 -31.64 -35.91
C ARG G 76 -25.38 -32.97 -35.18
N HIS G 77 -24.81 -32.97 -33.98
CA HIS G 77 -24.58 -34.18 -33.20
C HIS G 77 -25.53 -34.24 -32.02
N LYS G 78 -26.82 -34.01 -32.29
CA LYS G 78 -27.86 -34.06 -31.29
C LYS G 78 -28.05 -35.46 -30.72
N PRO G 79 -28.68 -35.57 -29.54
CA PRO G 79 -29.00 -36.88 -28.97
C PRO G 79 -29.73 -37.82 -29.91
N GLN G 80 -29.43 -39.11 -29.78
CA GLN G 80 -30.05 -40.19 -30.53
C GLN G 80 -31.29 -40.71 -29.81
N GLN G 81 -32.20 -41.29 -30.60
CA GLN G 81 -33.34 -42.05 -30.10
C GLN G 81 -33.06 -43.54 -30.27
N GLU G 82 -33.11 -44.29 -29.18
CA GLU G 82 -32.76 -45.70 -29.19
C GLU G 82 -33.69 -46.47 -28.24
N ALA G 83 -34.00 -47.70 -28.63
CA ALA G 83 -34.97 -48.53 -27.93
C ALA G 83 -34.38 -49.13 -26.65
N GLY G 84 -35.17 -49.07 -25.57
CA GLY G 84 -34.85 -49.77 -24.34
C GLY G 84 -33.55 -49.38 -23.69
N ARG G 85 -32.98 -48.24 -24.05
CA ARG G 85 -31.64 -47.86 -23.60
C ARG G 85 -31.62 -46.35 -23.49
N PRO G 86 -30.86 -45.78 -22.56
CA PRO G 86 -30.79 -44.32 -22.47
C PRO G 86 -30.16 -43.73 -23.72
N PRO G 87 -30.53 -42.51 -24.08
CA PRO G 87 -30.11 -41.92 -25.36
C PRO G 87 -28.61 -41.65 -25.41
N THR G 88 -27.99 -42.05 -26.50
CA THR G 88 -26.61 -41.67 -26.76
C THR G 88 -26.53 -40.18 -27.09
N VAL G 89 -25.65 -39.46 -26.39
CA VAL G 89 -25.49 -38.03 -26.58
C VAL G 89 -24.01 -37.76 -26.84
N PRO G 90 -23.57 -37.77 -28.10
CA PRO G 90 -22.12 -37.72 -28.37
C PRO G 90 -21.46 -36.43 -27.90
N VAL G 91 -22.12 -35.29 -28.07
CA VAL G 91 -21.55 -33.99 -27.76
C VAL G 91 -22.39 -33.32 -26.69
N VAL G 92 -21.75 -32.94 -25.60
CA VAL G 92 -22.34 -32.09 -24.57
C VAL G 92 -21.77 -30.69 -24.74
N TYR G 93 -22.63 -29.69 -24.66
CA TYR G 93 -22.19 -28.30 -24.69
C TYR G 93 -22.74 -27.59 -23.47
N ILE G 94 -21.87 -26.93 -22.74
CA ILE G 94 -22.25 -26.14 -21.56
C ILE G 94 -21.53 -24.80 -21.63
N ARG G 95 -22.21 -23.74 -21.19
CA ARG G 95 -21.51 -22.53 -20.81
C ARG G 95 -21.60 -22.34 -19.30
N PRO G 96 -20.50 -22.53 -18.57
CA PRO G 96 -20.47 -22.22 -17.14
C PRO G 96 -20.92 -20.80 -16.85
N HIS G 97 -21.50 -20.64 -15.66
CA HIS G 97 -21.66 -19.31 -15.09
C HIS G 97 -20.31 -18.80 -14.57
N GLN G 98 -20.24 -17.50 -14.32
CA GLN G 98 -19.00 -16.92 -13.82
C GLN G 98 -18.61 -17.53 -12.48
N LYS G 99 -17.31 -17.71 -12.29
CA LYS G 99 -16.74 -18.40 -11.13
C LYS G 99 -17.42 -19.74 -10.86
N CYS G 100 -17.53 -20.54 -11.92
CA CYS G 100 -18.11 -21.87 -11.82
C CYS G 100 -17.22 -22.76 -10.96
N GLY G 101 -17.76 -23.26 -9.86
CA GLY G 101 -17.12 -24.32 -9.11
C GLY G 101 -17.53 -25.69 -9.63
N PRO G 102 -16.96 -26.75 -9.04
CA PRO G 102 -17.23 -28.09 -9.57
C PRO G 102 -18.67 -28.55 -9.43
N LYS G 103 -19.38 -28.15 -8.37
CA LYS G 103 -20.78 -28.51 -8.26
C LYS G 103 -21.61 -27.92 -9.40
N ASP G 104 -21.35 -26.65 -9.73
CA ASP G 104 -22.05 -26.01 -10.84
C ASP G 104 -21.67 -26.61 -12.19
N LEU G 105 -20.41 -27.02 -12.34
CA LEU G 105 -20.00 -27.80 -13.51
C LEU G 105 -20.80 -29.09 -13.65
N PHE G 106 -20.87 -29.88 -12.58
CA PHE G 106 -21.59 -31.15 -12.61
C PHE G 106 -23.08 -30.97 -12.84
N LYS G 107 -23.67 -29.97 -12.20
CA LYS G 107 -25.07 -29.62 -12.42
C LYS G 107 -25.37 -29.29 -13.88
N LYS G 108 -24.56 -28.45 -14.52
CA LYS G 108 -24.79 -28.15 -15.93
C LYS G 108 -24.63 -29.37 -16.84
N ILE G 109 -23.67 -30.25 -16.56
CA ILE G 109 -23.54 -31.46 -17.38
C ILE G 109 -24.74 -32.38 -17.22
N THR G 110 -25.11 -32.70 -15.98
CA THR G 110 -26.25 -33.59 -15.75
C THR G 110 -27.56 -32.99 -16.26
N GLU G 111 -27.75 -31.68 -16.09
CA GLU G 111 -28.92 -31.02 -16.64
C GLU G 111 -28.92 -30.97 -18.16
N TYR G 112 -27.76 -30.87 -18.79
CA TYR G 112 -27.74 -30.98 -20.24
C TYR G 112 -28.17 -32.36 -20.70
N LEU G 113 -27.74 -33.40 -19.98
CA LEU G 113 -28.19 -34.76 -20.24
C LEU G 113 -29.59 -35.03 -19.68
N LYS G 114 -30.26 -34.01 -19.17
CA LYS G 114 -31.65 -34.02 -18.73
C LYS G 114 -31.90 -34.84 -17.47
N TYR G 115 -30.85 -35.18 -16.72
CA TYR G 115 -31.00 -35.81 -15.41
C TYR G 115 -31.16 -34.72 -14.36
N ARG G 116 -32.36 -34.64 -13.75
CA ARG G 116 -32.60 -33.77 -12.61
C ARG G 116 -31.94 -34.36 -11.37
N VAL G 117 -30.63 -34.09 -11.23
CA VAL G 117 -29.89 -34.50 -10.05
C VAL G 117 -30.38 -33.72 -8.83
N THR G 118 -30.72 -34.44 -7.76
CA THR G 118 -31.22 -33.83 -6.54
C THR G 118 -30.09 -33.11 -5.81
N LYS G 119 -30.45 -32.49 -4.69
CA LYS G 119 -29.48 -32.08 -3.69
C LYS G 119 -28.56 -33.23 -3.29
N GLY G 120 -27.32 -32.88 -2.97
CA GLY G 120 -26.31 -33.85 -2.65
C GLY G 120 -25.02 -33.11 -2.38
N THR G 121 -24.03 -33.87 -1.90
CA THR G 121 -22.68 -33.33 -1.77
C THR G 121 -22.06 -33.16 -3.16
N VAL G 122 -20.93 -32.46 -3.19
CA VAL G 122 -20.14 -32.39 -4.42
C VAL G 122 -19.69 -33.78 -4.86
N SER G 123 -19.35 -34.64 -3.90
CA SER G 123 -18.98 -36.02 -4.23
C SER G 123 -20.15 -36.81 -4.83
N ASP G 124 -21.38 -36.55 -4.40
CA ASP G 124 -22.53 -37.16 -5.05
C ASP G 124 -22.73 -36.62 -6.45
N PHE G 125 -22.65 -35.30 -6.62
CA PHE G 125 -22.73 -34.70 -7.95
C PHE G 125 -21.65 -35.22 -8.87
N ARG G 126 -20.43 -35.41 -8.35
CA ARG G 126 -19.35 -35.97 -9.15
C ARG G 126 -19.68 -37.38 -9.62
N ASP G 127 -19.99 -38.28 -8.69
CA ASP G 127 -20.26 -39.66 -9.06
C ASP G 127 -21.45 -39.79 -10.00
N ARG G 128 -22.50 -38.99 -9.79
CA ARG G 128 -23.64 -39.00 -10.71
C ARG G 128 -23.32 -38.41 -12.08
N THR G 129 -22.42 -37.43 -12.15
CA THR G 129 -21.97 -36.93 -13.44
C THR G 129 -21.16 -37.98 -14.20
N ILE G 130 -20.18 -38.58 -13.54
CA ILE G 130 -19.38 -39.64 -14.15
C ILE G 130 -20.27 -40.80 -14.57
N GLU G 131 -21.30 -41.09 -13.77
CA GLU G 131 -22.27 -42.12 -14.12
C GLU G 131 -23.06 -41.79 -15.39
N VAL G 132 -23.52 -40.56 -15.54
CA VAL G 132 -24.27 -40.21 -16.75
C VAL G 132 -23.42 -39.79 -17.94
N LEU G 133 -22.16 -39.39 -17.74
CA LEU G 133 -21.28 -39.23 -18.89
C LEU G 133 -21.00 -40.55 -19.57
N LYS G 134 -20.84 -41.61 -18.78
CA LYS G 134 -20.98 -42.97 -19.28
C LYS G 134 -22.47 -43.30 -19.49
N GLY G 135 -22.72 -44.27 -20.35
CA GLY G 135 -24.09 -44.68 -20.56
C GLY G 135 -24.93 -43.76 -21.42
N CYS G 136 -24.76 -42.45 -21.29
CA CYS G 136 -25.07 -41.55 -22.40
C CYS G 136 -24.02 -41.62 -23.50
N GLY G 137 -22.90 -42.29 -23.26
CA GLY G 137 -21.86 -42.43 -24.27
C GLY G 137 -21.30 -41.12 -24.77
N VAL G 138 -21.18 -40.14 -23.88
CA VAL G 138 -20.60 -38.85 -24.28
C VAL G 138 -19.18 -39.05 -24.75
N GLU G 139 -18.82 -38.39 -25.85
CA GLU G 139 -17.50 -38.50 -26.41
C GLU G 139 -16.80 -37.15 -26.58
N MET G 140 -17.54 -36.05 -26.60
CA MET G 140 -16.95 -34.72 -26.58
C MET G 140 -17.74 -33.83 -25.63
N LEU G 141 -17.03 -33.08 -24.81
CA LEU G 141 -17.59 -32.05 -23.94
C LEU G 141 -17.02 -30.70 -24.34
N ILE G 142 -17.89 -29.76 -24.70
CA ILE G 142 -17.48 -28.40 -25.05
C ILE G 142 -17.84 -27.49 -23.88
N ILE G 143 -16.82 -26.83 -23.32
CA ILE G 143 -17.00 -25.86 -22.26
C ILE G 143 -16.73 -24.49 -22.86
N ASP G 144 -17.81 -23.75 -23.12
CA ASP G 144 -17.70 -22.37 -23.67
C ASP G 144 -17.43 -21.39 -22.53
N GLU G 145 -16.61 -20.37 -22.76
CA GLU G 145 -16.20 -19.39 -21.72
C GLU G 145 -15.46 -20.16 -20.62
N ALA G 146 -14.56 -21.05 -21.01
CA ALA G 146 -13.88 -21.93 -20.04
C ALA G 146 -13.10 -21.09 -19.03
N ASP G 147 -12.75 -19.86 -19.37
CA ASP G 147 -12.08 -18.97 -18.43
C ASP G 147 -12.92 -18.63 -17.20
N ARG G 148 -14.23 -18.91 -17.24
CA ARG G 148 -15.08 -18.74 -16.08
C ARG G 148 -14.89 -19.81 -15.01
N LEU G 149 -14.23 -20.92 -15.34
CA LEU G 149 -13.95 -21.96 -14.35
C LEU G 149 -12.98 -21.47 -13.28
N LYS G 150 -13.29 -21.79 -12.02
CA LYS G 150 -12.31 -21.67 -10.96
C LYS G 150 -11.12 -22.61 -11.20
N PRO G 151 -9.92 -22.21 -10.77
CA PRO G 151 -8.76 -23.11 -10.91
C PRO G 151 -8.92 -24.46 -10.23
N GLU G 152 -9.67 -24.55 -9.13
CA GLU G 152 -9.97 -25.85 -8.52
C GLU G 152 -10.90 -26.72 -9.37
N THR G 153 -11.83 -26.15 -10.13
CA THR G 153 -12.71 -27.01 -10.93
C THR G 153 -12.06 -27.54 -12.19
N PHE G 154 -10.93 -26.98 -12.61
CA PHE G 154 -10.15 -27.54 -13.71
C PHE G 154 -9.64 -28.94 -13.41
N ALA G 155 -9.45 -29.27 -12.14
CA ALA G 155 -9.07 -30.63 -11.77
C ALA G 155 -10.13 -31.66 -12.13
N ASP G 156 -11.41 -31.32 -11.92
CA ASP G 156 -12.48 -32.21 -12.33
C ASP G 156 -12.62 -32.32 -13.85
N VAL G 157 -12.36 -31.23 -14.57
CA VAL G 157 -12.34 -31.27 -16.04
C VAL G 157 -11.25 -32.20 -16.55
N ARG G 158 -10.04 -32.09 -16.00
CA ARG G 158 -8.96 -33.01 -16.34
C ARG G 158 -9.27 -34.46 -16.01
N ASP G 159 -9.95 -34.70 -14.90
CA ASP G 159 -10.34 -36.06 -14.55
C ASP G 159 -11.42 -36.62 -15.46
N ILE G 160 -12.35 -35.78 -15.91
CA ILE G 160 -13.28 -36.20 -16.97
C ILE G 160 -12.54 -36.60 -18.23
N ALA G 161 -11.54 -35.82 -18.64
CA ALA G 161 -10.77 -36.19 -19.83
C ALA G 161 -9.89 -37.42 -19.62
N GLU G 162 -9.42 -37.66 -18.41
CA GLU G 162 -8.54 -38.80 -18.17
C GLU G 162 -9.31 -40.07 -17.82
N ASP G 163 -10.33 -39.97 -16.97
CA ASP G 163 -11.02 -41.18 -16.51
C ASP G 163 -11.89 -41.77 -17.61
N LEU G 164 -12.44 -40.92 -18.45
CA LEU G 164 -13.36 -41.33 -19.50
C LEU G 164 -12.71 -40.96 -20.81
N GLY G 165 -13.03 -41.69 -21.87
CA GLY G 165 -12.56 -41.28 -23.17
C GLY G 165 -13.35 -40.13 -23.75
N ILE G 166 -13.10 -38.91 -23.27
CA ILE G 166 -13.88 -37.75 -23.68
C ILE G 166 -12.93 -36.65 -24.11
N ALA G 167 -13.13 -36.14 -25.31
CA ALA G 167 -12.45 -34.94 -25.78
C ALA G 167 -13.12 -33.72 -25.15
N VAL G 168 -12.39 -33.04 -24.26
CA VAL G 168 -12.85 -31.77 -23.72
C VAL G 168 -12.33 -30.65 -24.60
N VAL G 169 -13.22 -29.75 -25.00
CA VAL G 169 -12.89 -28.55 -25.77
C VAL G 169 -13.11 -27.34 -24.88
N LEU G 170 -12.05 -26.58 -24.62
CA LEU G 170 -12.16 -25.32 -23.90
C LEU G 170 -12.19 -24.16 -24.89
N VAL G 171 -13.21 -23.31 -24.77
CA VAL G 171 -13.45 -22.21 -25.69
C VAL G 171 -13.38 -20.91 -24.91
N GLY G 172 -12.66 -19.93 -25.45
CA GLY G 172 -12.61 -18.64 -24.81
C GLY G 172 -11.90 -17.64 -25.68
N THR G 173 -11.74 -16.44 -25.13
CA THR G 173 -10.84 -15.46 -25.73
C THR G 173 -9.44 -15.62 -25.17
N ASP G 174 -8.53 -14.72 -25.56
CA ASP G 174 -7.14 -14.76 -25.13
C ASP G 174 -6.96 -14.82 -23.61
N ARG G 175 -7.99 -14.42 -22.85
CA ARG G 175 -7.97 -14.63 -21.40
C ARG G 175 -7.89 -16.10 -21.02
N LEU G 176 -8.50 -16.98 -21.81
CA LEU G 176 -8.39 -18.41 -21.55
C LEU G 176 -6.94 -18.90 -21.66
N ASP G 177 -6.21 -18.42 -22.66
CA ASP G 177 -4.79 -18.75 -22.76
C ASP G 177 -4.01 -18.32 -21.52
N ALA G 178 -4.31 -17.15 -20.98
CA ALA G 178 -3.64 -16.70 -19.76
C ALA G 178 -4.01 -17.55 -18.55
N VAL G 179 -5.29 -17.91 -18.42
CA VAL G 179 -5.74 -18.76 -17.31
C VAL G 179 -5.09 -20.14 -17.36
N ILE G 180 -5.05 -20.74 -18.55
CA ILE G 180 -4.47 -22.06 -18.72
C ILE G 180 -2.97 -22.06 -18.43
N LYS G 181 -2.26 -20.99 -18.82
CA LYS G 181 -0.84 -20.85 -18.48
C LYS G 181 -0.55 -21.00 -17.00
N ARG G 182 -1.50 -20.61 -16.15
CA ARG G 182 -1.32 -20.62 -14.70
C ARG G 182 -1.49 -21.99 -14.06
N ASP G 183 -1.80 -23.04 -14.81
CA ASP G 183 -1.79 -24.40 -14.29
C ASP G 183 -1.08 -25.31 -15.27
N GLU G 184 0.16 -25.67 -14.92
CA GLU G 184 0.97 -26.63 -15.65
C GLU G 184 0.19 -27.87 -16.11
N GLN G 185 -0.60 -28.45 -15.22
CA GLN G 185 -1.30 -29.69 -15.52
C GLN G 185 -2.45 -29.50 -16.49
N VAL G 186 -3.07 -28.32 -16.50
CA VAL G 186 -4.05 -27.98 -17.54
C VAL G 186 -3.36 -27.61 -18.84
N LEU G 187 -2.34 -26.75 -18.76
CA LEU G 187 -1.59 -26.31 -19.93
C LEU G 187 -1.06 -27.48 -20.76
N GLU G 188 -0.50 -28.49 -20.12
CA GLU G 188 0.03 -29.64 -20.86
C GLU G 188 -1.04 -30.61 -21.35
N ARG G 189 -2.30 -30.44 -20.98
CA ARG G 189 -3.37 -31.28 -21.50
C ARG G 189 -4.14 -30.65 -22.65
N PHE G 190 -4.13 -29.32 -22.77
CA PHE G 190 -4.85 -28.58 -23.79
C PHE G 190 -3.91 -27.80 -24.71
N ARG G 191 -2.74 -28.37 -25.00
CA ARG G 191 -1.77 -27.70 -25.88
C ARG G 191 -2.33 -27.49 -27.28
N ALA G 192 -2.99 -28.49 -27.86
CA ALA G 192 -3.55 -28.35 -29.19
C ALA G 192 -4.65 -27.30 -29.22
N HIS G 193 -4.61 -26.44 -30.23
CA HIS G 193 -5.56 -25.34 -30.32
C HIS G 193 -5.95 -25.04 -31.75
N LEU G 194 -7.08 -24.36 -31.89
CA LEU G 194 -7.53 -23.72 -33.13
C LEU G 194 -7.74 -22.24 -32.87
N ARG G 195 -7.22 -21.39 -33.76
CA ARG G 195 -7.38 -19.95 -33.67
C ARG G 195 -8.54 -19.50 -34.56
N PHE G 196 -9.65 -19.16 -33.92
CA PHE G 196 -10.77 -18.52 -34.60
C PHE G 196 -10.45 -17.07 -34.93
N GLY G 197 -10.81 -16.63 -36.11
CA GLY G 197 -10.29 -15.38 -36.63
C GLY G 197 -11.33 -14.33 -36.96
N LYS G 198 -10.89 -13.08 -37.04
CA LYS G 198 -11.69 -12.02 -37.63
C LYS G 198 -11.77 -12.15 -39.15
N LEU G 199 -12.85 -11.63 -39.72
CA LEU G 199 -13.00 -11.54 -41.17
C LEU G 199 -12.22 -10.36 -41.72
N SER G 200 -11.71 -10.52 -42.94
CA SER G 200 -10.98 -9.44 -43.61
C SER G 200 -10.95 -9.69 -45.10
N GLY G 201 -10.63 -8.64 -45.85
CA GLY G 201 -10.43 -8.75 -47.28
C GLY G 201 -11.63 -9.28 -48.03
N GLU G 202 -11.37 -10.17 -48.98
CA GLU G 202 -12.42 -10.72 -49.84
C GLU G 202 -13.44 -11.52 -49.04
N ASP G 203 -13.00 -12.24 -48.01
CA ASP G 203 -13.92 -12.99 -47.17
C ASP G 203 -14.93 -12.08 -46.48
N PHE G 204 -14.55 -10.86 -46.12
CA PHE G 204 -15.52 -9.92 -45.59
C PHE G 204 -16.55 -9.49 -46.63
N LYS G 205 -16.09 -9.16 -47.82
CA LYS G 205 -17.02 -8.82 -48.91
C LYS G 205 -17.96 -9.98 -49.22
N ASN G 206 -17.43 -11.21 -49.28
CA ASN G 206 -18.28 -12.39 -49.43
C ASN G 206 -19.29 -12.52 -48.28
N THR G 207 -18.90 -12.18 -47.07
CA THR G 207 -19.82 -12.27 -45.93
C THR G 207 -20.92 -11.21 -45.98
N VAL G 208 -20.58 -9.99 -46.37
CA VAL G 208 -21.59 -8.94 -46.52
C VAL G 208 -22.61 -9.33 -47.58
N GLU G 209 -22.14 -9.90 -48.69
CA GLU G 209 -23.03 -10.43 -49.72
C GLU G 209 -23.93 -11.53 -49.18
N MET G 210 -23.36 -12.52 -48.49
CA MET G 210 -24.14 -13.57 -47.85
C MET G 210 -25.15 -13.02 -46.84
N TRP G 211 -24.80 -11.97 -46.10
CA TRP G 211 -25.74 -11.39 -45.16
C TRP G 211 -26.94 -10.77 -45.84
N GLU G 212 -26.73 -10.02 -46.92
CA GLU G 212 -27.84 -9.39 -47.61
C GLU G 212 -28.79 -10.44 -48.17
N GLN G 213 -28.25 -11.51 -48.73
CA GLN G 213 -29.05 -12.59 -49.31
C GLN G 213 -29.73 -13.42 -48.24
N MET G 214 -28.97 -13.95 -47.29
CA MET G 214 -29.43 -15.02 -46.41
C MET G 214 -30.03 -14.51 -45.11
N VAL G 215 -29.71 -13.30 -44.67
CA VAL G 215 -30.15 -12.81 -43.37
C VAL G 215 -31.20 -11.70 -43.52
N LEU G 216 -30.87 -10.63 -44.25
CA LEU G 216 -31.78 -9.49 -44.30
C LEU G 216 -33.02 -9.78 -45.13
N LYS G 217 -32.86 -10.49 -46.25
CA LYS G 217 -34.00 -10.93 -47.08
C LYS G 217 -35.00 -9.81 -47.37
N LEU G 218 -34.51 -8.59 -47.53
CA LEU G 218 -35.38 -7.44 -47.70
C LEU G 218 -36.04 -7.48 -49.08
N PRO G 219 -37.15 -6.75 -49.25
CA PRO G 219 -37.82 -6.70 -50.57
C PRO G 219 -36.93 -6.30 -51.73
N VAL G 220 -35.98 -5.38 -51.53
CA VAL G 220 -35.13 -4.91 -52.61
C VAL G 220 -33.67 -5.00 -52.16
N SER G 221 -32.79 -5.31 -53.11
CA SER G 221 -31.36 -5.34 -52.85
C SER G 221 -30.85 -4.03 -52.29
N SER G 222 -30.07 -4.12 -51.21
CA SER G 222 -29.39 -2.97 -50.62
C SER G 222 -28.02 -2.72 -51.23
N ASN G 223 -27.47 -3.69 -51.97
CA ASN G 223 -26.19 -3.55 -52.65
C ASN G 223 -25.06 -3.25 -51.67
N LEU G 224 -25.12 -3.87 -50.50
CA LEU G 224 -24.16 -3.60 -49.42
C LEU G 224 -22.74 -4.02 -49.80
N LYS G 225 -22.62 -4.97 -50.73
CA LYS G 225 -21.34 -5.35 -51.31
C LYS G 225 -20.64 -4.23 -52.08
N SER G 226 -21.38 -3.21 -52.50
CA SER G 226 -20.79 -2.14 -53.32
C SER G 226 -19.66 -1.42 -52.60
N LYS G 227 -18.74 -0.88 -53.42
CA LYS G 227 -17.54 -0.18 -52.95
C LYS G 227 -17.85 0.88 -51.90
N GLU G 228 -18.92 1.64 -52.09
CA GLU G 228 -19.27 2.69 -51.12
C GLU G 228 -19.71 2.07 -49.80
N MET G 229 -20.68 1.15 -49.87
CA MET G 229 -21.23 0.52 -48.68
C MET G 229 -20.22 -0.37 -47.99
N LEU G 230 -19.42 -1.12 -48.75
CA LEU G 230 -18.41 -1.99 -48.17
C LEU G 230 -17.36 -1.21 -47.37
N ARG G 231 -17.03 0.02 -47.79
CA ARG G 231 -16.14 0.85 -46.98
C ARG G 231 -16.79 1.29 -45.68
N ILE G 232 -18.05 1.70 -45.73
CA ILE G 232 -18.78 2.08 -44.51
C ILE G 232 -18.86 0.89 -43.55
N LEU G 233 -19.22 -0.28 -44.07
CA LEU G 233 -19.27 -1.48 -43.25
C LEU G 233 -17.91 -1.85 -42.68
N THR G 234 -16.85 -1.78 -43.48
CA THR G 234 -15.52 -2.13 -42.97
C THR G 234 -15.09 -1.21 -41.84
N SER G 235 -15.36 0.09 -41.98
CA SER G 235 -15.02 1.04 -40.92
C SER G 235 -15.77 0.74 -39.63
N ALA G 236 -17.07 0.46 -39.74
CA ALA G 236 -17.87 0.17 -38.55
C ALA G 236 -17.64 -1.24 -38.01
N THR G 237 -17.55 -2.24 -38.89
CA THR G 237 -17.49 -3.63 -38.46
C THR G 237 -16.11 -4.03 -37.96
N GLU G 238 -15.07 -3.51 -38.58
CA GLU G 238 -13.68 -3.85 -38.25
C GLU G 238 -13.39 -5.34 -38.35
N GLY G 239 -14.21 -6.08 -39.11
CA GLY G 239 -14.07 -7.51 -39.25
C GLY G 239 -14.72 -8.37 -38.21
N TYR G 240 -15.40 -7.79 -37.22
CA TYR G 240 -16.12 -8.59 -36.24
C TYR G 240 -17.50 -8.96 -36.78
N ILE G 241 -17.74 -10.27 -36.89
CA ILE G 241 -19.04 -10.75 -37.35
C ILE G 241 -20.15 -10.27 -36.42
N GLY G 242 -19.88 -10.17 -35.13
CA GLY G 242 -20.88 -9.66 -34.20
C GLY G 242 -21.33 -8.25 -34.54
N ARG G 243 -20.39 -7.37 -34.87
CA ARG G 243 -20.74 -6.03 -35.30
C ARG G 243 -21.46 -6.04 -36.64
N LEU G 244 -20.99 -6.84 -37.59
CA LEU G 244 -21.64 -6.91 -38.89
C LEU G 244 -23.11 -7.27 -38.77
N ASP G 245 -23.42 -8.33 -38.02
CA ASP G 245 -24.79 -8.76 -37.82
C ASP G 245 -25.64 -7.71 -37.10
N GLU G 246 -25.13 -7.18 -35.99
CA GLU G 246 -25.85 -6.14 -35.24
C GLU G 246 -26.15 -4.92 -36.09
N ILE G 247 -25.16 -4.44 -36.84
CA ILE G 247 -25.33 -3.22 -37.63
C ILE G 247 -26.35 -3.42 -38.76
N LEU G 248 -26.20 -4.50 -39.52
CA LEU G 248 -27.09 -4.73 -40.65
C LEU G 248 -28.54 -5.00 -40.23
N ARG G 249 -28.75 -5.75 -39.15
CA ARG G 249 -30.11 -5.99 -38.68
C ARG G 249 -30.79 -4.71 -38.20
N GLU G 250 -30.08 -3.91 -37.41
CA GLU G 250 -30.64 -2.63 -36.96
C GLU G 250 -30.87 -1.65 -38.10
N ALA G 251 -29.94 -1.60 -39.06
CA ALA G 251 -30.14 -0.78 -40.25
C ALA G 251 -31.37 -1.20 -41.05
N ALA G 252 -31.59 -2.51 -41.19
CA ALA G 252 -32.81 -2.99 -41.81
C ALA G 252 -34.06 -2.55 -41.08
N ILE G 253 -34.09 -2.76 -39.76
CA ILE G 253 -35.26 -2.38 -38.95
C ILE G 253 -35.54 -0.88 -39.04
N ARG G 254 -34.50 -0.05 -38.99
CA ARG G 254 -34.67 1.38 -39.20
C ARG G 254 -35.23 1.70 -40.58
N SER G 255 -34.70 1.06 -41.62
CA SER G 255 -35.15 1.34 -42.98
C SER G 255 -36.58 0.91 -43.21
N LEU G 256 -36.96 -0.28 -42.76
CA LEU G 256 -38.34 -0.73 -42.89
C LEU G 256 -39.32 0.08 -42.04
N SER G 257 -38.90 0.51 -40.85
CA SER G 257 -39.75 1.37 -40.03
C SER G 257 -39.99 2.73 -40.69
N ARG G 258 -39.08 3.16 -41.55
CA ARG G 258 -39.26 4.37 -42.34
C ARG G 258 -39.91 4.11 -43.69
N GLY G 259 -40.41 2.89 -43.90
CA GLY G 259 -41.10 2.55 -45.13
C GLY G 259 -40.22 2.43 -46.34
N LEU G 260 -38.91 2.32 -46.15
CA LEU G 260 -38.02 1.98 -47.25
C LEU G 260 -38.12 0.50 -47.57
N LYS G 261 -37.79 0.15 -48.81
CA LYS G 261 -37.73 -1.24 -49.23
C LYS G 261 -36.37 -1.86 -49.02
N LYS G 262 -35.37 -1.06 -48.65
CA LYS G 262 -33.99 -1.49 -48.58
C LYS G 262 -33.26 -0.64 -47.56
N ILE G 263 -32.05 -1.07 -47.20
CA ILE G 263 -31.14 -0.21 -46.45
C ILE G 263 -30.56 0.85 -47.38
N ASP G 264 -30.88 2.10 -47.11
CA ASP G 264 -30.21 3.22 -47.75
C ASP G 264 -28.92 3.60 -47.02
N LYS G 265 -27.97 4.14 -47.79
CA LYS G 265 -26.70 4.59 -47.24
C LYS G 265 -26.89 5.60 -46.12
N ALA G 266 -27.90 6.46 -46.23
CA ALA G 266 -28.19 7.42 -45.17
C ALA G 266 -28.48 6.73 -43.83
N VAL G 267 -29.23 5.63 -43.87
CA VAL G 267 -29.49 4.86 -42.65
C VAL G 267 -28.24 4.10 -42.21
N LEU G 268 -27.51 3.50 -43.15
CA LEU G 268 -26.32 2.73 -42.78
C LEU G 268 -25.28 3.60 -42.08
N GLN G 269 -25.04 4.80 -42.60
CA GLN G 269 -24.15 5.75 -41.92
C GLN G 269 -24.70 6.19 -40.57
N GLU G 270 -26.02 6.39 -40.51
CA GLU G 270 -26.66 6.76 -39.25
C GLU G 270 -26.50 5.68 -38.18
N VAL G 271 -26.62 4.40 -38.56
CA VAL G 271 -26.32 3.32 -37.62
C VAL G 271 -24.83 3.26 -37.31
N ALA G 272 -23.98 3.33 -38.34
CA ALA G 272 -22.53 3.25 -38.14
C ALA G 272 -21.98 4.39 -37.28
N LYS G 273 -22.59 5.58 -37.33
CA LYS G 273 -22.19 6.68 -36.45
C LYS G 273 -22.33 6.39 -34.97
N GLU G 274 -23.04 5.33 -34.59
CA GLU G 274 -23.14 4.96 -33.18
C GLU G 274 -22.01 4.08 -32.71
N TYR G 275 -21.21 3.54 -33.61
CA TYR G 275 -20.13 2.64 -33.25
C TYR G 275 -18.78 3.33 -33.25
N GLU H 19 -50.43 27.05 5.23
CA GLU H 19 -50.00 28.37 4.80
C GLU H 19 -49.48 28.33 3.37
N TRP H 20 -49.80 29.38 2.61
CA TRP H 20 -49.38 29.46 1.22
C TRP H 20 -47.87 29.34 1.08
N LEU H 21 -47.12 30.07 1.90
CA LEU H 21 -45.65 30.01 1.84
C LEU H 21 -45.13 28.60 2.09
N GLN H 22 -45.66 27.92 3.09
CA GLN H 22 -45.23 26.54 3.37
C GLN H 22 -45.63 25.59 2.25
N ALA H 23 -46.73 25.86 1.56
CA ALA H 23 -47.12 25.07 0.40
C ALA H 23 -46.20 25.31 -0.79
N GLU H 24 -45.87 26.58 -1.05
CA GLU H 24 -44.94 26.91 -2.12
C GLU H 24 -43.52 26.41 -1.85
N ILE H 25 -43.05 26.50 -0.62
CA ILE H 25 -41.75 25.90 -0.29
C ILE H 25 -41.78 24.39 -0.46
N ALA H 26 -42.84 23.73 0.02
CA ALA H 26 -42.97 22.29 -0.19
C ALA H 26 -42.98 21.90 -1.66
N ARG H 27 -43.57 22.74 -2.52
CA ARG H 27 -43.54 22.48 -3.96
C ARG H 27 -42.15 22.66 -4.56
N LEU H 28 -41.53 23.81 -4.30
CA LEU H 28 -40.22 24.10 -4.86
C LEU H 28 -39.13 23.20 -4.29
N LYS H 29 -39.32 22.71 -3.06
CA LYS H 29 -38.40 21.77 -2.44
C LYS H 29 -38.21 20.49 -3.26
N GLY H 30 -39.26 20.02 -3.93
CA GLY H 30 -39.23 18.71 -4.57
C GLY H 30 -38.52 18.65 -5.90
N LYS H 31 -39.00 17.74 -6.74
CA LYS H 31 -38.53 17.56 -8.11
C LYS H 31 -39.72 17.50 -9.05
N SER H 32 -39.48 17.79 -10.33
CA SER H 32 -40.44 17.51 -11.37
C SER H 32 -39.70 17.21 -12.67
N ILE H 33 -40.38 16.52 -13.58
CA ILE H 33 -39.80 16.15 -14.87
C ILE H 33 -40.25 17.18 -15.89
N VAL H 34 -39.30 17.79 -16.59
CA VAL H 34 -39.56 18.74 -17.66
C VAL H 34 -39.24 18.08 -18.99
N PRO H 35 -40.14 18.15 -19.97
CA PRO H 35 -39.87 17.58 -21.29
C PRO H 35 -38.83 18.36 -22.08
N LEU H 36 -37.56 18.16 -21.73
CA LEU H 36 -36.44 18.66 -22.51
C LEU H 36 -36.23 17.82 -23.77
N GLN H 37 -35.66 18.44 -24.80
CA GLN H 37 -35.48 17.77 -26.08
C GLN H 37 -34.52 16.59 -25.98
N GLN H 38 -33.56 16.64 -25.06
CA GLN H 38 -32.64 15.52 -24.89
C GLN H 38 -33.34 14.30 -24.29
N VAL H 39 -34.40 14.53 -23.51
CA VAL H 39 -35.22 13.42 -23.04
C VAL H 39 -35.94 12.74 -24.21
N LYS H 40 -36.59 13.51 -25.07
CA LYS H 40 -37.22 12.93 -26.25
C LYS H 40 -36.22 12.22 -27.16
N THR H 41 -35.04 12.79 -27.33
CA THR H 41 -33.99 12.10 -28.09
C THR H 41 -33.68 10.73 -27.52
N LEU H 42 -33.46 10.66 -26.20
CA LEU H 42 -33.16 9.38 -25.56
C LEU H 42 -34.32 8.39 -25.69
N HIS H 43 -35.55 8.85 -25.44
CA HIS H 43 -36.69 7.95 -25.50
C HIS H 43 -36.89 7.36 -26.89
N ASP H 44 -36.79 8.18 -27.93
CA ASP H 44 -36.85 7.68 -29.30
C ASP H 44 -35.72 6.71 -29.59
N TRP H 45 -34.53 6.99 -29.08
CA TRP H 45 -33.40 6.09 -29.28
C TRP H 45 -33.59 4.78 -28.50
N LEU H 46 -34.12 4.87 -27.28
CA LEU H 46 -34.42 3.67 -26.50
C LEU H 46 -35.57 2.85 -27.08
N ASP H 47 -36.54 3.51 -27.72
CA ASP H 47 -37.56 2.77 -28.45
C ASP H 47 -36.98 1.96 -29.61
N GLY H 48 -36.03 2.54 -30.35
CA GLY H 48 -35.34 1.77 -31.37
C GLY H 48 -34.58 0.58 -30.83
N LYS H 49 -33.75 0.81 -29.81
CA LYS H 49 -32.97 -0.26 -29.21
C LYS H 49 -33.83 -1.33 -28.58
N ARG H 50 -34.94 -0.95 -27.96
CA ARG H 50 -35.87 -1.93 -27.42
C ARG H 50 -36.55 -2.74 -28.52
N LYS H 51 -36.95 -2.09 -29.60
CA LYS H 51 -37.57 -2.81 -30.71
C LYS H 51 -36.59 -3.72 -31.42
N ALA H 52 -35.39 -3.21 -31.74
CA ALA H 52 -34.34 -4.06 -32.28
C ALA H 52 -33.79 -5.01 -31.24
N ARG H 53 -34.15 -4.84 -29.96
CA ARG H 53 -33.70 -5.69 -28.86
C ARG H 53 -32.18 -5.64 -28.69
N LYS H 54 -31.63 -4.43 -28.78
CA LYS H 54 -30.22 -4.20 -29.04
C LYS H 54 -29.56 -3.55 -27.83
N SER H 55 -28.49 -4.17 -27.33
CA SER H 55 -27.76 -3.71 -26.15
C SER H 55 -26.84 -2.54 -26.48
N CYS H 56 -26.73 -1.60 -25.55
CA CYS H 56 -26.17 -0.28 -25.85
C CYS H 56 -25.81 0.41 -24.53
N ARG H 57 -25.18 1.58 -24.64
CA ARG H 57 -24.84 2.38 -23.47
C ARG H 57 -25.22 3.85 -23.65
N VAL H 58 -25.60 4.47 -22.54
CA VAL H 58 -25.85 5.89 -22.47
C VAL H 58 -24.78 6.52 -21.59
N VAL H 59 -24.04 7.48 -22.14
CA VAL H 59 -22.84 8.01 -21.52
C VAL H 59 -22.92 9.53 -21.54
N GLY H 60 -22.64 10.15 -20.41
CA GLY H 60 -22.65 11.59 -20.31
C GLY H 60 -22.15 12.04 -18.96
N GLU H 61 -21.52 13.20 -18.90
CA GLU H 61 -20.95 13.67 -17.65
C GLU H 61 -22.03 13.94 -16.61
N SER H 62 -21.60 14.05 -15.36
CA SER H 62 -22.48 14.10 -14.21
C SER H 62 -23.48 15.27 -14.28
N ARG H 63 -24.68 15.01 -13.76
CA ARG H 63 -25.79 15.97 -13.65
C ARG H 63 -26.28 16.52 -15.00
N THR H 64 -26.02 15.81 -16.09
CA THR H 64 -26.59 16.17 -17.39
C THR H 64 -28.03 15.71 -17.58
N GLY H 65 -28.56 14.89 -16.68
CA GLY H 65 -29.96 14.51 -16.72
C GLY H 65 -30.25 13.10 -17.16
N LYS H 66 -29.23 12.24 -17.21
CA LYS H 66 -29.37 10.88 -17.69
C LYS H 66 -30.36 10.07 -16.86
N THR H 67 -30.26 10.17 -15.53
CA THR H 67 -31.14 9.39 -14.65
C THR H 67 -32.60 9.82 -14.73
N VAL H 68 -32.86 11.13 -14.70
CA VAL H 68 -34.23 11.60 -14.84
C VAL H 68 -34.85 11.17 -16.17
N ALA H 69 -34.06 11.18 -17.24
CA ALA H 69 -34.53 10.74 -18.55
C ALA H 69 -34.83 9.25 -18.63
N CYS H 70 -33.95 8.41 -18.07
CA CYS H 70 -34.23 6.98 -18.00
C CYS H 70 -35.40 6.66 -17.08
N ASP H 71 -35.50 7.36 -15.95
CA ASP H 71 -36.65 7.18 -15.07
C ASP H 71 -37.96 7.54 -15.77
N ALA H 72 -37.98 8.64 -16.53
CA ALA H 72 -39.14 9.00 -17.32
C ALA H 72 -39.53 7.93 -18.35
N TYR H 73 -38.56 7.19 -18.87
CA TYR H 73 -38.85 6.14 -19.84
C TYR H 73 -39.61 4.96 -19.25
N ARG H 74 -39.23 4.49 -18.06
CA ARG H 74 -39.97 3.41 -17.43
C ARG H 74 -41.39 3.80 -17.05
N TYR H 75 -41.65 5.07 -16.74
CA TYR H 75 -43.03 5.52 -16.51
C TYR H 75 -43.82 5.58 -17.81
N ARG H 76 -43.19 5.99 -18.90
CA ARG H 76 -43.86 5.97 -20.19
C ARG H 76 -44.23 4.55 -20.61
N HIS H 77 -43.40 3.57 -20.26
CA HIS H 77 -43.66 2.16 -20.54
C HIS H 77 -43.89 1.37 -19.25
N LYS H 78 -44.87 1.81 -18.48
CA LYS H 78 -45.31 1.13 -17.26
C LYS H 78 -45.78 -0.30 -17.53
N PRO H 79 -45.88 -1.12 -16.47
CA PRO H 79 -46.45 -2.46 -16.63
C PRO H 79 -47.84 -2.45 -17.25
N GLN H 80 -48.14 -3.52 -17.99
CA GLN H 80 -49.42 -3.69 -18.65
C GLN H 80 -50.04 -5.03 -18.27
N GLN H 81 -51.36 -5.07 -18.23
CA GLN H 81 -52.11 -6.13 -17.57
C GLN H 81 -53.00 -6.88 -18.56
N GLU H 82 -53.25 -8.15 -18.25
CA GLU H 82 -54.17 -8.99 -18.97
C GLU H 82 -55.01 -9.75 -17.96
N ALA H 83 -56.26 -10.03 -18.33
CA ALA H 83 -57.20 -10.63 -17.39
C ALA H 83 -56.69 -11.99 -16.91
N GLY H 84 -56.45 -12.09 -15.61
CA GLY H 84 -55.97 -13.32 -15.00
C GLY H 84 -54.56 -13.72 -15.37
N ARG H 85 -53.67 -12.75 -15.54
CA ARG H 85 -52.30 -13.03 -15.96
C ARG H 85 -51.33 -12.18 -15.14
N PRO H 86 -50.07 -12.56 -15.07
CA PRO H 86 -49.05 -11.67 -14.50
C PRO H 86 -48.79 -10.48 -15.40
N PRO H 87 -48.26 -9.40 -14.84
CA PRO H 87 -48.04 -8.18 -15.66
C PRO H 87 -46.89 -8.38 -16.64
N THR H 88 -47.07 -7.91 -17.86
CA THR H 88 -45.92 -7.68 -18.72
C THR H 88 -45.23 -6.38 -18.32
N VAL H 89 -43.92 -6.46 -18.16
CA VAL H 89 -43.11 -5.31 -17.72
C VAL H 89 -42.00 -5.07 -18.73
N PRO H 90 -42.28 -4.35 -19.82
CA PRO H 90 -41.29 -4.27 -20.90
C PRO H 90 -39.96 -3.68 -20.48
N VAL H 91 -39.98 -2.68 -19.59
CA VAL H 91 -38.78 -1.97 -19.14
C VAL H 91 -38.56 -2.26 -17.66
N VAL H 92 -37.39 -2.81 -17.32
CA VAL H 92 -36.90 -2.86 -15.96
C VAL H 92 -35.82 -1.80 -15.79
N TYR H 93 -35.96 -0.96 -14.76
CA TYR H 93 -34.96 0.03 -14.40
C TYR H 93 -34.42 -0.29 -13.02
N ILE H 94 -33.11 -0.48 -12.91
CA ILE H 94 -32.44 -0.70 -11.63
C ILE H 94 -31.24 0.23 -11.54
N ARG H 95 -30.97 0.73 -10.34
CA ARG H 95 -29.66 1.29 -10.03
C ARG H 95 -28.94 0.38 -9.04
N PRO H 96 -27.87 -0.29 -9.44
CA PRO H 96 -27.09 -1.08 -8.47
C PRO H 96 -26.51 -0.23 -7.36
N HIS H 97 -26.37 -0.85 -6.20
CA HIS H 97 -25.56 -0.28 -5.13
C HIS H 97 -24.08 -0.44 -5.47
N GLN H 98 -23.25 0.38 -4.81
CA GLN H 98 -21.82 0.35 -5.09
C GLN H 98 -21.25 -1.05 -4.92
N LYS H 99 -20.32 -1.41 -5.79
CA LYS H 99 -19.67 -2.73 -5.78
C LYS H 99 -20.70 -3.85 -5.79
N CYS H 100 -21.63 -3.79 -6.76
CA CYS H 100 -22.72 -4.75 -6.88
C CYS H 100 -22.19 -6.10 -7.37
N GLY H 101 -22.28 -7.11 -6.53
CA GLY H 101 -22.05 -8.48 -6.94
C GLY H 101 -23.25 -9.08 -7.62
N PRO H 102 -23.07 -10.30 -8.12
CA PRO H 102 -24.18 -11.00 -8.80
C PRO H 102 -25.47 -11.09 -7.99
N LYS H 103 -25.40 -11.52 -6.73
CA LYS H 103 -26.61 -11.68 -5.93
C LYS H 103 -27.37 -10.37 -5.78
N ASP H 104 -26.66 -9.27 -5.57
CA ASP H 104 -27.31 -7.97 -5.45
C ASP H 104 -27.92 -7.49 -6.75
N LEU H 105 -27.33 -7.84 -7.89
CA LEU H 105 -27.98 -7.60 -9.18
C LEU H 105 -29.27 -8.40 -9.31
N PHE H 106 -29.22 -9.69 -8.98
CA PHE H 106 -30.40 -10.55 -9.05
C PHE H 106 -31.48 -10.12 -8.08
N LYS H 107 -31.11 -9.70 -6.88
CA LYS H 107 -32.04 -9.10 -5.92
C LYS H 107 -32.72 -7.85 -6.47
N LYS H 108 -31.92 -6.92 -7.01
CA LYS H 108 -32.46 -5.71 -7.61
C LYS H 108 -33.50 -6.00 -8.69
N ILE H 109 -33.19 -6.92 -9.60
CA ILE H 109 -34.10 -7.22 -10.71
C ILE H 109 -35.38 -7.88 -10.21
N THR H 110 -35.25 -8.91 -9.38
CA THR H 110 -36.44 -9.63 -8.92
C THR H 110 -37.33 -8.78 -8.02
N GLU H 111 -36.75 -7.91 -7.20
CA GLU H 111 -37.57 -6.98 -6.42
C GLU H 111 -38.31 -5.98 -7.31
N TYR H 112 -37.69 -5.50 -8.37
CA TYR H 112 -38.39 -4.61 -9.29
C TYR H 112 -39.59 -5.29 -9.92
N LEU H 113 -39.46 -6.55 -10.28
CA LEU H 113 -40.57 -7.33 -10.81
C LEU H 113 -41.55 -7.77 -9.73
N LYS H 114 -41.38 -7.29 -8.49
CA LYS H 114 -42.31 -7.52 -7.39
C LYS H 114 -42.36 -8.98 -6.95
N TYR H 115 -41.22 -9.66 -6.94
CA TYR H 115 -41.11 -10.99 -6.36
C TYR H 115 -40.12 -10.94 -5.20
N ARG H 116 -40.60 -11.21 -3.98
CA ARG H 116 -39.72 -11.39 -2.83
C ARG H 116 -39.08 -12.78 -2.88
N VAL H 117 -37.93 -12.85 -3.54
CA VAL H 117 -37.21 -14.11 -3.67
C VAL H 117 -36.71 -14.56 -2.30
N THR H 118 -37.14 -15.75 -1.89
CA THR H 118 -36.68 -16.35 -0.64
C THR H 118 -35.15 -16.49 -0.66
N LYS H 119 -34.53 -16.23 0.49
CA LYS H 119 -33.09 -16.31 0.64
C LYS H 119 -32.53 -17.62 0.09
N GLY H 120 -31.36 -17.55 -0.53
CA GLY H 120 -30.80 -18.73 -1.16
C GLY H 120 -29.46 -18.43 -1.79
N THR H 121 -28.97 -19.41 -2.55
CA THR H 121 -27.68 -19.32 -3.20
C THR H 121 -27.72 -18.31 -4.35
N VAL H 122 -26.54 -17.80 -4.72
CA VAL H 122 -26.39 -17.05 -5.96
C VAL H 122 -26.99 -17.79 -7.15
N SER H 123 -26.77 -19.10 -7.24
CA SER H 123 -27.37 -19.90 -8.30
C SER H 123 -28.88 -19.88 -8.23
N ASP H 124 -29.45 -19.95 -7.03
CA ASP H 124 -30.90 -19.91 -6.89
C ASP H 124 -31.45 -18.54 -7.27
N PHE H 125 -30.77 -17.46 -6.86
CA PHE H 125 -31.11 -16.13 -7.31
C PHE H 125 -31.00 -15.96 -8.82
N ARG H 126 -29.94 -16.51 -9.43
CA ARG H 126 -29.79 -16.44 -10.88
C ARG H 126 -30.95 -17.13 -11.60
N ASP H 127 -31.24 -18.38 -11.22
CA ASP H 127 -32.32 -19.13 -11.85
C ASP H 127 -33.67 -18.44 -11.71
N ARG H 128 -33.97 -17.92 -10.52
CA ARG H 128 -35.20 -17.17 -10.31
C ARG H 128 -35.25 -15.87 -11.11
N THR H 129 -34.11 -15.18 -11.25
CA THR H 129 -34.10 -13.96 -12.06
C THR H 129 -34.35 -14.24 -13.53
N ILE H 130 -33.71 -15.27 -14.08
CA ILE H 130 -33.99 -15.69 -15.45
C ILE H 130 -35.46 -16.04 -15.63
N GLU H 131 -36.03 -16.77 -14.68
CA GLU H 131 -37.43 -17.16 -14.77
C GLU H 131 -38.38 -15.96 -14.79
N VAL H 132 -38.16 -14.98 -13.90
CA VAL H 132 -39.05 -13.82 -13.89
C VAL H 132 -38.76 -12.85 -15.05
N LEU H 133 -37.52 -12.75 -15.51
CA LEU H 133 -37.25 -11.94 -16.69
C LEU H 133 -37.94 -12.49 -17.92
N LYS H 134 -37.98 -13.82 -18.05
CA LYS H 134 -38.79 -14.45 -19.09
C LYS H 134 -40.28 -14.28 -18.82
N GLY H 135 -40.73 -14.66 -17.63
CA GLY H 135 -42.15 -14.66 -17.32
C GLY H 135 -42.84 -13.32 -17.43
N CYS H 136 -42.19 -12.25 -16.96
CA CYS H 136 -42.75 -10.91 -17.05
C CYS H 136 -42.58 -10.25 -18.41
N GLY H 137 -42.00 -10.93 -19.38
CA GLY H 137 -41.90 -10.39 -20.71
C GLY H 137 -40.97 -9.20 -20.84
N VAL H 138 -40.02 -9.06 -19.92
CA VAL H 138 -39.08 -7.96 -19.97
C VAL H 138 -38.33 -7.96 -21.29
N GLU H 139 -38.25 -6.79 -21.92
CA GLU H 139 -37.50 -6.63 -23.15
C GLU H 139 -36.37 -5.62 -23.07
N MET H 140 -36.38 -4.71 -22.08
CA MET H 140 -35.26 -3.80 -21.89
C MET H 140 -34.89 -3.74 -20.41
N LEU H 141 -33.60 -3.82 -20.12
CA LEU H 141 -33.04 -3.72 -18.77
C LEU H 141 -32.08 -2.53 -18.71
N ILE H 142 -32.53 -1.43 -18.14
CA ILE H 142 -31.67 -0.26 -17.94
C ILE H 142 -30.95 -0.41 -16.61
N ILE H 143 -29.63 -0.44 -16.66
CA ILE H 143 -28.77 -0.51 -15.48
C ILE H 143 -28.10 0.86 -15.32
N ASP H 144 -28.63 1.68 -14.44
CA ASP H 144 -28.08 3.03 -14.18
C ASP H 144 -26.85 2.94 -13.27
N GLU H 145 -25.83 3.76 -13.52
CA GLU H 145 -24.56 3.71 -12.76
C GLU H 145 -23.93 2.31 -12.91
N ALA H 146 -23.96 1.74 -14.12
CA ALA H 146 -23.39 0.40 -14.40
C ALA H 146 -21.92 0.32 -13.97
N ASP H 147 -21.20 1.44 -13.90
CA ASP H 147 -19.85 1.47 -13.35
C ASP H 147 -19.77 0.90 -11.93
N ARG H 148 -20.87 0.90 -11.17
CA ARG H 148 -20.89 0.32 -9.83
C ARG H 148 -20.86 -1.20 -9.82
N LEU H 149 -21.08 -1.86 -10.95
CA LEU H 149 -20.98 -3.31 -10.99
C LEU H 149 -19.55 -3.78 -10.81
N LYS H 150 -19.38 -4.87 -10.07
CA LYS H 150 -18.10 -5.56 -10.03
C LYS H 150 -17.77 -6.15 -11.40
N PRO H 151 -16.49 -6.29 -11.72
CA PRO H 151 -16.09 -7.00 -12.96
C PRO H 151 -16.73 -8.36 -13.16
N GLU H 152 -16.86 -9.15 -12.09
CA GLU H 152 -17.48 -10.47 -12.20
C GLU H 152 -18.96 -10.40 -12.55
N THR H 153 -19.61 -9.27 -12.31
CA THR H 153 -21.06 -9.16 -12.51
C THR H 153 -21.41 -8.87 -13.97
N PHE H 154 -20.53 -8.24 -14.72
CA PHE H 154 -20.79 -8.00 -16.15
C PHE H 154 -20.96 -9.30 -16.93
N ALA H 155 -20.37 -10.40 -16.48
CA ALA H 155 -20.61 -11.69 -17.12
C ALA H 155 -22.07 -12.14 -16.97
N ASP H 156 -22.67 -11.89 -15.81
CA ASP H 156 -24.10 -12.15 -15.64
C ASP H 156 -24.98 -11.18 -16.41
N VAL H 157 -24.58 -9.92 -16.51
CA VAL H 157 -25.29 -8.95 -17.36
C VAL H 157 -25.22 -9.33 -18.83
N ARG H 158 -24.06 -9.76 -19.30
CA ARG H 158 -23.93 -10.26 -20.67
C ARG H 158 -24.77 -11.49 -20.95
N ASP H 159 -24.87 -12.41 -20.00
CA ASP H 159 -25.71 -13.60 -20.20
C ASP H 159 -27.20 -13.28 -20.28
N ILE H 160 -27.69 -12.34 -19.49
CA ILE H 160 -29.04 -11.83 -19.66
C ILE H 160 -29.25 -11.26 -21.06
N ALA H 161 -28.30 -10.46 -21.53
CA ALA H 161 -28.39 -9.91 -22.87
C ALA H 161 -28.36 -11.01 -23.94
N GLU H 162 -27.50 -12.01 -23.75
CA GLU H 162 -27.30 -13.02 -24.79
C GLU H 162 -28.36 -14.11 -24.76
N ASP H 163 -28.71 -14.61 -23.58
CA ASP H 163 -29.61 -15.76 -23.55
C ASP H 163 -31.06 -15.37 -23.71
N LEU H 164 -31.42 -14.18 -23.26
CA LEU H 164 -32.77 -13.68 -23.40
C LEU H 164 -32.81 -12.63 -24.51
N GLY H 165 -33.98 -12.43 -25.07
CA GLY H 165 -34.14 -11.35 -26.02
C GLY H 165 -34.32 -10.03 -25.32
N ILE H 166 -33.27 -9.50 -24.71
CA ILE H 166 -33.37 -8.30 -23.88
C ILE H 166 -32.28 -7.32 -24.29
N ALA H 167 -32.67 -6.07 -24.52
CA ALA H 167 -31.73 -4.95 -24.67
C ALA H 167 -31.30 -4.46 -23.29
N VAL H 168 -30.02 -4.60 -22.96
CA VAL H 168 -29.47 -4.07 -21.73
C VAL H 168 -28.80 -2.73 -22.03
N VAL H 169 -29.17 -1.71 -21.26
CA VAL H 169 -28.63 -0.36 -21.43
C VAL H 169 -27.79 0.00 -20.21
N LEU H 170 -26.48 0.15 -20.41
CA LEU H 170 -25.58 0.59 -19.35
C LEU H 170 -25.53 2.12 -19.37
N VAL H 171 -25.89 2.74 -18.26
CA VAL H 171 -25.94 4.20 -18.14
C VAL H 171 -24.89 4.65 -17.14
N GLY H 172 -24.10 5.65 -17.52
CA GLY H 172 -23.03 6.11 -16.64
C GLY H 172 -22.34 7.34 -17.18
N THR H 173 -21.29 7.74 -16.46
CA THR H 173 -20.39 8.80 -16.91
C THR H 173 -19.24 8.19 -17.71
N ASP H 174 -18.27 9.03 -18.09
CA ASP H 174 -17.03 8.58 -18.71
C ASP H 174 -16.27 7.55 -17.88
N ARG H 175 -16.55 7.45 -16.58
CA ARG H 175 -16.00 6.34 -15.79
C ARG H 175 -16.50 4.99 -16.26
N LEU H 176 -17.73 4.92 -16.76
CA LEU H 176 -18.24 3.68 -17.34
C LEU H 176 -17.51 3.29 -18.61
N ASP H 177 -17.27 4.26 -19.50
CA ASP H 177 -16.46 3.99 -20.68
C ASP H 177 -15.08 3.40 -20.32
N ALA H 178 -14.46 3.90 -19.26
CA ALA H 178 -13.18 3.34 -18.81
C ALA H 178 -13.32 1.92 -18.26
N VAL H 179 -14.35 1.66 -17.45
CA VAL H 179 -14.60 0.31 -16.94
C VAL H 179 -14.87 -0.68 -18.08
N ILE H 180 -15.70 -0.28 -19.03
CA ILE H 180 -16.08 -1.17 -20.12
C ILE H 180 -14.87 -1.57 -20.96
N LYS H 181 -13.95 -0.64 -21.19
CA LYS H 181 -12.74 -0.92 -21.98
C LYS H 181 -11.84 -1.98 -21.36
N ARG H 182 -12.01 -2.30 -20.08
CA ARG H 182 -11.17 -3.29 -19.41
C ARG H 182 -11.53 -4.73 -19.74
N ASP H 183 -12.66 -5.00 -20.38
CA ASP H 183 -13.03 -6.36 -20.75
C ASP H 183 -13.56 -6.34 -22.17
N GLU H 184 -12.79 -6.93 -23.09
CA GLU H 184 -13.17 -6.97 -24.51
C GLU H 184 -14.58 -7.50 -24.73
N GLN H 185 -15.02 -8.45 -23.92
CA GLN H 185 -16.34 -9.05 -24.13
C GLN H 185 -17.47 -8.12 -23.76
N VAL H 186 -17.25 -7.18 -22.84
CA VAL H 186 -18.26 -6.17 -22.55
C VAL H 186 -18.16 -5.03 -23.56
N LEU H 187 -16.95 -4.54 -23.78
CA LEU H 187 -16.68 -3.52 -24.79
C LEU H 187 -17.34 -3.85 -26.13
N GLU H 188 -17.14 -5.07 -26.64
CA GLU H 188 -17.69 -5.41 -27.95
C GLU H 188 -19.19 -5.69 -27.94
N ARG H 189 -19.80 -5.95 -26.80
CA ARG H 189 -21.25 -6.09 -26.75
C ARG H 189 -21.97 -4.76 -26.62
N PHE H 190 -21.32 -3.73 -26.09
CA PHE H 190 -21.92 -2.43 -25.81
C PHE H 190 -21.26 -1.31 -26.61
N ARG H 191 -20.84 -1.59 -27.84
CA ARG H 191 -20.21 -0.59 -28.70
C ARG H 191 -21.15 0.58 -29.01
N ALA H 192 -22.42 0.32 -29.29
CA ALA H 192 -23.36 1.38 -29.58
C ALA H 192 -23.57 2.27 -28.35
N HIS H 193 -23.51 3.58 -28.54
CA HIS H 193 -23.70 4.51 -27.46
C HIS H 193 -24.54 5.70 -27.90
N LEU H 194 -25.21 6.32 -26.94
CA LEU H 194 -25.76 7.66 -27.04
C LEU H 194 -25.00 8.58 -26.09
N ARG H 195 -24.58 9.74 -26.59
CA ARG H 195 -23.92 10.75 -25.76
C ARG H 195 -24.94 11.76 -25.26
N PHE H 196 -25.15 11.76 -23.95
CA PHE H 196 -25.95 12.75 -23.25
C PHE H 196 -25.10 13.99 -22.99
N GLY H 197 -25.55 15.14 -23.46
CA GLY H 197 -24.72 16.33 -23.41
C GLY H 197 -25.20 17.46 -22.54
N LYS H 198 -24.31 18.40 -22.26
CA LYS H 198 -24.65 19.63 -21.55
C LYS H 198 -25.48 20.57 -22.43
N LEU H 199 -26.14 21.51 -21.76
CA LEU H 199 -26.86 22.59 -22.42
C LEU H 199 -25.92 23.73 -22.78
N SER H 200 -26.22 24.41 -23.89
CA SER H 200 -25.50 25.60 -24.28
C SER H 200 -26.34 26.40 -25.26
N GLY H 201 -25.94 27.64 -25.49
CA GLY H 201 -26.53 28.45 -26.55
C GLY H 201 -28.01 28.66 -26.37
N GLU H 202 -28.71 28.74 -27.50
CA GLU H 202 -30.15 29.03 -27.47
C GLU H 202 -30.92 27.92 -26.77
N ASP H 203 -30.45 26.68 -26.85
CA ASP H 203 -31.06 25.58 -26.12
C ASP H 203 -31.04 25.82 -24.61
N PHE H 204 -29.96 26.38 -24.09
CA PHE H 204 -29.91 26.78 -22.69
C PHE H 204 -30.93 27.88 -22.38
N LYS H 205 -31.00 28.89 -23.23
CA LYS H 205 -31.95 29.99 -23.03
C LYS H 205 -33.40 29.51 -23.07
N ASN H 206 -33.73 28.62 -24.00
CA ASN H 206 -35.05 27.99 -24.01
C ASN H 206 -35.31 27.17 -22.76
N THR H 207 -34.29 26.47 -22.26
CA THR H 207 -34.43 25.72 -21.00
C THR H 207 -34.69 26.63 -19.80
N VAL H 208 -33.97 27.74 -19.69
CA VAL H 208 -34.20 28.69 -18.61
C VAL H 208 -35.64 29.23 -18.63
N GLU H 209 -36.14 29.58 -19.80
CA GLU H 209 -37.52 30.05 -19.94
C GLU H 209 -38.54 28.98 -19.56
N MET H 210 -38.33 27.74 -19.99
CA MET H 210 -39.19 26.64 -19.55
C MET H 210 -39.19 26.47 -18.03
N TRP H 211 -38.03 26.56 -17.39
CA TRP H 211 -37.99 26.46 -15.93
C TRP H 211 -38.79 27.55 -15.25
N GLU H 212 -38.67 28.79 -15.73
CA GLU H 212 -39.44 29.88 -15.13
C GLU H 212 -40.94 29.64 -15.25
N GLN H 213 -41.38 29.25 -16.44
CA GLN H 213 -42.82 29.09 -16.71
C GLN H 213 -43.38 27.79 -16.12
N MET H 214 -42.60 26.72 -16.14
CA MET H 214 -43.10 25.39 -15.81
C MET H 214 -42.68 24.88 -14.44
N VAL H 215 -41.49 25.24 -13.96
CA VAL H 215 -41.01 24.70 -12.70
C VAL H 215 -41.25 25.69 -11.57
N LEU H 216 -40.74 26.92 -11.71
CA LEU H 216 -40.82 27.88 -10.62
C LEU H 216 -42.24 28.39 -10.42
N LYS H 217 -42.90 28.80 -11.50
CA LYS H 217 -44.33 29.17 -11.46
C LYS H 217 -44.63 30.22 -10.39
N LEU H 218 -43.71 31.17 -10.22
CA LEU H 218 -43.87 32.19 -9.20
C LEU H 218 -44.98 33.18 -9.57
N PRO H 219 -45.56 33.85 -8.58
CA PRO H 219 -46.65 34.81 -8.86
C PRO H 219 -46.31 35.88 -9.88
N VAL H 220 -45.07 36.32 -9.95
CA VAL H 220 -44.65 37.36 -10.89
C VAL H 220 -43.52 36.80 -11.74
N SER H 221 -43.51 37.15 -13.01
CA SER H 221 -42.44 36.76 -13.92
C SER H 221 -41.10 37.33 -13.47
N SER H 222 -40.07 36.48 -13.45
CA SER H 222 -38.73 36.88 -13.07
C SER H 222 -37.90 37.36 -14.26
N ASN H 223 -38.29 36.99 -15.47
CA ASN H 223 -37.59 37.33 -16.70
C ASN H 223 -36.14 36.84 -16.70
N LEU H 224 -35.98 35.57 -16.31
CA LEU H 224 -34.66 34.98 -16.16
C LEU H 224 -33.91 34.90 -17.49
N LYS H 225 -34.63 34.87 -18.60
CA LYS H 225 -34.06 34.88 -19.96
C LYS H 225 -33.41 36.20 -20.33
N SER H 226 -33.65 37.27 -19.58
CA SER H 226 -33.06 38.56 -19.90
C SER H 226 -31.55 38.54 -19.69
N LYS H 227 -30.88 39.48 -20.36
CA LYS H 227 -29.43 39.41 -20.60
C LYS H 227 -28.63 39.24 -19.31
N GLU H 228 -28.85 40.11 -18.33
CA GLU H 228 -28.07 40.04 -17.08
C GLU H 228 -28.38 38.76 -16.31
N MET H 229 -29.66 38.42 -16.17
CA MET H 229 -30.04 37.17 -15.52
C MET H 229 -29.46 35.96 -16.24
N LEU H 230 -29.55 35.94 -17.57
CA LEU H 230 -29.02 34.82 -18.35
C LEU H 230 -27.50 34.72 -18.24
N ARG H 231 -26.81 35.84 -18.10
CA ARG H 231 -25.37 35.83 -17.89
C ARG H 231 -25.00 35.20 -16.55
N ILE H 232 -25.72 35.57 -15.48
CA ILE H 232 -25.52 34.97 -14.17
C ILE H 232 -25.75 33.46 -14.22
N LEU H 233 -26.90 33.04 -14.75
CA LEU H 233 -27.21 31.62 -14.85
C LEU H 233 -26.22 30.86 -15.74
N THR H 234 -25.85 31.43 -16.88
CA THR H 234 -24.86 30.77 -17.73
C THR H 234 -23.52 30.57 -17.02
N SER H 235 -23.07 31.60 -16.30
CA SER H 235 -21.81 31.48 -15.57
C SER H 235 -21.90 30.47 -14.43
N ALA H 236 -22.97 30.54 -13.63
CA ALA H 236 -23.08 29.67 -12.46
C ALA H 236 -23.45 28.24 -12.81
N THR H 237 -24.42 28.02 -13.70
CA THR H 237 -24.81 26.65 -14.02
C THR H 237 -23.78 25.95 -14.89
N GLU H 238 -23.01 26.70 -15.69
CA GLU H 238 -22.08 26.16 -16.68
C GLU H 238 -22.75 25.18 -17.65
N GLY H 239 -24.06 25.25 -17.81
CA GLY H 239 -24.80 24.34 -18.66
C GLY H 239 -25.21 23.01 -18.07
N TYR H 240 -24.95 22.77 -16.80
CA TYR H 240 -25.51 21.59 -16.14
C TYR H 240 -26.97 21.82 -15.77
N ILE H 241 -27.83 20.88 -16.15
CA ILE H 241 -29.24 20.95 -15.79
C ILE H 241 -29.42 20.71 -14.30
N GLY H 242 -28.54 19.93 -13.69
CA GLY H 242 -28.54 19.79 -12.25
C GLY H 242 -28.28 21.08 -11.51
N ARG H 243 -27.29 21.87 -11.98
CA ARG H 243 -27.06 23.18 -11.39
C ARG H 243 -28.20 24.15 -11.65
N LEU H 244 -28.73 24.18 -12.87
CA LEU H 244 -29.84 25.07 -13.17
C LEU H 244 -31.04 24.82 -12.27
N ASP H 245 -31.40 23.56 -12.10
CA ASP H 245 -32.54 23.20 -11.24
C ASP H 245 -32.31 23.60 -9.79
N GLU H 246 -31.16 23.26 -9.24
CA GLU H 246 -30.86 23.52 -7.84
C GLU H 246 -30.68 25.01 -7.53
N ILE H 247 -30.06 25.76 -8.43
CA ILE H 247 -29.94 27.20 -8.25
C ILE H 247 -31.29 27.90 -8.25
N LEU H 248 -32.11 27.64 -9.26
CA LEU H 248 -33.38 28.36 -9.37
C LEU H 248 -34.37 27.96 -8.28
N ARG H 249 -34.39 26.70 -7.88
CA ARG H 249 -35.27 26.31 -6.79
C ARG H 249 -34.88 26.95 -5.46
N GLU H 250 -33.59 26.93 -5.11
CA GLU H 250 -33.17 27.61 -3.88
C GLU H 250 -33.37 29.13 -3.96
N ALA H 251 -33.08 29.73 -5.11
CA ALA H 251 -33.33 31.16 -5.28
C ALA H 251 -34.80 31.52 -5.19
N ALA H 252 -35.67 30.64 -5.71
CA ALA H 252 -37.10 30.83 -5.54
C ALA H 252 -37.52 30.72 -4.07
N ILE H 253 -36.99 29.73 -3.35
CA ILE H 253 -37.29 29.58 -1.93
C ILE H 253 -36.76 30.75 -1.11
N ARG H 254 -35.56 31.23 -1.42
CA ARG H 254 -35.04 32.40 -0.73
C ARG H 254 -35.88 33.65 -1.00
N SER H 255 -36.27 33.88 -2.24
CA SER H 255 -37.07 35.05 -2.58
C SER H 255 -38.43 35.03 -1.88
N LEU H 256 -39.13 33.89 -1.92
CA LEU H 256 -40.42 33.78 -1.24
C LEU H 256 -40.29 33.88 0.29
N SER H 257 -39.22 33.32 0.86
CA SER H 257 -38.98 33.47 2.29
C SER H 257 -38.78 34.93 2.70
N ARG H 258 -38.27 35.75 1.80
CA ARG H 258 -38.11 37.19 2.04
C ARG H 258 -39.35 38.02 1.68
N GLY H 259 -40.43 37.38 1.25
CA GLY H 259 -41.64 38.07 0.89
C GLY H 259 -41.63 38.70 -0.47
N LEU H 260 -40.67 38.34 -1.32
CA LEU H 260 -40.66 38.73 -2.72
C LEU H 260 -41.60 37.85 -3.52
N LYS H 261 -42.07 38.38 -4.64
CA LYS H 261 -43.00 37.69 -5.52
C LYS H 261 -42.31 37.08 -6.73
N LYS H 262 -40.98 37.21 -6.81
CA LYS H 262 -40.22 36.83 -7.98
C LYS H 262 -38.81 36.51 -7.50
N ILE H 263 -38.04 35.82 -8.34
CA ILE H 263 -36.59 35.84 -8.18
C ILE H 263 -36.11 37.25 -8.52
N ASP H 264 -35.40 37.87 -7.59
CA ASP H 264 -34.67 39.11 -7.86
C ASP H 264 -33.20 38.84 -8.13
N LYS H 265 -32.62 39.73 -8.94
CA LYS H 265 -31.21 39.63 -9.35
C LYS H 265 -30.27 39.48 -8.16
N ALA H 266 -30.51 40.23 -7.08
CA ALA H 266 -29.67 40.12 -5.89
C ALA H 266 -29.76 38.75 -5.24
N VAL H 267 -30.97 38.19 -5.13
CA VAL H 267 -31.11 36.84 -4.59
C VAL H 267 -30.44 35.81 -5.49
N LEU H 268 -30.56 35.97 -6.80
CA LEU H 268 -29.95 35.04 -7.73
C LEU H 268 -28.43 35.05 -7.66
N GLN H 269 -27.82 36.24 -7.66
CA GLN H 269 -26.37 36.34 -7.50
C GLN H 269 -25.91 35.83 -6.14
N GLU H 270 -26.68 36.10 -5.09
CA GLU H 270 -26.37 35.57 -3.77
C GLU H 270 -26.31 34.05 -3.76
N VAL H 271 -27.25 33.38 -4.43
CA VAL H 271 -27.16 31.93 -4.59
C VAL H 271 -25.99 31.54 -5.49
N ALA H 272 -25.88 32.21 -6.64
CA ALA H 272 -24.84 31.89 -7.62
C ALA H 272 -23.43 32.06 -7.05
N LYS H 273 -23.26 32.97 -6.10
CA LYS H 273 -21.97 33.19 -5.47
C LYS H 273 -21.53 32.02 -4.59
N GLU H 274 -22.42 31.10 -4.24
CA GLU H 274 -22.04 29.95 -3.41
C GLU H 274 -21.45 28.80 -4.21
N TYR H 275 -21.39 28.91 -5.52
CA TYR H 275 -20.87 27.83 -6.36
C TYR H 275 -19.46 28.15 -6.84
N GLU I 19 -13.49 22.26 47.35
CA GLU I 19 -12.63 23.44 47.43
C GLU I 19 -12.82 24.32 46.19
N TRP I 20 -12.62 25.62 46.39
CA TRP I 20 -12.63 26.60 45.30
C TRP I 20 -11.76 26.17 44.13
N LEU I 21 -10.47 25.92 44.38
CA LEU I 21 -9.51 25.74 43.30
C LEU I 21 -9.86 24.56 42.40
N GLN I 22 -10.09 23.39 43.00
CA GLN I 22 -10.42 22.20 42.21
C GLN I 22 -11.73 22.34 41.47
N ALA I 23 -12.67 23.10 42.01
CA ALA I 23 -13.93 23.35 41.30
C ALA I 23 -13.71 24.24 40.09
N GLU I 24 -12.93 25.32 40.25
CA GLU I 24 -12.61 26.18 39.13
C GLU I 24 -11.76 25.48 38.08
N ILE I 25 -10.77 24.69 38.51
CA ILE I 25 -9.95 23.90 37.58
C ILE I 25 -10.81 22.90 36.81
N ALA I 26 -11.71 22.19 37.49
CA ALA I 26 -12.57 21.24 36.81
C ALA I 26 -13.49 21.91 35.77
N ARG I 27 -13.91 23.14 36.04
CA ARG I 27 -14.65 23.91 35.04
C ARG I 27 -13.79 24.33 33.85
N LEU I 28 -12.64 24.96 34.11
CA LEU I 28 -11.78 25.43 33.04
C LEU I 28 -11.21 24.30 32.19
N LYS I 29 -10.94 23.15 32.81
CA LYS I 29 -10.50 21.96 32.08
C LYS I 29 -11.45 21.58 30.94
N GLY I 30 -12.75 21.87 31.08
CA GLY I 30 -13.75 21.42 30.13
C GLY I 30 -13.86 22.20 28.84
N LYS I 31 -15.03 22.07 28.21
CA LYS I 31 -15.39 22.78 26.99
C LYS I 31 -16.76 23.43 27.16
N SER I 32 -16.99 24.48 26.38
CA SER I 32 -18.25 25.19 26.38
C SER I 32 -18.46 25.80 25.00
N ILE I 33 -19.67 26.25 24.73
CA ILE I 33 -20.02 26.84 23.44
C ILE I 33 -20.29 28.32 23.63
N VAL I 34 -19.53 29.14 22.90
CA VAL I 34 -19.70 30.59 22.88
C VAL I 34 -20.44 30.97 21.60
N PRO I 35 -21.46 31.81 21.67
CA PRO I 35 -22.28 32.15 20.49
C PRO I 35 -21.59 33.18 19.60
N LEU I 36 -20.50 32.75 18.97
CA LEU I 36 -19.79 33.57 18.00
C LEU I 36 -20.66 33.80 16.76
N GLN I 37 -20.38 34.91 16.07
CA GLN I 37 -21.14 35.26 14.88
C GLN I 37 -21.00 34.23 13.77
N GLN I 38 -19.81 33.65 13.61
CA GLN I 38 -19.62 32.63 12.59
C GLN I 38 -20.45 31.38 12.86
N VAL I 39 -20.79 31.12 14.12
CA VAL I 39 -21.74 30.05 14.44
C VAL I 39 -23.13 30.40 13.92
N LYS I 40 -23.62 31.60 14.23
CA LYS I 40 -24.92 32.03 13.75
C LYS I 40 -24.98 32.05 12.22
N THR I 41 -23.90 32.49 11.57
CA THR I 41 -23.83 32.48 10.11
C THR I 41 -24.03 31.09 9.52
N LEU I 42 -23.33 30.09 10.06
CA LEU I 42 -23.53 28.71 9.63
C LEU I 42 -24.95 28.22 9.89
N HIS I 43 -25.50 28.50 11.08
CA HIS I 43 -26.85 28.04 11.39
C HIS I 43 -27.90 28.58 10.43
N ASP I 44 -27.86 29.87 10.12
CA ASP I 44 -28.79 30.42 9.15
C ASP I 44 -28.60 29.81 7.76
N TRP I 45 -27.35 29.52 7.39
CA TRP I 45 -27.09 28.90 6.10
C TRP I 45 -27.56 27.45 6.07
N LEU I 46 -27.31 26.70 7.13
CA LEU I 46 -27.80 25.33 7.24
C LEU I 46 -29.33 25.28 7.27
N ASP I 47 -29.96 26.26 7.92
CA ASP I 47 -31.41 26.36 7.88
C ASP I 47 -31.94 26.58 6.47
N GLY I 48 -31.28 27.42 5.66
CA GLY I 48 -31.65 27.53 4.26
C GLY I 48 -31.48 26.24 3.49
N LYS I 49 -30.31 25.62 3.61
CA LYS I 49 -30.03 24.36 2.92
C LYS I 49 -30.98 23.25 3.35
N ARG I 50 -31.31 23.17 4.64
CA ARG I 50 -32.25 22.17 5.13
C ARG I 50 -33.67 22.41 4.60
N LYS I 51 -34.11 23.66 4.62
CA LYS I 51 -35.41 24.01 4.06
C LYS I 51 -35.51 23.63 2.58
N ALA I 52 -34.46 23.90 1.81
CA ALA I 52 -34.42 23.55 0.39
C ALA I 52 -34.05 22.09 0.15
N ARG I 53 -33.65 21.35 1.19
CA ARG I 53 -33.10 20.00 1.09
C ARG I 53 -31.88 19.95 0.18
N LYS I 54 -31.15 21.05 0.08
CA LYS I 54 -30.00 21.14 -0.79
C LYS I 54 -28.75 20.62 -0.09
N SER I 55 -28.06 19.70 -0.73
CA SER I 55 -26.74 19.24 -0.26
C SER I 55 -25.67 20.28 -0.51
N CYS I 56 -24.65 20.27 0.33
CA CYS I 56 -23.62 21.32 0.33
C CYS I 56 -22.43 20.82 1.14
N ARG I 57 -21.39 21.65 1.21
CA ARG I 57 -20.24 21.36 2.05
C ARG I 57 -19.83 22.57 2.89
N VAL I 58 -19.26 22.29 4.06
CA VAL I 58 -18.68 23.28 4.96
C VAL I 58 -17.18 23.04 5.03
N VAL I 59 -16.39 24.05 4.68
CA VAL I 59 -14.93 23.92 4.58
C VAL I 59 -14.28 25.06 5.37
N GLY I 60 -13.22 24.72 6.09
CA GLY I 60 -12.47 25.74 6.81
C GLY I 60 -11.26 25.11 7.47
N GLU I 61 -10.27 25.96 7.74
CA GLU I 61 -9.03 25.51 8.37
C GLU I 61 -9.30 24.77 9.67
N SER I 62 -8.38 23.88 10.02
CA SER I 62 -8.43 23.16 11.28
C SER I 62 -8.51 24.10 12.48
N ARG I 63 -9.30 23.71 13.47
CA ARG I 63 -9.50 24.44 14.73
C ARG I 63 -10.06 25.84 14.52
N THR I 64 -10.80 26.05 13.45
CA THR I 64 -11.57 27.28 13.24
C THR I 64 -12.97 27.22 13.81
N GLY I 65 -13.40 26.06 14.32
CA GLY I 65 -14.64 25.97 15.04
C GLY I 65 -15.78 25.28 14.33
N LYS I 66 -15.50 24.57 13.23
CA LYS I 66 -16.57 23.99 12.42
C LYS I 66 -17.36 22.96 13.22
N THR I 67 -16.64 22.05 13.89
CA THR I 67 -17.27 20.96 14.65
C THR I 67 -18.19 21.47 15.75
N VAL I 68 -17.73 22.46 16.53
CA VAL I 68 -18.56 23.03 17.58
C VAL I 68 -19.82 23.69 17.01
N ALA I 69 -19.68 24.39 15.89
CA ALA I 69 -20.84 25.03 15.25
C ALA I 69 -21.83 24.01 14.69
N CYS I 70 -21.34 22.89 14.16
CA CYS I 70 -22.23 21.82 13.73
C CYS I 70 -22.89 21.10 14.91
N ASP I 71 -22.17 20.89 16.00
CA ASP I 71 -22.80 20.38 17.22
C ASP I 71 -23.88 21.30 17.74
N ALA I 72 -23.61 22.60 17.81
CA ALA I 72 -24.61 23.56 18.27
C ALA I 72 -25.88 23.52 17.42
N TYR I 73 -25.75 23.24 16.13
CA TYR I 73 -26.93 23.18 15.26
C TYR I 73 -27.84 21.99 15.59
N ARG I 74 -27.28 20.78 15.64
CA ARG I 74 -28.08 19.60 15.98
C ARG I 74 -28.61 19.60 17.41
N TYR I 75 -28.01 20.36 18.33
CA TYR I 75 -28.63 20.56 19.62
C TYR I 75 -29.80 21.54 19.58
N ARG I 76 -29.76 22.53 18.70
CA ARG I 76 -30.91 23.40 18.50
C ARG I 76 -32.03 22.72 17.73
N HIS I 77 -31.76 21.60 17.08
CA HIS I 77 -32.73 20.82 16.31
C HIS I 77 -32.75 19.38 16.77
N LYS I 78 -32.73 19.17 18.09
CA LYS I 78 -32.76 17.84 18.67
C LYS I 78 -34.05 17.09 18.31
N PRO I 79 -34.01 15.74 18.39
CA PRO I 79 -35.23 14.91 18.30
C PRO I 79 -36.44 15.39 19.06
N GLN I 80 -37.61 15.24 18.43
CA GLN I 80 -38.90 15.53 19.05
C GLN I 80 -39.70 14.24 19.23
N GLN I 81 -40.15 13.99 20.45
CA GLN I 81 -41.04 12.88 20.76
C GLN I 81 -42.46 13.17 20.30
N GLU I 82 -43.17 12.12 19.89
CA GLU I 82 -44.60 12.16 19.62
C GLU I 82 -45.28 10.88 20.13
N ALA I 83 -45.23 10.69 21.45
CA ALA I 83 -45.98 9.67 22.17
C ALA I 83 -46.00 8.30 21.52
N GLY I 84 -44.88 7.57 21.61
CA GLY I 84 -44.78 6.20 21.13
C GLY I 84 -44.52 6.02 19.65
N ARG I 85 -44.58 7.08 18.87
CA ARG I 85 -43.91 7.10 17.58
C ARG I 85 -42.39 7.10 17.78
N PRO I 86 -41.63 6.69 16.76
CA PRO I 86 -40.21 7.04 16.74
C PRO I 86 -40.04 8.55 16.72
N PRO I 87 -38.94 9.04 17.28
CA PRO I 87 -38.72 10.49 17.31
C PRO I 87 -38.67 11.08 15.92
N THR I 88 -39.21 12.29 15.77
CA THR I 88 -38.89 13.11 14.61
C THR I 88 -37.52 13.73 14.83
N VAL I 89 -36.56 13.35 14.00
CA VAL I 89 -35.18 13.81 14.16
C VAL I 89 -34.74 14.54 12.90
N PRO I 90 -35.00 15.84 12.77
CA PRO I 90 -34.71 16.51 11.49
C PRO I 90 -33.23 16.59 11.13
N VAL I 91 -32.32 16.71 12.10
CA VAL I 91 -30.88 16.81 11.82
C VAL I 91 -30.17 15.62 12.45
N VAL I 92 -29.42 14.89 11.64
CA VAL I 92 -28.50 13.84 12.09
C VAL I 92 -27.08 14.36 11.96
N TYR I 93 -26.29 14.21 13.03
CA TYR I 93 -24.87 14.55 13.01
C TYR I 93 -24.05 13.30 13.29
N ILE I 94 -23.11 12.98 12.40
CA ILE I 94 -22.16 11.89 12.63
C ILE I 94 -20.74 12.36 12.36
N ARG I 95 -19.79 11.85 13.14
CA ARG I 95 -18.40 11.84 12.68
C ARG I 95 -17.94 10.43 12.39
N PRO I 96 -17.76 10.06 11.12
CA PRO I 96 -17.16 8.76 10.79
C PRO I 96 -15.80 8.54 11.42
N HIS I 97 -15.53 7.30 11.80
CA HIS I 97 -14.16 6.89 12.13
C HIS I 97 -13.31 6.82 10.86
N GLN I 98 -12.00 6.84 11.06
CA GLN I 98 -11.07 6.84 9.93
C GLN I 98 -11.32 5.65 9.02
N LYS I 99 -11.23 5.90 7.71
CA LYS I 99 -11.52 4.92 6.67
C LYS I 99 -12.90 4.28 6.87
N CYS I 100 -13.91 5.13 7.00
CA CYS I 100 -15.29 4.69 7.21
C CYS I 100 -15.84 3.99 5.96
N GLY I 101 -16.09 2.69 6.08
CA GLY I 101 -16.76 1.96 5.05
C GLY I 101 -18.26 2.12 5.12
N PRO I 102 -18.97 1.56 4.14
CA PRO I 102 -20.43 1.74 4.11
C PRO I 102 -21.16 1.18 5.32
N LYS I 103 -20.78 -0.01 5.80
CA LYS I 103 -21.43 -0.56 6.98
C LYS I 103 -21.16 0.30 8.21
N ASP I 104 -19.96 0.86 8.32
CA ASP I 104 -19.66 1.80 9.41
C ASP I 104 -20.55 3.02 9.34
N LEU I 105 -20.69 3.59 8.15
CA LEU I 105 -21.56 4.73 7.93
C LEU I 105 -23.01 4.45 8.33
N PHE I 106 -23.56 3.31 7.88
CA PHE I 106 -24.92 2.94 8.24
C PHE I 106 -25.09 2.71 9.74
N LYS I 107 -24.08 2.13 10.38
CA LYS I 107 -24.07 1.97 11.83
C LYS I 107 -24.03 3.31 12.57
N LYS I 108 -23.20 4.24 12.11
CA LYS I 108 -23.21 5.60 12.65
C LYS I 108 -24.60 6.24 12.57
N ILE I 109 -25.26 6.17 11.42
CA ILE I 109 -26.56 6.81 11.26
C ILE I 109 -27.62 6.13 12.11
N THR I 110 -27.67 4.81 12.08
CA THR I 110 -28.71 4.07 12.80
C THR I 110 -28.63 4.31 14.31
N GLU I 111 -27.44 4.22 14.89
CA GLU I 111 -27.29 4.46 16.32
C GLU I 111 -27.63 5.89 16.72
N TYR I 112 -27.41 6.88 15.85
CA TYR I 112 -27.82 8.24 16.16
C TYR I 112 -29.32 8.34 16.32
N LEU I 113 -30.08 7.59 15.52
CA LEU I 113 -31.53 7.59 15.57
C LEU I 113 -32.08 6.71 16.68
N LYS I 114 -31.23 6.21 17.58
CA LYS I 114 -31.60 5.40 18.74
C LYS I 114 -32.16 4.04 18.32
N TYR I 115 -31.55 3.44 17.31
CA TYR I 115 -31.83 2.08 16.90
C TYR I 115 -30.58 1.24 17.07
N ARG I 116 -30.75 0.01 17.52
CA ARG I 116 -29.62 -0.90 17.65
C ARG I 116 -29.39 -1.60 16.33
N VAL I 117 -28.12 -1.71 15.94
CA VAL I 117 -27.75 -2.42 14.72
C VAL I 117 -27.75 -3.92 14.98
N THR I 118 -28.71 -4.62 14.38
CA THR I 118 -28.74 -6.07 14.41
C THR I 118 -27.71 -6.65 13.43
N LYS I 119 -27.15 -7.80 13.80
CA LYS I 119 -26.11 -8.44 13.01
C LYS I 119 -26.63 -8.86 11.64
N GLY I 120 -25.94 -8.41 10.59
CA GLY I 120 -26.40 -8.69 9.25
C GLY I 120 -25.42 -8.18 8.22
N THR I 121 -25.81 -8.32 6.95
CA THR I 121 -25.02 -7.90 5.82
C THR I 121 -25.08 -6.38 5.63
N VAL I 122 -24.17 -5.87 4.81
CA VAL I 122 -24.19 -4.48 4.37
C VAL I 122 -25.54 -4.10 3.78
N SER I 123 -26.14 -5.02 3.02
CA SER I 123 -27.46 -4.77 2.46
C SER I 123 -28.53 -4.63 3.53
N ASP I 124 -28.48 -5.48 4.56
CA ASP I 124 -29.38 -5.32 5.69
C ASP I 124 -29.17 -3.98 6.40
N PHE I 125 -27.92 -3.59 6.60
CA PHE I 125 -27.63 -2.29 7.21
C PHE I 125 -28.13 -1.13 6.36
N ARG I 126 -27.87 -1.18 5.05
CA ARG I 126 -28.38 -0.15 4.14
C ARG I 126 -29.90 -0.03 4.21
N ASP I 127 -30.59 -1.16 4.05
CA ASP I 127 -32.05 -1.14 4.01
C ASP I 127 -32.65 -0.70 5.34
N ARG I 128 -32.08 -1.12 6.46
CA ARG I 128 -32.50 -0.62 7.76
C ARG I 128 -32.23 0.86 7.94
N THR I 129 -31.08 1.35 7.49
CA THR I 129 -30.78 2.77 7.59
C THR I 129 -31.73 3.60 6.73
N ILE I 130 -31.93 3.17 5.49
CA ILE I 130 -32.89 3.82 4.60
C ILE I 130 -34.28 3.82 5.21
N GLU I 131 -34.66 2.72 5.85
CA GLU I 131 -35.93 2.66 6.57
C GLU I 131 -36.04 3.71 7.67
N VAL I 132 -35.03 3.81 8.53
CA VAL I 132 -35.15 4.70 9.69
C VAL I 132 -34.86 6.16 9.37
N LEU I 133 -34.15 6.46 8.28
CA LEU I 133 -34.05 7.85 7.84
C LEU I 133 -35.42 8.38 7.42
N LYS I 134 -36.24 7.54 6.80
CA LYS I 134 -37.67 7.78 6.74
C LYS I 134 -38.33 7.42 8.07
N GLY I 135 -39.49 8.03 8.31
CA GLY I 135 -40.18 7.77 9.56
C GLY I 135 -39.64 8.52 10.76
N CYS I 136 -38.32 8.58 10.93
CA CYS I 136 -37.73 9.63 11.76
C CYS I 136 -37.80 11.01 11.12
N GLY I 137 -38.11 11.10 9.83
CA GLY I 137 -38.26 12.38 9.16
C GLY I 137 -37.00 13.20 9.04
N VAL I 138 -35.84 12.54 8.89
CA VAL I 138 -34.56 13.24 8.79
C VAL I 138 -34.56 14.15 7.58
N GLU I 139 -34.26 15.42 7.80
CA GLU I 139 -34.18 16.42 6.75
C GLU I 139 -32.75 16.71 6.34
N MET I 140 -31.81 16.66 7.28
CA MET I 140 -30.43 17.01 7.03
C MET I 140 -29.52 16.00 7.71
N LEU I 141 -28.49 15.56 7.00
CA LEU I 141 -27.44 14.69 7.52
C LEU I 141 -26.10 15.42 7.39
N ILE I 142 -25.48 15.72 8.53
CA ILE I 142 -24.19 16.38 8.56
C ILE I 142 -23.12 15.33 8.81
N ILE I 143 -22.19 15.19 7.88
CA ILE I 143 -21.10 14.21 7.99
C ILE I 143 -19.83 15.01 8.24
N ASP I 144 -19.38 15.03 9.50
CA ASP I 144 -18.15 15.76 9.91
C ASP I 144 -16.93 14.87 9.64
N GLU I 145 -15.80 15.47 9.28
CA GLU I 145 -14.61 14.69 8.87
C GLU I 145 -15.05 13.79 7.71
N ALA I 146 -15.75 14.38 6.74
CA ALA I 146 -16.27 13.63 5.57
C ALA I 146 -15.10 13.05 4.77
N ASP I 147 -13.90 13.59 4.91
CA ASP I 147 -12.71 13.04 4.28
C ASP I 147 -12.27 11.70 4.86
N ARG I 148 -12.78 11.30 6.03
CA ARG I 148 -12.53 9.96 6.52
C ARG I 148 -13.31 8.88 5.77
N LEU I 149 -14.36 9.25 5.05
CA LEU I 149 -15.11 8.27 4.26
C LEU I 149 -14.23 7.63 3.19
N LYS I 150 -14.32 6.31 3.05
CA LYS I 150 -13.76 5.64 1.90
C LYS I 150 -14.41 6.15 0.62
N PRO I 151 -13.68 6.14 -0.50
CA PRO I 151 -14.28 6.64 -1.75
C PRO I 151 -15.52 5.89 -2.20
N GLU I 152 -15.57 4.58 -2.00
CA GLU I 152 -16.78 3.81 -2.25
C GLU I 152 -17.94 4.16 -1.34
N THR I 153 -17.70 4.80 -0.19
CA THR I 153 -18.78 5.15 0.72
C THR I 153 -19.55 6.39 0.25
N PHE I 154 -18.93 7.23 -0.57
CA PHE I 154 -19.62 8.40 -1.11
C PHE I 154 -20.80 8.03 -2.01
N ALA I 155 -20.74 6.89 -2.68
CA ALA I 155 -21.88 6.42 -3.46
C ALA I 155 -23.13 6.25 -2.60
N ASP I 156 -23.00 5.62 -1.43
CA ASP I 156 -24.12 5.48 -0.52
C ASP I 156 -24.55 6.81 0.10
N VAL I 157 -23.62 7.73 0.31
CA VAL I 157 -23.98 9.08 0.74
C VAL I 157 -24.78 9.81 -0.34
N ARG I 158 -24.34 9.70 -1.60
CA ARG I 158 -25.09 10.25 -2.72
C ARG I 158 -26.48 9.64 -2.87
N ASP I 159 -26.60 8.34 -2.65
CA ASP I 159 -27.91 7.69 -2.74
C ASP I 159 -28.87 8.16 -1.65
N ILE I 160 -28.39 8.40 -0.44
CA ILE I 160 -29.21 9.03 0.59
C ILE I 160 -29.69 10.41 0.15
N ALA I 161 -28.81 11.21 -0.42
CA ALA I 161 -29.22 12.51 -0.92
C ALA I 161 -30.19 12.40 -2.10
N GLU I 162 -30.00 11.40 -2.97
CA GLU I 162 -30.81 11.31 -4.17
C GLU I 162 -32.17 10.68 -3.91
N ASP I 163 -32.20 9.60 -3.15
CA ASP I 163 -33.44 8.82 -3.06
C ASP I 163 -34.32 9.29 -1.92
N LEU I 164 -33.73 9.77 -0.84
CA LEU I 164 -34.47 10.51 0.16
C LEU I 164 -34.26 11.99 -0.12
N GLY I 165 -35.22 12.81 0.29
CA GLY I 165 -35.05 14.23 0.09
C GLY I 165 -34.17 14.91 1.12
N ILE I 166 -32.94 14.45 1.34
CA ILE I 166 -32.14 14.85 2.49
C ILE I 166 -31.01 15.75 2.02
N ALA I 167 -30.85 16.88 2.70
CA ALA I 167 -29.68 17.73 2.59
C ALA I 167 -28.49 17.09 3.32
N VAL I 168 -27.52 16.59 2.58
CA VAL I 168 -26.29 16.09 3.18
C VAL I 168 -25.25 17.19 3.18
N VAL I 169 -24.66 17.43 4.33
CA VAL I 169 -23.62 18.46 4.50
C VAL I 169 -22.31 17.76 4.84
N LEU I 170 -21.34 17.85 3.93
CA LEU I 170 -19.99 17.36 4.20
C LEU I 170 -19.19 18.45 4.89
N VAL I 171 -18.54 18.10 6.00
CA VAL I 171 -17.68 19.03 6.72
C VAL I 171 -16.25 18.50 6.70
N GLY I 172 -15.30 19.40 6.51
CA GLY I 172 -13.90 19.04 6.57
C GLY I 172 -13.02 20.24 6.35
N THR I 173 -11.72 19.98 6.32
CA THR I 173 -10.74 20.99 5.94
C THR I 173 -10.56 21.00 4.43
N ASP I 174 -9.63 21.82 3.95
CA ASP I 174 -9.26 21.81 2.53
C ASP I 174 -8.89 20.44 2.00
N ARG I 175 -8.54 19.49 2.87
CA ARG I 175 -8.34 18.11 2.44
C ARG I 175 -9.62 17.47 1.90
N LEU I 176 -10.78 17.88 2.42
CA LEU I 176 -12.04 17.44 1.86
C LEU I 176 -12.24 17.95 0.44
N ASP I 177 -11.93 19.22 0.20
CA ASP I 177 -12.04 19.80 -1.14
C ASP I 177 -11.15 19.10 -2.17
N ALA I 178 -10.06 18.47 -1.73
CA ALA I 178 -9.28 17.65 -2.65
C ALA I 178 -9.88 16.27 -2.87
N VAL I 179 -10.36 15.63 -1.80
CA VAL I 179 -11.01 14.33 -1.92
C VAL I 179 -12.22 14.40 -2.83
N ILE I 180 -13.07 15.41 -2.63
CA ILE I 180 -14.27 15.59 -3.42
C ILE I 180 -13.95 15.76 -4.91
N LYS I 181 -12.92 16.53 -5.24
CA LYS I 181 -12.54 16.72 -6.64
C LYS I 181 -11.97 15.48 -7.31
N ARG I 182 -11.68 14.41 -6.58
CA ARG I 182 -11.34 13.15 -7.21
C ARG I 182 -12.55 12.36 -7.72
N ASP I 183 -13.78 12.82 -7.52
CA ASP I 183 -14.95 12.13 -8.06
C ASP I 183 -15.97 13.15 -8.53
N GLU I 184 -16.11 13.26 -9.86
CA GLU I 184 -17.00 14.26 -10.47
C GLU I 184 -18.43 14.16 -9.96
N GLN I 185 -18.92 12.95 -9.70
CA GLN I 185 -20.30 12.79 -9.26
C GLN I 185 -20.52 13.35 -7.86
N VAL I 186 -19.51 13.27 -7.00
CA VAL I 186 -19.57 13.89 -5.68
C VAL I 186 -19.37 15.39 -5.80
N LEU I 187 -18.32 15.79 -6.48
CA LEU I 187 -18.04 17.21 -6.71
C LEU I 187 -19.25 17.96 -7.24
N GLU I 188 -19.94 17.39 -8.21
CA GLU I 188 -21.05 18.09 -8.85
C GLU I 188 -22.31 18.15 -7.99
N ARG I 189 -22.44 17.30 -6.98
CA ARG I 189 -23.57 17.35 -6.05
C ARG I 189 -23.35 18.29 -4.86
N PHE I 190 -22.13 18.37 -4.35
CA PHE I 190 -21.78 19.20 -3.20
C PHE I 190 -21.10 20.49 -3.60
N ARG I 191 -21.46 21.01 -4.78
CA ARG I 191 -20.83 22.20 -5.35
C ARG I 191 -21.01 23.42 -4.45
N ALA I 192 -22.19 23.61 -3.86
CA ALA I 192 -22.41 24.75 -2.98
C ALA I 192 -21.64 24.59 -1.68
N HIS I 193 -21.02 25.67 -1.22
CA HIS I 193 -20.17 25.59 -0.05
C HIS I 193 -20.28 26.85 0.80
N LEU I 194 -19.91 26.69 2.07
CA LEU I 194 -19.63 27.77 3.00
C LEU I 194 -18.18 27.65 3.45
N ARG I 195 -17.51 28.79 3.55
CA ARG I 195 -16.15 28.84 4.06
C ARG I 195 -16.16 29.29 5.52
N PHE I 196 -15.61 28.45 6.39
CA PHE I 196 -15.27 28.87 7.75
C PHE I 196 -13.91 29.55 7.75
N GLY I 197 -13.84 30.75 8.32
CA GLY I 197 -12.62 31.51 8.40
C GLY I 197 -12.01 31.59 9.79
N LYS I 198 -10.76 32.03 9.82
CA LYS I 198 -10.10 32.46 11.04
C LYS I 198 -10.59 33.83 11.49
N LEU I 199 -10.42 34.11 12.77
CA LEU I 199 -10.72 35.42 13.34
C LEU I 199 -9.58 36.40 13.05
N SER I 200 -9.93 37.68 12.87
CA SER I 200 -8.92 38.72 12.86
C SER I 200 -9.56 40.06 13.17
N GLY I 201 -8.71 41.05 13.43
CA GLY I 201 -9.14 42.43 13.57
C GLY I 201 -10.07 42.66 14.74
N GLU I 202 -11.09 43.49 14.49
CA GLU I 202 -12.05 43.83 15.54
C GLU I 202 -12.81 42.60 16.01
N ASP I 203 -13.11 41.69 15.09
CA ASP I 203 -13.79 40.44 15.45
C ASP I 203 -12.99 39.62 16.44
N PHE I 204 -11.67 39.54 16.26
CA PHE I 204 -10.80 38.87 17.23
C PHE I 204 -10.78 39.59 18.57
N LYS I 205 -10.71 40.92 18.57
CA LYS I 205 -10.76 41.68 19.82
C LYS I 205 -12.05 41.46 20.60
N ASN I 206 -13.20 41.44 19.91
CA ASN I 206 -14.45 41.07 20.57
C ASN I 206 -14.44 39.64 21.10
N THR I 207 -13.86 38.70 20.34
CA THR I 207 -13.84 37.32 20.79
C THR I 207 -13.01 37.13 22.06
N VAL I 208 -11.89 37.84 22.16
CA VAL I 208 -11.09 37.85 23.38
C VAL I 208 -11.89 38.40 24.56
N GLU I 209 -12.56 39.54 24.37
CA GLU I 209 -13.45 40.10 25.38
C GLU I 209 -14.50 39.10 25.86
N MET I 210 -15.13 38.38 24.93
CA MET I 210 -16.14 37.40 25.30
C MET I 210 -15.56 36.23 26.09
N TRP I 211 -14.37 35.74 25.74
CA TRP I 211 -13.74 34.68 26.51
C TRP I 211 -13.47 35.09 27.96
N GLU I 212 -12.92 36.28 28.14
CA GLU I 212 -12.68 36.79 29.50
C GLU I 212 -13.95 36.81 30.32
N GLN I 213 -15.04 37.31 29.74
CA GLN I 213 -16.30 37.45 30.46
C GLN I 213 -17.09 36.15 30.55
N MET I 214 -17.21 35.42 29.46
CA MET I 214 -18.15 34.30 29.39
C MET I 214 -17.52 32.93 29.57
N VAL I 215 -16.20 32.81 29.47
CA VAL I 215 -15.60 31.49 29.53
C VAL I 215 -14.73 31.37 30.77
N LEU I 216 -13.76 32.26 30.91
CA LEU I 216 -12.79 32.12 31.98
C LEU I 216 -13.40 32.49 33.33
N LYS I 217 -14.10 33.63 33.40
CA LYS I 217 -14.88 34.01 34.57
C LYS I 217 -14.05 34.00 35.85
N LEU I 218 -12.82 34.49 35.74
CA LEU I 218 -11.97 34.66 36.91
C LEU I 218 -12.55 35.72 37.85
N PRO I 219 -12.20 35.64 39.14
CA PRO I 219 -12.65 36.70 40.08
C PRO I 219 -12.29 38.11 39.66
N VAL I 220 -11.12 38.32 39.08
CA VAL I 220 -10.65 39.65 38.73
C VAL I 220 -10.42 39.74 37.23
N SER I 221 -10.72 40.90 36.67
CA SER I 221 -10.56 41.17 35.25
C SER I 221 -9.11 41.01 34.81
N SER I 222 -8.90 40.19 33.77
CA SER I 222 -7.58 39.96 33.20
C SER I 222 -7.16 41.06 32.22
N ASN I 223 -8.08 41.94 31.84
CA ASN I 223 -7.81 43.06 30.93
C ASN I 223 -7.25 42.61 29.59
N LEU I 224 -7.78 41.50 29.06
CA LEU I 224 -7.28 40.88 27.85
C LEU I 224 -7.56 41.72 26.60
N LYS I 225 -8.44 42.71 26.68
CA LYS I 225 -8.58 43.69 25.60
C LYS I 225 -7.38 44.61 25.46
N SER I 226 -6.49 44.66 26.44
CA SER I 226 -5.38 45.59 26.38
C SER I 226 -4.47 45.25 25.20
N LYS I 227 -3.87 46.29 24.62
CA LYS I 227 -3.05 46.12 23.43
C LYS I 227 -1.86 45.21 23.67
N GLU I 228 -1.28 45.27 24.88
CA GLU I 228 -0.16 44.39 25.20
C GLU I 228 -0.61 42.94 25.32
N MET I 229 -1.80 42.73 25.89
CA MET I 229 -2.36 41.39 25.96
C MET I 229 -2.79 40.89 24.58
N LEU I 230 -3.48 41.74 23.81
CA LEU I 230 -3.84 41.38 22.44
C LEU I 230 -2.63 41.07 21.59
N ARG I 231 -1.52 41.78 21.79
CA ARG I 231 -0.31 41.50 21.03
C ARG I 231 0.18 40.08 21.28
N ILE I 232 0.28 39.70 22.55
CA ILE I 232 0.64 38.32 22.90
C ILE I 232 -0.35 37.34 22.28
N LEU I 233 -1.64 37.55 22.55
CA LEU I 233 -2.68 36.65 22.04
C LEU I 233 -2.68 36.55 20.52
N THR I 234 -2.55 37.68 19.82
CA THR I 234 -2.59 37.65 18.36
C THR I 234 -1.39 36.89 17.78
N SER I 235 -0.22 37.02 18.40
CA SER I 235 0.94 36.31 17.89
C SER I 235 0.80 34.80 18.09
N ALA I 236 0.32 34.39 19.26
CA ALA I 236 0.20 32.97 19.56
C ALA I 236 -1.07 32.35 18.98
N THR I 237 -2.20 33.06 19.04
CA THR I 237 -3.45 32.49 18.56
C THR I 237 -3.48 32.40 17.04
N GLU I 238 -2.92 33.37 16.35
CA GLU I 238 -2.99 33.49 14.89
C GLU I 238 -4.42 33.42 14.37
N GLY I 239 -5.39 33.81 15.19
CA GLY I 239 -6.79 33.76 14.84
C GLY I 239 -7.50 32.42 14.97
N TYR I 240 -6.81 31.35 15.31
CA TYR I 240 -7.48 30.07 15.54
C TYR I 240 -8.22 30.10 16.86
N ILE I 241 -9.54 29.92 16.81
CA ILE I 241 -10.34 29.90 18.02
C ILE I 241 -9.92 28.75 18.93
N GLY I 242 -9.41 27.65 18.35
CA GLY I 242 -8.87 26.57 19.14
C GLY I 242 -7.63 26.92 19.95
N ARG I 243 -6.71 27.69 19.35
CA ARG I 243 -5.59 28.22 20.11
C ARG I 243 -6.03 29.22 21.17
N LEU I 244 -6.95 30.11 20.82
CA LEU I 244 -7.46 31.07 21.80
C LEU I 244 -8.02 30.38 23.03
N ASP I 245 -8.89 29.40 22.83
CA ASP I 245 -9.49 28.69 23.95
C ASP I 245 -8.45 27.97 24.80
N GLU I 246 -7.61 27.16 24.16
CA GLU I 246 -6.70 26.28 24.88
C GLU I 246 -5.51 27.01 25.48
N ILE I 247 -5.16 28.18 24.96
CA ILE I 247 -4.19 29.04 25.65
C ILE I 247 -4.81 29.70 26.87
N LEU I 248 -5.98 30.33 26.71
CA LEU I 248 -6.56 31.09 27.82
C LEU I 248 -7.01 30.20 28.96
N ARG I 249 -7.55 29.02 28.68
CA ARG I 249 -7.90 28.09 29.75
C ARG I 249 -6.66 27.63 30.51
N GLU I 250 -5.63 27.16 29.79
CA GLU I 250 -4.38 26.77 30.43
C GLU I 250 -3.73 27.90 31.21
N ALA I 251 -3.74 29.12 30.65
CA ALA I 251 -3.22 30.28 31.37
C ALA I 251 -4.00 30.59 32.63
N ALA I 252 -5.33 30.50 32.56
CA ALA I 252 -6.15 30.66 33.77
C ALA I 252 -5.88 29.57 34.80
N ILE I 253 -5.78 28.32 34.36
CA ILE I 253 -5.50 27.21 35.27
C ILE I 253 -4.14 27.38 35.93
N ARG I 254 -3.11 27.74 35.14
CA ARG I 254 -1.81 28.04 35.72
C ARG I 254 -1.90 29.21 36.71
N SER I 255 -2.61 30.26 36.36
CA SER I 255 -2.69 31.44 37.22
C SER I 255 -3.39 31.14 38.55
N LEU I 256 -4.54 30.48 38.51
CA LEU I 256 -5.21 30.06 39.74
C LEU I 256 -4.35 29.12 40.58
N SER I 257 -3.64 28.19 39.94
CA SER I 257 -2.77 27.28 40.68
C SER I 257 -1.66 28.00 41.44
N ARG I 258 -1.30 29.20 41.00
CA ARG I 258 -0.28 30.01 41.66
C ARG I 258 -0.86 30.97 42.69
N GLY I 259 -2.17 30.91 42.94
CA GLY I 259 -2.84 31.80 43.84
C GLY I 259 -3.19 33.14 43.27
N LEU I 260 -2.92 33.39 42.00
CA LEU I 260 -3.39 34.58 41.32
C LEU I 260 -4.90 34.50 41.12
N LYS I 261 -5.56 35.66 41.14
CA LYS I 261 -6.99 35.74 40.93
C LYS I 261 -7.33 36.19 39.52
N LYS I 262 -6.32 36.42 38.69
CA LYS I 262 -6.49 36.74 37.28
C LYS I 262 -5.33 36.11 36.51
N ILE I 263 -5.49 36.02 35.19
CA ILE I 263 -4.34 35.87 34.32
C ILE I 263 -3.51 37.15 34.39
N ASP I 264 -2.19 36.99 34.30
CA ASP I 264 -1.29 38.12 34.11
C ASP I 264 -0.39 37.89 32.91
N LYS I 265 0.27 38.97 32.50
CA LYS I 265 1.12 38.94 31.31
C LYS I 265 2.21 37.89 31.42
N ALA I 266 2.84 37.77 32.58
CA ALA I 266 3.93 36.81 32.75
C ALA I 266 3.47 35.38 32.54
N VAL I 267 2.36 34.98 33.17
CA VAL I 267 1.84 33.64 32.94
C VAL I 267 1.38 33.47 31.50
N LEU I 268 0.70 34.48 30.94
CA LEU I 268 0.24 34.39 29.57
C LEU I 268 1.39 34.24 28.60
N GLN I 269 2.45 35.03 28.78
CA GLN I 269 3.65 34.89 27.96
C GLN I 269 4.31 33.54 28.16
N GLU I 270 4.32 33.03 29.39
CA GLU I 270 4.90 31.72 29.67
C GLU I 270 4.18 30.60 28.91
N VAL I 271 2.86 30.67 28.82
CA VAL I 271 2.11 29.71 28.01
C VAL I 271 2.35 29.95 26.53
N ALA I 272 2.14 31.20 26.08
CA ALA I 272 2.23 31.53 24.66
C ALA I 272 3.59 31.20 24.06
N LYS I 273 4.63 31.18 24.89
CA LYS I 273 5.97 30.80 24.45
C LYS I 273 6.07 29.34 23.99
N GLU I 274 5.11 28.49 24.33
CA GLU I 274 5.19 27.08 23.93
C GLU I 274 4.65 26.81 22.54
N TYR I 275 4.23 27.84 21.81
CA TYR I 275 3.63 27.67 20.51
C TYR I 275 4.55 28.16 19.41
N GLU J 19 31.13 -14.24 43.26
CA GLU J 19 32.32 -13.41 43.29
C GLU J 19 31.96 -11.92 43.25
N TRP J 20 32.75 -11.13 43.98
CA TRP J 20 32.52 -9.70 44.09
C TRP J 20 32.53 -9.03 42.71
N LEU J 21 33.51 -9.37 41.89
CA LEU J 21 33.63 -8.80 40.54
C LEU J 21 32.37 -9.04 39.71
N GLN J 22 31.89 -10.29 39.67
CA GLN J 22 30.67 -10.60 38.92
C GLN J 22 29.46 -9.85 39.45
N ALA J 23 29.40 -9.62 40.75
CA ALA J 23 28.30 -8.84 41.33
C ALA J 23 28.41 -7.36 40.97
N GLU J 24 29.62 -6.82 40.95
CA GLU J 24 29.83 -5.45 40.51
C GLU J 24 29.52 -5.25 39.03
N ILE J 25 29.93 -6.20 38.18
CA ILE J 25 29.61 -6.10 36.76
C ILE J 25 28.11 -6.21 36.52
N ALA J 26 27.45 -7.17 37.17
CA ALA J 26 26.00 -7.33 37.02
C ALA J 26 25.23 -6.08 37.42
N ARG J 27 25.73 -5.34 38.41
CA ARG J 27 25.14 -4.05 38.74
C ARG J 27 25.42 -2.98 37.68
N LEU J 28 26.69 -2.81 37.32
CA LEU J 28 27.05 -1.76 36.38
C LEU J 28 26.48 -2.02 34.98
N LYS J 29 26.32 -3.29 34.63
CA LYS J 29 25.68 -3.68 33.38
C LYS J 29 24.24 -3.15 33.27
N GLY J 30 23.58 -2.92 34.41
CA GLY J 30 22.19 -2.54 34.42
C GLY J 30 21.89 -1.10 34.04
N LYS J 31 20.67 -0.69 34.39
CA LYS J 31 20.17 0.67 34.23
C LYS J 31 19.73 1.20 35.59
N SER J 32 19.76 2.53 35.73
CA SER J 32 19.14 3.21 36.87
C SER J 32 18.56 4.53 36.41
N ILE J 33 17.79 5.16 37.29
CA ILE J 33 17.25 6.49 37.06
C ILE J 33 17.91 7.45 38.04
N VAL J 34 18.51 8.51 37.50
CA VAL J 34 19.11 9.59 38.29
C VAL J 34 18.16 10.79 38.27
N PRO J 35 17.89 11.41 39.42
CA PRO J 35 16.97 12.55 39.47
C PRO J 35 17.48 13.81 38.77
N LEU J 36 17.76 13.75 37.48
CA LEU J 36 18.24 14.92 36.77
C LEU J 36 17.22 16.05 36.75
N GLN J 37 17.72 17.28 36.61
CA GLN J 37 16.86 18.46 36.57
C GLN J 37 15.93 18.49 35.36
N GLN J 38 16.34 17.88 34.24
CA GLN J 38 15.47 17.85 33.06
C GLN J 38 14.32 16.88 33.25
N VAL J 39 14.55 15.78 33.96
CA VAL J 39 13.46 14.91 34.39
C VAL J 39 12.45 15.68 35.24
N LYS J 40 12.94 16.37 36.26
CA LYS J 40 12.10 17.23 37.10
C LYS J 40 11.34 18.29 36.30
N THR J 41 12.00 18.92 35.33
CA THR J 41 11.33 19.89 34.46
C THR J 41 10.18 19.28 33.66
N LEU J 42 10.40 18.11 33.06
CA LEU J 42 9.31 17.44 32.34
C LEU J 42 8.15 17.06 33.25
N HIS J 43 8.43 16.50 34.43
CA HIS J 43 7.34 16.05 35.30
C HIS J 43 6.47 17.19 35.79
N ASP J 44 7.07 18.34 36.14
CA ASP J 44 6.29 19.52 36.46
C ASP J 44 5.45 19.97 35.27
N TRP J 45 5.99 19.86 34.06
CA TRP J 45 5.26 20.24 32.86
C TRP J 45 4.11 19.28 32.55
N LEU J 46 4.38 17.98 32.60
CA LEU J 46 3.34 16.98 32.40
C LEU J 46 2.23 17.07 33.45
N ASP J 47 2.55 17.46 34.68
CA ASP J 47 1.50 17.70 35.67
C ASP J 47 0.58 18.84 35.29
N GLY J 48 1.10 19.91 34.71
CA GLY J 48 0.25 20.97 34.22
C GLY J 48 -0.63 20.56 33.05
N LYS J 49 -0.05 19.84 32.09
CA LYS J 49 -0.82 19.35 30.95
C LYS J 49 -1.90 18.37 31.36
N ARG J 50 -1.59 17.47 32.30
CA ARG J 50 -2.58 16.54 32.81
C ARG J 50 -3.68 17.23 33.60
N LYS J 51 -3.32 18.26 34.37
CA LYS J 51 -4.32 19.07 35.05
C LYS J 51 -5.25 19.74 34.06
N ALA J 52 -4.69 20.34 33.01
CA ALA J 52 -5.47 21.03 31.99
C ALA J 52 -6.06 20.09 30.95
N ARG J 53 -5.69 18.81 30.94
CA ARG J 53 -6.06 17.87 29.88
C ARG J 53 -5.52 18.25 28.52
N LYS J 54 -4.43 19.02 28.51
CA LYS J 54 -3.88 19.65 27.33
C LYS J 54 -3.00 18.66 26.57
N SER J 55 -3.34 18.42 25.31
CA SER J 55 -2.50 17.62 24.42
C SER J 55 -1.31 18.44 23.96
N CYS J 56 -0.18 17.76 23.77
CA CYS J 56 1.10 18.43 23.59
C CYS J 56 2.10 17.43 23.03
N ARG J 57 3.33 17.89 22.80
CA ARG J 57 4.40 17.00 22.37
C ARG J 57 5.70 17.29 23.09
N VAL J 58 6.52 16.24 23.21
CA VAL J 58 7.86 16.31 23.76
C VAL J 58 8.83 15.93 22.65
N VAL J 59 9.77 16.83 22.36
CA VAL J 59 10.71 16.67 21.25
C VAL J 59 12.12 16.92 21.75
N GLY J 60 13.06 16.13 21.26
CA GLY J 60 14.46 16.38 21.55
C GLY J 60 15.31 15.32 20.88
N GLU J 61 16.58 15.67 20.68
CA GLU J 61 17.54 14.76 20.05
C GLU J 61 17.53 13.38 20.70
N SER J 62 17.90 12.38 19.91
CA SER J 62 18.07 11.02 20.40
C SER J 62 19.07 10.96 21.55
N ARG J 63 18.80 10.04 22.48
CA ARG J 63 19.63 9.76 23.66
C ARG J 63 19.72 10.95 24.62
N THR J 64 18.73 11.83 24.61
CA THR J 64 18.67 12.94 25.56
C THR J 64 17.91 12.60 26.84
N GLY J 65 17.29 11.43 26.91
CA GLY J 65 16.63 11.01 28.14
C GLY J 65 15.11 11.13 28.14
N LYS J 66 14.48 11.38 26.99
CA LYS J 66 13.04 11.57 26.96
C LYS J 66 12.29 10.34 27.47
N THR J 67 12.74 9.15 27.10
CA THR J 67 12.08 7.92 27.52
C THR J 67 12.23 7.65 29.01
N VAL J 68 13.46 7.73 29.52
CA VAL J 68 13.68 7.52 30.94
C VAL J 68 12.91 8.52 31.80
N ALA J 69 12.77 9.76 31.32
CA ALA J 69 11.96 10.74 32.03
C ALA J 69 10.47 10.42 31.99
N CYS J 70 9.97 9.94 30.84
CA CYS J 70 8.58 9.49 30.75
C CYS J 70 8.31 8.21 31.53
N ASP J 71 9.26 7.28 31.53
CA ASP J 71 9.14 6.10 32.40
C ASP J 71 9.04 6.50 33.85
N ALA J 72 9.92 7.39 34.31
CA ALA J 72 9.86 7.88 35.67
C ALA J 72 8.54 8.58 36.01
N TYR J 73 7.91 9.22 35.05
CA TYR J 73 6.62 9.89 35.30
C TYR J 73 5.49 8.92 35.56
N ARG J 74 5.36 7.89 34.73
CA ARG J 74 4.31 6.90 34.97
C ARG J 74 4.57 6.01 36.18
N TYR J 75 5.81 5.89 36.63
CA TYR J 75 6.07 5.25 37.92
C TYR J 75 5.89 6.19 39.11
N ARG J 76 5.88 7.49 38.88
CA ARG J 76 5.40 8.41 39.90
C ARG J 76 3.89 8.28 40.07
N HIS J 77 3.17 8.20 38.96
CA HIS J 77 1.71 8.08 38.97
C HIS J 77 1.30 6.64 38.64
N LYS J 78 1.66 5.75 39.56
CA LYS J 78 1.33 4.34 39.46
C LYS J 78 -0.18 4.14 39.38
N PRO J 79 -0.62 3.01 38.81
CA PRO J 79 -2.04 2.63 38.88
C PRO J 79 -2.51 2.48 40.32
N GLN J 80 -3.66 3.08 40.62
CA GLN J 80 -4.21 3.13 41.97
C GLN J 80 -5.36 2.12 42.06
N GLN J 81 -5.21 1.14 42.96
CA GLN J 81 -6.10 -0.02 43.01
C GLN J 81 -7.14 0.14 44.10
N GLU J 82 -8.40 -0.12 43.74
CA GLU J 82 -9.52 -0.17 44.67
C GLU J 82 -10.15 -1.54 44.63
N ALA J 83 -10.62 -2.01 45.79
CA ALA J 83 -11.04 -3.40 46.00
C ALA J 83 -12.12 -3.86 45.02
N GLY J 84 -11.77 -4.79 44.14
CA GLY J 84 -12.69 -5.34 43.17
C GLY J 84 -13.06 -4.45 42.03
N ARG J 85 -12.49 -3.27 41.96
CA ARG J 85 -12.67 -2.35 40.85
C ARG J 85 -11.53 -2.55 39.86
N PRO J 86 -11.68 -2.13 38.61
CA PRO J 86 -10.52 -2.02 37.75
C PRO J 86 -9.60 -0.91 38.25
N PRO J 87 -8.29 -1.04 38.02
CA PRO J 87 -7.35 -0.03 38.55
C PRO J 87 -7.58 1.34 37.96
N THR J 88 -7.48 2.35 38.83
CA THR J 88 -7.43 3.74 38.38
C THR J 88 -6.02 4.06 37.89
N VAL J 89 -5.90 4.40 36.61
CA VAL J 89 -4.59 4.52 35.97
C VAL J 89 -4.49 5.89 35.32
N PRO J 90 -4.08 6.92 36.07
CA PRO J 90 -4.09 8.29 35.51
C PRO J 90 -3.24 8.46 34.27
N VAL J 91 -2.07 7.82 34.22
CA VAL J 91 -1.13 7.95 33.11
C VAL J 91 -0.93 6.59 32.46
N VAL J 92 -1.24 6.50 31.18
CA VAL J 92 -0.90 5.36 30.35
C VAL J 92 0.34 5.72 29.53
N TYR J 93 1.34 4.84 29.54
CA TYR J 93 2.53 4.97 28.71
C TYR J 93 2.57 3.80 27.74
N ILE J 94 2.62 4.11 26.44
CA ILE J 94 2.79 3.11 25.40
C ILE J 94 3.94 3.54 24.50
N ARG J 95 4.77 2.57 24.11
CA ARG J 95 5.61 2.73 22.93
C ARG J 95 5.12 1.83 21.82
N PRO J 96 4.44 2.37 20.81
CA PRO J 96 4.05 1.58 19.64
C PRO J 96 5.23 0.85 19.01
N HIS J 97 4.93 -0.29 18.41
CA HIS J 97 5.86 -0.91 17.48
C HIS J 97 5.89 -0.12 16.18
N GLN J 98 6.87 -0.42 15.33
CA GLN J 98 6.95 0.25 14.04
C GLN J 98 5.68 0.04 13.23
N LYS J 99 5.32 1.05 12.46
CA LYS J 99 4.12 1.06 11.62
C LYS J 99 2.89 0.60 12.41
N CYS J 100 2.63 1.31 13.51
CA CYS J 100 1.50 0.99 14.37
C CYS J 100 0.19 1.36 13.69
N GLY J 101 -0.66 0.37 13.44
CA GLY J 101 -2.02 0.63 13.04
C GLY J 101 -2.91 0.88 14.24
N PRO J 102 -4.18 1.19 13.96
CA PRO J 102 -5.11 1.45 15.07
C PRO J 102 -5.39 0.24 15.94
N LYS J 103 -5.45 -0.95 15.36
CA LYS J 103 -5.63 -2.15 16.16
C LYS J 103 -4.44 -2.39 17.09
N ASP J 104 -3.23 -2.21 16.58
CA ASP J 104 -2.03 -2.26 17.41
C ASP J 104 -2.07 -1.23 18.54
N LEU J 105 -2.52 -0.01 18.25
CA LEU J 105 -2.64 1.01 19.28
C LEU J 105 -3.64 0.62 20.36
N PHE J 106 -4.82 0.16 19.95
CA PHE J 106 -5.85 -0.25 20.90
C PHE J 106 -5.40 -1.44 21.75
N LYS J 107 -4.65 -2.36 21.17
CA LYS J 107 -4.06 -3.46 21.94
C LYS J 107 -3.05 -2.97 22.97
N LYS J 108 -2.13 -2.11 22.56
CA LYS J 108 -1.18 -1.49 23.47
C LYS J 108 -1.87 -0.83 24.67
N ILE J 109 -2.89 -0.01 24.41
CA ILE J 109 -3.58 0.69 25.49
C ILE J 109 -4.34 -0.29 26.38
N THR J 110 -5.09 -1.21 25.78
CA THR J 110 -5.88 -2.16 26.55
C THR J 110 -5.01 -3.08 27.41
N GLU J 111 -3.93 -3.62 26.85
CA GLU J 111 -3.01 -4.44 27.63
C GLU J 111 -2.35 -3.67 28.77
N TYR J 112 -2.07 -2.38 28.57
CA TYR J 112 -1.51 -1.58 29.66
C TYR J 112 -2.48 -1.45 30.83
N LEU J 113 -3.77 -1.32 30.55
CA LEU J 113 -4.79 -1.28 31.60
C LEU J 113 -5.10 -2.66 32.19
N LYS J 114 -4.29 -3.67 31.92
CA LYS J 114 -4.38 -5.02 32.48
C LYS J 114 -5.62 -5.77 32.03
N TYR J 115 -6.22 -5.36 30.93
CA TYR J 115 -7.24 -6.13 30.24
C TYR J 115 -6.57 -7.00 29.19
N ARG J 116 -7.21 -8.11 28.85
CA ARG J 116 -6.79 -8.92 27.72
C ARG J 116 -7.68 -8.61 26.52
N VAL J 117 -7.05 -8.38 25.37
CA VAL J 117 -7.81 -8.17 24.15
C VAL J 117 -8.43 -9.48 23.70
N THR J 118 -9.52 -9.39 22.97
CA THR J 118 -10.22 -10.55 22.45
C THR J 118 -10.29 -10.43 20.94
N LYS J 119 -10.20 -11.59 20.27
CA LYS J 119 -10.41 -11.71 18.84
C LYS J 119 -11.59 -10.88 18.39
N GLY J 120 -11.35 -9.91 17.50
CA GLY J 120 -12.40 -8.97 17.15
C GLY J 120 -11.98 -8.06 16.02
N THR J 121 -12.95 -7.26 15.58
CA THR J 121 -12.74 -6.27 14.54
C THR J 121 -12.08 -5.02 15.12
N VAL J 122 -11.57 -4.17 14.23
CA VAL J 122 -11.05 -2.86 14.64
C VAL J 122 -12.10 -2.05 15.39
N SER J 123 -13.38 -2.21 15.03
CA SER J 123 -14.46 -1.53 15.74
C SER J 123 -14.67 -2.07 17.15
N ASP J 124 -14.47 -3.38 17.36
CA ASP J 124 -14.52 -3.93 18.71
C ASP J 124 -13.35 -3.44 19.56
N PHE J 125 -12.15 -3.50 19.01
CA PHE J 125 -10.97 -2.99 19.71
C PHE J 125 -11.10 -1.52 20.07
N ARG J 126 -11.67 -0.72 19.17
CA ARG J 126 -11.93 0.69 19.49
C ARG J 126 -12.90 0.83 20.65
N ASP J 127 -14.09 0.25 20.54
CA ASP J 127 -15.11 0.43 21.58
C ASP J 127 -14.66 -0.11 22.92
N ARG J 128 -13.93 -1.22 22.92
CA ARG J 128 -13.34 -1.72 24.16
C ARG J 128 -12.28 -0.78 24.71
N THR J 129 -11.43 -0.22 23.86
CA THR J 129 -10.44 0.74 24.31
C THR J 129 -11.08 1.98 24.93
N ILE J 130 -12.06 2.55 24.26
CA ILE J 130 -12.74 3.73 24.79
C ILE J 130 -13.42 3.40 26.11
N GLU J 131 -14.01 2.21 26.21
CA GLU J 131 -14.66 1.76 27.43
C GLU J 131 -13.70 1.63 28.61
N VAL J 132 -12.48 1.17 28.38
CA VAL J 132 -11.53 1.04 29.48
C VAL J 132 -10.70 2.29 29.75
N LEU J 133 -10.50 3.15 28.75
CA LEU J 133 -9.94 4.48 29.05
C LEU J 133 -10.86 5.27 29.96
N LYS J 134 -12.16 5.14 29.80
CA LYS J 134 -13.11 5.49 30.85
C LYS J 134 -13.12 4.41 31.92
N GLY J 135 -13.45 4.80 33.14
CA GLY J 135 -13.53 3.81 34.21
C GLY J 135 -12.21 3.38 34.81
N CYS J 136 -11.17 3.18 34.01
CA CYS J 136 -9.82 3.29 34.55
C CYS J 136 -9.42 4.73 34.84
N GLY J 137 -10.23 5.71 34.46
CA GLY J 137 -9.98 7.10 34.80
C GLY J 137 -8.71 7.69 34.24
N VAL J 138 -8.35 7.30 33.02
CA VAL J 138 -7.15 7.80 32.38
C VAL J 138 -7.24 9.31 32.14
N GLU J 139 -6.23 10.02 32.58
CA GLU J 139 -6.10 11.46 32.41
C GLU J 139 -5.12 11.83 31.30
N MET J 140 -4.08 11.04 31.11
CA MET J 140 -3.01 11.32 30.18
C MET J 140 -2.60 10.05 29.48
N LEU J 141 -2.36 10.17 28.18
CA LEU J 141 -1.81 9.09 27.37
C LEU J 141 -0.51 9.59 26.76
N ILE J 142 0.59 8.91 27.10
CA ILE J 142 1.90 9.23 26.55
C ILE J 142 2.20 8.23 25.44
N ILE J 143 2.48 8.73 24.25
CA ILE J 143 2.83 7.88 23.11
C ILE J 143 4.29 8.19 22.79
N ASP J 144 5.16 7.30 23.22
CA ASP J 144 6.59 7.41 23.00
C ASP J 144 6.94 6.90 21.61
N GLU J 145 7.75 7.67 20.88
CA GLU J 145 8.04 7.46 19.47
C GLU J 145 6.77 7.44 18.62
N ALA J 146 5.92 8.44 18.86
CA ALA J 146 4.68 8.59 18.12
C ALA J 146 4.89 8.70 16.61
N ASP J 147 6.10 8.99 16.15
CA ASP J 147 6.43 8.92 14.72
C ASP J 147 6.27 7.51 14.15
N ARG J 148 6.14 6.49 14.98
CA ARG J 148 5.85 5.13 14.53
C ARG J 148 4.39 4.92 14.16
N LEU J 149 3.49 5.82 14.55
CA LEU J 149 2.10 5.74 14.14
C LEU J 149 1.96 5.88 12.63
N LYS J 150 1.19 4.99 12.01
CA LYS J 150 0.71 5.21 10.66
C LYS J 150 -0.15 6.48 10.61
N PRO J 151 -0.08 7.24 9.52
CA PRO J 151 -0.91 8.45 9.39
C PRO J 151 -2.39 8.26 9.67
N GLU J 152 -2.96 7.10 9.32
CA GLU J 152 -4.37 6.83 9.64
C GLU J 152 -4.64 6.67 11.13
N THR J 153 -3.72 6.12 11.90
CA THR J 153 -3.98 5.91 13.32
C THR J 153 -3.86 7.20 14.14
N PHE J 154 -3.29 8.27 13.57
CA PHE J 154 -3.35 9.58 14.21
C PHE J 154 -4.76 10.11 14.35
N ALA J 155 -5.68 9.71 13.47
CA ALA J 155 -7.08 10.09 13.64
C ALA J 155 -7.72 9.44 14.86
N ASP J 156 -7.36 8.19 15.15
CA ASP J 156 -7.86 7.57 16.37
C ASP J 156 -7.23 8.16 17.62
N VAL J 157 -5.96 8.54 17.55
CA VAL J 157 -5.33 9.28 18.64
C VAL J 157 -6.01 10.62 18.86
N ARG J 158 -6.29 11.35 17.78
CA ARG J 158 -7.00 12.62 17.90
C ARG J 158 -8.40 12.46 18.48
N ASP J 159 -9.12 11.41 18.10
CA ASP J 159 -10.44 11.15 18.67
C ASP J 159 -10.38 10.76 20.15
N ILE J 160 -9.36 10.01 20.55
CA ILE J 160 -9.14 9.77 21.98
C ILE J 160 -8.96 11.07 22.75
N ALA J 161 -8.14 11.97 22.22
CA ALA J 161 -7.96 13.28 22.85
C ALA J 161 -9.23 14.12 22.81
N GLU J 162 -9.99 14.06 21.72
CA GLU J 162 -11.16 14.93 21.57
C GLU J 162 -12.37 14.38 22.32
N ASP J 163 -12.65 13.09 22.19
CA ASP J 163 -13.91 12.58 22.70
C ASP J 163 -13.85 12.32 24.19
N LEU J 164 -12.68 11.97 24.71
CA LEU J 164 -12.48 11.84 26.14
C LEU J 164 -11.70 13.04 26.64
N GLY J 165 -11.75 13.27 27.94
CA GLY J 165 -10.90 14.29 28.53
C GLY J 165 -9.49 13.81 28.77
N ILE J 166 -8.72 13.55 27.72
CA ILE J 166 -7.40 12.95 27.87
C ILE J 166 -6.36 13.84 27.21
N ALA J 167 -5.33 14.21 27.99
CA ALA J 167 -4.13 14.84 27.48
C ALA J 167 -3.24 13.80 26.81
N VAL J 168 -3.10 13.89 25.50
CA VAL J 168 -2.20 13.02 24.77
C VAL J 168 -0.84 13.71 24.61
N VAL J 169 0.22 12.99 24.95
CA VAL J 169 1.59 13.48 24.85
C VAL J 169 2.31 12.65 23.80
N LEU J 170 2.65 13.27 22.68
CA LEU J 170 3.47 12.63 21.67
C LEU J 170 4.94 12.88 21.96
N VAL J 171 5.74 11.82 21.97
CA VAL J 171 7.18 11.91 22.26
C VAL J 171 7.94 11.38 21.05
N GLY J 172 8.97 12.12 20.65
CA GLY J 172 9.78 11.68 19.53
C GLY J 172 10.98 12.58 19.37
N THR J 173 11.84 12.22 18.43
CA THR J 173 12.89 13.12 17.98
C THR J 173 12.32 14.02 16.89
N ASP J 174 13.18 14.83 16.27
CA ASP J 174 12.74 15.76 15.22
C ASP J 174 12.07 15.07 14.04
N ARG J 175 12.20 13.75 13.90
CA ARG J 175 11.43 13.00 12.93
C ARG J 175 9.93 13.06 13.21
N LEU J 176 9.55 13.23 14.47
CA LEU J 176 8.15 13.45 14.81
C LEU J 176 7.64 14.80 14.31
N ASP J 177 8.42 15.86 14.51
CA ASP J 177 8.06 17.19 14.05
C ASP J 177 7.74 17.24 12.55
N ALA J 178 8.46 16.46 11.75
CA ALA J 178 8.14 16.35 10.33
C ALA J 178 6.81 15.64 10.07
N VAL J 179 6.66 14.44 10.64
CA VAL J 179 5.43 13.65 10.48
C VAL J 179 4.19 14.41 10.91
N ILE J 180 4.29 15.15 12.02
CA ILE J 180 3.16 15.96 12.48
C ILE J 180 2.80 17.05 11.47
N LYS J 181 3.80 17.73 10.91
CA LYS J 181 3.54 18.82 9.96
C LYS J 181 2.82 18.36 8.69
N ARG J 182 2.90 17.08 8.34
CA ARG J 182 2.19 16.55 7.18
C ARG J 182 0.68 16.43 7.37
N ASP J 183 0.16 16.60 8.59
CA ASP J 183 -1.30 16.59 8.79
C ASP J 183 -1.70 17.82 9.59
N GLU J 184 -2.35 18.77 8.91
CA GLU J 184 -2.86 20.00 9.52
C GLU J 184 -3.64 19.76 10.81
N GLN J 185 -4.45 18.70 10.85
CA GLN J 185 -5.29 18.47 12.01
C GLN J 185 -4.51 17.95 13.22
N VAL J 186 -3.44 17.20 13.00
CA VAL J 186 -2.55 16.81 14.09
C VAL J 186 -1.68 17.98 14.52
N LEU J 187 -1.01 18.62 13.56
CA LEU J 187 -0.14 19.75 13.87
C LEU J 187 -0.85 20.82 14.70
N GLU J 188 -2.09 21.14 14.34
CA GLU J 188 -2.84 22.20 15.01
C GLU J 188 -3.39 21.79 16.37
N ARG J 189 -3.42 20.49 16.69
CA ARG J 189 -3.79 20.01 18.01
C ARG J 189 -2.61 19.84 18.97
N PHE J 190 -1.43 19.50 18.46
CA PHE J 190 -0.28 19.15 19.27
C PHE J 190 0.83 20.20 19.28
N ARG J 191 0.54 21.46 18.96
CA ARG J 191 1.62 22.42 18.78
C ARG J 191 2.27 22.92 20.08
N ALA J 192 1.60 22.84 21.23
CA ALA J 192 2.30 23.09 22.48
C ALA J 192 3.36 22.02 22.68
N HIS J 193 4.58 22.45 22.99
CA HIS J 193 5.69 21.51 23.08
C HIS J 193 6.66 21.87 24.21
N LEU J 194 7.43 20.86 24.60
CA LEU J 194 8.61 20.99 25.43
C LEU J 194 9.81 20.49 24.65
N ARG J 195 10.95 21.17 24.80
CA ARG J 195 12.20 20.76 24.17
C ARG J 195 13.10 20.12 25.21
N PHE J 196 13.61 18.93 24.88
CA PHE J 196 14.48 18.16 25.75
C PHE J 196 15.91 18.27 25.25
N GLY J 197 16.80 18.82 26.08
CA GLY J 197 18.09 19.29 25.62
C GLY J 197 19.27 18.39 25.96
N LYS J 198 20.35 18.61 25.22
CA LYS J 198 21.69 18.25 25.66
C LYS J 198 22.04 18.90 26.99
N LEU J 199 22.95 18.24 27.72
CA LEU J 199 23.64 18.87 28.83
C LEU J 199 24.75 19.77 28.32
N SER J 200 25.07 20.82 29.08
CA SER J 200 26.29 21.57 28.83
C SER J 200 26.77 22.25 30.11
N GLY J 201 28.04 22.63 30.10
CA GLY J 201 28.58 23.52 31.11
C GLY J 201 28.48 23.01 32.53
N GLU J 202 27.91 23.84 33.40
CA GLU J 202 27.75 23.50 34.81
C GLU J 202 26.82 22.31 35.02
N ASP J 203 25.79 22.17 34.19
CA ASP J 203 24.92 21.01 34.31
C ASP J 203 25.68 19.72 34.04
N PHE J 204 26.53 19.72 33.02
CA PHE J 204 27.31 18.53 32.71
C PHE J 204 28.33 18.22 33.79
N LYS J 205 29.06 19.24 34.26
CA LYS J 205 29.98 19.06 35.39
C LYS J 205 29.29 18.44 36.59
N ASN J 206 28.14 18.98 36.99
CA ASN J 206 27.41 18.43 38.12
C ASN J 206 26.96 17.00 37.87
N THR J 207 26.44 16.72 36.68
CA THR J 207 25.95 15.38 36.35
C THR J 207 27.06 14.33 36.38
N VAL J 208 28.23 14.68 35.86
CA VAL J 208 29.36 13.75 35.89
C VAL J 208 29.71 13.35 37.32
N GLU J 209 29.82 14.34 38.21
CA GLU J 209 30.06 14.06 39.62
C GLU J 209 28.92 13.25 40.24
N MET J 210 27.69 13.55 39.85
CA MET J 210 26.53 12.81 40.33
C MET J 210 26.51 11.35 39.86
N TRP J 211 26.98 11.09 38.64
CA TRP J 211 27.14 9.71 38.19
C TRP J 211 28.18 8.96 39.01
N GLU J 212 29.31 9.59 39.31
CA GLU J 212 30.32 8.97 40.14
C GLU J 212 29.78 8.65 41.53
N GLN J 213 29.04 9.57 42.11
CA GLN J 213 28.41 9.33 43.41
C GLN J 213 27.29 8.28 43.33
N MET J 214 26.39 8.40 42.36
CA MET J 214 25.14 7.66 42.45
C MET J 214 25.06 6.42 41.58
N VAL J 215 25.81 6.34 40.50
CA VAL J 215 25.70 5.24 39.54
C VAL J 215 26.90 4.32 39.64
N LEU J 216 28.11 4.86 39.51
CA LEU J 216 29.30 4.03 39.44
C LEU J 216 29.59 3.40 40.80
N LYS J 217 29.62 4.21 41.86
CA LYS J 217 29.71 3.72 43.23
C LYS J 217 30.89 2.77 43.41
N LEU J 218 31.99 3.07 42.73
CA LEU J 218 33.17 2.23 42.80
C LEU J 218 33.87 2.39 44.15
N PRO J 219 34.71 1.42 44.52
CA PRO J 219 35.47 1.53 45.78
C PRO J 219 36.26 2.81 45.97
N VAL J 220 36.79 3.39 44.90
CA VAL J 220 37.67 4.55 45.00
C VAL J 220 37.22 5.62 44.02
N SER J 221 37.36 6.88 44.41
CA SER J 221 36.95 7.99 43.57
C SER J 221 37.82 8.10 42.32
N SER J 222 37.17 8.36 41.19
CA SER J 222 37.84 8.64 39.94
C SER J 222 38.06 10.13 39.70
N ASN J 223 37.33 10.98 40.42
CA ASN J 223 37.38 12.43 40.25
C ASN J 223 37.16 12.83 38.80
N LEU J 224 36.07 12.31 38.22
CA LEU J 224 35.77 12.50 36.82
C LEU J 224 35.51 13.97 36.48
N LYS J 225 35.23 14.77 37.51
CA LYS J 225 35.14 16.23 37.42
C LYS J 225 36.50 16.90 37.19
N SER J 226 37.61 16.20 37.36
CA SER J 226 38.92 16.78 37.12
C SER J 226 39.09 17.20 35.66
N LYS J 227 39.85 18.28 35.46
CA LYS J 227 40.00 18.93 34.16
C LYS J 227 40.24 17.94 33.03
N GLU J 228 41.20 17.05 33.18
CA GLU J 228 41.47 16.07 32.13
C GLU J 228 40.28 15.14 31.92
N MET J 229 39.81 14.51 32.99
CA MET J 229 38.70 13.58 32.87
C MET J 229 37.44 14.27 32.34
N LEU J 230 37.15 15.46 32.86
CA LEU J 230 35.97 16.20 32.43
C LEU J 230 36.07 16.68 30.98
N ARG J 231 37.28 16.96 30.50
CA ARG J 231 37.47 17.33 29.11
C ARG J 231 37.40 16.13 28.17
N ILE J 232 37.98 15.01 28.57
CA ILE J 232 37.80 13.76 27.82
C ILE J 232 36.31 13.40 27.74
N LEU J 233 35.62 13.45 28.88
CA LEU J 233 34.19 13.14 28.89
C LEU J 233 33.38 14.12 28.04
N THR J 234 33.67 15.42 28.13
CA THR J 234 32.94 16.39 27.33
C THR J 234 33.07 16.10 25.83
N SER J 235 34.28 15.76 25.39
CA SER J 235 34.50 15.53 23.97
C SER J 235 33.75 14.29 23.47
N ALA J 236 33.84 13.18 24.20
CA ALA J 236 33.15 11.96 23.80
C ALA J 236 31.64 12.02 24.03
N THR J 237 31.20 12.63 25.13
CA THR J 237 29.77 12.61 25.45
C THR J 237 28.99 13.61 24.62
N GLU J 238 29.57 14.77 24.32
CA GLU J 238 28.91 15.86 23.60
C GLU J 238 27.61 16.33 24.26
N GLY J 239 27.44 16.06 25.55
CA GLY J 239 26.22 16.41 26.25
C GLY J 239 25.08 15.42 26.16
N TYR J 240 25.23 14.32 25.43
CA TYR J 240 24.21 13.28 25.42
C TYR J 240 24.27 12.46 26.70
N ILE J 241 23.17 12.43 27.44
CA ILE J 241 23.15 11.66 28.69
C ILE J 241 23.33 10.18 28.40
N GLY J 242 22.86 9.71 27.25
CA GLY J 242 23.06 8.32 26.88
C GLY J 242 24.50 7.93 26.61
N ARG J 243 25.27 8.82 26.00
CA ARG J 243 26.71 8.57 25.87
C ARG J 243 27.41 8.53 27.21
N LEU J 244 27.10 9.47 28.09
CA LEU J 244 27.74 9.51 29.42
C LEU J 244 27.51 8.23 30.20
N ASP J 245 26.27 7.77 30.25
CA ASP J 245 25.96 6.55 30.99
C ASP J 245 26.70 5.33 30.43
N GLU J 246 26.67 5.16 29.10
CA GLU J 246 27.29 3.99 28.49
C GLU J 246 28.82 4.07 28.47
N ILE J 247 29.39 5.27 28.46
CA ILE J 247 30.83 5.41 28.56
C ILE J 247 31.30 5.10 29.98
N LEU J 248 30.66 5.72 30.98
CA LEU J 248 31.10 5.55 32.36
C LEU J 248 30.89 4.12 32.85
N ARG J 249 29.77 3.49 32.53
CA ARG J 249 29.54 2.11 32.94
C ARG J 249 30.53 1.13 32.30
N GLU J 250 30.78 1.27 30.99
CA GLU J 250 31.78 0.42 30.35
C GLU J 250 33.19 0.70 30.86
N ALA J 251 33.52 1.96 31.12
CA ALA J 251 34.83 2.28 31.70
C ALA J 251 35.00 1.66 33.08
N ALA J 252 33.94 1.68 33.90
CA ALA J 252 33.98 1.01 35.19
C ALA J 252 34.14 -0.50 35.06
N ILE J 253 33.33 -1.13 34.21
CA ILE J 253 33.39 -2.57 34.03
C ILE J 253 34.77 -3.01 33.53
N ARG J 254 35.34 -2.28 32.57
CA ARG J 254 36.71 -2.57 32.14
C ARG J 254 37.71 -2.42 33.28
N SER J 255 37.65 -1.29 33.99
CA SER J 255 38.59 -1.01 35.07
C SER J 255 38.55 -2.09 36.15
N LEU J 256 37.36 -2.48 36.59
CA LEU J 256 37.22 -3.56 37.56
C LEU J 256 37.69 -4.91 37.01
N SER J 257 37.38 -5.20 35.75
CA SER J 257 37.75 -6.49 35.17
C SER J 257 39.27 -6.69 35.14
N ARG J 258 40.01 -5.65 34.79
CA ARG J 258 41.45 -5.68 34.84
C ARG J 258 42.03 -5.29 36.20
N GLY J 259 41.21 -5.21 37.23
CA GLY J 259 41.68 -5.17 38.61
C GLY J 259 41.93 -3.82 39.22
N LEU J 260 41.59 -2.73 38.55
CA LEU J 260 41.70 -1.43 39.20
C LEU J 260 40.57 -1.18 40.18
N LYS J 261 40.83 -0.27 41.13
CA LYS J 261 39.86 0.13 42.14
C LYS J 261 38.96 1.25 41.65
N LYS J 262 39.27 1.84 40.49
CA LYS J 262 38.66 3.07 40.02
C LYS J 262 38.77 3.10 38.50
N ILE J 263 37.98 3.96 37.86
CA ILE J 263 38.31 4.40 36.52
C ILE J 263 39.55 5.28 36.55
N ASP J 264 40.43 5.08 35.57
CA ASP J 264 41.55 5.99 35.37
C ASP J 264 41.62 6.43 33.92
N LYS J 265 42.41 7.50 33.71
CA LYS J 265 42.44 8.23 32.45
C LYS J 265 42.70 7.31 31.26
N ALA J 266 43.62 6.36 31.41
CA ALA J 266 43.91 5.40 30.34
C ALA J 266 42.70 4.58 29.94
N VAL J 267 42.03 3.95 30.92
CA VAL J 267 40.84 3.16 30.61
C VAL J 267 39.71 4.05 30.11
N LEU J 268 39.53 5.22 30.71
CA LEU J 268 38.52 6.16 30.22
C LEU J 268 38.80 6.57 28.77
N GLN J 269 40.06 6.79 28.42
CA GLN J 269 40.44 7.23 27.08
C GLN J 269 40.37 6.09 26.05
N GLU J 270 40.62 4.86 26.46
CA GLU J 270 40.32 3.70 25.61
C GLU J 270 38.85 3.66 25.20
N VAL J 271 37.93 3.82 26.15
CA VAL J 271 36.50 3.79 25.84
C VAL J 271 36.10 4.98 24.98
N ALA J 272 36.58 6.17 25.32
CA ALA J 272 36.21 7.37 24.55
C ALA J 272 36.74 7.30 23.11
N LYS J 273 37.86 6.62 22.88
CA LYS J 273 38.43 6.52 21.54
C LYS J 273 37.57 5.72 20.57
N GLU J 274 36.63 4.92 21.08
CA GLU J 274 35.75 4.15 20.21
C GLU J 274 34.61 4.97 19.63
N TYR J 275 34.39 6.18 20.11
CA TYR J 275 33.32 7.04 19.64
C TYR J 275 33.79 8.03 18.58
N GLU K 19 42.45 -40.46 -5.18
CA GLU K 19 43.72 -39.98 -5.72
C GLU K 19 44.23 -38.81 -4.90
N TRP K 20 45.55 -38.83 -4.63
CA TRP K 20 46.17 -37.83 -3.76
C TRP K 20 45.96 -36.41 -4.28
N LEU K 21 46.13 -36.20 -5.58
CA LEU K 21 45.96 -34.86 -6.14
C LEU K 21 44.56 -34.32 -5.90
N GLN K 22 43.54 -35.12 -6.20
CA GLN K 22 42.15 -34.74 -5.94
C GLN K 22 41.86 -34.56 -4.46
N ALA K 23 42.51 -35.34 -3.60
CA ALA K 23 42.37 -35.14 -2.16
C ALA K 23 43.00 -33.83 -1.69
N GLU K 24 44.19 -33.50 -2.19
CA GLU K 24 44.81 -32.21 -1.85
C GLU K 24 44.03 -31.04 -2.44
N ILE K 25 43.52 -31.18 -3.65
CA ILE K 25 42.66 -30.15 -4.24
C ILE K 25 41.36 -29.97 -3.45
N ALA K 26 40.77 -31.08 -2.98
CA ALA K 26 39.56 -30.98 -2.17
C ALA K 26 39.80 -30.25 -0.85
N ARG K 27 40.98 -30.41 -0.26
CA ARG K 27 41.35 -29.63 0.92
C ARG K 27 41.58 -28.16 0.60
N LEU K 28 42.42 -27.89 -0.39
CA LEU K 28 42.81 -26.51 -0.68
C LEU K 28 41.66 -25.66 -1.20
N LYS K 29 40.77 -26.24 -2.01
CA LYS K 29 39.60 -25.46 -2.42
C LYS K 29 38.66 -25.15 -1.25
N GLY K 30 38.86 -25.77 -0.09
CA GLY K 30 38.02 -25.53 1.06
C GLY K 30 38.31 -24.20 1.74
N LYS K 31 37.94 -24.13 3.02
CA LYS K 31 38.08 -22.92 3.81
C LYS K 31 38.47 -23.28 5.23
N SER K 32 39.23 -22.39 5.87
CA SER K 32 39.74 -22.61 7.21
C SER K 32 39.84 -21.29 7.95
N ILE K 33 39.95 -21.37 9.27
CA ILE K 33 40.06 -20.20 10.15
C ILE K 33 41.44 -20.19 10.76
N VAL K 34 42.16 -19.10 10.56
CA VAL K 34 43.53 -18.93 11.05
C VAL K 34 43.51 -17.99 12.25
N PRO K 35 44.16 -18.35 13.36
CA PRO K 35 44.28 -17.45 14.53
C PRO K 35 45.08 -16.19 14.27
N LEU K 36 44.57 -15.30 13.41
CA LEU K 36 45.20 -14.01 13.20
C LEU K 36 44.97 -13.07 14.38
N GLN K 37 45.86 -12.08 14.49
CA GLN K 37 45.77 -11.10 15.57
C GLN K 37 44.52 -10.24 15.48
N GLN K 38 44.07 -9.93 14.27
CA GLN K 38 42.86 -9.14 14.08
C GLN K 38 41.64 -9.87 14.65
N VAL K 39 41.59 -11.19 14.49
CA VAL K 39 40.51 -12.00 15.03
C VAL K 39 40.54 -12.00 16.55
N LYS K 40 41.72 -12.23 17.12
CA LYS K 40 41.92 -12.14 18.57
C LYS K 40 41.50 -10.78 19.13
N THR K 41 41.87 -9.70 18.44
CA THR K 41 41.49 -8.35 18.86
C THR K 41 39.97 -8.16 18.90
N LEU K 42 39.27 -8.63 17.87
CA LEU K 42 37.80 -8.58 17.86
C LEU K 42 37.19 -9.39 19.00
N HIS K 43 37.69 -10.60 19.23
CA HIS K 43 37.09 -11.45 20.26
C HIS K 43 37.19 -10.83 21.65
N ASP K 44 38.34 -10.26 21.99
CA ASP K 44 38.47 -9.57 23.27
C ASP K 44 37.55 -8.37 23.35
N TRP K 45 37.39 -7.64 22.25
CA TRP K 45 36.49 -6.50 22.22
C TRP K 45 35.03 -6.94 22.35
N LEU K 46 34.63 -7.98 21.63
CA LEU K 46 33.28 -8.51 21.76
C LEU K 46 33.00 -9.09 23.14
N ASP K 47 33.99 -9.71 23.78
CA ASP K 47 33.82 -10.14 25.17
C ASP K 47 33.52 -8.97 26.10
N GLY K 48 34.22 -7.85 25.94
CA GLY K 48 33.90 -6.67 26.71
C GLY K 48 32.52 -6.10 26.46
N LYS K 49 32.11 -6.04 25.19
CA LYS K 49 30.77 -5.58 24.85
C LYS K 49 29.69 -6.52 25.37
N ARG K 50 29.95 -7.82 25.35
CA ARG K 50 28.99 -8.78 25.88
C ARG K 50 28.84 -8.68 27.39
N LYS K 51 29.95 -8.54 28.14
CA LYS K 51 29.86 -8.27 29.57
C LYS K 51 29.01 -7.04 29.87
N ALA K 52 29.25 -5.95 29.15
CA ALA K 52 28.54 -4.70 29.39
C ALA K 52 27.18 -4.64 28.72
N ARG K 53 26.81 -5.65 27.93
CA ARG K 53 25.60 -5.63 27.11
C ARG K 53 25.52 -4.37 26.25
N LYS K 54 26.66 -3.96 25.70
CA LYS K 54 26.77 -2.70 25.00
C LYS K 54 26.71 -2.93 23.49
N SER K 55 25.76 -2.27 22.84
CA SER K 55 25.59 -2.35 21.41
C SER K 55 26.66 -1.54 20.68
N CYS K 56 27.05 -2.00 19.51
CA CYS K 56 28.22 -1.45 18.81
C CYS K 56 28.16 -1.88 17.35
N ARG K 57 29.10 -1.37 16.56
CA ARG K 57 29.26 -1.82 15.19
C ARG K 57 30.70 -2.23 14.89
N VAL K 58 30.85 -3.21 14.01
CA VAL K 58 32.14 -3.60 13.44
C VAL K 58 32.14 -3.20 11.97
N VAL K 59 33.11 -2.38 11.57
CA VAL K 59 33.17 -1.81 10.24
C VAL K 59 34.55 -2.07 9.65
N GLY K 60 34.57 -2.29 8.35
CA GLY K 60 35.82 -2.45 7.64
C GLY K 60 35.56 -2.78 6.19
N GLU K 61 36.57 -2.52 5.36
CA GLU K 61 36.48 -2.79 3.94
C GLU K 61 36.19 -4.27 3.71
N SER K 62 35.63 -4.55 2.52
CA SER K 62 35.33 -5.92 2.13
C SER K 62 36.55 -6.83 2.16
N ARG K 63 36.32 -8.07 2.60
CA ARG K 63 37.29 -9.17 2.61
C ARG K 63 38.50 -8.90 3.50
N THR K 64 38.34 -8.02 4.49
CA THR K 64 39.28 -7.89 5.60
C THR K 64 39.12 -8.97 6.66
N GLY K 65 38.10 -9.81 6.57
CA GLY K 65 37.96 -10.94 7.47
C GLY K 65 36.96 -10.77 8.59
N LYS K 66 36.08 -9.77 8.52
CA LYS K 66 35.11 -9.52 9.57
C LYS K 66 34.17 -10.71 9.77
N THR K 67 33.60 -11.22 8.69
CA THR K 67 32.67 -12.34 8.77
C THR K 67 33.32 -13.59 9.35
N VAL K 68 34.53 -13.93 8.89
CA VAL K 68 35.25 -15.06 9.47
C VAL K 68 35.50 -14.85 10.96
N ALA K 69 35.86 -13.64 11.36
CA ALA K 69 36.14 -13.36 12.77
C ALA K 69 34.90 -13.42 13.64
N CYS K 70 33.75 -12.94 13.14
CA CYS K 70 32.49 -13.09 13.87
C CYS K 70 32.01 -14.53 13.90
N ASP K 71 32.18 -15.27 12.81
CA ASP K 71 31.81 -16.68 12.79
C ASP K 71 32.65 -17.49 13.77
N ALA K 72 33.95 -17.22 13.84
CA ALA K 72 34.81 -17.82 14.85
C ALA K 72 34.38 -17.47 16.28
N TYR K 73 33.76 -16.31 16.48
CA TYR K 73 33.32 -15.94 17.83
C TYR K 73 32.15 -16.80 18.31
N ARG K 74 31.13 -16.99 17.47
CA ARG K 74 29.98 -17.77 17.90
C ARG K 74 30.34 -19.23 18.18
N TYR K 75 31.32 -19.78 17.47
CA TYR K 75 31.80 -21.13 17.77
C TYR K 75 32.48 -21.21 19.12
N ARG K 76 33.22 -20.18 19.50
CA ARG K 76 33.86 -20.14 20.80
C ARG K 76 32.86 -19.97 21.95
N HIS K 77 31.68 -19.44 21.67
CA HIS K 77 30.62 -19.23 22.65
C HIS K 77 29.35 -19.95 22.22
N LYS K 78 29.52 -21.19 21.78
CA LYS K 78 28.46 -22.01 21.22
C LYS K 78 27.35 -22.31 22.23
N PRO K 79 26.17 -22.70 21.74
CA PRO K 79 25.08 -23.13 22.62
C PRO K 79 25.50 -24.15 23.67
N GLN K 80 25.08 -23.91 24.90
CA GLN K 80 25.34 -24.78 26.04
C GLN K 80 24.06 -25.56 26.36
N GLN K 81 24.17 -26.88 26.38
CA GLN K 81 23.03 -27.75 26.63
C GLN K 81 22.73 -27.89 28.11
N GLU K 82 21.43 -27.95 28.43
CA GLU K 82 20.94 -28.38 29.72
C GLU K 82 19.77 -29.33 29.51
N ALA K 83 19.76 -30.42 30.28
CA ALA K 83 18.87 -31.55 29.99
C ALA K 83 17.41 -31.15 30.03
N GLY K 84 16.74 -31.26 28.88
CA GLY K 84 15.34 -30.94 28.72
C GLY K 84 15.01 -29.47 28.70
N ARG K 85 15.97 -28.59 28.85
CA ARG K 85 15.77 -27.17 28.66
C ARG K 85 15.98 -26.80 27.19
N PRO K 86 15.46 -25.66 26.74
CA PRO K 86 16.00 -25.05 25.53
C PRO K 86 17.45 -24.67 25.74
N PRO K 87 18.24 -24.62 24.66
CA PRO K 87 19.67 -24.32 24.79
C PRO K 87 19.93 -22.92 25.32
N THR K 88 20.95 -22.80 26.17
CA THR K 88 21.47 -21.51 26.57
C THR K 88 22.45 -21.02 25.51
N VAL K 89 22.11 -19.92 24.85
CA VAL K 89 22.83 -19.50 23.66
C VAL K 89 23.33 -18.07 23.85
N PRO K 90 24.54 -17.87 24.38
CA PRO K 90 25.00 -16.50 24.65
C PRO K 90 25.05 -15.61 23.42
N VAL K 91 25.61 -16.10 22.32
CA VAL K 91 25.78 -15.33 21.09
C VAL K 91 24.87 -15.92 20.02
N VAL K 92 24.00 -15.08 19.46
CA VAL K 92 23.28 -15.36 18.22
C VAL K 92 23.96 -14.62 17.09
N TYR K 93 24.24 -15.32 16.00
CA TYR K 93 24.78 -14.70 14.79
C TYR K 93 23.79 -14.93 13.65
N ILE K 94 23.46 -13.87 12.93
CA ILE K 94 22.60 -13.95 11.75
C ILE K 94 23.22 -13.11 10.64
N ARG K 95 23.16 -13.62 9.41
CA ARG K 95 23.26 -12.75 8.25
C ARG K 95 21.90 -12.63 7.57
N PRO K 96 21.24 -11.48 7.67
CA PRO K 96 19.96 -11.29 6.98
C PRO K 96 20.08 -11.46 5.47
N HIS K 97 18.99 -11.89 4.87
CA HIS K 97 18.86 -11.79 3.41
C HIS K 97 18.64 -10.34 3.01
N GLN K 98 18.91 -10.06 1.74
CA GLN K 98 18.69 -8.74 1.18
C GLN K 98 17.26 -8.27 1.43
N LYS K 99 17.12 -6.96 1.66
CA LYS K 99 15.85 -6.33 2.02
C LYS K 99 15.14 -7.03 3.19
N CYS K 100 15.89 -7.34 4.24
CA CYS K 100 15.33 -8.02 5.40
C CYS K 100 14.29 -7.12 6.09
N GLY K 101 13.04 -7.55 6.08
CA GLY K 101 12.01 -6.94 6.89
C GLY K 101 11.97 -7.52 8.28
N PRO K 102 11.06 -7.01 9.13
CA PRO K 102 10.99 -7.50 10.51
C PRO K 102 10.62 -8.97 10.63
N LYS K 103 9.69 -9.47 9.83
CA LYS K 103 9.34 -10.89 9.87
C LYS K 103 10.53 -11.78 9.51
N ASP K 104 11.32 -11.36 8.52
CA ASP K 104 12.52 -12.10 8.15
C ASP K 104 13.55 -12.10 9.28
N LEU K 105 13.74 -10.96 9.92
CA LEU K 105 14.63 -10.87 11.08
C LEU K 105 14.18 -11.79 12.20
N PHE K 106 12.90 -11.76 12.54
CA PHE K 106 12.37 -12.63 13.59
C PHE K 106 12.54 -14.11 13.24
N LYS K 107 12.30 -14.48 11.98
CA LYS K 107 12.56 -15.85 11.53
C LYS K 107 14.03 -16.22 11.62
N LYS K 108 14.90 -15.34 11.18
CA LYS K 108 16.34 -15.55 11.31
C LYS K 108 16.74 -15.83 12.77
N ILE K 109 16.27 -15.02 13.70
CA ILE K 109 16.64 -15.18 15.11
C ILE K 109 16.04 -16.45 15.71
N THR K 110 14.74 -16.66 15.50
CA THR K 110 14.04 -17.79 16.11
C THR K 110 14.58 -19.13 15.61
N GLU K 111 14.87 -19.23 14.32
CA GLU K 111 15.43 -20.46 13.77
C GLU K 111 16.90 -20.67 14.11
N TYR K 112 17.67 -19.63 14.42
CA TYR K 112 19.00 -19.84 14.97
C TYR K 112 18.92 -20.52 16.33
N LEU K 113 17.96 -20.14 17.15
CA LEU K 113 17.70 -20.72 18.46
C LEU K 113 17.03 -22.10 18.41
N LYS K 114 16.97 -22.76 17.25
CA LYS K 114 16.46 -24.12 17.06
C LYS K 114 14.96 -24.26 17.24
N TYR K 115 14.22 -23.17 17.18
CA TYR K 115 12.77 -23.19 17.08
C TYR K 115 12.34 -23.10 15.63
N ARG K 116 11.11 -23.49 15.37
CA ARG K 116 10.50 -23.37 14.05
C ARG K 116 9.42 -22.32 14.10
N VAL K 117 9.45 -21.40 13.14
CA VAL K 117 8.43 -20.36 13.06
C VAL K 117 7.11 -20.99 12.64
N THR K 118 6.02 -20.52 13.24
CA THR K 118 4.68 -20.89 12.80
C THR K 118 4.07 -19.70 12.08
N LYS K 119 3.42 -19.97 10.96
CA LYS K 119 2.77 -18.93 10.16
C LYS K 119 1.91 -18.03 11.04
N GLY K 120 2.12 -16.73 10.93
CA GLY K 120 1.47 -15.81 11.84
C GLY K 120 1.69 -14.37 11.43
N THR K 121 1.11 -13.47 12.21
CA THR K 121 1.30 -12.04 12.02
C THR K 121 2.73 -11.64 12.43
N VAL K 122 3.13 -10.45 12.00
CA VAL K 122 4.38 -9.85 12.48
C VAL K 122 4.39 -9.74 14.00
N SER K 123 3.24 -9.46 14.61
CA SER K 123 3.15 -9.45 16.07
C SER K 123 3.40 -10.82 16.68
N ASP K 124 2.84 -11.88 16.09
CA ASP K 124 3.14 -13.23 16.56
C ASP K 124 4.63 -13.55 16.43
N PHE K 125 5.23 -13.20 15.31
CA PHE K 125 6.66 -13.45 15.12
C PHE K 125 7.50 -12.67 16.11
N ARG K 126 7.16 -11.41 16.38
CA ARG K 126 7.86 -10.61 17.37
C ARG K 126 7.79 -11.23 18.76
N ASP K 127 6.58 -11.55 19.23
CA ASP K 127 6.43 -12.06 20.60
C ASP K 127 7.13 -13.40 20.80
N ARG K 128 7.10 -14.27 19.81
CA ARG K 128 7.84 -15.53 19.91
C ARG K 128 9.35 -15.32 19.91
N THR K 129 9.85 -14.38 19.11
CA THR K 129 11.28 -14.07 19.12
C THR K 129 11.71 -13.53 20.48
N ILE K 130 10.98 -12.58 21.02
CA ILE K 130 11.25 -12.06 22.36
C ILE K 130 11.23 -13.18 23.41
N GLU K 131 10.24 -14.06 23.32
CA GLU K 131 10.17 -15.18 24.27
C GLU K 131 11.37 -16.11 24.19
N VAL K 132 11.93 -16.31 22.99
CA VAL K 132 13.08 -17.20 22.87
C VAL K 132 14.42 -16.49 23.07
N LEU K 133 14.48 -15.17 22.87
CA LEU K 133 15.68 -14.42 23.25
C LEU K 133 15.88 -14.44 24.76
N LYS K 134 14.80 -14.33 25.52
CA LYS K 134 14.76 -14.78 26.89
C LYS K 134 14.71 -16.30 26.95
N GLY K 135 15.11 -16.85 28.07
CA GLY K 135 15.05 -18.30 28.19
C GLY K 135 16.17 -19.05 27.51
N CYS K 136 16.53 -18.67 26.28
CA CYS K 136 17.84 -19.02 25.75
C CYS K 136 18.96 -18.17 26.30
N GLY K 137 18.65 -17.10 27.04
CA GLY K 137 19.67 -16.33 27.72
C GLY K 137 20.65 -15.66 26.79
N VAL K 138 20.16 -15.22 25.62
CA VAL K 138 20.99 -14.55 24.64
C VAL K 138 21.57 -13.27 25.22
N GLU K 139 22.88 -13.11 25.07
CA GLU K 139 23.56 -11.92 25.57
C GLU K 139 23.90 -10.95 24.45
N MET K 140 24.25 -11.47 23.28
CA MET K 140 24.71 -10.67 22.16
C MET K 140 24.10 -11.21 20.87
N LEU K 141 23.62 -10.29 20.04
CA LEU K 141 23.12 -10.58 18.70
C LEU K 141 24.01 -9.89 17.68
N ILE K 142 24.75 -10.67 16.90
CA ILE K 142 25.56 -10.13 15.81
C ILE K 142 24.76 -10.19 14.52
N ILE K 143 24.53 -9.01 13.93
CA ILE K 143 23.83 -8.91 12.64
C ILE K 143 24.86 -8.56 11.57
N ASP K 144 25.33 -9.57 10.85
CA ASP K 144 26.30 -9.36 9.75
C ASP K 144 25.59 -8.81 8.52
N GLU K 145 26.26 -7.94 7.75
CA GLU K 145 25.64 -7.28 6.57
C GLU K 145 24.37 -6.60 7.05
N ALA K 146 24.45 -5.84 8.15
CA ALA K 146 23.27 -5.17 8.74
C ALA K 146 22.65 -4.17 7.76
N ASP K 147 23.44 -3.62 6.86
CA ASP K 147 22.92 -2.74 5.81
C ASP K 147 21.86 -3.39 4.93
N ARG K 148 21.71 -4.71 4.98
CA ARG K 148 20.59 -5.37 4.29
C ARG K 148 19.26 -5.13 4.97
N LEU K 149 19.24 -4.76 6.24
CA LEU K 149 18.01 -4.43 6.94
C LEU K 149 17.29 -3.27 6.28
N LYS K 150 15.98 -3.41 6.10
CA LYS K 150 15.13 -2.27 5.81
C LYS K 150 15.17 -1.23 6.93
N PRO K 151 15.06 0.06 6.61
CA PRO K 151 14.86 1.09 7.64
C PRO K 151 13.70 0.82 8.58
N GLU K 152 12.67 0.14 8.09
CA GLU K 152 11.57 -0.35 8.91
C GLU K 152 12.03 -1.27 10.04
N THR K 153 12.92 -2.20 9.75
CA THR K 153 13.28 -3.23 10.72
C THR K 153 14.33 -2.80 11.73
N PHE K 154 15.02 -1.67 11.52
CA PHE K 154 15.95 -1.15 12.52
C PHE K 154 15.27 -0.76 13.82
N ALA K 155 14.00 -0.35 13.77
CA ALA K 155 13.25 -0.08 14.99
C ALA K 155 13.09 -1.33 15.85
N ASP K 156 12.80 -2.48 15.24
CA ASP K 156 12.74 -3.72 15.99
C ASP K 156 14.10 -4.18 16.51
N VAL K 157 15.18 -3.92 15.78
CA VAL K 157 16.53 -4.17 16.28
C VAL K 157 16.83 -3.32 17.51
N ARG K 158 16.50 -2.03 17.45
CA ARG K 158 16.69 -1.15 18.60
C ARG K 158 15.84 -1.56 19.79
N ASP K 159 14.60 -2.00 19.56
CA ASP K 159 13.75 -2.46 20.65
C ASP K 159 14.25 -3.74 21.30
N ILE K 160 14.88 -4.63 20.53
CA ILE K 160 15.55 -5.79 21.13
C ILE K 160 16.71 -5.35 22.02
N ALA K 161 17.53 -4.42 21.54
CA ALA K 161 18.63 -3.94 22.35
C ALA K 161 18.14 -3.23 23.61
N GLU K 162 17.08 -2.43 23.49
CA GLU K 162 16.60 -1.64 24.62
C GLU K 162 15.78 -2.45 25.61
N ASP K 163 14.87 -3.30 25.14
CA ASP K 163 13.97 -3.96 26.07
C ASP K 163 14.60 -5.19 26.71
N LEU K 164 15.47 -5.87 26.00
CA LEU K 164 16.21 -6.98 26.54
C LEU K 164 17.62 -6.51 26.85
N GLY K 165 18.32 -7.26 27.69
CA GLY K 165 19.69 -6.91 27.98
C GLY K 165 20.67 -7.42 26.95
N ILE K 166 20.56 -7.00 25.70
CA ILE K 166 21.29 -7.65 24.62
C ILE K 166 22.16 -6.62 23.91
N ALA K 167 23.45 -6.93 23.79
CA ALA K 167 24.39 -6.23 22.93
C ALA K 167 24.19 -6.65 21.48
N VAL K 168 23.58 -5.78 20.69
CA VAL K 168 23.50 -5.98 19.24
C VAL K 168 24.77 -5.44 18.59
N VAL K 169 25.38 -6.25 17.73
CA VAL K 169 26.60 -5.89 16.99
C VAL K 169 26.28 -5.86 15.50
N LEU K 170 26.27 -4.67 14.91
CA LEU K 170 26.07 -4.50 13.48
C LEU K 170 27.40 -4.58 12.75
N VAL K 171 27.50 -5.50 11.79
CA VAL K 171 28.71 -5.68 11.00
C VAL K 171 28.44 -5.23 9.57
N GLY K 172 29.41 -4.56 8.97
CA GLY K 172 29.26 -4.18 7.57
C GLY K 172 30.48 -3.44 7.08
N THR K 173 30.36 -2.95 5.85
CA THR K 173 31.33 -2.04 5.25
C THR K 173 30.87 -0.60 5.49
N ASP K 174 31.54 0.36 4.85
CA ASP K 174 31.13 1.76 4.92
C ASP K 174 29.72 1.99 4.40
N ARG K 175 29.17 1.07 3.61
CA ARG K 175 27.75 1.15 3.24
C ARG K 175 26.83 1.06 4.44
N LEU K 176 27.26 0.38 5.50
CA LEU K 176 26.49 0.36 6.74
C LEU K 176 26.46 1.72 7.41
N ASP K 177 27.62 2.37 7.51
CA ASP K 177 27.69 3.72 8.03
C ASP K 177 26.80 4.68 7.25
N ALA K 178 26.71 4.52 5.93
CA ALA K 178 25.79 5.34 5.14
C ALA K 178 24.34 5.11 5.53
N VAL K 179 23.93 3.84 5.68
CA VAL K 179 22.58 3.51 6.11
C VAL K 179 22.32 4.03 7.53
N ILE K 180 23.24 3.75 8.45
CA ILE K 180 23.10 4.16 9.84
C ILE K 180 22.93 5.68 9.97
N LYS K 181 23.68 6.44 9.17
CA LYS K 181 23.58 7.90 9.21
C LYS K 181 22.19 8.45 8.92
N ARG K 182 21.32 7.67 8.27
CA ARG K 182 20.00 8.15 7.88
C ARG K 182 18.97 8.18 8.99
N ASP K 183 19.28 7.67 10.17
CA ASP K 183 18.37 7.78 11.32
C ASP K 183 19.22 8.04 12.55
N GLU K 184 19.05 9.21 13.16
CA GLU K 184 19.78 9.54 14.37
C GLU K 184 19.60 8.50 15.47
N GLN K 185 18.42 7.89 15.58
CA GLN K 185 18.19 6.96 16.67
C GLN K 185 19.02 5.69 16.53
N VAL K 186 19.28 5.25 15.31
CA VAL K 186 20.18 4.13 15.08
C VAL K 186 21.63 4.58 15.25
N LEU K 187 22.00 5.64 14.55
CA LEU K 187 23.36 6.18 14.63
C LEU K 187 23.83 6.41 16.06
N GLU K 188 22.97 6.96 16.92
CA GLU K 188 23.39 7.31 18.27
C GLU K 188 23.38 6.13 19.24
N ARG K 189 22.72 5.04 18.90
CA ARG K 189 22.82 3.82 19.68
C ARG K 189 24.02 2.96 19.31
N PHE K 190 24.48 3.05 18.07
CA PHE K 190 25.55 2.22 17.54
C PHE K 190 26.85 3.00 17.31
N ARG K 191 27.09 4.03 18.13
CA ARG K 191 28.28 4.88 18.00
C ARG K 191 29.59 4.11 18.21
N ALA K 192 29.66 3.29 19.25
CA ALA K 192 30.90 2.54 19.48
C ALA K 192 31.18 1.61 18.31
N HIS K 193 32.41 1.65 17.81
CA HIS K 193 32.80 0.79 16.71
C HIS K 193 34.21 0.27 16.86
N LEU K 194 34.48 -0.83 16.17
CA LEU K 194 35.81 -1.37 15.95
C LEU K 194 36.08 -1.41 14.45
N ARG K 195 37.26 -0.96 14.04
CA ARG K 195 37.64 -0.92 12.64
C ARG K 195 38.54 -2.10 12.29
N PHE K 196 38.10 -2.93 11.36
CA PHE K 196 38.97 -3.87 10.64
C PHE K 196 39.73 -3.14 9.55
N GLY K 197 40.97 -3.59 9.32
CA GLY K 197 41.77 -2.94 8.30
C GLY K 197 42.69 -3.87 7.55
N LYS K 198 43.27 -3.32 6.48
CA LYS K 198 44.31 -3.99 5.70
C LYS K 198 45.54 -4.31 6.54
N LEU K 199 46.12 -5.47 6.30
CA LEU K 199 47.42 -5.83 6.85
C LEU K 199 48.55 -5.13 6.12
N SER K 200 49.69 -4.99 6.80
CA SER K 200 50.87 -4.39 6.20
C SER K 200 52.11 -4.80 7.00
N GLY K 201 53.27 -4.52 6.43
CA GLY K 201 54.54 -4.64 7.14
C GLY K 201 54.80 -6.04 7.66
N GLU K 202 55.35 -6.11 8.88
CA GLU K 202 55.63 -7.40 9.50
C GLU K 202 54.35 -8.18 9.75
N ASP K 203 53.25 -7.50 10.00
CA ASP K 203 51.98 -8.18 10.22
C ASP K 203 51.57 -8.93 8.97
N PHE K 204 51.66 -8.29 7.80
CA PHE K 204 51.45 -8.98 6.54
C PHE K 204 52.49 -10.07 6.28
N LYS K 205 53.76 -9.80 6.59
CA LYS K 205 54.82 -10.78 6.38
C LYS K 205 54.60 -12.04 7.22
N ASN K 206 54.30 -11.88 8.50
CA ASN K 206 54.00 -13.01 9.36
C ASN K 206 52.78 -13.79 8.88
N THR K 207 51.76 -13.09 8.41
CA THR K 207 50.55 -13.73 7.89
C THR K 207 50.82 -14.63 6.69
N VAL K 208 51.69 -14.20 5.78
CA VAL K 208 52.06 -15.04 4.64
C VAL K 208 52.82 -16.29 5.08
N GLU K 209 53.80 -16.14 5.98
CA GLU K 209 54.50 -17.31 6.48
C GLU K 209 53.58 -18.27 7.23
N MET K 210 52.62 -17.74 7.99
CA MET K 210 51.64 -18.58 8.67
C MET K 210 50.73 -19.32 7.69
N TRP K 211 50.36 -18.69 6.57
CA TRP K 211 49.57 -19.39 5.56
C TRP K 211 50.34 -20.56 4.94
N GLU K 212 51.62 -20.36 4.61
CA GLU K 212 52.43 -21.46 4.09
C GLU K 212 52.54 -22.60 5.08
N GLN K 213 52.72 -22.29 6.37
CA GLN K 213 52.79 -23.31 7.40
C GLN K 213 51.45 -23.97 7.65
N MET K 214 50.42 -23.18 7.96
CA MET K 214 49.17 -23.71 8.48
C MET K 214 48.14 -24.08 7.42
N VAL K 215 48.11 -23.42 6.27
CA VAL K 215 46.99 -23.54 5.35
C VAL K 215 47.36 -24.35 4.11
N LEU K 216 48.49 -24.04 3.47
CA LEU K 216 48.84 -24.70 2.23
C LEU K 216 49.37 -26.11 2.46
N LYS K 217 50.25 -26.28 3.43
CA LYS K 217 50.76 -27.59 3.82
C LYS K 217 51.34 -28.37 2.64
N LEU K 218 52.07 -27.68 1.79
CA LEU K 218 52.59 -28.32 0.58
C LEU K 218 53.81 -29.19 0.92
N PRO K 219 54.09 -30.21 0.09
CA PRO K 219 55.22 -31.11 0.40
C PRO K 219 56.57 -30.42 0.50
N VAL K 220 56.76 -29.28 -0.15
CA VAL K 220 58.03 -28.57 -0.12
C VAL K 220 57.76 -27.11 0.22
N SER K 221 58.66 -26.50 0.99
CA SER K 221 58.51 -25.10 1.36
C SER K 221 58.58 -24.19 0.14
N SER K 222 57.63 -23.28 0.04
CA SER K 222 57.56 -22.29 -1.04
C SER K 222 58.25 -20.98 -0.70
N ASN K 223 58.62 -20.75 0.56
CA ASN K 223 59.36 -19.56 0.99
C ASN K 223 58.64 -18.28 0.56
N LEU K 224 57.31 -18.27 0.75
CA LEU K 224 56.46 -17.22 0.22
C LEU K 224 56.77 -15.85 0.85
N LYS K 225 57.43 -15.83 2.00
CA LYS K 225 57.93 -14.60 2.60
C LYS K 225 59.30 -14.16 2.08
N SER K 226 59.82 -14.78 1.04
CA SER K 226 61.01 -14.26 0.37
C SER K 226 60.67 -12.97 -0.39
N LYS K 227 61.71 -12.14 -0.58
CA LYS K 227 61.53 -10.81 -1.16
C LYS K 227 60.75 -10.82 -2.48
N GLU K 228 61.18 -11.63 -3.45
CA GLU K 228 60.50 -11.59 -4.74
C GLU K 228 59.10 -12.18 -4.67
N MET K 229 58.80 -13.01 -3.67
CA MET K 229 57.43 -13.45 -3.43
C MET K 229 56.60 -12.40 -2.70
N LEU K 230 57.17 -11.81 -1.64
CA LEU K 230 56.47 -10.75 -0.93
C LEU K 230 56.14 -9.56 -1.81
N ARG K 231 56.99 -9.26 -2.78
CA ARG K 231 56.73 -8.12 -3.66
C ARG K 231 55.45 -8.27 -4.45
N ILE K 232 55.27 -9.42 -5.11
CA ILE K 232 54.07 -9.65 -5.91
C ILE K 232 52.85 -9.91 -5.01
N LEU K 233 53.04 -10.58 -3.88
CA LEU K 233 51.93 -10.78 -2.94
C LEU K 233 51.48 -9.46 -2.33
N THR K 234 52.42 -8.56 -2.01
CA THR K 234 52.04 -7.28 -1.44
C THR K 234 51.21 -6.47 -2.42
N SER K 235 51.60 -6.44 -3.69
CA SER K 235 50.92 -5.64 -4.69
C SER K 235 49.63 -6.27 -5.18
N ALA K 236 49.54 -7.59 -5.26
CA ALA K 236 48.28 -8.23 -5.63
C ALA K 236 47.24 -8.16 -4.51
N THR K 237 47.64 -8.46 -3.28
CA THR K 237 46.66 -8.50 -2.18
C THR K 237 46.30 -7.13 -1.63
N GLU K 238 47.20 -6.15 -1.71
CA GLU K 238 47.05 -4.86 -1.03
C GLU K 238 46.79 -5.00 0.47
N GLY K 239 47.16 -6.13 1.06
CA GLY K 239 46.89 -6.42 2.45
C GLY K 239 45.52 -6.96 2.78
N TYR K 240 44.69 -7.23 1.79
CA TYR K 240 43.41 -7.90 2.03
C TYR K 240 43.65 -9.39 2.26
N ILE K 241 43.21 -9.87 3.42
CA ILE K 241 43.40 -11.28 3.78
C ILE K 241 42.60 -12.18 2.85
N GLY K 242 41.48 -11.70 2.31
CA GLY K 242 40.71 -12.49 1.38
C GLY K 242 41.37 -12.67 0.02
N ARG K 243 42.09 -11.65 -0.45
CA ARG K 243 42.92 -11.83 -1.63
C ARG K 243 44.07 -12.80 -1.39
N LEU K 244 44.77 -12.66 -0.26
CA LEU K 244 45.88 -13.56 0.06
C LEU K 244 45.44 -15.02 0.10
N ASP K 245 44.35 -15.30 0.82
CA ASP K 245 43.85 -16.67 0.90
C ASP K 245 43.53 -17.23 -0.49
N GLU K 246 42.67 -16.56 -1.24
CA GLU K 246 42.22 -17.04 -2.54
C GLU K 246 43.32 -17.08 -3.59
N ILE K 247 44.30 -16.18 -3.52
CA ILE K 247 45.47 -16.29 -4.38
C ILE K 247 46.29 -17.52 -4.06
N LEU K 248 46.60 -17.75 -2.79
CA LEU K 248 47.40 -18.92 -2.41
C LEU K 248 46.67 -20.24 -2.61
N ARG K 249 45.35 -20.27 -2.39
CA ARG K 249 44.60 -21.47 -2.76
C ARG K 249 44.82 -21.86 -4.22
N GLU K 250 44.44 -20.98 -5.15
CA GLU K 250 44.50 -21.33 -6.57
C GLU K 250 45.93 -21.55 -7.04
N ALA K 251 46.89 -20.78 -6.53
CA ALA K 251 48.29 -21.02 -6.85
C ALA K 251 48.76 -22.40 -6.43
N ALA K 252 48.33 -22.87 -5.26
CA ALA K 252 48.62 -24.25 -4.86
C ALA K 252 47.89 -25.27 -5.74
N ILE K 253 46.63 -25.02 -6.08
CA ILE K 253 45.91 -25.90 -7.01
C ILE K 253 46.61 -25.98 -8.35
N ARG K 254 47.05 -24.84 -8.88
CA ARG K 254 47.75 -24.83 -10.17
C ARG K 254 49.07 -25.60 -10.09
N SER K 255 49.89 -25.31 -9.08
CA SER K 255 51.15 -26.03 -8.93
C SER K 255 50.95 -27.53 -8.80
N LEU K 256 50.03 -27.95 -7.93
CA LEU K 256 49.80 -29.39 -7.76
C LEU K 256 49.20 -30.03 -9.01
N SER K 257 48.30 -29.33 -9.70
CA SER K 257 47.80 -29.80 -10.99
C SER K 257 48.92 -29.97 -12.02
N ARG K 258 49.91 -29.10 -11.98
CA ARG K 258 51.09 -29.16 -12.85
C ARG K 258 52.09 -30.22 -12.43
N GLY K 259 51.81 -30.99 -11.40
CA GLY K 259 52.75 -31.96 -10.89
C GLY K 259 53.93 -31.35 -10.17
N LEU K 260 53.81 -30.07 -9.78
CA LEU K 260 54.77 -29.44 -8.90
C LEU K 260 54.44 -29.79 -7.45
N LYS K 261 55.47 -29.75 -6.60
CA LYS K 261 55.31 -30.01 -5.18
C LYS K 261 55.48 -28.73 -4.37
N LYS K 262 55.48 -27.58 -5.04
CA LYS K 262 55.79 -26.28 -4.49
C LYS K 262 54.98 -25.27 -5.27
N ILE K 263 54.59 -24.17 -4.61
CA ILE K 263 54.18 -22.99 -5.38
C ILE K 263 55.43 -22.35 -5.98
N ASP K 264 55.57 -22.43 -7.30
CA ASP K 264 56.66 -21.77 -7.99
C ASP K 264 56.34 -20.31 -8.28
N LYS K 265 57.39 -19.49 -8.38
CA LYS K 265 57.25 -18.05 -8.58
C LYS K 265 56.40 -17.71 -9.80
N ALA K 266 56.65 -18.38 -10.93
CA ALA K 266 55.90 -18.12 -12.15
C ALA K 266 54.41 -18.43 -11.98
N VAL K 267 54.07 -19.52 -11.31
CA VAL K 267 52.67 -19.84 -11.06
C VAL K 267 52.00 -18.71 -10.26
N LEU K 268 52.68 -18.22 -9.22
CA LEU K 268 52.13 -17.15 -8.41
C LEU K 268 52.02 -15.83 -9.18
N GLN K 269 52.94 -15.56 -10.09
CA GLN K 269 52.81 -14.41 -10.98
C GLN K 269 51.65 -14.53 -11.95
N GLU K 270 51.39 -15.73 -12.47
CA GLU K 270 50.22 -15.94 -13.31
C GLU K 270 48.91 -15.65 -12.58
N VAL K 271 48.78 -16.07 -11.33
CA VAL K 271 47.58 -15.72 -10.56
C VAL K 271 47.52 -14.22 -10.31
N ALA K 272 48.62 -13.62 -9.89
CA ALA K 272 48.61 -12.22 -9.48
C ALA K 272 48.24 -11.27 -10.63
N LYS K 273 48.56 -11.63 -11.87
CA LYS K 273 48.18 -10.73 -12.96
C LYS K 273 46.68 -10.72 -13.24
N GLU K 274 45.92 -11.67 -12.71
CA GLU K 274 44.48 -11.69 -12.94
C GLU K 274 43.75 -10.69 -12.07
N TYR K 275 44.41 -10.08 -11.10
CA TYR K 275 43.72 -9.28 -10.10
C TYR K 275 43.87 -7.79 -10.38
N GLU L 19 15.79 -28.34 -52.55
CA GLU L 19 16.64 -27.80 -53.60
C GLU L 19 17.93 -27.23 -53.03
N TRP L 20 19.01 -27.37 -53.79
CA TRP L 20 20.33 -26.88 -53.45
C TRP L 20 20.30 -25.47 -52.85
N LEU L 21 19.74 -24.51 -53.60
CA LEU L 21 19.83 -23.11 -53.22
C LEU L 21 19.12 -22.83 -51.91
N GLN L 22 17.86 -23.28 -51.78
CA GLN L 22 17.10 -23.08 -50.55
C GLN L 22 17.75 -23.80 -49.36
N ALA L 23 18.31 -24.98 -49.60
CA ALA L 23 19.02 -25.71 -48.54
C ALA L 23 20.28 -25.00 -48.10
N GLU L 24 21.09 -24.52 -49.06
CA GLU L 24 22.31 -23.80 -48.71
C GLU L 24 22.04 -22.48 -48.00
N ILE L 25 21.02 -21.74 -48.43
CA ILE L 25 20.67 -20.52 -47.71
C ILE L 25 20.12 -20.82 -46.32
N ALA L 26 19.24 -21.82 -46.20
CA ALA L 26 18.74 -22.21 -44.89
C ALA L 26 19.85 -22.73 -43.96
N ARG L 27 20.83 -23.44 -44.52
CA ARG L 27 22.00 -23.82 -43.73
C ARG L 27 22.82 -22.62 -43.29
N LEU L 28 23.22 -21.79 -44.25
CA LEU L 28 24.26 -20.79 -44.02
C LEU L 28 23.74 -19.55 -43.30
N LYS L 29 22.43 -19.30 -43.38
CA LYS L 29 21.76 -18.41 -42.44
C LYS L 29 21.89 -18.91 -41.00
N GLY L 30 22.22 -20.18 -40.80
CA GLY L 30 22.30 -20.77 -39.47
C GLY L 30 23.47 -20.33 -38.61
N LYS L 31 23.86 -21.17 -37.66
CA LYS L 31 24.88 -20.84 -36.67
C LYS L 31 25.72 -22.07 -36.38
N SER L 32 27.00 -21.85 -36.08
CA SER L 32 27.90 -22.95 -35.76
C SER L 32 29.05 -22.43 -34.91
N ILE L 33 29.72 -23.34 -34.21
CA ILE L 33 30.82 -23.02 -33.31
C ILE L 33 32.13 -23.48 -33.94
N VAL L 34 33.12 -22.60 -33.96
CA VAL L 34 34.47 -22.90 -34.45
C VAL L 34 35.44 -22.94 -33.27
N PRO L 35 36.34 -23.93 -33.20
CA PRO L 35 37.17 -24.13 -31.99
C PRO L 35 38.35 -23.16 -31.93
N LEU L 36 38.04 -21.88 -31.79
CA LEU L 36 39.06 -20.82 -31.71
C LEU L 36 39.90 -20.95 -30.45
N GLN L 37 41.11 -20.36 -30.52
CA GLN L 37 42.03 -20.35 -29.40
C GLN L 37 41.46 -19.62 -28.18
N GLN L 38 40.72 -18.54 -28.40
CA GLN L 38 40.05 -17.85 -27.31
C GLN L 38 39.08 -18.76 -26.57
N VAL L 39 38.44 -19.69 -27.27
CA VAL L 39 37.52 -20.61 -26.64
C VAL L 39 38.25 -21.58 -25.72
N LYS L 40 39.29 -22.24 -26.24
CA LYS L 40 40.12 -23.13 -25.45
C LYS L 40 40.74 -22.42 -24.25
N THR L 41 41.20 -21.19 -24.42
CA THR L 41 41.79 -20.43 -23.32
C THR L 41 40.79 -20.17 -22.21
N LEU L 42 39.57 -19.76 -22.57
CA LEU L 42 38.52 -19.60 -21.55
C LEU L 42 38.18 -20.92 -20.88
N HIS L 43 38.10 -22.01 -21.64
CA HIS L 43 37.77 -23.31 -21.06
C HIS L 43 38.80 -23.79 -20.05
N ASP L 44 40.09 -23.64 -20.35
CA ASP L 44 41.11 -23.97 -19.35
C ASP L 44 41.05 -23.08 -18.11
N TRP L 45 40.77 -21.80 -18.30
CA TRP L 45 40.64 -20.89 -17.17
C TRP L 45 39.40 -21.19 -16.35
N LEU L 46 38.28 -21.46 -17.00
CA LEU L 46 37.07 -21.84 -16.30
C LEU L 46 37.20 -23.18 -15.58
N ASP L 47 37.92 -24.14 -16.15
CA ASP L 47 38.20 -25.39 -15.45
C ASP L 47 39.01 -25.18 -14.18
N GLY L 48 39.99 -24.27 -14.20
CA GLY L 48 40.70 -23.92 -12.99
C GLY L 48 39.82 -23.27 -11.93
N LYS L 49 39.01 -22.31 -12.35
CA LYS L 49 38.10 -21.65 -11.42
C LYS L 49 37.06 -22.60 -10.86
N ARG L 50 36.59 -23.54 -11.68
CA ARG L 50 35.66 -24.55 -11.20
C ARG L 50 36.32 -25.51 -10.22
N LYS L 51 37.55 -25.94 -10.48
CA LYS L 51 38.30 -26.72 -9.50
C LYS L 51 38.46 -25.95 -8.18
N ALA L 52 38.97 -24.73 -8.25
CA ALA L 52 39.19 -23.93 -7.05
C ALA L 52 37.90 -23.35 -6.47
N ARG L 53 36.76 -23.53 -7.13
CA ARG L 53 35.49 -22.94 -6.70
C ARG L 53 35.55 -21.42 -6.60
N LYS L 54 36.39 -20.81 -7.42
CA LYS L 54 36.69 -19.39 -7.33
C LYS L 54 35.75 -18.60 -8.22
N SER L 55 35.08 -17.61 -7.64
CA SER L 55 34.29 -16.66 -8.39
C SER L 55 35.18 -15.68 -9.15
N CYS L 56 34.70 -15.25 -10.32
CA CYS L 56 35.51 -14.50 -11.26
C CYS L 56 34.58 -13.82 -12.26
N ARG L 57 35.17 -13.07 -13.19
CA ARG L 57 34.40 -12.45 -14.26
C ARG L 57 35.11 -12.57 -15.60
N VAL L 58 34.30 -12.65 -16.65
CA VAL L 58 34.77 -12.67 -18.04
C VAL L 58 34.29 -11.38 -18.69
N VAL L 59 35.23 -10.56 -19.18
CA VAL L 59 34.94 -9.24 -19.70
C VAL L 59 35.55 -9.10 -21.09
N GLY L 60 34.78 -8.53 -22.01
CA GLY L 60 35.29 -8.22 -23.33
C GLY L 60 34.24 -7.50 -24.15
N GLU L 61 34.73 -6.77 -25.15
CA GLU L 61 33.88 -5.98 -26.04
C GLU L 61 32.81 -6.85 -26.72
N SER L 62 31.75 -6.18 -27.17
CA SER L 62 30.66 -6.85 -27.88
C SER L 62 31.16 -7.64 -29.08
N ARG L 63 30.53 -8.80 -29.30
CA ARG L 63 30.77 -9.69 -30.44
C ARG L 63 32.20 -10.22 -30.48
N THR L 64 32.90 -10.25 -29.35
CA THR L 64 34.19 -10.91 -29.24
C THR L 64 34.07 -12.42 -29.07
N GLY L 65 32.87 -12.93 -28.82
CA GLY L 65 32.63 -14.35 -28.78
C GLY L 65 32.46 -14.94 -27.39
N LYS L 66 32.23 -14.10 -26.39
CA LYS L 66 32.17 -14.57 -25.01
C LYS L 66 30.99 -15.51 -24.76
N THR L 67 29.81 -15.13 -25.25
CA THR L 67 28.62 -15.97 -25.13
C THR L 67 28.80 -17.32 -25.81
N VAL L 68 29.28 -17.34 -27.04
CA VAL L 68 29.49 -18.62 -27.72
C VAL L 68 30.49 -19.49 -26.96
N ALA L 69 31.54 -18.88 -26.41
CA ALA L 69 32.53 -19.63 -25.64
C ALA L 69 31.99 -20.17 -24.32
N CYS L 70 31.10 -19.42 -23.66
CA CYS L 70 30.42 -19.92 -22.47
C CYS L 70 29.36 -20.97 -22.78
N ASP L 71 28.64 -20.84 -23.89
CA ASP L 71 27.78 -21.93 -24.34
C ASP L 71 28.57 -23.20 -24.64
N ALA L 72 29.67 -23.07 -25.38
CA ALA L 72 30.51 -24.23 -25.67
C ALA L 72 31.00 -24.93 -24.41
N TYR L 73 31.20 -24.19 -23.32
CA TYR L 73 31.70 -24.79 -22.08
C TYR L 73 30.67 -25.64 -21.37
N ARG L 74 29.45 -25.12 -21.18
CA ARG L 74 28.39 -25.93 -20.61
C ARG L 74 28.04 -27.16 -21.45
N TYR L 75 28.24 -27.10 -22.77
CA TYR L 75 27.99 -28.30 -23.58
C TYR L 75 29.08 -29.36 -23.40
N ARG L 76 30.34 -28.95 -23.24
CA ARG L 76 31.36 -29.90 -22.82
C ARG L 76 31.08 -30.47 -21.43
N HIS L 77 30.41 -29.70 -20.58
CA HIS L 77 30.06 -30.13 -19.24
C HIS L 77 28.56 -30.35 -19.11
N LYS L 78 28.02 -31.21 -19.98
CA LYS L 78 26.62 -31.61 -19.95
C LYS L 78 26.23 -32.26 -18.62
N PRO L 79 24.97 -32.07 -18.21
CA PRO L 79 24.43 -32.84 -17.08
C PRO L 79 24.69 -34.33 -17.21
N GLN L 80 24.94 -34.96 -16.07
CA GLN L 80 25.05 -36.41 -15.98
C GLN L 80 23.75 -36.97 -15.43
N GLN L 81 23.13 -37.86 -16.20
CA GLN L 81 21.88 -38.49 -15.82
C GLN L 81 22.13 -39.66 -14.89
N GLU L 82 21.33 -39.76 -13.83
CA GLU L 82 21.33 -40.91 -12.95
C GLU L 82 19.90 -41.34 -12.68
N ALA L 83 19.67 -42.65 -12.73
CA ALA L 83 18.31 -43.19 -12.70
C ALA L 83 17.56 -42.79 -11.43
N GLY L 84 16.47 -42.06 -11.61
CA GLY L 84 15.58 -41.61 -10.56
C GLY L 84 16.10 -40.52 -9.66
N ARG L 85 17.30 -40.06 -9.87
CA ARG L 85 17.78 -38.87 -9.20
C ARG L 85 17.47 -37.66 -10.06
N PRO L 86 17.44 -36.46 -9.49
CA PRO L 86 17.61 -35.25 -10.30
C PRO L 86 18.96 -35.23 -10.97
N PRO L 87 19.12 -34.46 -12.05
CA PRO L 87 20.37 -34.47 -12.80
C PRO L 87 21.52 -33.85 -12.01
N THR L 88 22.71 -34.43 -12.15
CA THR L 88 23.92 -33.74 -11.70
C THR L 88 24.34 -32.73 -12.77
N VAL L 89 24.37 -31.46 -12.40
CA VAL L 89 24.58 -30.38 -13.35
C VAL L 89 25.75 -29.51 -12.90
N PRO L 90 26.99 -29.90 -13.21
CA PRO L 90 28.14 -29.12 -12.70
C PRO L 90 28.13 -27.66 -13.09
N VAL L 91 27.76 -27.33 -14.32
CA VAL L 91 27.78 -25.96 -14.82
C VAL L 91 26.36 -25.53 -15.15
N VAL L 92 25.90 -24.47 -14.51
CA VAL L 92 24.66 -23.80 -14.86
C VAL L 92 24.99 -22.52 -15.63
N TYR L 93 24.33 -22.31 -16.76
CA TYR L 93 24.48 -21.11 -17.54
C TYR L 93 23.13 -20.39 -17.62
N ILE L 94 23.11 -19.12 -17.26
CA ILE L 94 21.90 -18.31 -17.36
C ILE L 94 22.22 -16.99 -18.05
N ARG L 95 21.26 -16.48 -18.81
CA ARG L 95 21.35 -15.14 -19.42
C ARG L 95 20.12 -14.38 -18.96
N PRO L 96 20.23 -13.64 -17.86
CA PRO L 96 19.08 -12.92 -17.29
C PRO L 96 18.41 -11.98 -18.28
N HIS L 97 17.11 -11.77 -18.07
CA HIS L 97 16.41 -10.69 -18.73
C HIS L 97 16.84 -9.35 -18.15
N GLN L 98 16.55 -8.28 -18.87
CA GLN L 98 16.86 -6.94 -18.40
C GLN L 98 16.16 -6.67 -17.07
N LYS L 99 16.84 -5.91 -16.20
CA LYS L 99 16.36 -5.63 -14.84
C LYS L 99 15.98 -6.90 -14.09
N CYS L 100 16.90 -7.85 -14.06
CA CYS L 100 16.66 -9.14 -13.40
C CYS L 100 16.61 -8.95 -11.89
N GLY L 101 15.42 -9.12 -11.32
CA GLY L 101 15.24 -9.15 -9.89
C GLY L 101 15.58 -10.49 -9.30
N PRO L 102 15.55 -10.57 -7.98
CA PRO L 102 15.92 -11.84 -7.31
C PRO L 102 15.02 -13.02 -7.63
N LYS L 103 13.70 -12.85 -7.68
CA LYS L 103 12.84 -13.94 -8.14
C LYS L 103 13.11 -14.33 -9.58
N ASP L 104 13.35 -13.35 -10.45
CA ASP L 104 13.74 -13.65 -11.83
C ASP L 104 15.00 -14.50 -11.87
N LEU L 105 15.99 -14.15 -11.05
CA LEU L 105 17.23 -14.91 -10.98
C LEU L 105 17.02 -16.33 -10.45
N PHE L 106 16.24 -16.47 -9.38
CA PHE L 106 15.88 -17.79 -8.87
C PHE L 106 15.05 -18.60 -9.86
N LYS L 107 14.12 -17.95 -10.57
CA LYS L 107 13.39 -18.58 -11.67
C LYS L 107 14.34 -19.19 -12.70
N LYS L 108 15.29 -18.39 -13.18
CA LYS L 108 16.25 -18.84 -14.19
C LYS L 108 17.01 -20.09 -13.75
N ILE L 109 17.54 -20.10 -12.53
CA ILE L 109 18.37 -21.20 -12.07
C ILE L 109 17.56 -22.47 -11.86
N THR L 110 16.42 -22.38 -11.17
CA THR L 110 15.60 -23.57 -10.95
C THR L 110 15.08 -24.17 -12.25
N GLU L 111 14.61 -23.34 -13.18
CA GLU L 111 14.17 -23.86 -14.47
C GLU L 111 15.30 -24.50 -15.27
N TYR L 112 16.53 -23.99 -15.12
CA TYR L 112 17.66 -24.63 -15.78
C TYR L 112 17.90 -26.05 -15.26
N LEU L 113 17.74 -26.25 -13.96
CA LEU L 113 17.91 -27.55 -13.34
C LEU L 113 16.73 -28.50 -13.56
N LYS L 114 15.78 -28.12 -14.43
CA LYS L 114 14.61 -28.91 -14.81
C LYS L 114 13.56 -28.99 -13.72
N TYR L 115 13.50 -28.00 -12.86
CA TYR L 115 12.42 -27.87 -11.90
C TYR L 115 11.43 -26.83 -12.39
N ARG L 116 10.17 -26.97 -12.00
CA ARG L 116 9.17 -25.95 -12.22
C ARG L 116 9.04 -25.11 -10.96
N VAL L 117 9.01 -23.80 -11.12
CA VAL L 117 8.73 -22.93 -10.00
C VAL L 117 7.26 -23.01 -9.61
N THR L 118 7.00 -22.86 -8.32
CA THR L 118 5.65 -22.73 -7.79
C THR L 118 5.48 -21.32 -7.26
N LYS L 119 4.35 -20.70 -7.56
CA LYS L 119 4.08 -19.34 -7.11
C LYS L 119 4.28 -19.22 -5.61
N GLY L 120 4.93 -18.16 -5.18
CA GLY L 120 5.35 -18.04 -3.80
C GLY L 120 6.17 -16.78 -3.60
N THR L 121 6.68 -16.66 -2.37
CA THR L 121 7.50 -15.53 -1.95
C THR L 121 8.92 -15.64 -2.51
N VAL L 122 9.63 -14.51 -2.49
CA VAL L 122 11.07 -14.50 -2.75
C VAL L 122 11.80 -15.49 -1.85
N SER L 123 11.37 -15.57 -0.58
CA SER L 123 11.97 -16.52 0.35
C SER L 123 11.77 -17.97 -0.08
N ASP L 124 10.58 -18.31 -0.55
CA ASP L 124 10.34 -19.64 -1.10
C ASP L 124 11.22 -19.90 -2.32
N PHE L 125 11.31 -18.93 -3.23
CA PHE L 125 12.15 -19.10 -4.41
C PHE L 125 13.61 -19.26 -4.02
N ARG L 126 14.11 -18.44 -3.10
CA ARG L 126 15.49 -18.58 -2.63
C ARG L 126 15.73 -19.95 -2.03
N ASP L 127 14.91 -20.34 -1.05
CA ASP L 127 15.11 -21.62 -0.37
C ASP L 127 15.04 -22.80 -1.32
N ARG L 128 14.09 -22.77 -2.26
CA ARG L 128 14.01 -23.80 -3.29
C ARG L 128 15.23 -23.81 -4.21
N THR L 129 15.70 -22.64 -4.63
CA THR L 129 16.90 -22.56 -5.44
C THR L 129 18.12 -23.15 -4.74
N ILE L 130 18.36 -22.73 -3.49
CA ILE L 130 19.48 -23.27 -2.72
C ILE L 130 19.36 -24.78 -2.56
N GLU L 131 18.16 -25.26 -2.28
CA GLU L 131 17.90 -26.69 -2.17
C GLU L 131 18.27 -27.46 -3.43
N VAL L 132 17.96 -26.93 -4.61
CA VAL L 132 18.27 -27.67 -5.84
C VAL L 132 19.69 -27.43 -6.34
N LEU L 133 20.29 -26.28 -6.04
CA LEU L 133 21.71 -26.12 -6.32
C LEU L 133 22.54 -27.13 -5.56
N LYS L 134 22.17 -27.41 -4.32
CA LYS L 134 22.60 -28.61 -3.63
C LYS L 134 21.95 -29.84 -4.26
N GLY L 135 22.70 -30.93 -4.32
CA GLY L 135 22.13 -32.16 -4.81
C GLY L 135 22.02 -32.34 -6.31
N CYS L 136 21.76 -31.26 -7.06
CA CYS L 136 22.22 -31.22 -8.44
C CYS L 136 23.72 -31.06 -8.57
N GLY L 137 24.43 -30.84 -7.46
CA GLY L 137 25.88 -30.83 -7.48
C GLY L 137 26.49 -29.71 -8.29
N VAL L 138 25.81 -28.57 -8.35
CA VAL L 138 26.29 -27.46 -9.17
C VAL L 138 27.62 -26.95 -8.62
N GLU L 139 28.61 -26.86 -9.50
CA GLU L 139 29.93 -26.37 -9.15
C GLU L 139 30.20 -24.96 -9.67
N MET L 140 29.60 -24.57 -10.78
CA MET L 140 29.85 -23.28 -11.40
C MET L 140 28.53 -22.70 -11.90
N LEU L 141 28.31 -21.41 -11.63
CA LEU L 141 27.17 -20.67 -12.15
C LEU L 141 27.68 -19.53 -13.02
N ILE L 142 27.39 -19.58 -14.31
CA ILE L 142 27.75 -18.53 -15.25
C ILE L 142 26.55 -17.63 -15.46
N ILE L 143 26.70 -16.33 -15.21
CA ILE L 143 25.65 -15.34 -15.41
C ILE L 143 26.09 -14.45 -16.58
N ASP L 144 25.56 -14.76 -17.76
CA ASP L 144 25.87 -14.03 -18.98
C ASP L 144 25.11 -12.72 -19.03
N GLU L 145 25.82 -11.64 -19.36
CA GLU L 145 25.32 -10.27 -19.24
C GLU L 145 24.82 -9.97 -17.82
N ALA L 146 25.69 -10.26 -16.86
CA ALA L 146 25.40 -9.99 -15.47
C ALA L 146 25.07 -8.53 -15.19
N ASP L 147 25.47 -7.62 -16.08
CA ASP L 147 25.10 -6.21 -15.90
C ASP L 147 23.60 -5.96 -15.94
N ARG L 148 22.80 -6.94 -16.40
CA ARG L 148 21.36 -6.81 -16.34
C ARG L 148 20.80 -7.04 -14.93
N LEU L 149 21.56 -7.65 -14.04
CA LEU L 149 21.13 -7.82 -12.66
C LEU L 149 20.86 -6.47 -12.00
N LYS L 150 19.75 -6.39 -11.27
CA LYS L 150 19.55 -5.28 -10.37
C LYS L 150 20.59 -5.30 -9.25
N PRO L 151 20.98 -4.14 -8.73
CA PRO L 151 21.94 -4.10 -7.62
C PRO L 151 21.57 -4.93 -6.39
N GLU L 152 20.28 -4.98 -6.06
CA GLU L 152 19.81 -5.86 -4.98
C GLU L 152 20.01 -7.33 -5.30
N THR L 153 20.06 -7.70 -6.58
CA THR L 153 20.19 -9.11 -6.93
C THR L 153 21.60 -9.65 -6.70
N PHE L 154 22.62 -8.80 -6.74
CA PHE L 154 23.99 -9.26 -6.51
C PHE L 154 24.21 -9.79 -5.10
N ALA L 155 23.45 -9.32 -4.12
CA ALA L 155 23.56 -9.88 -2.78
C ALA L 155 23.23 -11.37 -2.75
N ASP L 156 22.16 -11.77 -3.43
CA ASP L 156 21.81 -13.17 -3.56
C ASP L 156 22.78 -13.96 -4.43
N VAL L 157 23.45 -13.32 -5.38
CA VAL L 157 24.52 -13.99 -6.12
C VAL L 157 25.76 -14.20 -5.26
N ARG L 158 26.13 -13.20 -4.46
CA ARG L 158 27.19 -13.37 -3.48
C ARG L 158 26.88 -14.47 -2.47
N ASP L 159 25.64 -14.55 -1.99
CA ASP L 159 25.27 -15.61 -1.06
C ASP L 159 25.34 -17.00 -1.68
N ILE L 160 24.99 -17.15 -2.94
CA ILE L 160 25.24 -18.41 -3.64
C ILE L 160 26.73 -18.74 -3.66
N ALA L 161 27.56 -17.77 -4.03
CA ALA L 161 28.99 -18.01 -4.11
C ALA L 161 29.59 -18.31 -2.74
N GLU L 162 29.08 -17.69 -1.69
CA GLU L 162 29.66 -17.80 -0.36
C GLU L 162 29.10 -18.96 0.46
N ASP L 163 27.79 -19.17 0.43
CA ASP L 163 27.22 -20.24 1.25
C ASP L 163 27.40 -21.61 0.61
N LEU L 164 27.47 -21.67 -0.71
CA LEU L 164 27.68 -22.93 -1.41
C LEU L 164 29.07 -22.92 -2.04
N GLY L 165 29.60 -24.10 -2.26
CA GLY L 165 30.85 -24.20 -3.00
C GLY L 165 30.70 -24.02 -4.49
N ILE L 166 30.29 -22.84 -4.95
CA ILE L 166 29.99 -22.60 -6.35
C ILE L 166 30.81 -21.41 -6.83
N ALA L 167 31.62 -21.65 -7.86
CA ALA L 167 32.29 -20.59 -8.62
C ALA L 167 31.27 -19.86 -9.48
N VAL L 168 31.03 -18.59 -9.18
CA VAL L 168 30.15 -17.76 -9.99
C VAL L 168 31.01 -16.98 -10.99
N VAL L 169 30.62 -17.03 -12.27
CA VAL L 169 31.33 -16.32 -13.33
C VAL L 169 30.39 -15.28 -13.93
N LEU L 170 30.68 -14.00 -13.69
CA LEU L 170 29.93 -12.92 -14.33
C LEU L 170 30.53 -12.60 -15.68
N VAL L 171 29.70 -12.62 -16.73
CA VAL L 171 30.13 -12.34 -18.09
C VAL L 171 29.48 -11.06 -18.57
N GLY L 172 30.27 -10.18 -19.17
CA GLY L 172 29.73 -8.93 -19.68
C GLY L 172 30.74 -8.18 -20.52
N THR L 173 30.28 -7.06 -21.07
CA THR L 173 31.14 -6.00 -21.58
C THR L 173 31.58 -5.09 -20.44
N ASP L 174 32.39 -4.08 -20.75
CA ASP L 174 32.87 -3.15 -19.73
C ASP L 174 31.74 -2.43 -19.01
N ARG L 175 30.53 -2.45 -19.55
CA ARG L 175 29.33 -2.06 -18.81
C ARG L 175 29.17 -2.82 -17.50
N LEU L 176 29.61 -4.09 -17.47
CA LEU L 176 29.63 -4.86 -16.22
C LEU L 176 30.56 -4.26 -15.17
N ASP L 177 31.78 -3.88 -15.58
CA ASP L 177 32.72 -3.29 -14.64
C ASP L 177 32.21 -1.96 -14.06
N ALA L 178 31.46 -1.18 -14.82
CA ALA L 178 30.83 0.01 -14.26
C ALA L 178 29.78 -0.32 -13.21
N VAL L 179 29.10 -1.46 -13.34
CA VAL L 179 28.14 -1.90 -12.33
C VAL L 179 28.85 -2.52 -11.13
N ILE L 180 29.86 -3.36 -11.39
CA ILE L 180 30.61 -4.00 -10.31
C ILE L 180 31.25 -2.99 -9.38
N LYS L 181 31.91 -1.97 -9.94
CA LYS L 181 32.61 -0.99 -9.11
C LYS L 181 31.68 -0.22 -8.18
N ARG L 182 30.38 -0.18 -8.46
CA ARG L 182 29.40 0.48 -7.62
C ARG L 182 29.06 -0.29 -6.35
N ASP L 183 29.54 -1.52 -6.19
CA ASP L 183 29.38 -2.25 -4.93
C ASP L 183 30.70 -2.95 -4.58
N GLU L 184 31.40 -2.37 -3.61
CA GLU L 184 32.67 -2.88 -3.11
C GLU L 184 32.65 -4.39 -2.86
N GLN L 185 31.55 -4.91 -2.30
CA GLN L 185 31.50 -6.32 -1.95
C GLN L 185 31.45 -7.23 -3.18
N VAL L 186 30.82 -6.75 -4.26
CA VAL L 186 30.86 -7.46 -5.53
C VAL L 186 32.23 -7.30 -6.18
N LEU L 187 32.72 -6.08 -6.24
CA LEU L 187 34.04 -5.79 -6.79
C LEU L 187 35.14 -6.65 -6.19
N GLU L 188 35.15 -6.80 -4.87
CA GLU L 188 36.19 -7.58 -4.21
C GLU L 188 36.01 -9.08 -4.31
N ARG L 189 34.80 -9.58 -4.53
CA ARG L 189 34.60 -11.01 -4.76
C ARG L 189 34.91 -11.45 -6.18
N PHE L 190 34.59 -10.62 -7.17
CA PHE L 190 34.72 -10.94 -8.58
C PHE L 190 35.93 -10.27 -9.24
N ARG L 191 36.96 -9.99 -8.45
CA ARG L 191 38.13 -9.26 -8.93
C ARG L 191 38.94 -10.05 -9.95
N ALA L 192 39.12 -11.35 -9.76
CA ALA L 192 39.82 -12.14 -10.77
C ALA L 192 39.05 -12.16 -12.09
N HIS L 193 39.76 -11.93 -13.19
CA HIS L 193 39.08 -11.77 -14.47
C HIS L 193 39.92 -12.35 -15.61
N LEU L 194 39.21 -12.70 -16.69
CA LEU L 194 39.80 -13.00 -17.99
C LEU L 194 39.28 -12.00 -19.01
N ARG L 195 40.15 -11.58 -19.93
CA ARG L 195 39.82 -10.62 -20.97
C ARG L 195 39.64 -11.32 -22.32
N PHE L 196 38.55 -11.03 -23.01
CA PHE L 196 38.37 -11.35 -24.43
C PHE L 196 38.71 -10.13 -25.27
N GLY L 197 39.65 -10.29 -26.20
CA GLY L 197 40.08 -9.21 -27.06
C GLY L 197 39.86 -9.50 -28.53
N LYS L 198 40.10 -8.46 -29.33
CA LYS L 198 40.09 -8.59 -30.79
C LYS L 198 41.19 -9.51 -31.30
N LEU L 199 40.90 -10.20 -32.40
CA LEU L 199 41.90 -10.93 -33.15
C LEU L 199 42.84 -9.98 -33.88
N SER L 200 44.00 -10.51 -34.28
CA SER L 200 44.95 -9.76 -35.10
C SER L 200 45.95 -10.74 -35.72
N GLY L 201 46.71 -10.22 -36.68
CA GLY L 201 47.90 -10.91 -37.16
C GLY L 201 47.62 -12.29 -37.72
N GLU L 202 48.48 -13.24 -37.36
CA GLU L 202 48.31 -14.63 -37.77
C GLU L 202 46.98 -15.20 -37.27
N ASP L 203 46.56 -14.80 -36.08
CA ASP L 203 45.34 -15.35 -35.49
C ASP L 203 44.11 -15.01 -36.30
N PHE L 204 44.01 -13.77 -36.76
CA PHE L 204 42.95 -13.39 -37.69
C PHE L 204 43.06 -14.15 -39.01
N LYS L 205 44.26 -14.21 -39.58
CA LYS L 205 44.48 -14.92 -40.84
C LYS L 205 44.05 -16.38 -40.77
N ASN L 206 44.48 -17.10 -39.74
CA ASN L 206 44.05 -18.50 -39.58
C ASN L 206 42.56 -18.62 -39.33
N THR L 207 41.94 -17.64 -38.67
CA THR L 207 40.51 -17.69 -38.40
C THR L 207 39.68 -17.56 -39.67
N VAL L 208 39.97 -16.58 -40.52
CA VAL L 208 39.27 -16.45 -41.80
C VAL L 208 39.48 -17.68 -42.68
N GLU L 209 40.69 -18.23 -42.66
CA GLU L 209 40.96 -19.48 -43.37
C GLU L 209 40.06 -20.62 -42.90
N MET L 210 39.89 -20.75 -41.58
CA MET L 210 38.96 -21.74 -41.04
C MET L 210 37.51 -21.49 -41.45
N TRP L 211 37.06 -20.23 -41.44
CA TRP L 211 35.67 -19.96 -41.84
C TRP L 211 35.40 -20.44 -43.26
N GLU L 212 36.31 -20.16 -44.19
CA GLU L 212 36.16 -20.63 -45.56
C GLU L 212 36.22 -22.15 -45.65
N GLN L 213 37.13 -22.77 -44.90
CA GLN L 213 37.25 -24.23 -44.88
C GLN L 213 36.05 -24.93 -44.26
N MET L 214 35.54 -24.43 -43.13
CA MET L 214 34.65 -25.24 -42.31
C MET L 214 33.30 -24.61 -41.98
N VAL L 215 33.02 -23.39 -42.43
CA VAL L 215 31.74 -22.74 -42.21
C VAL L 215 31.03 -22.46 -43.53
N LEU L 216 31.73 -21.87 -44.49
CA LEU L 216 31.10 -21.50 -45.75
C LEU L 216 30.78 -22.73 -46.61
N LYS L 217 31.69 -23.70 -46.67
CA LYS L 217 31.42 -24.99 -47.32
C LYS L 217 30.94 -24.84 -48.77
N LEU L 218 31.36 -23.79 -49.45
CA LEU L 218 30.85 -23.50 -50.78
C LEU L 218 31.46 -24.43 -51.83
N PRO L 219 30.80 -24.59 -52.99
CA PRO L 219 31.34 -25.47 -54.04
C PRO L 219 32.73 -25.07 -54.52
N VAL L 220 33.06 -23.79 -54.51
CA VAL L 220 34.36 -23.32 -54.97
C VAL L 220 35.03 -22.61 -53.81
N SER L 221 36.36 -22.68 -53.76
CA SER L 221 37.11 -21.93 -52.76
C SER L 221 36.99 -20.43 -53.03
N SER L 222 36.88 -19.66 -51.95
CA SER L 222 36.78 -18.21 -52.06
C SER L 222 38.14 -17.52 -51.97
N ASN L 223 39.13 -18.18 -51.37
CA ASN L 223 40.49 -17.66 -51.23
C ASN L 223 40.51 -16.30 -50.52
N LEU L 224 39.63 -16.18 -49.52
CA LEU L 224 39.57 -15.00 -48.65
C LEU L 224 40.88 -14.79 -47.91
N LYS L 225 41.67 -15.86 -47.75
CA LYS L 225 43.01 -15.75 -47.18
C LYS L 225 43.93 -14.82 -47.98
N SER L 226 43.69 -14.67 -49.28
CA SER L 226 44.62 -13.92 -50.11
C SER L 226 44.54 -12.43 -49.81
N LYS L 227 45.70 -11.77 -49.88
CA LYS L 227 45.93 -10.49 -49.22
C LYS L 227 44.91 -9.42 -49.61
N GLU L 228 44.55 -9.32 -50.88
CA GLU L 228 43.62 -8.28 -51.29
C GLU L 228 42.17 -8.54 -50.87
N MET L 229 41.82 -9.77 -50.51
CA MET L 229 40.56 -10.00 -49.81
C MET L 229 40.72 -9.86 -48.30
N LEU L 230 41.83 -10.35 -47.75
CA LEU L 230 42.12 -10.17 -46.33
C LEU L 230 42.13 -8.70 -45.95
N ARG L 231 42.59 -7.83 -46.85
CA ARG L 231 42.52 -6.39 -46.63
C ARG L 231 41.10 -5.90 -46.44
N ILE L 232 40.16 -6.44 -47.23
CA ILE L 232 38.75 -6.06 -47.09
C ILE L 232 38.19 -6.53 -45.76
N LEU L 233 38.40 -7.80 -45.42
CA LEU L 233 37.89 -8.36 -44.17
C LEU L 233 38.49 -7.69 -42.94
N THR L 234 39.80 -7.45 -42.95
CA THR L 234 40.44 -6.78 -41.83
C THR L 234 39.87 -5.38 -41.61
N SER L 235 39.59 -4.65 -42.68
CA SER L 235 39.04 -3.31 -42.56
C SER L 235 37.61 -3.34 -42.00
N ALA L 236 36.73 -4.15 -42.59
CA ALA L 236 35.34 -4.16 -42.18
C ALA L 236 35.13 -4.79 -40.80
N THR L 237 35.86 -5.86 -40.47
CA THR L 237 35.61 -6.55 -39.21
C THR L 237 36.28 -5.90 -38.00
N GLU L 238 37.34 -5.12 -38.20
CA GLU L 238 38.21 -4.64 -37.11
C GLU L 238 38.72 -5.77 -36.21
N GLY L 239 38.65 -7.01 -36.65
CA GLY L 239 39.01 -8.15 -35.82
C GLY L 239 37.95 -8.67 -34.88
N TYR L 240 36.73 -8.14 -34.92
CA TYR L 240 35.63 -8.75 -34.20
C TYR L 240 35.13 -9.99 -34.92
N ILE L 241 35.09 -11.11 -34.19
CA ILE L 241 34.68 -12.38 -34.78
C ILE L 241 33.22 -12.32 -35.22
N GLY L 242 32.38 -11.58 -34.49
CA GLY L 242 30.99 -11.49 -34.88
C GLY L 242 30.73 -10.68 -36.13
N ARG L 243 31.55 -9.67 -36.40
CA ARG L 243 31.52 -9.03 -37.70
C ARG L 243 31.99 -9.97 -38.79
N LEU L 244 33.07 -10.69 -38.55
CA LEU L 244 33.60 -11.66 -39.51
C LEU L 244 32.54 -12.68 -39.92
N ASP L 245 31.92 -13.33 -38.93
CA ASP L 245 30.90 -14.34 -39.20
C ASP L 245 29.73 -13.77 -40.02
N GLU L 246 29.16 -12.66 -39.56
CA GLU L 246 27.98 -12.11 -40.22
C GLU L 246 28.27 -11.61 -41.63
N ILE L 247 29.44 -11.00 -41.84
CA ILE L 247 29.81 -10.53 -43.17
C ILE L 247 29.94 -11.70 -44.15
N LEU L 248 30.67 -12.76 -43.78
CA LEU L 248 30.90 -13.85 -44.72
C LEU L 248 29.63 -14.64 -45.02
N ARG L 249 28.77 -14.89 -44.04
CA ARG L 249 27.50 -15.54 -44.32
C ARG L 249 26.60 -14.71 -45.22
N GLU L 250 26.49 -13.40 -44.96
CA GLU L 250 25.71 -12.53 -45.83
C GLU L 250 26.25 -12.52 -47.25
N ALA L 251 27.56 -12.34 -47.41
CA ALA L 251 28.17 -12.37 -48.73
C ALA L 251 27.97 -13.70 -49.44
N ALA L 252 28.05 -14.81 -48.71
CA ALA L 252 27.79 -16.12 -49.31
C ALA L 252 26.36 -16.26 -49.80
N ILE L 253 25.39 -15.90 -48.94
CA ILE L 253 23.98 -15.99 -49.33
C ILE L 253 23.69 -15.10 -50.53
N ARG L 254 24.28 -13.90 -50.55
CA ARG L 254 24.18 -13.05 -51.74
C ARG L 254 24.78 -13.73 -52.98
N SER L 255 26.00 -14.26 -52.84
CA SER L 255 26.64 -14.95 -53.96
C SER L 255 25.80 -16.10 -54.50
N LEU L 256 25.38 -17.01 -53.62
CA LEU L 256 24.56 -18.14 -54.04
C LEU L 256 23.22 -17.71 -54.63
N SER L 257 22.63 -16.64 -54.10
CA SER L 257 21.39 -16.12 -54.68
C SER L 257 21.59 -15.58 -56.09
N ARG L 258 22.74 -14.99 -56.37
CA ARG L 258 23.04 -14.43 -57.69
C ARG L 258 23.83 -15.38 -58.59
N GLY L 259 24.01 -16.62 -58.18
CA GLY L 259 24.64 -17.63 -59.03
C GLY L 259 26.14 -17.72 -58.94
N LEU L 260 26.76 -16.98 -58.03
CA LEU L 260 28.20 -17.08 -57.82
C LEU L 260 28.49 -18.25 -56.88
N LYS L 261 29.33 -19.18 -57.32
CA LYS L 261 29.61 -20.41 -56.58
C LYS L 261 30.69 -20.21 -55.53
N LYS L 262 31.08 -18.96 -55.30
CA LYS L 262 32.06 -18.58 -54.30
C LYS L 262 31.75 -17.13 -53.91
N ILE L 263 32.35 -16.67 -52.81
CA ILE L 263 32.45 -15.23 -52.63
C ILE L 263 33.33 -14.66 -53.73
N ASP L 264 32.92 -13.52 -54.29
CA ASP L 264 33.74 -12.76 -55.22
C ASP L 264 34.02 -11.39 -54.62
N LYS L 265 35.18 -10.84 -54.99
CA LYS L 265 35.67 -9.65 -54.32
C LYS L 265 34.69 -8.49 -54.41
N ALA L 266 33.94 -8.39 -55.50
CA ALA L 266 32.91 -7.35 -55.62
C ALA L 266 31.79 -7.48 -54.59
N VAL L 267 31.17 -8.65 -54.50
CA VAL L 267 30.11 -8.82 -53.50
C VAL L 267 30.65 -8.69 -52.09
N LEU L 268 31.87 -9.17 -51.85
CA LEU L 268 32.53 -8.93 -50.56
C LEU L 268 32.69 -7.44 -50.27
N GLN L 269 33.16 -6.68 -51.26
CA GLN L 269 33.25 -5.22 -51.11
C GLN L 269 31.88 -4.57 -50.93
N GLU L 270 30.85 -5.08 -51.62
CA GLU L 270 29.50 -4.58 -51.42
C GLU L 270 29.00 -4.79 -49.99
N VAL L 271 29.22 -5.98 -49.43
CA VAL L 271 28.81 -6.22 -48.05
C VAL L 271 29.58 -5.32 -47.10
N ALA L 272 30.91 -5.32 -47.20
CA ALA L 272 31.75 -4.55 -46.29
C ALA L 272 31.38 -3.08 -46.27
N LYS L 273 30.90 -2.54 -47.38
CA LYS L 273 30.51 -1.14 -47.45
C LYS L 273 29.34 -0.78 -46.54
N GLU L 274 28.51 -1.75 -46.16
CA GLU L 274 27.33 -1.40 -45.35
C GLU L 274 27.65 -1.22 -43.87
N TYR L 275 28.86 -1.54 -43.44
CA TYR L 275 29.10 -1.62 -42.01
C TYR L 275 29.83 -0.37 -41.48
N GLU M 19 -21.02 16.55 -56.31
CA GLU M 19 -20.44 17.78 -56.83
C GLU M 19 -18.95 17.58 -57.09
N TRP M 20 -18.46 18.21 -58.17
CA TRP M 20 -17.12 17.93 -58.68
C TRP M 20 -16.03 18.30 -57.69
N LEU M 21 -16.03 19.55 -57.21
CA LEU M 21 -14.89 20.07 -56.48
C LEU M 21 -14.57 19.23 -55.24
N GLN M 22 -15.59 18.89 -54.46
CA GLN M 22 -15.38 18.11 -53.23
C GLN M 22 -14.76 16.75 -53.48
N ALA M 23 -15.07 16.11 -54.61
CA ALA M 23 -14.57 14.76 -54.88
C ALA M 23 -13.09 14.75 -55.25
N GLU M 24 -12.65 15.66 -56.11
CA GLU M 24 -11.23 15.72 -56.44
C GLU M 24 -10.38 16.26 -55.29
N ILE M 25 -10.91 17.20 -54.51
CA ILE M 25 -10.20 17.65 -53.31
C ILE M 25 -10.10 16.54 -52.27
N ALA M 26 -11.19 15.81 -52.03
CA ALA M 26 -11.13 14.68 -51.10
C ALA M 26 -10.16 13.60 -51.54
N ARG M 27 -9.91 13.48 -52.85
CA ARG M 27 -8.82 12.65 -53.33
C ARG M 27 -7.46 13.29 -53.09
N LEU M 28 -7.29 14.54 -53.49
CA LEU M 28 -5.99 15.19 -53.43
C LEU M 28 -5.46 15.39 -52.02
N LYS M 29 -6.34 15.66 -51.05
CA LYS M 29 -5.86 15.69 -49.67
C LYS M 29 -5.43 14.33 -49.12
N GLY M 30 -5.63 13.24 -49.86
CA GLY M 30 -5.22 11.93 -49.39
C GLY M 30 -3.73 11.65 -49.54
N LYS M 31 -3.39 10.37 -49.38
CA LYS M 31 -2.03 9.88 -49.60
C LYS M 31 -2.00 8.84 -50.71
N SER M 32 -0.85 8.75 -51.38
CA SER M 32 -0.63 7.79 -52.46
C SER M 32 0.83 7.41 -52.48
N ILE M 33 1.13 6.20 -52.99
CA ILE M 33 2.48 5.64 -52.96
C ILE M 33 2.97 5.47 -54.38
N VAL M 34 4.07 6.14 -54.70
CA VAL M 34 4.71 6.09 -56.01
C VAL M 34 5.92 5.19 -55.92
N PRO M 35 6.12 4.26 -56.85
CA PRO M 35 7.27 3.33 -56.81
C PRO M 35 8.57 3.98 -57.22
N LEU M 36 9.13 4.80 -56.33
CA LEU M 36 10.45 5.36 -56.57
C LEU M 36 11.51 4.27 -56.55
N GLN M 37 12.62 4.53 -57.26
CA GLN M 37 13.79 3.67 -57.19
C GLN M 37 14.33 3.54 -55.77
N GLN M 38 14.20 4.60 -54.97
CA GLN M 38 14.55 4.55 -53.56
C GLN M 38 13.75 3.50 -52.82
N VAL M 39 12.50 3.30 -53.20
CA VAL M 39 11.67 2.26 -52.60
C VAL M 39 12.15 0.88 -53.03
N LYS M 40 12.50 0.71 -54.30
CA LYS M 40 12.94 -0.58 -54.79
C LYS M 40 14.27 -1.02 -54.18
N THR M 41 15.23 -0.11 -54.04
CA THR M 41 16.51 -0.48 -53.44
C THR M 41 16.37 -0.86 -51.96
N LEU M 42 15.49 -0.21 -51.21
CA LEU M 42 15.18 -0.68 -49.87
C LEU M 42 14.59 -2.09 -49.89
N HIS M 43 13.60 -2.33 -50.73
CA HIS M 43 12.92 -3.62 -50.74
C HIS M 43 13.87 -4.75 -51.10
N ASP M 44 14.67 -4.56 -52.15
CA ASP M 44 15.67 -5.57 -52.51
C ASP M 44 16.69 -5.79 -51.39
N TRP M 45 16.95 -4.75 -50.59
CA TRP M 45 17.85 -4.87 -49.46
C TRP M 45 17.21 -5.57 -48.26
N LEU M 46 15.98 -5.18 -47.90
CA LEU M 46 15.25 -5.88 -46.85
C LEU M 46 14.97 -7.34 -47.20
N ASP M 47 14.77 -7.66 -48.48
CA ASP M 47 14.63 -9.06 -48.89
C ASP M 47 15.90 -9.87 -48.65
N GLY M 48 17.06 -9.29 -48.94
CA GLY M 48 18.31 -9.95 -48.58
C GLY M 48 18.52 -10.09 -47.08
N LYS M 49 18.18 -9.06 -46.33
CA LYS M 49 18.31 -9.13 -44.88
C LYS M 49 17.36 -10.14 -44.28
N ARG M 50 16.14 -10.22 -44.81
CA ARG M 50 15.17 -11.19 -44.32
C ARG M 50 15.62 -12.62 -44.61
N LYS M 51 16.18 -12.87 -45.79
CA LYS M 51 16.73 -14.19 -46.08
C LYS M 51 17.83 -14.57 -45.10
N ALA M 52 18.74 -13.64 -44.82
CA ALA M 52 19.81 -13.90 -43.86
C ALA M 52 19.36 -13.80 -42.41
N ARG M 53 18.12 -13.39 -42.15
CA ARG M 53 17.65 -13.04 -40.81
C ARG M 53 18.55 -12.02 -40.12
N LYS M 54 19.20 -11.17 -40.91
CA LYS M 54 20.24 -10.27 -40.41
C LYS M 54 19.63 -8.97 -39.91
N SER M 55 19.94 -8.61 -38.67
CA SER M 55 19.55 -7.33 -38.12
C SER M 55 20.39 -6.19 -38.71
N CYS M 56 19.77 -5.02 -38.80
CA CYS M 56 20.31 -3.89 -39.54
C CYS M 56 19.49 -2.66 -39.19
N ARG M 57 19.92 -1.51 -39.68
CA ARG M 57 19.15 -0.29 -39.53
C ARG M 57 19.01 0.48 -40.84
N VAL M 58 17.89 1.17 -40.99
CA VAL M 58 17.67 2.12 -42.08
C VAL M 58 17.71 3.52 -41.52
N VAL M 59 18.64 4.34 -42.00
CA VAL M 59 18.88 5.69 -41.52
C VAL M 59 18.77 6.66 -42.68
N GLY M 60 18.29 7.85 -42.37
CA GLY M 60 18.25 8.92 -43.36
C GLY M 60 17.45 10.11 -42.89
N GLU M 61 17.64 11.24 -43.55
CA GLU M 61 17.00 12.49 -43.14
C GLU M 61 15.47 12.36 -43.11
N SER M 62 14.86 13.23 -42.31
CA SER M 62 13.41 13.30 -42.21
C SER M 62 12.76 13.62 -43.57
N ARG M 63 11.57 13.04 -43.78
CA ARG M 63 10.78 13.18 -45.01
C ARG M 63 11.50 12.69 -46.26
N THR M 64 12.45 11.77 -46.13
CA THR M 64 13.04 11.10 -47.28
C THR M 64 12.25 9.88 -47.75
N GLY M 65 11.13 9.55 -47.11
CA GLY M 65 10.29 8.45 -47.55
C GLY M 65 10.52 7.12 -46.87
N LYS M 66 11.29 7.08 -45.79
CA LYS M 66 11.64 5.83 -45.13
C LYS M 66 10.42 5.05 -44.66
N THR M 67 9.48 5.75 -44.00
CA THR M 67 8.24 5.14 -43.53
C THR M 67 7.36 4.62 -44.67
N VAL M 68 7.15 5.42 -45.71
CA VAL M 68 6.32 4.97 -46.83
C VAL M 68 6.93 3.77 -47.54
N ALA M 69 8.26 3.74 -47.67
CA ALA M 69 8.93 2.58 -48.26
C ALA M 69 8.84 1.34 -47.39
N CYS M 70 8.90 1.50 -46.07
CA CYS M 70 8.73 0.36 -45.17
C CYS M 70 7.29 -0.13 -45.10
N ASP M 71 6.32 0.78 -45.14
CA ASP M 71 4.93 0.38 -45.32
C ASP M 71 4.73 -0.39 -46.63
N ALA M 72 5.29 0.11 -47.73
CA ALA M 72 5.23 -0.62 -49.00
C ALA M 72 5.84 -2.01 -48.91
N TYR M 73 6.94 -2.18 -48.16
CA TYR M 73 7.52 -3.51 -48.02
C TYR M 73 6.64 -4.44 -47.20
N ARG M 74 6.07 -3.93 -46.13
CA ARG M 74 5.14 -4.69 -45.29
C ARG M 74 3.90 -5.10 -46.06
N TYR M 75 3.36 -4.22 -46.90
CA TYR M 75 2.18 -4.55 -47.70
C TYR M 75 2.46 -5.57 -48.81
N ARG M 76 3.69 -5.66 -49.32
CA ARG M 76 4.00 -6.73 -50.26
C ARG M 76 4.13 -8.09 -49.57
N HIS M 77 4.47 -8.13 -48.30
CA HIS M 77 4.63 -9.38 -47.55
C HIS M 77 3.48 -9.53 -46.55
N LYS M 78 2.31 -9.85 -47.10
CA LYS M 78 1.07 -9.89 -46.34
C LYS M 78 1.06 -11.04 -45.33
N PRO M 79 0.36 -10.86 -44.21
CA PRO M 79 -0.16 -12.00 -43.45
C PRO M 79 -0.84 -13.02 -44.35
N GLN M 80 -0.42 -14.27 -44.22
CA GLN M 80 -1.04 -15.39 -44.90
C GLN M 80 -1.94 -16.13 -43.93
N GLN M 81 -3.20 -16.31 -44.33
CA GLN M 81 -4.13 -17.11 -43.55
C GLN M 81 -3.95 -18.59 -43.86
N GLU M 82 -4.10 -19.40 -42.82
CA GLU M 82 -4.34 -20.83 -42.95
C GLU M 82 -5.47 -21.21 -42.00
N ALA M 83 -6.37 -22.07 -42.48
CA ALA M 83 -7.68 -22.24 -41.85
C ALA M 83 -7.55 -22.75 -40.41
N GLY M 84 -8.03 -21.95 -39.47
CA GLY M 84 -7.96 -22.21 -38.05
C GLY M 84 -6.59 -22.05 -37.42
N ARG M 85 -5.56 -21.75 -38.20
CA ARG M 85 -4.25 -21.42 -37.65
C ARG M 85 -4.18 -19.94 -37.32
N PRO M 86 -3.31 -19.53 -36.42
CA PRO M 86 -2.91 -18.12 -36.39
C PRO M 86 -2.19 -17.75 -37.68
N PRO M 87 -2.27 -16.49 -38.08
CA PRO M 87 -1.74 -16.10 -39.39
C PRO M 87 -0.22 -16.21 -39.43
N THR M 88 0.29 -16.70 -40.57
CA THR M 88 1.70 -16.56 -40.86
C THR M 88 2.00 -15.12 -41.26
N VAL M 89 2.82 -14.44 -40.48
CA VAL M 89 3.11 -13.03 -40.71
C VAL M 89 4.61 -12.84 -40.88
N PRO M 90 5.12 -12.89 -42.11
CA PRO M 90 6.59 -12.82 -42.29
C PRO M 90 7.20 -11.53 -41.78
N VAL M 91 6.59 -10.38 -42.09
CA VAL M 91 7.10 -9.07 -41.71
C VAL M 91 6.12 -8.44 -40.72
N VAL M 92 6.61 -8.12 -39.52
CA VAL M 92 5.91 -7.25 -38.59
C VAL M 92 6.44 -5.84 -38.76
N TYR M 93 5.54 -4.86 -38.74
CA TYR M 93 5.92 -3.46 -38.71
C TYR M 93 5.23 -2.79 -37.52
N ILE M 94 6.03 -2.15 -36.68
CA ILE M 94 5.52 -1.36 -35.56
C ILE M 94 6.15 0.02 -35.59
N ARG M 95 5.35 1.04 -35.29
CA ARG M 95 5.90 2.31 -34.82
C ARG M 95 5.62 2.45 -33.33
N PRO M 96 6.61 2.28 -32.47
CA PRO M 96 6.46 2.62 -31.06
C PRO M 96 5.94 4.03 -30.82
N HIS M 97 5.15 4.17 -29.76
CA HIS M 97 4.92 5.48 -29.17
C HIS M 97 6.18 5.95 -28.46
N GLN M 98 6.21 7.24 -28.17
CA GLN M 98 7.36 7.82 -27.49
C GLN M 98 7.54 7.18 -26.11
N LYS M 99 8.79 7.05 -25.70
CA LYS M 99 9.18 6.37 -24.46
C LYS M 99 8.60 4.96 -24.38
N CYS M 100 8.81 4.19 -25.44
CA CYS M 100 8.32 2.81 -25.49
C CYS M 100 9.10 1.94 -24.52
N GLY M 101 8.43 1.45 -23.49
CA GLY M 101 9.01 0.47 -22.60
C GLY M 101 8.77 -0.95 -23.08
N PRO M 102 9.32 -1.92 -22.34
CA PRO M 102 9.16 -3.33 -22.75
C PRO M 102 7.72 -3.80 -22.95
N LYS M 103 6.82 -3.55 -22.01
CA LYS M 103 5.43 -3.96 -22.20
C LYS M 103 4.78 -3.23 -23.37
N ASP M 104 5.15 -1.97 -23.61
CA ASP M 104 4.62 -1.24 -24.75
C ASP M 104 5.05 -1.88 -26.05
N LEU M 105 6.32 -2.27 -26.15
CA LEU M 105 6.83 -3.00 -27.30
C LEU M 105 6.13 -4.35 -27.48
N PHE M 106 6.05 -5.12 -26.40
CA PHE M 106 5.39 -6.43 -26.45
C PHE M 106 3.93 -6.34 -26.83
N LYS M 107 3.21 -5.38 -26.26
CA LYS M 107 1.82 -5.10 -26.65
C LYS M 107 1.68 -4.76 -28.13
N LYS M 108 2.54 -3.88 -28.65
CA LYS M 108 2.47 -3.54 -30.07
C LYS M 108 2.79 -4.73 -30.98
N ILE M 109 3.77 -5.55 -30.63
CA ILE M 109 4.07 -6.73 -31.44
C ILE M 109 2.91 -7.72 -31.40
N THR M 110 2.44 -8.05 -30.20
CA THR M 110 1.41 -9.07 -30.06
C THR M 110 0.06 -8.61 -30.62
N GLU M 111 -0.23 -7.32 -30.58
CA GLU M 111 -1.42 -6.78 -31.23
C GLU M 111 -1.27 -6.55 -32.72
N TYR M 112 -0.06 -6.62 -33.27
CA TYR M 112 0.09 -6.58 -34.71
C TYR M 112 -0.27 -7.92 -35.32
N LEU M 113 0.27 -8.99 -34.74
CA LEU M 113 -0.37 -10.28 -34.82
C LEU M 113 -1.73 -10.13 -34.14
N LYS M 114 -2.68 -10.97 -34.49
CA LYS M 114 -4.06 -10.60 -34.15
C LYS M 114 -4.49 -11.07 -32.76
N TYR M 115 -3.72 -10.69 -31.74
CA TYR M 115 -3.95 -11.11 -30.36
C TYR M 115 -4.26 -9.91 -29.48
N ARG M 116 -5.11 -10.14 -28.48
CA ARG M 116 -5.27 -9.21 -27.38
C ARG M 116 -4.24 -9.49 -26.30
N VAL M 117 -3.71 -8.42 -25.69
CA VAL M 117 -2.98 -8.57 -24.44
C VAL M 117 -3.93 -8.85 -23.29
N THR M 118 -3.48 -9.69 -22.37
CA THR M 118 -4.10 -9.83 -21.06
C THR M 118 -3.25 -9.08 -20.04
N LYS M 119 -3.91 -8.47 -19.05
CA LYS M 119 -3.22 -7.91 -17.89
C LYS M 119 -2.18 -8.88 -17.36
N GLY M 120 -0.98 -8.39 -17.09
CA GLY M 120 0.08 -9.29 -16.69
C GLY M 120 1.36 -8.54 -16.43
N THR M 121 2.34 -9.28 -15.92
CA THR M 121 3.68 -8.77 -15.69
C THR M 121 4.42 -8.60 -17.02
N VAL M 122 5.51 -7.84 -16.97
CA VAL M 122 6.45 -7.76 -18.08
C VAL M 122 6.91 -9.15 -18.51
N SER M 123 7.10 -10.04 -17.54
CA SER M 123 7.47 -11.42 -17.85
C SER M 123 6.36 -12.17 -18.58
N ASP M 124 5.10 -11.96 -18.20
CA ASP M 124 3.99 -12.56 -18.94
C ASP M 124 3.89 -12.02 -20.36
N PHE M 125 4.05 -10.71 -20.54
CA PHE M 125 4.03 -10.14 -21.89
C PHE M 125 5.18 -10.66 -22.74
N ARG M 126 6.36 -10.77 -22.17
CA ARG M 126 7.51 -11.31 -22.90
C ARG M 126 7.26 -12.74 -23.36
N ASP M 127 6.90 -13.62 -22.43
CA ASP M 127 6.67 -15.02 -22.79
C ASP M 127 5.59 -15.20 -23.84
N ARG M 128 4.51 -14.41 -23.73
CA ARG M 128 3.46 -14.44 -24.75
C ARG M 128 3.92 -13.88 -26.09
N THR M 129 4.75 -12.83 -26.07
CA THR M 129 5.29 -12.29 -27.32
C THR M 129 6.22 -13.28 -28.00
N ILE M 130 7.13 -13.89 -27.25
CA ILE M 130 8.03 -14.87 -27.82
C ILE M 130 7.25 -16.07 -28.36
N GLU M 131 6.19 -16.45 -27.66
CA GLU M 131 5.31 -17.52 -28.11
C GLU M 131 4.61 -17.20 -29.43
N VAL M 132 4.16 -15.95 -29.62
CA VAL M 132 3.45 -15.61 -30.85
C VAL M 132 4.34 -15.10 -31.98
N LEU M 133 5.54 -14.61 -31.69
CA LEU M 133 6.51 -14.40 -32.77
C LEU M 133 6.91 -15.71 -33.42
N LYS M 134 7.06 -16.76 -32.63
CA LYS M 134 6.96 -18.11 -33.15
C LYS M 134 5.51 -18.46 -33.43
N GLY M 135 5.30 -19.43 -34.31
CA GLY M 135 3.94 -19.81 -34.62
C GLY M 135 3.20 -18.89 -35.55
N CYS M 136 3.35 -17.57 -35.41
CA CYS M 136 3.12 -16.69 -36.54
C CYS M 136 4.26 -16.68 -37.55
N GLY M 137 5.36 -17.35 -37.24
CA GLY M 137 6.44 -17.50 -38.21
C GLY M 137 7.10 -16.21 -38.60
N VAL M 138 7.18 -15.24 -37.69
CA VAL M 138 7.78 -13.95 -37.99
C VAL M 138 9.25 -14.13 -38.35
N GLU M 139 9.70 -13.39 -39.36
CA GLU M 139 11.08 -13.45 -39.81
C GLU M 139 11.75 -12.09 -39.92
N MET M 140 10.99 -11.01 -40.03
CA MET M 140 11.51 -9.66 -39.97
C MET M 140 10.60 -8.80 -39.11
N LEU M 141 11.20 -8.03 -38.23
CA LEU M 141 10.51 -7.03 -37.42
C LEU M 141 11.09 -5.66 -37.76
N ILE M 142 10.27 -4.77 -38.29
CA ILE M 142 10.66 -3.40 -38.56
C ILE M 142 10.15 -2.52 -37.44
N ILE M 143 11.06 -1.83 -36.77
CA ILE M 143 10.71 -0.87 -35.74
C ILE M 143 10.98 0.51 -36.32
N ASP M 144 9.92 1.16 -36.77
CA ASP M 144 9.99 2.51 -37.30
C ASP M 144 10.03 3.53 -36.18
N GLU M 145 10.90 4.53 -36.34
CA GLU M 145 11.30 5.45 -35.30
C GLU M 145 11.77 4.73 -34.05
N ALA M 146 12.73 3.82 -34.25
CA ALA M 146 13.34 3.04 -33.19
C ALA M 146 14.02 3.89 -32.13
N ASP M 147 14.28 5.18 -32.40
CA ASP M 147 14.76 6.10 -31.39
C ASP M 147 13.74 6.39 -30.29
N ARG M 148 12.49 6.00 -30.46
CA ARG M 148 11.50 6.14 -29.40
C ARG M 148 11.62 5.07 -28.33
N LEU M 149 12.32 3.97 -28.62
CA LEU M 149 12.58 2.94 -27.62
C LEU M 149 13.37 3.50 -26.43
N LYS M 150 12.93 3.17 -25.22
CA LYS M 150 13.75 3.40 -24.04
C LYS M 150 15.05 2.60 -24.09
N PRO M 151 16.12 3.12 -23.49
CA PRO M 151 17.38 2.36 -23.41
C PRO M 151 17.25 0.93 -22.89
N GLU M 152 16.39 0.71 -21.90
CA GLU M 152 16.17 -0.63 -21.34
C GLU M 152 15.52 -1.59 -22.34
N THR M 153 14.63 -1.11 -23.21
CA THR M 153 13.88 -2.02 -24.06
C THR M 153 14.71 -2.56 -25.23
N PHE M 154 15.84 -1.92 -25.55
CA PHE M 154 16.74 -2.47 -26.56
C PHE M 154 17.29 -3.84 -26.20
N ALA M 155 17.40 -4.13 -24.90
CA ALA M 155 17.81 -5.46 -24.46
C ALA M 155 16.81 -6.54 -24.86
N ASP M 156 15.51 -6.24 -24.79
CA ASP M 156 14.51 -7.17 -25.29
C ASP M 156 14.48 -7.24 -26.81
N VAL M 157 14.73 -6.12 -27.49
CA VAL M 157 14.91 -6.15 -28.95
C VAL M 157 16.09 -7.01 -29.35
N ARG M 158 17.21 -6.86 -28.65
CA ARG M 158 18.39 -7.69 -28.92
C ARG M 158 18.14 -9.16 -28.61
N ASP M 159 17.40 -9.46 -27.55
CA ASP M 159 17.04 -10.83 -27.24
C ASP M 159 16.08 -11.44 -28.24
N ILE M 160 15.15 -10.65 -28.80
CA ILE M 160 14.34 -11.13 -29.91
C ILE M 160 15.19 -11.47 -31.12
N ALA M 161 16.13 -10.60 -31.46
CA ALA M 161 17.02 -10.85 -32.58
C ALA M 161 17.98 -12.01 -32.32
N GLU M 162 18.34 -12.25 -31.06
CA GLU M 162 19.29 -13.32 -30.74
C GLU M 162 18.61 -14.65 -30.46
N ASP M 163 17.50 -14.66 -29.73
CA ASP M 163 16.91 -15.93 -29.34
C ASP M 163 16.07 -16.53 -30.45
N LEU M 164 15.37 -15.69 -31.21
CA LEU M 164 14.75 -16.12 -32.43
C LEU M 164 15.63 -15.67 -33.58
N GLY M 165 15.57 -16.40 -34.69
CA GLY M 165 16.20 -15.92 -35.90
C GLY M 165 15.37 -14.88 -36.60
N ILE M 166 15.29 -13.67 -36.06
CA ILE M 166 14.49 -12.61 -36.65
C ILE M 166 15.41 -11.46 -37.02
N ALA M 167 15.30 -11.01 -38.26
CA ALA M 167 15.92 -9.77 -38.72
C ALA M 167 15.16 -8.59 -38.10
N VAL M 168 15.77 -7.93 -37.14
CA VAL M 168 15.21 -6.68 -36.62
C VAL M 168 15.75 -5.51 -37.41
N VAL M 169 14.85 -4.67 -37.91
CA VAL M 169 15.20 -3.51 -38.70
C VAL M 169 14.83 -2.26 -37.92
N LEU M 170 15.84 -1.50 -37.49
CA LEU M 170 15.63 -0.23 -36.84
C LEU M 170 15.61 0.89 -37.88
N VAL M 171 14.61 1.77 -37.78
CA VAL M 171 14.44 2.86 -38.72
C VAL M 171 14.35 4.17 -37.95
N GLY M 172 15.03 5.19 -38.45
CA GLY M 172 15.05 6.49 -37.80
C GLY M 172 15.95 7.43 -38.56
N THR M 173 16.07 8.64 -38.03
CA THR M 173 17.02 9.61 -38.55
C THR M 173 18.33 9.52 -37.76
N ASP M 174 19.17 10.55 -37.85
CA ASP M 174 20.40 10.60 -37.08
C ASP M 174 20.18 10.51 -35.57
N ARG M 175 18.99 10.88 -35.10
CA ARG M 175 18.62 10.62 -33.71
C ARG M 175 18.81 9.16 -33.30
N LEU M 176 18.54 8.25 -34.23
CA LEU M 176 18.75 6.83 -33.94
C LEU M 176 20.23 6.49 -33.76
N ASP M 177 21.10 7.04 -34.61
CA ASP M 177 22.53 6.87 -34.41
C ASP M 177 23.03 7.48 -33.09
N ALA M 178 22.39 8.54 -32.61
CA ALA M 178 22.74 9.08 -31.30
C ALA M 178 22.27 8.19 -30.16
N VAL M 179 21.13 7.51 -30.32
CA VAL M 179 20.66 6.56 -29.32
C VAL M 179 21.47 5.28 -29.35
N ILE M 180 21.72 4.75 -30.54
CA ILE M 180 22.39 3.46 -30.69
C ILE M 180 23.83 3.51 -30.17
N LYS M 181 24.59 4.55 -30.52
CA LYS M 181 25.99 4.61 -30.15
C LYS M 181 26.24 4.64 -28.65
N ARG M 182 25.24 4.96 -27.83
CA ARG M 182 25.35 4.92 -26.39
C ARG M 182 25.14 3.53 -25.79
N ASP M 183 25.00 2.49 -26.61
CA ASP M 183 25.01 1.10 -26.12
C ASP M 183 25.76 0.27 -27.15
N GLU M 184 27.02 -0.08 -26.83
CA GLU M 184 27.87 -0.77 -27.79
C GLU M 184 27.30 -2.12 -28.19
N GLN M 185 26.53 -2.78 -27.32
CA GLN M 185 25.92 -4.05 -27.71
C GLN M 185 24.85 -3.86 -28.76
N VAL M 186 24.09 -2.77 -28.67
CA VAL M 186 23.14 -2.40 -29.72
C VAL M 186 23.88 -1.95 -30.97
N LEU M 187 24.83 -1.02 -30.80
CA LEU M 187 25.62 -0.52 -31.92
C LEU M 187 26.22 -1.64 -32.76
N GLU M 188 26.80 -2.64 -32.10
CA GLU M 188 27.50 -3.70 -32.81
C GLU M 188 26.58 -4.76 -33.43
N ARG M 189 25.31 -4.77 -33.06
CA ARG M 189 24.33 -5.65 -33.70
C ARG M 189 23.60 -5.04 -34.89
N PHE M 190 23.35 -3.73 -34.85
CA PHE M 190 22.61 -3.02 -35.90
C PHE M 190 23.51 -2.16 -36.79
N ARG M 191 24.79 -2.49 -36.88
CA ARG M 191 25.71 -1.61 -37.60
C ARG M 191 25.57 -1.67 -39.12
N ALA M 192 25.07 -2.76 -39.69
CA ALA M 192 24.76 -2.77 -41.11
C ALA M 192 23.63 -1.77 -41.36
N HIS M 193 23.80 -0.89 -42.34
CA HIS M 193 22.81 0.15 -42.58
C HIS M 193 22.60 0.41 -44.06
N LEU M 194 21.48 1.08 -44.34
CA LEU M 194 21.15 1.68 -45.62
C LEU M 194 20.81 3.14 -45.41
N ARG M 195 21.31 4.01 -46.28
CA ARG M 195 21.05 5.45 -46.24
C ARG M 195 20.00 5.85 -47.27
N PHE M 196 18.92 6.47 -46.79
CA PHE M 196 18.01 7.19 -47.66
C PHE M 196 18.54 8.58 -47.99
N GLY M 197 18.60 8.90 -49.28
CA GLY M 197 19.16 10.15 -49.74
C GLY M 197 18.12 11.20 -50.10
N LYS M 198 18.60 12.43 -50.22
CA LYS M 198 17.88 13.41 -51.02
C LYS M 198 17.87 12.98 -52.49
N LEU M 199 16.77 13.29 -53.18
CA LEU M 199 16.76 13.24 -54.62
C LEU M 199 17.53 14.41 -55.22
N SER M 200 17.91 14.25 -56.47
CA SER M 200 18.54 15.33 -57.24
C SER M 200 18.47 15.00 -58.72
N GLY M 201 18.79 16.01 -59.53
CA GLY M 201 19.10 15.83 -60.95
C GLY M 201 18.00 15.20 -61.77
N GLU M 202 18.40 14.23 -62.59
CA GLU M 202 17.48 13.54 -63.48
C GLU M 202 16.48 12.66 -62.73
N ASP M 203 16.86 12.13 -61.58
CA ASP M 203 15.91 11.43 -60.73
C ASP M 203 14.88 12.39 -60.16
N PHE M 204 15.32 13.58 -59.74
CA PHE M 204 14.38 14.60 -59.27
C PHE M 204 13.46 15.05 -60.40
N LYS M 205 14.03 15.32 -61.58
CA LYS M 205 13.22 15.61 -62.76
C LYS M 205 12.23 14.49 -63.07
N ASN M 206 12.70 13.24 -63.09
CA ASN M 206 11.83 12.09 -63.31
C ASN M 206 10.76 11.93 -62.23
N THR M 207 11.08 12.26 -60.98
CA THR M 207 10.08 12.16 -59.91
C THR M 207 8.97 13.20 -60.07
N VAL M 208 9.34 14.45 -60.36
CA VAL M 208 8.36 15.49 -60.65
C VAL M 208 7.43 15.10 -61.80
N GLU M 209 8.01 14.57 -62.88
CA GLU M 209 7.19 14.13 -64.02
C GLU M 209 6.10 13.14 -63.62
N MET M 210 6.43 12.18 -62.75
CA MET M 210 5.43 11.21 -62.31
C MET M 210 4.27 11.84 -61.55
N TRP M 211 4.53 12.84 -60.71
CA TRP M 211 3.51 13.30 -59.76
C TRP M 211 2.26 13.83 -60.45
N GLU M 212 2.41 14.71 -61.44
CA GLU M 212 1.22 15.31 -62.06
C GLU M 212 0.40 14.30 -62.85
N GLN M 213 1.03 13.24 -63.36
CA GLN M 213 0.30 12.22 -64.11
C GLN M 213 -0.09 11.01 -63.28
N MET M 214 0.62 10.73 -62.18
CA MET M 214 0.34 9.58 -61.33
C MET M 214 -0.34 9.92 -60.01
N VAL M 215 -0.29 11.17 -59.58
CA VAL M 215 -0.87 11.58 -58.29
C VAL M 215 -1.93 12.65 -58.52
N LEU M 216 -1.58 13.74 -59.20
CA LEU M 216 -2.50 14.86 -59.29
C LEU M 216 -3.64 14.58 -60.28
N LYS M 217 -3.29 14.27 -61.53
CA LYS M 217 -4.27 14.01 -62.60
C LYS M 217 -5.38 15.06 -62.62
N LEU M 218 -4.99 16.32 -62.55
CA LEU M 218 -5.89 17.41 -62.90
C LEU M 218 -6.27 17.30 -64.38
N PRO M 219 -7.43 17.84 -64.77
CA PRO M 219 -7.91 17.62 -66.14
C PRO M 219 -7.01 18.22 -67.23
N VAL M 220 -6.14 19.17 -66.90
CA VAL M 220 -5.22 19.73 -67.89
C VAL M 220 -3.79 19.64 -67.37
N SER M 221 -2.86 19.45 -68.30
CA SER M 221 -1.44 19.32 -67.97
C SER M 221 -0.91 20.55 -67.24
N SER M 222 -0.12 20.31 -66.18
CA SER M 222 0.49 21.37 -65.39
C SER M 222 1.91 21.69 -65.82
N ASN M 223 2.60 20.77 -66.49
CA ASN M 223 3.94 20.97 -67.05
C ASN M 223 4.96 21.30 -65.96
N LEU M 224 4.85 20.62 -64.82
CA LEU M 224 5.70 20.91 -63.66
C LEU M 224 7.18 20.66 -63.93
N LYS M 225 7.49 19.82 -64.93
CA LYS M 225 8.85 19.59 -65.39
C LYS M 225 9.50 20.83 -66.00
N SER M 226 8.71 21.77 -66.52
CA SER M 226 9.28 22.92 -67.22
C SER M 226 10.16 23.76 -66.29
N LYS M 227 11.29 24.22 -66.83
CA LYS M 227 12.38 24.78 -66.04
C LYS M 227 11.91 25.85 -65.08
N GLU M 228 11.03 26.75 -65.52
CA GLU M 228 10.55 27.80 -64.64
C GLU M 228 9.74 27.25 -63.48
N MET M 229 9.14 26.07 -63.63
CA MET M 229 8.50 25.37 -62.53
C MET M 229 9.50 24.46 -61.81
N LEU M 230 10.29 23.72 -62.58
CA LEU M 230 11.26 22.77 -62.04
C LEU M 230 12.31 23.45 -61.17
N ARG M 231 12.76 24.64 -61.57
CA ARG M 231 13.73 25.40 -60.77
C ARG M 231 13.16 25.86 -59.44
N ILE M 232 11.91 26.32 -59.43
CA ILE M 232 11.27 26.70 -58.17
C ILE M 232 11.09 25.48 -57.26
N LEU M 233 10.52 24.40 -57.79
CA LEU M 233 10.37 23.17 -57.03
C LEU M 233 11.69 22.64 -56.49
N THR M 234 12.78 22.80 -57.23
CA THR M 234 14.09 22.45 -56.67
C THR M 234 14.42 23.27 -55.44
N SER M 235 14.26 24.59 -55.51
CA SER M 235 14.57 25.45 -54.37
C SER M 235 13.63 25.22 -53.20
N ALA M 236 12.35 24.94 -53.47
CA ALA M 236 11.37 24.78 -52.41
C ALA M 236 11.45 23.42 -51.73
N THR M 237 11.71 22.36 -52.49
CA THR M 237 11.73 21.02 -51.91
C THR M 237 13.11 20.61 -51.43
N GLU M 238 14.17 21.16 -52.02
CA GLU M 238 15.55 20.75 -51.77
C GLU M 238 15.78 19.27 -52.01
N GLY M 239 14.89 18.60 -52.74
CA GLY M 239 15.00 17.19 -52.96
C GLY M 239 14.43 16.29 -51.89
N TYR M 240 13.73 16.84 -50.91
CA TYR M 240 12.97 16.01 -49.98
C TYR M 240 11.65 15.59 -50.63
N ILE M 241 11.46 14.28 -50.73
CA ILE M 241 10.28 13.72 -51.38
C ILE M 241 9.01 14.12 -50.65
N GLY M 242 9.08 14.30 -49.33
CA GLY M 242 7.91 14.77 -48.61
C GLY M 242 7.51 16.20 -48.92
N ARG M 243 8.49 17.08 -49.08
CA ARG M 243 8.22 18.45 -49.50
C ARG M 243 7.66 18.50 -50.91
N LEU M 244 8.24 17.73 -51.83
CA LEU M 244 7.76 17.64 -53.21
C LEU M 244 6.29 17.24 -53.28
N ASP M 245 5.90 16.20 -52.58
CA ASP M 245 4.51 15.76 -52.58
C ASP M 245 3.58 16.80 -51.97
N GLU M 246 3.88 17.27 -50.76
CA GLU M 246 2.95 18.16 -50.05
C GLU M 246 2.79 19.51 -50.72
N ILE M 247 3.82 20.04 -51.36
CA ILE M 247 3.70 21.26 -52.13
C ILE M 247 2.72 21.09 -53.29
N LEU M 248 2.94 20.06 -54.12
CA LEU M 248 2.15 19.87 -55.32
C LEU M 248 0.69 19.52 -55.01
N ARG M 249 0.44 18.71 -53.98
CA ARG M 249 -0.94 18.44 -53.57
C ARG M 249 -1.66 19.70 -53.13
N GLU M 250 -1.03 20.50 -52.28
CA GLU M 250 -1.63 21.77 -51.86
C GLU M 250 -1.78 22.74 -53.02
N ALA M 251 -0.82 22.76 -53.94
CA ALA M 251 -0.91 23.65 -55.10
C ALA M 251 -2.06 23.26 -56.03
N ALA M 252 -2.28 21.97 -56.25
CA ALA M 252 -3.43 21.52 -57.03
C ALA M 252 -4.75 21.88 -56.36
N ILE M 253 -4.86 21.62 -55.06
CA ILE M 253 -6.07 21.95 -54.31
C ILE M 253 -6.39 23.45 -54.38
N ARG M 254 -5.39 24.31 -54.19
CA ARG M 254 -5.63 25.74 -54.24
C ARG M 254 -5.98 26.23 -55.64
N SER M 255 -5.33 25.67 -56.66
CA SER M 255 -5.67 26.03 -58.04
C SER M 255 -7.10 25.63 -58.41
N LEU M 256 -7.50 24.41 -58.07
CA LEU M 256 -8.88 23.97 -58.27
C LEU M 256 -9.86 24.87 -57.53
N SER M 257 -9.55 25.25 -56.30
CA SER M 257 -10.45 26.10 -55.51
C SER M 257 -10.60 27.49 -56.08
N ARG M 258 -9.69 27.92 -56.95
CA ARG M 258 -9.81 29.17 -57.68
C ARG M 258 -10.54 29.00 -59.01
N GLY M 259 -10.87 27.78 -59.39
CA GLY M 259 -11.57 27.47 -60.63
C GLY M 259 -10.68 27.06 -61.77
N LEU M 260 -9.38 26.92 -61.55
CA LEU M 260 -8.43 26.62 -62.61
C LEU M 260 -8.37 25.12 -62.89
N LYS M 261 -8.09 24.79 -64.16
CA LYS M 261 -8.00 23.39 -64.57
C LYS M 261 -6.67 22.75 -64.23
N LYS M 262 -5.72 23.52 -63.72
CA LYS M 262 -4.33 23.10 -63.61
C LYS M 262 -3.65 23.96 -62.55
N ILE M 263 -2.50 23.48 -62.08
CA ILE M 263 -1.59 24.31 -61.29
C ILE M 263 -0.95 25.35 -62.20
N ASP M 264 -1.19 26.62 -61.90
CA ASP M 264 -0.41 27.70 -62.50
C ASP M 264 0.83 28.00 -61.67
N LYS M 265 1.87 28.50 -62.34
CA LYS M 265 3.09 28.91 -61.65
C LYS M 265 2.80 30.00 -60.61
N ALA M 266 1.75 30.79 -60.82
CA ALA M 266 1.38 31.81 -59.85
C ALA M 266 0.95 31.20 -58.53
N VAL M 267 0.18 30.12 -58.58
CA VAL M 267 -0.12 29.38 -57.35
C VAL M 267 1.09 28.61 -56.87
N LEU M 268 1.89 28.06 -57.80
CA LEU M 268 3.12 27.38 -57.43
C LEU M 268 4.08 28.32 -56.70
N GLN M 269 4.22 29.56 -57.18
CA GLN M 269 4.97 30.56 -56.43
C GLN M 269 4.27 30.91 -55.13
N GLU M 270 2.95 31.05 -55.17
CA GLU M 270 2.15 31.32 -53.98
C GLU M 270 2.28 30.23 -52.93
N VAL M 271 2.48 28.98 -53.35
CA VAL M 271 2.77 27.91 -52.40
C VAL M 271 4.24 27.90 -52.00
N ALA M 272 5.15 27.96 -52.98
CA ALA M 272 6.57 27.80 -52.68
C ALA M 272 7.10 28.87 -51.74
N LYS M 273 6.50 30.06 -51.73
CA LYS M 273 6.87 31.09 -50.78
C LYS M 273 6.47 30.78 -49.35
N GLU M 274 5.65 29.76 -49.10
CA GLU M 274 5.28 29.45 -47.73
C GLU M 274 6.29 28.57 -47.01
N TYR M 275 7.32 28.10 -47.71
CA TYR M 275 8.29 27.18 -47.15
C TYR M 275 9.62 27.87 -46.85
N GLU N 19 -25.55 55.04 -12.91
CA GLU N 19 -24.41 55.89 -13.19
C GLU N 19 -23.85 55.58 -14.58
N TRP N 20 -23.44 56.63 -15.29
CA TRP N 20 -22.89 56.46 -16.63
C TRP N 20 -21.51 55.82 -16.60
N LEU N 21 -20.59 56.37 -15.81
CA LEU N 21 -19.17 56.10 -15.98
C LEU N 21 -18.84 54.63 -15.75
N GLN N 22 -19.31 54.05 -14.65
CA GLN N 22 -18.90 52.71 -14.26
C GLN N 22 -19.23 51.67 -15.32
N ALA N 23 -20.34 51.84 -16.04
CA ALA N 23 -20.72 50.91 -17.10
C ALA N 23 -19.78 51.01 -18.31
N GLU N 24 -19.54 52.22 -18.79
CA GLU N 24 -18.62 52.43 -19.90
C GLU N 24 -17.18 52.05 -19.55
N ILE N 25 -16.74 52.33 -18.33
CA ILE N 25 -15.44 51.87 -17.87
C ILE N 25 -15.35 50.34 -17.91
N ALA N 26 -16.39 49.66 -17.42
CA ALA N 26 -16.40 48.21 -17.49
C ALA N 26 -16.44 47.69 -18.93
N ARG N 27 -17.07 48.43 -19.84
CA ARG N 27 -16.99 48.08 -21.26
C ARG N 27 -15.59 48.23 -21.83
N LEU N 28 -14.94 49.37 -21.56
CA LEU N 28 -13.59 49.60 -22.03
C LEU N 28 -12.58 48.67 -21.37
N LYS N 29 -12.83 48.33 -20.11
CA LYS N 29 -11.97 47.40 -19.37
C LYS N 29 -11.95 46.00 -19.99
N GLY N 30 -13.07 45.55 -20.57
CA GLY N 30 -13.06 44.32 -21.32
C GLY N 30 -12.43 44.43 -22.70
N LYS N 31 -12.18 43.27 -23.31
CA LYS N 31 -11.61 43.14 -24.64
C LYS N 31 -12.67 43.15 -25.74
N SER N 32 -12.21 43.34 -26.97
CA SER N 32 -13.03 43.34 -28.18
C SER N 32 -12.25 42.69 -29.31
N ILE N 33 -12.95 42.38 -30.41
CA ILE N 33 -12.33 41.84 -31.62
C ILE N 33 -12.70 42.71 -32.81
N VAL N 34 -11.74 42.95 -33.69
CA VAL N 34 -11.90 43.80 -34.87
C VAL N 34 -11.42 43.05 -36.10
N PRO N 35 -12.20 43.02 -37.19
CA PRO N 35 -11.84 42.24 -38.39
C PRO N 35 -10.76 42.91 -39.24
N LEU N 36 -9.52 42.87 -38.74
CA LEU N 36 -8.38 43.38 -39.45
C LEU N 36 -8.00 42.49 -40.63
N GLN N 37 -7.31 43.08 -41.60
CA GLN N 37 -6.94 42.35 -42.81
C GLN N 37 -5.98 41.20 -42.51
N GLN N 38 -5.18 41.33 -41.46
CA GLN N 38 -4.35 40.21 -41.03
C GLN N 38 -5.19 39.05 -40.54
N VAL N 39 -6.26 39.33 -39.79
CA VAL N 39 -7.17 38.28 -39.34
C VAL N 39 -7.87 37.63 -40.53
N LYS N 40 -8.42 38.44 -41.44
CA LYS N 40 -9.00 37.91 -42.67
C LYS N 40 -8.01 37.09 -43.48
N THR N 41 -6.77 37.55 -43.58
CA THR N 41 -5.75 36.79 -44.31
C THR N 41 -5.48 35.43 -43.66
N LEU N 42 -5.32 35.42 -42.34
CA LEU N 42 -5.11 34.15 -41.63
C LEU N 42 -6.29 33.21 -41.81
N HIS N 43 -7.51 33.74 -41.73
CA HIS N 43 -8.70 32.90 -41.79
C HIS N 43 -8.83 32.21 -43.15
N ASP N 44 -8.51 32.90 -44.23
CA ASP N 44 -8.46 32.25 -45.54
C ASP N 44 -7.33 31.23 -45.62
N TRP N 45 -6.18 31.53 -45.03
CA TRP N 45 -5.07 30.60 -45.04
C TRP N 45 -5.37 29.34 -44.23
N LEU N 46 -5.99 29.50 -43.07
CA LEU N 46 -6.41 28.36 -42.27
C LEU N 46 -7.50 27.54 -42.95
N ASP N 47 -8.41 28.18 -43.69
CA ASP N 47 -9.36 27.42 -44.49
C ASP N 47 -8.69 26.56 -45.56
N GLY N 48 -7.64 27.07 -46.20
CA GLY N 48 -6.89 26.25 -47.13
C GLY N 48 -6.19 25.09 -46.46
N LYS N 49 -5.53 25.35 -45.32
CA LYS N 49 -4.82 24.29 -44.61
C LYS N 49 -5.77 23.24 -44.06
N ARG N 50 -6.91 23.67 -43.52
CA ARG N 50 -7.92 22.73 -43.03
C ARG N 50 -8.51 21.89 -44.15
N LYS N 51 -8.78 22.51 -45.30
CA LYS N 51 -9.23 21.77 -46.47
C LYS N 51 -8.19 20.73 -46.92
N ALA N 52 -6.93 21.14 -47.00
CA ALA N 52 -5.86 20.25 -47.44
C ALA N 52 -5.40 19.27 -46.37
N ARG N 53 -5.86 19.43 -45.13
CA ARG N 53 -5.30 18.72 -43.97
C ARG N 53 -3.80 18.95 -43.80
N LYS N 54 -3.35 20.13 -44.16
CA LYS N 54 -1.95 20.51 -44.12
C LYS N 54 -1.59 21.05 -42.74
N SER N 55 -0.63 20.41 -42.08
CA SER N 55 -0.04 20.94 -40.85
C SER N 55 0.93 22.07 -41.16
N CYS N 56 1.00 23.05 -40.26
CA CYS N 56 1.67 24.31 -40.53
C CYS N 56 1.90 25.03 -39.22
N ARG N 57 2.68 26.12 -39.28
CA ARG N 57 2.88 26.99 -38.13
C ARG N 57 2.54 28.44 -38.46
N VAL N 58 2.01 29.14 -37.47
CA VAL N 58 1.80 30.59 -37.52
C VAL N 58 2.78 31.25 -36.56
N VAL N 59 3.60 32.15 -37.07
CA VAL N 59 4.71 32.73 -36.32
C VAL N 59 4.63 34.25 -36.41
N GLY N 60 5.02 34.91 -35.32
CA GLY N 60 5.12 36.35 -35.30
C GLY N 60 5.36 36.92 -33.92
N GLU N 61 5.91 38.14 -33.85
CA GLU N 61 6.20 38.81 -32.59
C GLU N 61 4.99 38.92 -31.67
N SER N 62 5.25 39.04 -30.37
CA SER N 62 4.21 39.21 -29.37
C SER N 62 3.29 40.38 -29.71
N ARG N 63 2.01 40.22 -29.38
CA ARG N 63 1.00 41.27 -29.50
C ARG N 63 0.79 41.73 -30.94
N THR N 64 1.19 40.92 -31.91
CA THR N 64 0.78 41.13 -33.30
C THR N 64 -0.64 40.65 -33.59
N GLY N 65 -1.29 39.99 -32.64
CA GLY N 65 -2.66 39.56 -32.78
C GLY N 65 -2.88 38.13 -33.22
N LYS N 66 -1.88 37.26 -33.08
CA LYS N 66 -2.02 35.87 -33.50
C LYS N 66 -3.10 35.13 -32.72
N THR N 67 -3.08 35.27 -31.39
CA THR N 67 -4.05 34.57 -30.55
C THR N 67 -5.48 35.01 -30.83
N VAL N 68 -5.74 36.32 -30.83
CA VAL N 68 -7.08 36.82 -31.12
C VAL N 68 -7.57 36.36 -32.49
N ALA N 69 -6.67 36.32 -33.48
CA ALA N 69 -7.03 35.81 -34.80
C ALA N 69 -7.36 34.31 -34.79
N CYS N 70 -6.54 33.50 -34.12
CA CYS N 70 -6.84 32.07 -34.01
C CYS N 70 -8.09 31.80 -33.17
N ASP N 71 -8.31 32.61 -32.13
CA ASP N 71 -9.54 32.48 -31.34
C ASP N 71 -10.77 32.79 -32.18
N ALA N 72 -10.76 33.89 -32.92
CA ALA N 72 -11.85 34.23 -33.84
C ALA N 72 -12.11 33.15 -34.88
N TYR N 73 -11.09 32.41 -35.28
CA TYR N 73 -11.27 31.33 -36.25
C TYR N 73 -12.11 30.19 -35.68
N ARG N 74 -11.90 29.81 -34.42
CA ARG N 74 -12.71 28.75 -33.84
C ARG N 74 -14.14 29.17 -33.55
N TYR N 75 -14.37 30.44 -33.23
CA TYR N 75 -15.74 30.93 -33.07
C TYR N 75 -16.48 31.02 -34.40
N ARG N 76 -15.76 31.31 -35.49
CA ARG N 76 -16.38 31.25 -36.81
C ARG N 76 -16.70 29.82 -37.25
N HIS N 77 -15.90 28.84 -36.83
CA HIS N 77 -16.16 27.42 -37.12
C HIS N 77 -16.60 26.66 -35.87
N LYS N 78 -17.63 27.16 -35.21
CA LYS N 78 -18.15 26.57 -33.98
C LYS N 78 -18.57 25.11 -34.17
N PRO N 79 -18.53 24.32 -33.10
CA PRO N 79 -19.12 22.98 -33.11
C PRO N 79 -20.53 22.95 -33.68
N GLN N 80 -20.85 21.84 -34.35
CA GLN N 80 -22.21 21.49 -34.70
C GLN N 80 -22.67 20.34 -33.82
N GLN N 81 -23.80 20.52 -33.14
CA GLN N 81 -24.45 19.46 -32.39
C GLN N 81 -25.51 18.77 -33.22
N GLU N 82 -25.54 17.45 -33.13
CA GLU N 82 -26.68 16.65 -33.55
C GLU N 82 -27.11 15.74 -32.41
N ALA N 83 -28.41 15.46 -32.36
CA ALA N 83 -29.04 14.89 -31.17
C ALA N 83 -28.48 13.52 -30.83
N GLY N 84 -28.05 13.36 -29.59
CA GLY N 84 -27.53 12.13 -29.03
C GLY N 84 -26.14 11.72 -29.49
N ARG N 85 -25.51 12.48 -30.37
CA ARG N 85 -24.15 12.21 -30.77
C ARG N 85 -23.18 13.10 -30.01
N PRO N 86 -21.90 12.75 -29.93
CA PRO N 86 -20.90 13.74 -29.57
C PRO N 86 -20.86 14.85 -30.60
N PRO N 87 -20.44 16.06 -30.19
CA PRO N 87 -20.47 17.20 -31.12
C PRO N 87 -19.49 17.01 -32.27
N THR N 88 -19.91 17.46 -33.45
CA THR N 88 -18.97 17.64 -34.55
C THR N 88 -18.18 18.92 -34.31
N VAL N 89 -16.86 18.78 -34.17
CA VAL N 89 -16.02 19.91 -33.79
C VAL N 89 -14.87 20.02 -34.79
N PRO N 90 -15.06 20.70 -35.92
CA PRO N 90 -14.00 20.72 -36.94
C PRO N 90 -12.67 21.29 -36.46
N VAL N 91 -12.69 22.37 -35.69
CA VAL N 91 -11.49 23.04 -35.20
C VAL N 91 -11.42 22.93 -33.68
N VAL N 92 -10.34 22.34 -33.18
CA VAL N 92 -10.00 22.37 -31.76
C VAL N 92 -8.87 23.36 -31.54
N TYR N 93 -9.02 24.24 -30.56
CA TYR N 93 -8.00 25.23 -30.19
C TYR N 93 -7.59 24.98 -28.75
N ILE N 94 -6.29 24.77 -28.53
CA ILE N 94 -5.74 24.59 -27.19
C ILE N 94 -4.54 25.51 -26.98
N ARG N 95 -4.44 26.08 -25.79
CA ARG N 95 -3.16 26.62 -25.31
C ARG N 95 -2.62 25.73 -24.22
N PRO N 96 -1.53 24.99 -24.47
CA PRO N 96 -0.92 24.17 -23.41
C PRO N 96 -0.45 25.00 -22.23
N HIS N 97 -0.44 24.37 -21.06
CA HIS N 97 0.30 24.92 -19.94
C HIS N 97 1.80 24.73 -20.18
N GLN N 98 2.59 25.52 -19.47
CA GLN N 98 4.04 25.43 -19.57
C GLN N 98 4.52 24.01 -19.30
N LYS N 99 5.55 23.60 -20.05
CA LYS N 99 6.12 22.25 -19.96
C LYS N 99 5.05 21.18 -20.05
N CYS N 100 4.20 21.30 -21.08
CA CYS N 100 3.14 20.34 -21.33
C CYS N 100 3.72 18.99 -21.70
N GLY N 101 3.42 17.97 -20.90
CA GLY N 101 3.70 16.60 -21.28
C GLY N 101 2.56 15.99 -22.07
N PRO N 102 2.71 14.74 -22.49
CA PRO N 102 1.66 14.10 -23.29
C PRO N 102 0.31 13.95 -22.60
N LYS N 103 0.25 13.54 -21.33
CA LYS N 103 -1.04 13.46 -20.65
C LYS N 103 -1.70 14.84 -20.52
N ASP N 104 -0.90 15.88 -20.28
CA ASP N 104 -1.44 17.24 -20.28
C ASP N 104 -2.05 17.59 -21.64
N LEU N 105 -1.34 17.28 -22.72
CA LEU N 105 -1.86 17.52 -24.06
C LEU N 105 -3.14 16.75 -24.33
N PHE N 106 -3.14 15.45 -24.04
CA PHE N 106 -4.33 14.61 -24.22
C PHE N 106 -5.51 15.09 -23.39
N LYS N 107 -5.25 15.46 -22.13
CA LYS N 107 -6.28 16.04 -21.27
C LYS N 107 -6.87 17.32 -21.84
N LYS N 108 -6.03 18.20 -22.40
CA LYS N 108 -6.51 19.41 -23.05
C LYS N 108 -7.47 19.12 -24.20
N ILE N 109 -7.08 18.20 -25.09
CA ILE N 109 -7.90 17.89 -26.27
C ILE N 109 -9.21 17.23 -25.88
N THR N 110 -9.16 16.21 -25.02
CA THR N 110 -10.38 15.54 -24.59
C THR N 110 -11.33 16.48 -23.83
N GLU N 111 -10.81 17.34 -22.97
CA GLU N 111 -11.69 18.29 -22.29
C GLU N 111 -12.30 19.33 -23.23
N TYR N 112 -11.57 19.74 -24.27
CA TYR N 112 -12.16 20.66 -25.23
C TYR N 112 -13.34 20.01 -25.95
N LEU N 113 -13.23 18.74 -26.27
CA LEU N 113 -14.29 17.95 -26.89
C LEU N 113 -15.40 17.56 -25.92
N LYS N 114 -15.41 18.10 -24.69
CA LYS N 114 -16.48 17.91 -23.70
C LYS N 114 -16.48 16.50 -23.11
N TYR N 115 -15.31 15.91 -22.93
CA TYR N 115 -15.13 14.63 -22.26
C TYR N 115 -14.37 14.84 -20.96
N ARG N 116 -14.74 14.07 -19.94
CA ARG N 116 -13.99 14.06 -18.70
C ARG N 116 -12.95 12.95 -18.78
N VAL N 117 -11.71 13.28 -18.44
CA VAL N 117 -10.65 12.29 -18.35
C VAL N 117 -10.85 11.40 -17.13
N THR N 118 -10.50 10.12 -17.28
CA THR N 118 -10.47 9.18 -16.17
C THR N 118 -9.02 8.82 -15.89
N LYS N 119 -8.66 8.78 -14.61
CA LYS N 119 -7.28 8.50 -14.23
C LYS N 119 -6.80 7.19 -14.84
N GLY N 120 -5.65 7.25 -15.48
CA GLY N 120 -5.13 6.11 -16.23
C GLY N 120 -3.73 6.41 -16.70
N THR N 121 -3.18 5.47 -17.46
CA THR N 121 -1.83 5.63 -17.98
C THR N 121 -1.82 6.58 -19.17
N VAL N 122 -0.62 7.03 -19.54
CA VAL N 122 -0.43 7.78 -20.79
C VAL N 122 -1.07 7.04 -21.98
N SER N 123 -0.84 5.73 -22.07
CA SER N 123 -1.44 4.93 -23.13
C SER N 123 -2.96 5.02 -23.13
N ASP N 124 -3.57 5.03 -21.94
CA ASP N 124 -5.03 5.17 -21.84
C ASP N 124 -5.49 6.56 -22.25
N PHE N 125 -4.78 7.60 -21.81
CA PHE N 125 -5.11 8.96 -22.25
C PHE N 125 -4.93 9.13 -23.74
N ARG N 126 -3.88 8.55 -24.31
CA ARG N 126 -3.65 8.60 -25.75
C ARG N 126 -4.79 7.96 -26.53
N ASP N 127 -5.11 6.70 -26.20
CA ASP N 127 -6.17 5.98 -26.92
C ASP N 127 -7.52 6.68 -26.81
N ARG N 128 -7.85 7.21 -25.63
CA ARG N 128 -9.09 7.95 -25.48
C ARG N 128 -9.11 9.25 -26.30
N THR N 129 -7.97 9.91 -26.45
CA THR N 129 -7.90 11.12 -27.26
C THR N 129 -8.02 10.82 -28.74
N ILE N 130 -7.29 9.82 -29.21
CA ILE N 130 -7.41 9.36 -30.58
C ILE N 130 -8.84 8.93 -30.89
N GLU N 131 -9.48 8.24 -29.94
CA GLU N 131 -10.85 7.80 -30.10
C GLU N 131 -11.82 8.96 -30.27
N VAL N 132 -11.67 10.04 -29.48
CA VAL N 132 -12.58 11.18 -29.61
C VAL N 132 -12.15 12.24 -30.63
N LEU N 133 -10.89 12.26 -31.06
CA LEU N 133 -10.55 13.08 -32.22
C LEU N 133 -11.24 12.55 -33.48
N LYS N 134 -11.39 11.24 -33.59
CA LYS N 134 -12.40 10.64 -34.45
C LYS N 134 -13.77 10.78 -33.81
N GLY N 135 -14.80 10.71 -34.63
CA GLY N 135 -16.14 10.75 -34.05
C GLY N 135 -16.66 12.11 -33.69
N CYS N 136 -15.85 12.93 -33.02
CA CYS N 136 -16.07 14.37 -33.05
C CYS N 136 -15.70 15.00 -34.38
N GLY N 137 -15.05 14.27 -35.27
CA GLY N 137 -14.77 14.74 -36.60
C GLY N 137 -13.81 15.91 -36.68
N VAL N 138 -12.86 15.97 -35.76
CA VAL N 138 -11.88 17.05 -35.75
C VAL N 138 -11.05 17.01 -37.02
N GLU N 139 -10.83 18.18 -37.61
CA GLU N 139 -10.01 18.28 -38.81
C GLU N 139 -8.90 19.32 -38.71
N MET N 140 -8.96 20.24 -37.75
CA MET N 140 -7.85 21.13 -37.46
C MET N 140 -7.65 21.22 -35.95
N LEU N 141 -6.38 21.14 -35.52
CA LEU N 141 -5.97 21.33 -34.14
C LEU N 141 -4.99 22.49 -34.07
N ILE N 142 -5.43 23.61 -33.49
CA ILE N 142 -4.57 24.77 -33.29
C ILE N 142 -3.96 24.68 -31.89
N ILE N 143 -2.64 24.67 -31.83
CA ILE N 143 -1.90 24.62 -30.57
C ILE N 143 -1.21 25.98 -30.40
N ASP N 144 -1.81 26.83 -29.60
CA ASP N 144 -1.30 28.18 -29.35
C ASP N 144 -0.20 28.18 -28.31
N GLU N 145 0.88 28.92 -28.57
CA GLU N 145 2.14 28.81 -27.85
C GLU N 145 2.62 27.37 -27.75
N ALA N 146 2.76 26.75 -28.92
CA ALA N 146 3.28 25.39 -29.00
C ALA N 146 4.68 25.25 -28.41
N ASP N 147 5.43 26.35 -28.28
CA ASP N 147 6.74 26.31 -27.63
C ASP N 147 6.69 25.89 -26.16
N ARG N 148 5.52 25.83 -25.55
CA ARG N 148 5.36 25.27 -24.21
C ARG N 148 5.43 23.75 -24.18
N LEU N 149 5.33 23.08 -25.32
CA LEU N 149 5.33 21.63 -25.38
C LEU N 149 6.71 21.07 -25.05
N LYS N 150 6.74 20.05 -24.20
CA LYS N 150 7.97 19.29 -23.99
C LYS N 150 8.43 18.61 -25.28
N PRO N 151 9.74 18.45 -25.45
CA PRO N 151 10.26 17.73 -26.63
C PRO N 151 9.66 16.35 -26.87
N GLU N 152 9.35 15.60 -25.81
CA GLU N 152 8.70 14.30 -25.98
C GLU N 152 7.25 14.39 -26.46
N THR N 153 6.51 15.43 -26.07
CA THR N 153 5.11 15.52 -26.50
C THR N 153 4.96 15.92 -27.97
N PHE N 154 6.00 16.47 -28.59
CA PHE N 154 5.95 16.73 -30.03
C PHE N 154 5.81 15.47 -30.86
N ALA N 155 6.29 14.33 -30.36
CA ALA N 155 6.08 13.06 -31.04
C ALA N 155 4.62 12.62 -31.07
N ASP N 156 3.86 12.93 -30.02
CA ASP N 156 2.42 12.68 -30.05
C ASP N 156 1.66 13.66 -30.94
N VAL N 157 2.08 14.92 -30.95
CA VAL N 157 1.55 15.90 -31.90
C VAL N 157 1.76 15.44 -33.35
N ARG N 158 2.97 14.98 -33.68
CA ARG N 158 3.25 14.48 -35.02
C ARG N 158 2.43 13.25 -35.38
N ASP N 159 2.22 12.34 -34.44
CA ASP N 159 1.39 11.17 -34.71
C ASP N 159 -0.09 11.51 -34.88
N ILE N 160 -0.60 12.49 -34.15
CA ILE N 160 -1.94 13.01 -34.44
C ILE N 160 -2.03 13.54 -35.86
N ALA N 161 -1.03 14.31 -36.30
CA ALA N 161 -1.02 14.82 -37.66
C ALA N 161 -0.89 13.70 -38.70
N GLU N 162 -0.09 12.69 -38.41
CA GLU N 162 0.20 11.65 -39.39
C GLU N 162 -0.82 10.53 -39.43
N ASP N 163 -1.28 10.05 -38.26
CA ASP N 163 -2.22 8.93 -38.25
C ASP N 163 -3.62 9.37 -38.63
N LEU N 164 -4.07 10.48 -38.07
CA LEU N 164 -5.37 11.03 -38.42
C LEU N 164 -5.23 12.04 -39.55
N GLY N 165 -6.34 12.36 -40.17
CA GLY N 165 -6.37 13.44 -41.14
C GLY N 165 -6.58 14.80 -40.52
N ILE N 166 -5.62 15.27 -39.73
CA ILE N 166 -5.80 16.51 -38.96
C ILE N 166 -4.67 17.46 -39.31
N ALA N 167 -5.02 18.66 -39.73
CA ALA N 167 -4.12 19.80 -39.87
C ALA N 167 -3.78 20.38 -38.50
N VAL N 168 -2.60 20.10 -37.98
CA VAL N 168 -2.12 20.69 -36.74
C VAL N 168 -1.46 22.03 -37.05
N VAL N 169 -1.86 23.07 -36.33
CA VAL N 169 -1.33 24.42 -36.49
C VAL N 169 -0.58 24.81 -35.23
N LEU N 170 0.72 25.02 -35.34
CA LEU N 170 1.52 25.52 -34.23
C LEU N 170 1.59 27.03 -34.28
N VAL N 171 1.25 27.69 -33.17
CA VAL N 171 1.29 29.13 -33.08
C VAL N 171 2.31 29.53 -32.03
N GLY N 172 3.13 30.53 -32.35
CA GLY N 172 4.10 31.02 -31.39
C GLY N 172 4.87 32.20 -31.93
N THR N 173 5.77 32.70 -31.10
CA THR N 173 6.82 33.64 -31.49
C THR N 173 7.98 32.88 -32.13
N ASP N 174 9.02 33.62 -32.49
CA ASP N 174 10.26 32.99 -32.96
C ASP N 174 10.88 32.03 -31.94
N ARG N 175 10.44 32.04 -30.69
CA ARG N 175 10.87 31.00 -29.74
C ARG N 175 10.37 29.63 -30.15
N LEU N 176 9.22 29.58 -30.83
CA LEU N 176 8.75 28.33 -31.42
C LEU N 176 9.68 27.82 -32.50
N ASP N 177 10.15 28.71 -33.37
CA ASP N 177 11.11 28.34 -34.40
C ASP N 177 12.42 27.82 -33.81
N ALA N 178 12.85 28.37 -32.67
CA ALA N 178 13.99 27.80 -31.96
C ALA N 178 13.73 26.40 -31.44
N VAL N 179 12.55 26.16 -30.86
CA VAL N 179 12.21 24.83 -30.34
C VAL N 179 12.16 23.78 -31.43
N ILE N 180 11.45 24.07 -32.54
CA ILE N 180 11.27 23.04 -33.56
C ILE N 180 12.52 22.79 -34.40
N LYS N 181 13.38 23.80 -34.59
CA LYS N 181 14.61 23.55 -35.32
C LYS N 181 15.54 22.59 -34.61
N ARG N 182 15.38 22.41 -33.30
CA ARG N 182 16.13 21.42 -32.54
C ARG N 182 15.64 19.99 -32.74
N ASP N 183 14.51 19.79 -33.41
CA ASP N 183 14.04 18.44 -33.75
C ASP N 183 13.72 18.39 -35.25
N GLU N 184 14.66 17.82 -36.01
CA GLU N 184 14.55 17.64 -37.45
C GLU N 184 13.16 17.23 -37.93
N GLN N 185 12.58 16.20 -37.30
CA GLN N 185 11.30 15.66 -37.72
C GLN N 185 10.13 16.61 -37.46
N VAL N 186 10.24 17.48 -36.47
CA VAL N 186 9.20 18.48 -36.23
C VAL N 186 9.32 19.64 -37.22
N LEU N 187 10.54 20.17 -37.38
CA LEU N 187 10.79 21.21 -38.36
C LEU N 187 10.26 20.86 -39.75
N GLU N 188 10.58 19.66 -40.24
CA GLU N 188 10.16 19.28 -41.58
C GLU N 188 8.65 19.10 -41.73
N ARG N 189 7.95 18.68 -40.69
CA ARG N 189 6.50 18.57 -40.79
C ARG N 189 5.79 19.92 -40.74
N PHE N 190 6.41 20.93 -40.14
CA PHE N 190 5.78 22.23 -39.94
C PHE N 190 6.49 23.36 -40.69
N ARG N 191 7.07 23.08 -41.85
CA ARG N 191 7.73 24.13 -42.63
C ARG N 191 6.75 25.17 -43.18
N ALA N 192 5.62 24.74 -43.72
CA ALA N 192 4.63 25.70 -44.21
C ALA N 192 4.23 26.65 -43.10
N HIS N 193 4.38 27.96 -43.35
CA HIS N 193 4.11 28.92 -42.28
C HIS N 193 3.57 30.22 -42.85
N LEU N 194 2.86 30.93 -41.98
CA LEU N 194 2.41 32.29 -42.20
C LEU N 194 3.02 33.18 -41.14
N ARG N 195 3.55 34.32 -41.55
CA ARG N 195 4.18 35.28 -40.65
C ARG N 195 3.20 36.41 -40.36
N PHE N 196 2.91 36.63 -39.09
CA PHE N 196 2.20 37.83 -38.65
C PHE N 196 3.15 39.02 -38.62
N GLY N 197 2.67 40.15 -39.10
CA GLY N 197 3.47 41.35 -39.18
C GLY N 197 2.97 42.47 -38.30
N LYS N 198 3.90 43.30 -37.85
CA LYS N 198 3.58 44.65 -37.40
C LYS N 198 3.20 45.53 -38.59
N LEU N 199 2.36 46.53 -38.32
CA LEU N 199 1.74 47.31 -39.38
C LEU N 199 2.02 48.80 -39.16
N SER N 200 2.21 49.51 -40.25
CA SER N 200 2.54 50.93 -40.20
C SER N 200 2.01 51.64 -41.44
N GLY N 201 1.87 52.95 -41.32
CA GLY N 201 1.36 53.75 -42.42
C GLY N 201 -0.14 53.64 -42.64
N GLU N 202 -0.53 53.33 -43.88
CA GLU N 202 -1.92 53.47 -44.32
C GLU N 202 -2.85 52.58 -43.51
N ASP N 203 -2.57 51.28 -43.45
CA ASP N 203 -3.44 50.38 -42.71
C ASP N 203 -3.34 50.60 -41.21
N PHE N 204 -2.20 51.09 -40.73
CA PHE N 204 -2.10 51.56 -39.35
C PHE N 204 -3.02 52.76 -39.11
N LYS N 205 -2.95 53.76 -39.99
CA LYS N 205 -3.88 54.89 -39.91
C LYS N 205 -5.33 54.45 -39.96
N ASN N 206 -5.66 53.51 -40.85
CA ASN N 206 -6.99 52.92 -40.86
C ASN N 206 -7.30 52.20 -39.55
N THR N 207 -6.32 51.46 -39.01
CA THR N 207 -6.56 50.73 -37.79
C THR N 207 -6.78 51.66 -36.59
N VAL N 208 -6.02 52.76 -36.52
CA VAL N 208 -6.27 53.75 -35.48
C VAL N 208 -7.67 54.34 -35.61
N GLU N 209 -8.05 54.72 -36.83
CA GLU N 209 -9.40 55.22 -37.08
C GLU N 209 -10.46 54.18 -36.75
N MET N 210 -10.25 52.93 -37.15
CA MET N 210 -11.18 51.85 -36.79
C MET N 210 -11.33 51.69 -35.28
N TRP N 211 -10.27 51.91 -34.51
CA TRP N 211 -10.39 51.81 -33.05
C TRP N 211 -11.24 52.92 -32.46
N GLU N 212 -11.02 54.16 -32.87
CA GLU N 212 -11.84 55.26 -32.36
C GLU N 212 -13.28 55.18 -32.87
N GLN N 213 -13.49 54.63 -34.06
CA GLN N 213 -14.85 54.42 -34.56
C GLN N 213 -15.55 53.27 -33.85
N MET N 214 -14.91 52.12 -33.75
CA MET N 214 -15.61 50.89 -33.36
C MET N 214 -15.31 50.39 -31.95
N VAL N 215 -14.30 50.90 -31.26
CA VAL N 215 -13.82 50.32 -30.02
C VAL N 215 -13.97 51.29 -28.84
N LEU N 216 -13.46 52.51 -28.99
CA LEU N 216 -13.52 53.47 -27.90
C LEU N 216 -14.96 53.90 -27.63
N LYS N 217 -15.71 54.21 -28.69
CA LYS N 217 -17.12 54.60 -28.59
C LYS N 217 -17.37 55.75 -27.61
N LEU N 218 -16.37 56.58 -27.37
CA LEU N 218 -16.57 57.72 -26.48
C LEU N 218 -17.60 58.68 -27.06
N PRO N 219 -18.34 59.39 -26.21
CA PRO N 219 -19.39 60.30 -26.69
C PRO N 219 -18.92 61.35 -27.69
N VAL N 220 -17.70 61.87 -27.53
CA VAL N 220 -17.19 62.93 -28.39
C VAL N 220 -15.95 62.45 -29.12
N SER N 221 -15.79 62.93 -30.35
CA SER N 221 -14.69 62.52 -31.21
C SER N 221 -13.33 62.85 -30.61
N SER N 222 -12.44 61.85 -30.60
CA SER N 222 -11.07 62.03 -30.19
C SER N 222 -10.17 62.48 -31.33
N ASN N 223 -10.63 62.34 -32.58
CA ASN N 223 -9.89 62.72 -33.77
C ASN N 223 -8.47 62.16 -33.79
N LEU N 224 -8.35 60.88 -33.40
CA LEU N 224 -7.07 60.19 -33.40
C LEU N 224 -6.53 59.98 -34.82
N LYS N 225 -7.42 60.05 -35.82
CA LYS N 225 -7.05 60.20 -37.23
C LYS N 225 -6.10 61.36 -37.51
N SER N 226 -6.02 62.35 -36.63
CA SER N 226 -5.16 63.50 -36.87
C SER N 226 -3.68 63.09 -36.95
N LYS N 227 -3.01 63.60 -37.99
CA LYS N 227 -1.67 63.14 -38.35
C LYS N 227 -0.67 63.30 -37.20
N GLU N 228 -0.84 64.32 -36.36
CA GLU N 228 0.02 64.46 -35.19
C GLU N 228 -0.31 63.45 -34.10
N MET N 229 -1.58 63.10 -33.96
CA MET N 229 -1.97 62.03 -33.05
C MET N 229 -1.46 60.69 -33.54
N LEU N 230 -1.54 60.45 -34.86
CA LEU N 230 -0.94 59.27 -35.47
C LEU N 230 0.57 59.19 -35.29
N ARG N 231 1.26 60.33 -35.24
CA ARG N 231 2.70 60.31 -34.98
C ARG N 231 3.03 59.74 -33.60
N ILE N 232 2.46 60.31 -32.54
CA ILE N 232 2.74 59.83 -31.19
C ILE N 232 2.31 58.38 -31.01
N LEU N 233 1.18 57.99 -31.62
CA LEU N 233 0.78 56.58 -31.60
C LEU N 233 1.75 55.70 -32.37
N THR N 234 2.23 56.16 -33.53
CA THR N 234 3.28 55.44 -34.23
C THR N 234 4.51 55.21 -33.36
N SER N 235 4.93 56.25 -32.63
CA SER N 235 6.15 56.14 -31.81
C SER N 235 5.97 55.17 -30.65
N ALA N 236 4.80 55.16 -30.02
CA ALA N 236 4.58 54.30 -28.85
C ALA N 236 4.10 52.89 -29.22
N THR N 237 3.09 52.79 -30.08
CA THR N 237 2.56 51.47 -30.43
C THR N 237 3.55 50.69 -31.28
N GLU N 238 4.41 51.38 -32.01
CA GLU N 238 5.48 50.76 -32.80
C GLU N 238 4.95 49.69 -33.75
N GLY N 239 3.69 49.84 -34.14
CA GLY N 239 3.00 48.93 -35.03
C GLY N 239 2.38 47.69 -34.42
N TYR N 240 2.50 47.49 -33.11
CA TYR N 240 1.87 46.35 -32.46
C TYR N 240 0.42 46.68 -32.10
N ILE N 241 -0.52 45.89 -32.63
CA ILE N 241 -1.93 46.08 -32.37
C ILE N 241 -2.24 45.94 -30.88
N GLY N 242 -1.50 45.10 -30.17
CA GLY N 242 -1.66 44.98 -28.73
C GLY N 242 -1.12 46.14 -27.93
N ARG N 243 -0.27 46.97 -28.52
CA ARG N 243 0.05 48.26 -27.91
C ARG N 243 -1.03 49.29 -28.22
N LEU N 244 -1.45 49.36 -29.48
CA LEU N 244 -2.47 50.33 -29.91
C LEU N 244 -3.74 50.19 -29.07
N ASP N 245 -4.23 48.97 -28.92
CA ASP N 245 -5.43 48.73 -28.13
C ASP N 245 -5.25 49.16 -26.67
N GLU N 246 -4.14 48.76 -26.05
CA GLU N 246 -3.94 49.06 -24.62
C GLU N 246 -3.71 50.54 -24.33
N ILE N 247 -3.09 51.28 -25.23
CA ILE N 247 -2.91 52.71 -25.03
C ILE N 247 -4.25 53.45 -25.10
N LEU N 248 -5.05 53.17 -26.13
CA LEU N 248 -6.33 53.86 -26.29
C LEU N 248 -7.31 53.51 -25.18
N ARG N 249 -7.39 52.23 -24.80
CA ARG N 249 -8.26 51.84 -23.69
C ARG N 249 -7.86 52.51 -22.38
N GLU N 250 -6.56 52.55 -22.08
CA GLU N 250 -6.09 53.23 -20.88
C GLU N 250 -6.30 54.74 -20.96
N ALA N 251 -6.09 55.33 -22.13
CA ALA N 251 -6.38 56.75 -22.32
C ALA N 251 -7.86 57.07 -22.16
N ALA N 252 -8.74 56.18 -22.60
CA ALA N 252 -10.18 56.38 -22.41
C ALA N 252 -10.58 56.40 -20.93
N ILE N 253 -10.14 55.41 -20.17
CA ILE N 253 -10.50 55.31 -18.75
C ILE N 253 -10.01 56.52 -17.96
N ARG N 254 -8.77 56.95 -18.19
CA ARG N 254 -8.28 58.16 -17.54
C ARG N 254 -9.10 59.39 -17.94
N SER N 255 -9.32 59.59 -19.24
CA SER N 255 -10.03 60.78 -19.69
C SER N 255 -11.47 60.83 -19.17
N LEU N 256 -12.19 59.70 -19.27
CA LEU N 256 -13.54 59.63 -18.71
C LEU N 256 -13.56 59.90 -17.21
N SER N 257 -12.62 59.30 -16.47
CA SER N 257 -12.56 59.50 -15.02
C SER N 257 -12.20 60.93 -14.64
N ARG N 258 -11.40 61.61 -15.46
CA ARG N 258 -11.07 63.02 -15.26
C ARG N 258 -12.16 63.98 -15.74
N GLY N 259 -13.32 63.46 -16.13
CA GLY N 259 -14.43 64.30 -16.51
C GLY N 259 -14.39 64.80 -17.93
N LEU N 260 -13.62 64.15 -18.79
CA LEU N 260 -13.44 64.56 -20.17
C LEU N 260 -14.29 63.69 -21.08
N LYS N 261 -14.96 64.32 -22.04
CA LYS N 261 -15.77 63.61 -23.02
C LYS N 261 -14.94 62.94 -24.10
N LYS N 262 -13.61 63.09 -24.05
CA LYS N 262 -12.76 62.94 -25.22
C LYS N 262 -11.41 62.43 -24.75
N ILE N 263 -10.71 61.71 -25.64
CA ILE N 263 -9.28 61.52 -25.51
C ILE N 263 -8.56 62.61 -26.28
N ASP N 264 -7.60 63.27 -25.62
CA ASP N 264 -6.80 64.30 -26.25
C ASP N 264 -5.37 64.21 -25.73
N LYS N 265 -4.47 64.86 -26.48
CA LYS N 265 -3.03 64.64 -26.34
C LYS N 265 -2.56 64.79 -24.89
N ALA N 266 -3.16 65.73 -24.15
CA ALA N 266 -2.79 65.94 -22.75
C ALA N 266 -2.91 64.66 -21.93
N VAL N 267 -3.90 63.83 -22.23
CA VAL N 267 -3.98 62.50 -21.62
C VAL N 267 -3.27 61.45 -22.46
N LEU N 268 -3.45 61.49 -23.78
CA LEU N 268 -2.89 60.46 -24.65
C LEU N 268 -1.38 60.38 -24.56
N GLN N 269 -0.70 61.53 -24.46
CA GLN N 269 0.74 61.54 -24.34
C GLN N 269 1.22 61.22 -22.92
N GLU N 270 0.41 61.47 -21.90
CA GLU N 270 0.71 60.93 -20.58
C GLU N 270 0.70 59.41 -20.58
N VAL N 271 -0.26 58.81 -21.28
CA VAL N 271 -0.26 57.36 -21.46
C VAL N 271 0.92 56.92 -22.33
N ALA N 272 1.12 57.59 -23.47
CA ALA N 272 2.14 57.14 -24.41
C ALA N 272 3.56 57.21 -23.83
N LYS N 273 3.83 58.19 -22.96
CA LYS N 273 5.12 58.26 -22.29
C LYS N 273 5.33 57.16 -21.27
N GLU N 274 4.29 56.39 -20.93
CA GLU N 274 4.38 55.37 -19.89
C GLU N 274 4.94 54.06 -20.42
N TYR N 275 5.25 54.00 -21.71
CA TYR N 275 5.74 52.77 -22.34
C TYR N 275 7.19 52.97 -22.77
N GLU O 19 12.56 51.79 32.40
CA GLU O 19 13.35 52.97 32.08
C GLU O 19 12.98 53.47 30.67
N TRP O 20 13.15 54.78 30.48
CA TRP O 20 12.73 55.43 29.24
C TRP O 20 13.57 54.99 28.05
N LEU O 21 14.89 54.91 28.22
CA LEU O 21 15.80 54.78 27.09
C LEU O 21 15.60 53.49 26.30
N GLN O 22 15.35 52.38 27.01
CA GLN O 22 15.16 51.08 26.35
C GLN O 22 13.88 51.01 25.52
N ALA O 23 12.84 51.74 25.91
CA ALA O 23 11.63 51.80 25.10
C ALA O 23 11.82 52.61 23.82
N GLU O 24 12.57 53.72 23.89
CA GLU O 24 12.93 54.43 22.67
C GLU O 24 13.79 53.58 21.74
N ILE O 25 14.76 52.85 22.29
CA ILE O 25 15.51 51.91 21.47
C ILE O 25 14.60 50.88 20.82
N ALA O 26 13.63 50.35 21.57
CA ALA O 26 12.72 49.35 21.02
C ALA O 26 11.89 49.87 19.85
N ARG O 27 11.52 51.16 19.84
CA ARG O 27 10.91 51.73 18.64
C ARG O 27 11.93 52.11 17.57
N LEU O 28 13.09 52.63 17.96
CA LEU O 28 14.07 53.05 16.96
C LEU O 28 14.71 51.88 16.22
N LYS O 29 14.76 50.70 16.83
CA LYS O 29 15.20 49.53 16.09
C LYS O 29 14.09 48.96 15.19
N GLY O 30 12.87 49.47 15.30
CA GLY O 30 11.78 49.03 14.46
C GLY O 30 11.76 49.70 13.10
N LYS O 31 10.70 49.40 12.35
CA LYS O 31 10.42 49.98 11.04
C LYS O 31 9.05 50.65 11.02
N SER O 32 8.92 51.71 10.22
CA SER O 32 7.71 52.51 10.17
C SER O 32 7.39 52.86 8.72
N ILE O 33 6.24 53.49 8.51
CA ILE O 33 5.77 53.93 7.21
C ILE O 33 5.58 55.43 7.24
N VAL O 34 6.15 56.14 6.26
CA VAL O 34 6.01 57.58 6.12
C VAL O 34 5.32 57.86 4.78
N PRO O 35 4.29 58.70 4.75
CA PRO O 35 3.50 58.96 3.54
C PRO O 35 4.18 59.97 2.61
N LEU O 36 5.36 59.60 2.12
CA LEU O 36 6.03 60.39 1.11
C LEU O 36 5.17 60.53 -0.14
N GLN O 37 5.40 61.63 -0.87
CA GLN O 37 4.69 61.89 -2.13
C GLN O 37 4.98 60.83 -3.18
N GLN O 38 6.15 60.19 -3.09
CA GLN O 38 6.46 59.06 -3.96
C GLN O 38 5.46 57.94 -3.77
N VAL O 39 5.13 57.62 -2.52
CA VAL O 39 4.15 56.57 -2.23
C VAL O 39 2.77 56.95 -2.75
N LYS O 40 2.34 58.19 -2.50
CA LYS O 40 1.11 58.72 -3.05
C LYS O 40 1.05 58.56 -4.58
N THR O 41 2.13 58.94 -5.26
CA THR O 41 2.17 58.85 -6.72
C THR O 41 2.01 57.41 -7.22
N LEU O 42 2.70 56.46 -6.59
CA LEU O 42 2.47 55.05 -6.91
C LEU O 42 1.04 54.62 -6.68
N HIS O 43 0.44 55.03 -5.55
CA HIS O 43 -0.91 54.58 -5.22
C HIS O 43 -1.96 55.11 -6.19
N ASP O 44 -1.79 56.33 -6.71
CA ASP O 44 -2.66 56.79 -7.78
C ASP O 44 -2.45 55.99 -9.05
N TRP O 45 -1.22 55.63 -9.36
CA TRP O 45 -0.92 54.87 -10.56
C TRP O 45 -1.47 53.44 -10.48
N LEU O 46 -1.19 52.75 -9.37
CA LEU O 46 -1.76 51.42 -9.14
C LEU O 46 -3.28 51.41 -9.11
N ASP O 47 -3.92 52.48 -8.65
CA ASP O 47 -5.36 52.57 -8.78
C ASP O 47 -5.80 52.60 -10.26
N GLY O 48 -5.09 53.35 -11.09
CA GLY O 48 -5.41 53.36 -12.51
C GLY O 48 -5.19 52.03 -13.20
N LYS O 49 -4.07 51.37 -12.89
CA LYS O 49 -3.83 50.03 -13.42
C LYS O 49 -4.87 49.02 -12.96
N ARG O 50 -5.29 49.11 -11.69
CA ARG O 50 -6.29 48.17 -11.17
C ARG O 50 -7.66 48.37 -11.82
N LYS O 51 -8.04 49.61 -12.13
CA LYS O 51 -9.24 49.83 -12.92
C LYS O 51 -9.15 49.23 -14.32
N ALA O 52 -8.05 49.50 -15.03
CA ALA O 52 -7.89 49.00 -16.39
C ALA O 52 -7.50 47.52 -16.46
N ARG O 53 -7.24 46.88 -15.33
CA ARG O 53 -6.63 45.55 -15.27
C ARG O 53 -5.30 45.50 -16.03
N LYS O 54 -4.60 46.63 -16.03
CA LYS O 54 -3.40 46.80 -16.84
C LYS O 54 -2.20 46.19 -16.12
N SER O 55 -1.63 45.16 -16.72
CA SER O 55 -0.36 44.62 -16.24
C SER O 55 0.77 45.60 -16.51
N CYS O 56 1.72 45.68 -15.60
CA CYS O 56 2.72 46.74 -15.61
C CYS O 56 3.86 46.35 -14.69
N ARG O 57 4.83 47.24 -14.55
CA ARG O 57 5.94 47.01 -13.64
C ARG O 57 6.35 48.27 -12.89
N VAL O 58 6.88 48.06 -11.70
CA VAL O 58 7.48 49.11 -10.86
C VAL O 58 8.98 48.82 -10.75
N VAL O 59 9.79 49.81 -11.08
CA VAL O 59 11.24 49.65 -11.17
C VAL O 59 11.91 50.81 -10.46
N GLY O 60 13.20 50.67 -10.20
CA GLY O 60 13.97 51.64 -9.47
C GLY O 60 15.01 50.97 -8.57
N GLU O 61 16.07 51.73 -8.28
CA GLU O 61 17.21 51.24 -7.51
C GLU O 61 16.81 50.70 -6.13
N SER O 62 17.72 49.92 -5.57
CA SER O 62 17.54 49.34 -4.24
C SER O 62 17.31 50.42 -3.18
N ARG O 63 16.54 50.06 -2.16
CA ARG O 63 16.19 50.91 -1.02
C ARG O 63 15.51 52.21 -1.44
N THR O 64 14.92 52.28 -2.63
CA THR O 64 14.23 53.49 -3.05
C THR O 64 12.84 53.64 -2.46
N GLY O 65 12.37 52.62 -1.75
CA GLY O 65 11.07 52.65 -1.12
C GLY O 65 9.98 51.88 -1.82
N LYS O 66 10.33 51.08 -2.84
CA LYS O 66 9.33 50.38 -3.63
C LYS O 66 8.51 49.42 -2.78
N THR O 67 9.19 48.53 -2.07
CA THR O 67 8.53 47.51 -1.27
C THR O 67 7.65 48.11 -0.17
N VAL O 68 8.12 49.16 0.50
CA VAL O 68 7.30 49.83 1.50
C VAL O 68 6.10 50.53 0.88
N ALA O 69 6.26 51.11 -0.31
CA ALA O 69 5.13 51.68 -1.02
C ALA O 69 4.14 50.62 -1.50
N CYS O 70 4.61 49.44 -1.88
CA CYS O 70 3.70 48.36 -2.26
C CYS O 70 2.95 47.78 -1.08
N ASP O 71 3.63 47.57 0.05
CA ASP O 71 2.95 47.13 1.26
C ASP O 71 1.87 48.11 1.71
N ALA O 72 2.16 49.41 1.69
CA ALA O 72 1.15 50.39 2.03
C ALA O 72 -0.08 50.31 1.12
N TYR O 73 0.10 49.94 -0.15
CA TYR O 73 -1.04 49.76 -1.04
C TYR O 73 -1.85 48.50 -0.71
N ARG O 74 -1.18 47.39 -0.39
CA ARG O 74 -1.88 46.22 0.13
C ARG O 74 -2.77 46.55 1.33
N TYR O 75 -2.21 47.24 2.32
CA TYR O 75 -2.93 47.49 3.57
C TYR O 75 -4.17 48.35 3.36
N ARG O 76 -4.06 49.44 2.60
CA ARG O 76 -5.23 50.29 2.36
C ARG O 76 -6.30 49.60 1.53
N HIS O 77 -5.98 48.49 0.85
CA HIS O 77 -6.96 47.73 0.09
C HIS O 77 -7.09 46.32 0.68
N LYS O 78 -7.19 46.25 2.02
CA LYS O 78 -7.21 44.98 2.73
C LYS O 78 -8.39 44.09 2.30
N PRO O 79 -8.26 42.78 2.54
CA PRO O 79 -9.42 41.87 2.48
C PRO O 79 -10.68 42.40 3.16
N GLN O 80 -11.81 42.27 2.46
CA GLN O 80 -13.12 42.51 3.04
C GLN O 80 -13.79 41.17 3.32
N GLN O 81 -14.19 40.96 4.57
CA GLN O 81 -14.93 39.78 4.96
C GLN O 81 -16.39 39.86 4.53
N GLU O 82 -16.91 38.72 4.08
CA GLU O 82 -18.32 38.55 3.77
C GLU O 82 -18.82 37.28 4.43
N ALA O 83 -20.02 37.35 5.02
CA ALA O 83 -20.52 36.33 5.93
C ALA O 83 -20.56 34.95 5.29
N GLY O 84 -19.68 34.06 5.74
CA GLY O 84 -19.60 32.70 5.25
C GLY O 84 -19.02 32.54 3.86
N ARG O 85 -18.63 33.62 3.21
CA ARG O 85 -17.93 33.57 1.92
C ARG O 85 -16.43 33.53 2.16
N PRO O 86 -15.65 33.06 1.19
CA PRO O 86 -14.24 33.47 1.11
C PRO O 86 -14.10 34.98 1.12
N PRO O 87 -12.99 35.50 1.65
CA PRO O 87 -12.81 36.95 1.66
C PRO O 87 -12.66 37.52 0.26
N THR O 88 -13.20 38.72 0.08
CA THR O 88 -12.86 39.55 -1.07
C THR O 88 -11.48 40.17 -0.86
N VAL O 89 -10.53 39.85 -1.74
CA VAL O 89 -9.17 40.31 -1.56
C VAL O 89 -8.72 41.04 -2.82
N PRO O 90 -9.06 42.32 -2.99
CA PRO O 90 -8.79 42.98 -4.28
C PRO O 90 -7.33 42.99 -4.67
N VAL O 91 -6.42 43.21 -3.72
CA VAL O 91 -4.98 43.25 -3.99
C VAL O 91 -4.34 42.08 -3.25
N VAL O 92 -3.66 41.22 -3.99
CA VAL O 92 -2.78 40.21 -3.42
C VAL O 92 -1.34 40.66 -3.60
N TYR O 93 -0.59 40.72 -2.51
CA TYR O 93 0.84 40.99 -2.55
C TYR O 93 1.58 39.72 -2.12
N ILE O 94 2.54 39.30 -2.94
CA ILE O 94 3.43 38.20 -2.61
C ILE O 94 4.87 38.62 -2.90
N ARG O 95 5.80 38.07 -2.14
CA ARG O 95 7.21 38.07 -2.53
C ARG O 95 7.70 36.66 -2.70
N PRO O 96 7.99 36.22 -3.92
CA PRO O 96 8.54 34.87 -4.12
C PRO O 96 9.80 34.64 -3.31
N HIS O 97 9.99 33.40 -2.90
CA HIS O 97 11.30 32.94 -2.50
C HIS O 97 12.19 32.81 -3.73
N GLN O 98 13.50 32.81 -3.49
CA GLN O 98 14.45 32.73 -4.59
C GLN O 98 14.26 31.43 -5.37
N LYS O 99 14.47 31.51 -6.68
CA LYS O 99 14.18 30.43 -7.63
C LYS O 99 12.76 29.89 -7.44
N CYS O 100 11.79 30.81 -7.47
CA CYS O 100 10.38 30.43 -7.35
C CYS O 100 9.93 29.69 -8.59
N GLY O 101 9.57 28.42 -8.43
CA GLY O 101 8.91 27.69 -9.48
C GLY O 101 7.42 27.88 -9.51
N PRO O 102 6.74 27.23 -10.46
CA PRO O 102 5.27 27.30 -10.51
C PRO O 102 4.58 26.87 -9.23
N LYS O 103 4.98 25.73 -8.65
CA LYS O 103 4.36 25.25 -7.43
C LYS O 103 4.55 26.23 -6.28
N ASP O 104 5.72 26.86 -6.20
CA ASP O 104 5.99 27.87 -5.18
C ASP O 104 5.10 29.10 -5.36
N LEU O 105 4.94 29.56 -6.59
CA LEU O 105 4.06 30.68 -6.89
C LEU O 105 2.61 30.38 -6.49
N PHE O 106 2.09 29.24 -6.92
CA PHE O 106 0.71 28.86 -6.60
C PHE O 106 0.50 28.72 -5.10
N LYS O 107 1.46 28.12 -4.40
CA LYS O 107 1.40 28.00 -2.94
C LYS O 107 1.33 29.35 -2.25
N LYS O 108 2.18 30.30 -2.64
CA LYS O 108 2.14 31.64 -2.03
C LYS O 108 0.85 32.39 -2.31
N ILE O 109 0.30 32.26 -3.51
CA ILE O 109 -0.98 32.92 -3.81
C ILE O 109 -2.11 32.33 -2.97
N THR O 110 -2.22 31.00 -2.96
CA THR O 110 -3.31 30.34 -2.23
C THR O 110 -3.21 30.54 -0.72
N GLU O 111 -1.99 30.48 -0.17
CA GLU O 111 -1.83 30.73 1.26
C GLU O 111 -2.15 32.17 1.61
N TYR O 112 -1.82 33.11 0.72
CA TYR O 112 -2.17 34.50 0.99
C TYR O 112 -3.69 34.67 1.10
N LEU O 113 -4.45 33.98 0.26
CA LEU O 113 -5.91 33.98 0.31
C LEU O 113 -6.48 33.14 1.49
N LYS O 114 -5.59 32.67 2.36
CA LYS O 114 -5.92 31.91 3.57
C LYS O 114 -6.47 30.51 3.27
N TYR O 115 -6.13 29.96 2.12
CA TYR O 115 -6.36 28.54 1.85
C TYR O 115 -5.12 27.75 2.22
N ARG O 116 -5.32 26.47 2.51
CA ARG O 116 -4.23 25.52 2.65
C ARG O 116 -4.05 24.74 1.36
N VAL O 117 -2.80 24.66 0.89
CA VAL O 117 -2.48 23.76 -0.20
C VAL O 117 -2.50 22.32 0.29
N THR O 118 -3.08 21.44 -0.53
CA THR O 118 -2.92 20.00 -0.32
C THR O 118 -1.71 19.51 -1.10
N LYS O 119 -1.31 18.27 -0.84
CA LYS O 119 -0.41 17.58 -1.75
C LYS O 119 -1.05 17.45 -3.13
N GLY O 120 -0.21 17.51 -4.16
CA GLY O 120 -0.75 17.46 -5.51
C GLY O 120 0.29 17.83 -6.52
N THR O 121 -0.09 17.65 -7.79
CA THR O 121 0.71 18.06 -8.92
C THR O 121 0.63 19.58 -9.12
N VAL O 122 1.58 20.08 -9.91
CA VAL O 122 1.50 21.46 -10.41
C VAL O 122 0.16 21.73 -11.07
N SER O 123 -0.39 20.74 -11.77
CA SER O 123 -1.71 20.87 -12.37
C SER O 123 -2.81 21.06 -11.33
N ASP O 124 -2.74 20.32 -10.21
CA ASP O 124 -3.66 20.55 -9.10
C ASP O 124 -3.49 21.94 -8.48
N PHE O 125 -2.25 22.33 -8.21
CA PHE O 125 -1.99 23.67 -7.65
C PHE O 125 -2.47 24.78 -8.57
N ARG O 126 -2.22 24.68 -9.87
CA ARG O 126 -2.71 25.68 -10.82
C ARG O 126 -4.24 25.80 -10.78
N ASP O 127 -4.93 24.68 -10.96
CA ASP O 127 -6.39 24.70 -10.97
C ASP O 127 -6.99 25.22 -9.67
N ARG O 128 -6.41 24.84 -8.54
CA ARG O 128 -6.83 25.39 -7.24
C ARG O 128 -6.54 26.89 -7.12
N THR O 129 -5.41 27.35 -7.64
CA THR O 129 -5.09 28.78 -7.59
C THR O 129 -6.03 29.61 -8.46
N ILE O 130 -6.30 29.16 -9.68
CA ILE O 130 -7.25 29.83 -10.54
C ILE O 130 -8.65 29.84 -9.94
N GLU O 131 -9.02 28.75 -9.27
CA GLU O 131 -10.30 28.68 -8.57
C GLU O 131 -10.41 29.73 -7.46
N VAL O 132 -9.36 29.93 -6.68
CA VAL O 132 -9.40 30.90 -5.58
C VAL O 132 -9.01 32.31 -5.98
N LEU O 133 -8.32 32.50 -7.10
CA LEU O 133 -8.18 33.85 -7.64
C LEU O 133 -9.52 34.39 -8.12
N LYS O 134 -10.36 33.51 -8.68
CA LYS O 134 -11.78 33.77 -8.77
C LYS O 134 -12.44 33.63 -7.40
N GLY O 135 -13.58 34.28 -7.25
CA GLY O 135 -14.36 34.14 -6.03
C GLY O 135 -13.83 34.94 -4.86
N CYS O 136 -12.50 34.91 -4.62
CA CYS O 136 -11.91 35.96 -3.79
C CYS O 136 -11.87 37.30 -4.50
N GLY O 137 -12.25 37.36 -5.78
CA GLY O 137 -12.36 38.62 -6.48
C GLY O 137 -11.07 39.39 -6.62
N VAL O 138 -9.94 38.68 -6.66
CA VAL O 138 -8.64 39.33 -6.85
C VAL O 138 -8.65 40.11 -8.16
N GLU O 139 -8.19 41.36 -8.09
CA GLU O 139 -8.12 42.21 -9.26
C GLU O 139 -6.73 42.79 -9.51
N MET O 140 -5.83 42.75 -8.54
CA MET O 140 -4.43 43.08 -8.77
C MET O 140 -3.54 42.06 -8.07
N LEU O 141 -2.50 41.62 -8.77
CA LEU O 141 -1.46 40.77 -8.20
C LEU O 141 -0.11 41.50 -8.26
N ILE O 142 0.42 41.89 -7.11
CA ILE O 142 1.74 42.52 -7.03
C ILE O 142 2.76 41.45 -6.70
N ILE O 143 3.76 41.28 -7.57
CA ILE O 143 4.85 40.34 -7.35
C ILE O 143 6.10 41.17 -7.07
N ASP O 144 6.46 41.24 -5.79
CA ASP O 144 7.69 41.95 -5.39
C ASP O 144 8.87 41.01 -5.61
N GLU O 145 10.05 41.56 -5.91
CA GLU O 145 11.20 40.68 -6.26
C GLU O 145 10.72 39.77 -7.38
N ALA O 146 10.13 40.35 -8.42
CA ALA O 146 9.58 39.56 -9.56
C ALA O 146 10.73 38.90 -10.31
N ASP O 147 11.95 39.41 -10.16
CA ASP O 147 13.14 38.78 -10.76
C ASP O 147 13.50 37.44 -10.11
N ARG O 148 12.91 37.09 -8.97
CA ARG O 148 13.13 35.78 -8.38
C ARG O 148 12.35 34.67 -9.06
N LEU O 149 11.35 35.00 -9.86
CA LEU O 149 10.61 33.98 -10.61
C LEU O 149 11.53 33.27 -11.60
N LYS O 150 11.46 31.94 -11.60
CA LYS O 150 12.12 31.15 -12.62
C LYS O 150 11.58 31.49 -14.02
N PRO O 151 12.44 31.43 -15.04
CA PRO O 151 12.01 31.75 -16.42
C PRO O 151 10.76 31.01 -16.89
N GLU O 152 10.59 29.76 -16.47
CA GLU O 152 9.38 29.01 -16.83
C GLU O 152 8.13 29.46 -16.09
N THR O 153 8.24 30.03 -14.90
CA THR O 153 7.03 30.39 -14.17
C THR O 153 6.40 31.72 -14.61
N PHE O 154 7.09 32.52 -15.40
CA PHE O 154 6.45 33.70 -16.01
C PHE O 154 5.29 33.33 -16.93
N ALA O 155 5.34 32.15 -17.55
CA ALA O 155 4.22 31.69 -18.35
C ALA O 155 2.95 31.56 -17.53
N ASP O 156 3.04 31.03 -16.31
CA ASP O 156 1.88 30.97 -15.43
C ASP O 156 1.45 32.36 -14.96
N VAL O 157 2.42 33.24 -14.72
CA VAL O 157 2.10 34.63 -14.40
C VAL O 157 1.37 35.32 -15.54
N ARG O 158 1.84 35.10 -16.76
CA ARG O 158 1.18 35.65 -17.95
C ARG O 158 -0.20 35.06 -18.16
N ASP O 159 -0.35 33.75 -17.96
CA ASP O 159 -1.65 33.10 -18.05
C ASP O 159 -2.65 33.64 -17.04
N ILE O 160 -2.22 33.91 -15.81
CA ILE O 160 -3.07 34.60 -14.85
C ILE O 160 -3.50 35.98 -15.36
N ALA O 161 -2.55 36.74 -15.90
CA ALA O 161 -2.87 38.09 -16.35
C ALA O 161 -3.91 38.11 -17.47
N GLU O 162 -3.84 37.16 -18.40
CA GLU O 162 -4.79 37.20 -19.51
C GLU O 162 -5.97 36.24 -19.39
N ASP O 163 -5.88 35.17 -18.60
CA ASP O 163 -7.08 34.36 -18.43
C ASP O 163 -8.06 35.00 -17.44
N LEU O 164 -7.56 35.80 -16.51
CA LEU O 164 -8.42 36.50 -15.56
C LEU O 164 -8.27 37.99 -15.77
N GLY O 165 -9.27 38.75 -15.34
CA GLY O 165 -9.13 40.19 -15.34
C GLY O 165 -8.25 40.73 -14.23
N ILE O 166 -6.99 40.30 -14.16
CA ILE O 166 -6.09 40.69 -13.08
C ILE O 166 -4.95 41.51 -13.65
N ALA O 167 -4.76 42.71 -13.11
CA ALA O 167 -3.54 43.48 -13.30
C ALA O 167 -2.40 42.89 -12.48
N VAL O 168 -1.42 42.31 -13.14
CA VAL O 168 -0.19 41.85 -12.49
C VAL O 168 0.84 42.95 -12.51
N VAL O 169 1.37 43.31 -11.35
CA VAL O 169 2.42 44.33 -11.23
C VAL O 169 3.71 43.63 -10.82
N LEU O 170 4.70 43.63 -11.70
CA LEU O 170 6.04 43.14 -11.39
C LEU O 170 6.87 44.25 -10.76
N VAL O 171 7.48 43.96 -9.62
CA VAL O 171 8.31 44.93 -8.92
C VAL O 171 9.71 44.36 -8.79
N GLY O 172 10.71 45.17 -9.15
CA GLY O 172 12.10 44.77 -9.05
C GLY O 172 12.98 45.98 -9.26
N THR O 173 14.28 45.74 -9.28
CA THR O 173 15.22 46.75 -9.72
C THR O 173 15.44 46.61 -11.22
N ASP O 174 16.43 47.33 -11.76
CA ASP O 174 16.82 47.11 -13.14
C ASP O 174 17.32 45.69 -13.39
N ARG O 175 17.63 44.93 -12.33
CA ARG O 175 17.89 43.51 -12.44
C ARG O 175 16.69 42.76 -13.03
N LEU O 176 15.47 43.24 -12.76
CA LEU O 176 14.28 42.64 -13.33
C LEU O 176 14.18 42.88 -14.83
N ASP O 177 14.54 44.08 -15.29
CA ASP O 177 14.43 44.40 -16.72
C ASP O 177 15.32 43.52 -17.59
N ALA O 178 16.46 43.08 -17.05
CA ALA O 178 17.26 42.08 -17.75
C ALA O 178 16.53 40.74 -17.86
N VAL O 179 15.88 40.31 -16.78
CA VAL O 179 15.08 39.09 -16.83
C VAL O 179 13.90 39.24 -17.76
N ILE O 180 13.22 40.39 -17.72
CA ILE O 180 12.08 40.63 -18.59
C ILE O 180 12.48 40.61 -20.07
N LYS O 181 13.52 41.35 -20.44
CA LYS O 181 13.88 41.44 -21.85
C LYS O 181 14.44 40.16 -22.43
N ARG O 182 14.74 39.17 -21.59
CA ARG O 182 15.07 37.82 -22.06
C ARG O 182 13.86 37.01 -22.51
N ASP O 183 12.64 37.53 -22.36
CA ASP O 183 11.45 36.92 -22.96
C ASP O 183 10.54 38.03 -23.46
N GLU O 184 10.50 38.20 -24.78
CA GLU O 184 9.70 39.26 -25.41
C GLU O 184 8.20 39.14 -25.15
N GLN O 185 7.71 37.95 -24.76
CA GLN O 185 6.31 37.84 -24.37
C GLN O 185 6.06 38.45 -23.00
N VAL O 186 7.04 38.37 -22.11
CA VAL O 186 6.95 39.08 -20.84
C VAL O 186 7.14 40.57 -21.05
N LEU O 187 8.21 40.93 -21.77
CA LEU O 187 8.52 42.32 -22.06
C LEU O 187 7.34 43.08 -22.66
N GLU O 188 6.64 42.47 -23.60
CA GLU O 188 5.53 43.16 -24.27
C GLU O 188 4.25 43.18 -23.45
N ARG O 189 4.14 42.35 -22.41
CA ARG O 189 3.00 42.42 -21.50
C ARG O 189 3.18 43.38 -20.34
N PHE O 190 4.41 43.61 -19.89
CA PHE O 190 4.72 44.44 -18.74
C PHE O 190 5.45 45.72 -19.15
N ARG O 191 5.23 46.17 -20.38
CA ARG O 191 5.96 47.33 -20.92
C ARG O 191 5.68 48.60 -20.13
N ALA O 192 4.43 48.84 -19.75
CA ALA O 192 4.10 50.04 -18.98
C ALA O 192 4.77 49.98 -17.60
N HIS O 193 5.35 51.10 -17.19
CA HIS O 193 6.21 51.07 -16.02
C HIS O 193 6.16 52.42 -15.29
N LEU O 194 6.54 52.38 -14.02
CA LEU O 194 6.78 53.56 -13.20
C LEU O 194 8.11 53.36 -12.50
N ARG O 195 8.93 54.40 -12.48
CA ARG O 195 10.23 54.36 -11.83
C ARG O 195 10.24 55.16 -10.53
N PHE O 196 10.66 54.50 -9.46
CA PHE O 196 11.08 55.17 -8.23
C PHE O 196 12.50 55.71 -8.40
N GLY O 197 12.65 57.02 -8.32
CA GLY O 197 13.95 57.66 -8.38
C GLY O 197 14.49 58.05 -7.02
N LYS O 198 15.79 58.31 -6.97
CA LYS O 198 16.40 58.98 -5.83
C LYS O 198 15.85 60.41 -5.69
N LEU O 199 15.73 60.86 -4.45
CA LEU O 199 15.30 62.21 -4.15
C LEU O 199 16.48 63.17 -4.22
N SER O 200 16.17 64.45 -4.37
CA SER O 200 17.16 65.51 -4.25
C SER O 200 16.49 66.81 -3.82
N GLY O 201 17.33 67.77 -3.42
CA GLY O 201 16.88 69.14 -3.25
C GLY O 201 15.80 69.34 -2.19
N GLU O 202 14.83 70.20 -2.53
CA GLU O 202 13.75 70.53 -1.62
C GLU O 202 12.91 69.31 -1.25
N ASP O 203 12.74 68.37 -2.17
CA ASP O 203 12.01 67.14 -1.82
C ASP O 203 12.80 66.33 -0.81
N PHE O 204 14.12 66.23 -1.01
CA PHE O 204 14.98 65.62 0.00
C PHE O 204 14.97 66.42 1.30
N LYS O 205 15.03 67.75 1.20
CA LYS O 205 14.96 68.61 2.39
C LYS O 205 13.66 68.42 3.15
N ASN O 206 12.52 68.41 2.44
CA ASN O 206 11.24 68.14 3.08
C ASN O 206 11.20 66.74 3.69
N THR O 207 11.77 65.75 3.00
CA THR O 207 11.83 64.40 3.54
C THR O 207 12.69 64.34 4.79
N VAL O 208 13.87 64.97 4.76
CA VAL O 208 14.73 65.02 5.94
C VAL O 208 14.04 65.75 7.08
N GLU O 209 13.31 66.82 6.77
CA GLU O 209 12.48 67.49 7.77
C GLU O 209 11.43 66.56 8.34
N MET O 210 10.72 65.83 7.48
CA MET O 210 9.74 64.84 7.94
C MET O 210 10.34 63.79 8.87
N TRP O 211 11.54 63.29 8.56
CA TRP O 211 12.15 62.25 9.39
C TRP O 211 12.56 62.75 10.77
N GLU O 212 12.94 64.02 10.92
CA GLU O 212 13.07 64.59 12.25
C GLU O 212 11.72 64.67 12.96
N GLN O 213 10.78 65.40 12.37
CA GLN O 213 9.60 65.87 13.08
C GLN O 213 8.44 64.88 13.07
N MET O 214 8.48 63.84 12.23
CA MET O 214 7.47 62.79 12.26
C MET O 214 8.01 61.44 12.74
N VAL O 215 9.20 61.03 12.31
CA VAL O 215 9.69 59.70 12.58
C VAL O 215 10.40 59.63 13.93
N LEU O 216 11.49 60.38 14.07
CA LEU O 216 12.28 60.33 15.30
C LEU O 216 11.49 60.86 16.49
N LYS O 217 10.89 62.05 16.36
CA LYS O 217 10.15 62.68 17.45
C LYS O 217 11.02 62.72 18.72
N LEU O 218 12.30 63.00 18.52
CA LEU O 218 13.33 62.91 19.54
C LEU O 218 13.16 63.98 20.62
N PRO O 219 13.76 63.75 21.81
CA PRO O 219 13.52 64.66 22.94
C PRO O 219 13.87 66.12 22.70
N VAL O 220 14.96 66.40 21.99
CA VAL O 220 15.35 67.76 21.66
C VAL O 220 15.72 67.83 20.19
N SER O 221 15.26 68.90 19.52
CA SER O 221 15.39 69.03 18.08
C SER O 221 16.85 69.10 17.64
N SER O 222 17.11 68.58 16.45
CA SER O 222 18.37 68.79 15.74
C SER O 222 18.25 69.80 14.60
N ASN O 223 17.03 70.20 14.22
CA ASN O 223 16.78 71.22 13.21
C ASN O 223 17.41 70.87 11.85
N LEU O 224 17.01 69.71 11.32
CA LEU O 224 17.60 69.06 10.15
C LEU O 224 17.25 69.76 8.83
N LYS O 225 16.57 70.91 8.87
CA LYS O 225 16.57 71.83 7.75
C LYS O 225 17.93 72.46 7.49
N SER O 226 18.85 72.39 8.47
CA SER O 226 20.14 73.05 8.36
C SER O 226 20.89 72.63 7.11
N LYS O 227 21.27 73.63 6.31
CA LYS O 227 21.76 73.40 4.94
C LYS O 227 23.14 72.75 4.93
N GLU O 228 23.99 73.07 5.90
CA GLU O 228 25.36 72.56 5.89
C GLU O 228 25.40 71.07 6.25
N MET O 229 24.76 70.67 7.35
CA MET O 229 24.77 69.27 7.74
C MET O 229 24.04 68.42 6.70
N LEU O 230 23.19 69.02 5.87
CA LEU O 230 22.59 68.34 4.75
C LEU O 230 23.61 67.81 3.75
N ARG O 231 24.82 68.39 3.74
CA ARG O 231 25.92 67.82 3.00
C ARG O 231 26.36 66.48 3.59
N ILE O 232 26.39 66.39 4.92
CA ILE O 232 26.75 65.14 5.58
C ILE O 232 25.75 64.04 5.26
N LEU O 233 24.46 64.33 5.38
CA LEU O 233 23.44 63.38 4.94
C LEU O 233 23.63 62.99 3.48
N THR O 234 23.67 63.98 2.58
CA THR O 234 23.76 63.68 1.15
C THR O 234 24.96 62.80 0.83
N SER O 235 26.10 63.04 1.49
CA SER O 235 27.30 62.28 1.16
C SER O 235 27.14 60.81 1.53
N ALA O 236 26.49 60.53 2.66
CA ALA O 236 26.14 59.16 3.00
C ALA O 236 24.91 58.67 2.25
N THR O 237 23.90 59.53 2.09
CA THR O 237 22.57 59.07 1.73
C THR O 237 22.36 58.94 0.23
N GLU O 238 23.03 59.76 -0.58
CA GLU O 238 22.93 59.71 -2.04
C GLU O 238 21.49 59.89 -2.52
N GLY O 239 20.58 60.27 -1.64
CA GLY O 239 19.17 60.37 -1.94
C GLY O 239 18.37 59.09 -1.76
N TYR O 240 18.98 58.01 -1.30
CA TYR O 240 18.23 56.81 -0.98
C TYR O 240 17.45 57.03 0.31
N ILE O 241 16.13 56.84 0.26
CA ILE O 241 15.33 56.89 1.48
C ILE O 241 15.79 55.80 2.45
N GLY O 242 16.11 54.62 1.92
CA GLY O 242 16.60 53.53 2.72
C GLY O 242 18.05 53.61 3.14
N ARG O 243 18.73 54.69 2.81
CA ARG O 243 19.89 55.14 3.57
C ARG O 243 19.48 56.17 4.62
N LEU O 244 18.67 57.15 4.22
CA LEU O 244 18.25 58.22 5.14
C LEU O 244 17.60 57.65 6.39
N ASP O 245 16.63 56.75 6.23
CA ASP O 245 15.94 56.15 7.36
C ASP O 245 16.89 55.34 8.23
N GLU O 246 17.97 54.82 7.66
CA GLU O 246 18.96 54.06 8.42
C GLU O 246 19.84 54.98 9.26
N ILE O 247 20.33 56.06 8.68
CA ILE O 247 21.23 56.97 9.38
C ILE O 247 20.61 57.46 10.68
N LEU O 248 19.44 58.09 10.58
CA LEU O 248 18.87 58.79 11.73
C LEU O 248 18.57 57.83 12.87
N ARG O 249 18.12 56.62 12.57
CA ARG O 249 17.92 55.63 13.63
C ARG O 249 19.22 55.17 14.25
N GLU O 250 20.31 55.10 13.49
CA GLU O 250 21.62 54.80 14.08
C GLU O 250 22.06 55.91 15.01
N ALA O 251 22.02 57.16 14.54
CA ALA O 251 22.41 58.31 15.34
C ALA O 251 21.53 58.49 16.59
N ALA O 252 20.22 58.37 16.43
CA ALA O 252 19.32 58.53 17.57
C ALA O 252 19.53 57.46 18.65
N ILE O 253 19.70 56.20 18.26
CA ILE O 253 19.98 55.17 19.24
C ILE O 253 21.29 55.45 19.96
N ARG O 254 22.31 55.90 19.22
CA ARG O 254 23.58 56.28 19.84
C ARG O 254 23.42 57.48 20.78
N SER O 255 22.75 58.54 20.30
CA SER O 255 22.49 59.70 21.15
C SER O 255 21.76 59.31 22.44
N LEU O 256 20.66 58.56 22.31
CA LEU O 256 19.91 58.18 23.51
C LEU O 256 20.67 57.15 24.36
N SER O 257 21.57 56.37 23.75
CA SER O 257 22.45 55.52 24.54
C SER O 257 23.51 56.32 25.27
N ARG O 258 24.00 57.39 24.64
CA ARG O 258 25.05 58.23 25.22
C ARG O 258 24.50 59.29 26.17
N GLY O 259 23.19 59.40 26.30
CA GLY O 259 22.60 60.43 27.13
C GLY O 259 22.58 61.79 26.48
N LEU O 260 22.53 61.84 25.15
CA LEU O 260 22.40 63.07 24.41
C LEU O 260 20.94 63.23 23.99
N LYS O 261 20.35 64.37 24.33
CA LYS O 261 18.93 64.58 24.06
C LYS O 261 18.65 64.91 22.60
N LYS O 262 19.70 65.07 21.79
CA LYS O 262 19.58 65.41 20.38
C LYS O 262 20.59 64.57 19.61
N ILE O 263 20.38 64.47 18.29
CA ILE O 263 21.45 64.05 17.40
C ILE O 263 22.42 65.21 17.22
N ASP O 264 23.60 65.09 17.81
CA ASP O 264 24.65 66.07 17.60
C ASP O 264 25.40 65.79 16.30
N LYS O 265 26.06 66.85 15.80
CA LYS O 265 26.93 66.72 14.64
C LYS O 265 27.98 65.64 14.84
N ALA O 266 28.57 65.60 16.04
CA ALA O 266 29.54 64.57 16.41
C ALA O 266 28.97 63.16 16.27
N VAL O 267 27.66 62.99 16.40
CA VAL O 267 27.04 61.67 16.22
C VAL O 267 26.67 61.41 14.77
N LEU O 268 26.03 62.38 14.11
CA LEU O 268 25.65 62.22 12.71
C LEU O 268 26.85 61.89 11.83
N GLN O 269 27.93 62.66 11.96
CA GLN O 269 29.11 62.43 11.14
C GLN O 269 29.78 61.10 11.47
N GLU O 270 29.77 60.68 12.74
CA GLU O 270 30.31 59.37 13.09
C GLU O 270 29.52 58.24 12.44
N VAL O 271 28.19 58.32 12.47
CA VAL O 271 27.37 57.36 11.75
C VAL O 271 27.62 57.43 10.24
N ALA O 272 27.53 58.65 9.68
CA ALA O 272 27.74 58.85 8.25
C ALA O 272 29.13 58.43 7.78
N LYS O 273 30.07 58.27 8.70
CA LYS O 273 31.42 57.80 8.37
C LYS O 273 31.55 56.29 8.25
N GLU O 274 30.53 55.53 8.61
CA GLU O 274 30.60 54.08 8.55
C GLU O 274 30.46 53.51 7.13
N TYR O 275 30.61 54.33 6.10
CA TYR O 275 30.29 53.94 4.72
C TYR O 275 31.39 54.39 3.75
N GLU P 19 59.66 12.33 28.58
CA GLU P 19 60.22 13.68 28.51
C GLU P 19 59.17 14.71 28.89
N TRP P 20 59.58 15.67 29.72
CA TRP P 20 58.65 16.68 30.22
C TRP P 20 58.38 17.79 29.22
N LEU P 21 59.36 18.13 28.38
CA LEU P 21 59.32 19.38 27.61
C LEU P 21 58.13 19.45 26.65
N GLN P 22 57.64 18.30 26.18
CA GLN P 22 56.45 18.30 25.32
C GLN P 22 55.21 18.87 26.01
N ALA P 23 55.17 18.90 27.33
CA ALA P 23 54.09 19.56 28.04
C ALA P 23 54.06 21.07 27.79
N GLU P 24 55.22 21.67 27.56
CA GLU P 24 55.28 23.07 27.16
C GLU P 24 55.00 23.28 25.68
N ILE P 25 55.66 22.51 24.81
CA ILE P 25 55.51 22.68 23.37
C ILE P 25 54.09 22.41 22.91
N ALA P 26 53.38 21.50 23.58
CA ALA P 26 51.97 21.29 23.30
C ALA P 26 51.13 22.56 23.51
N ARG P 27 51.50 23.39 24.48
CA ARG P 27 50.80 24.67 24.66
C ARG P 27 51.03 25.62 23.49
N LEU P 28 52.25 25.61 22.92
CA LEU P 28 52.53 26.44 21.76
C LEU P 28 51.72 26.01 20.54
N LYS P 29 51.49 24.70 20.39
CA LYS P 29 50.60 24.22 19.33
C LYS P 29 49.15 24.63 19.56
N GLY P 30 48.70 24.71 20.81
CA GLY P 30 47.30 24.99 21.05
C GLY P 30 46.89 26.43 20.82
N LYS P 31 45.58 26.62 20.69
CA LYS P 31 44.95 27.91 20.45
C LYS P 31 44.96 28.78 21.70
N SER P 32 44.98 30.09 21.47
CA SER P 32 44.84 31.08 22.53
C SER P 32 44.12 32.30 21.97
N ILE P 33 43.49 33.07 22.86
CA ILE P 33 42.81 34.32 22.51
C ILE P 33 43.24 35.41 23.48
N VAL P 34 43.63 36.55 22.93
CA VAL P 34 44.17 37.67 23.71
C VAL P 34 43.15 38.80 23.73
N PRO P 35 42.85 39.38 24.90
CA PRO P 35 42.01 40.59 24.96
C PRO P 35 42.74 41.77 24.34
N LEU P 36 42.11 42.40 23.35
CA LEU P 36 42.80 43.36 22.49
C LEU P 36 41.87 44.53 22.18
N GLN P 37 42.49 45.69 21.96
CA GLN P 37 41.74 46.91 21.68
C GLN P 37 40.89 46.78 20.42
N GLN P 38 41.46 46.24 19.33
CA GLN P 38 40.71 46.10 18.09
C GLN P 38 39.48 45.21 18.28
N VAL P 39 39.63 44.09 18.97
CA VAL P 39 38.49 43.26 19.33
C VAL P 39 37.48 44.06 20.13
N LYS P 40 37.95 44.85 21.10
CA LYS P 40 37.05 45.69 21.88
C LYS P 40 36.29 46.68 21.01
N THR P 41 36.97 47.30 20.04
CA THR P 41 36.28 48.23 19.15
C THR P 41 35.22 47.53 18.30
N LEU P 42 35.49 46.31 17.84
CA LEU P 42 34.46 45.51 17.18
C LEU P 42 33.30 45.18 18.11
N HIS P 43 33.62 44.71 19.33
CA HIS P 43 32.58 44.26 20.25
C HIS P 43 31.68 45.41 20.69
N ASP P 44 32.24 46.60 20.89
CA ASP P 44 31.42 47.77 21.15
C ASP P 44 30.51 48.08 19.95
N TRP P 45 31.05 47.91 18.74
CA TRP P 45 30.29 48.14 17.52
C TRP P 45 29.21 47.09 17.29
N LEU P 46 29.57 45.81 17.40
CA LEU P 46 28.60 44.73 17.26
C LEU P 46 27.48 44.78 18.30
N ASP P 47 27.79 45.16 19.54
CA ASP P 47 26.72 45.40 20.50
C ASP P 47 25.82 46.55 20.10
N GLY P 48 26.41 47.66 19.63
CA GLY P 48 25.59 48.75 19.15
C GLY P 48 24.75 48.38 17.94
N LYS P 49 25.30 47.57 17.04
CA LYS P 49 24.58 47.17 15.84
C LYS P 49 23.50 46.15 16.13
N ARG P 50 23.81 45.16 16.99
CA ARG P 50 22.80 44.21 17.45
C ARG P 50 21.69 44.91 18.23
N LYS P 51 22.04 45.89 19.06
CA LYS P 51 21.02 46.69 19.73
C LYS P 51 20.04 47.32 18.74
N ALA P 52 20.55 47.83 17.63
CA ALA P 52 19.74 48.44 16.59
C ALA P 52 19.22 47.44 15.57
N ARG P 53 19.72 46.20 15.60
CA ARG P 53 19.37 45.15 14.63
C ARG P 53 19.63 45.57 13.19
N LYS P 54 20.56 46.49 12.97
CA LYS P 54 21.02 46.79 11.62
C LYS P 54 21.87 45.63 11.10
N SER P 55 21.85 45.47 9.78
CA SER P 55 22.85 44.65 9.08
C SER P 55 24.06 45.48 8.69
N CYS P 56 25.19 44.79 8.56
CA CYS P 56 26.46 45.44 8.28
C CYS P 56 27.46 44.38 7.83
N ARG P 57 28.67 44.82 7.50
CA ARG P 57 29.78 43.94 7.19
C ARG P 57 31.05 44.34 7.92
N VAL P 58 31.88 43.35 8.19
CA VAL P 58 33.19 43.52 8.83
C VAL P 58 34.25 43.06 7.84
N VAL P 59 35.17 43.96 7.48
CA VAL P 59 36.02 43.79 6.30
C VAL P 59 37.49 43.92 6.71
N GLY P 60 38.29 42.93 6.31
CA GLY P 60 39.74 43.06 6.45
C GLY P 60 40.43 41.87 5.81
N GLU P 61 41.70 42.09 5.46
CA GLU P 61 42.52 41.08 4.82
C GLU P 61 42.59 39.79 5.65
N SER P 62 43.05 38.73 4.98
CA SER P 62 43.33 37.46 5.66
C SER P 62 44.42 37.62 6.71
N ARG P 63 44.30 36.83 7.79
CA ARG P 63 45.21 36.84 8.93
C ARG P 63 45.20 38.17 9.69
N THR P 64 44.14 38.96 9.56
CA THR P 64 44.07 40.21 10.32
C THR P 64 43.66 39.96 11.77
N GLY P 65 42.70 39.06 12.00
CA GLY P 65 42.22 38.74 13.33
C GLY P 65 40.73 38.93 13.53
N LYS P 66 40.04 39.51 12.55
CA LYS P 66 38.59 39.72 12.58
C LYS P 66 37.80 38.46 12.88
N THR P 67 38.31 37.28 12.50
CA THR P 67 37.61 36.04 12.79
C THR P 67 37.78 35.58 14.23
N VAL P 68 38.98 35.74 14.81
CA VAL P 68 39.12 35.53 16.25
C VAL P 68 38.29 36.53 17.03
N ALA P 69 38.19 37.76 16.51
CA ALA P 69 37.30 38.78 17.06
C ALA P 69 35.83 38.36 17.03
N CYS P 70 35.42 37.58 16.04
CA CYS P 70 34.07 37.01 16.04
C CYS P 70 33.88 35.85 17.01
N ASP P 71 34.87 34.96 17.14
CA ASP P 71 34.82 33.94 18.17
C ASP P 71 34.64 34.52 19.57
N ALA P 72 35.40 35.55 19.92
CA ALA P 72 35.22 36.20 21.21
C ALA P 72 33.84 36.81 21.39
N TYR P 73 33.21 37.29 20.32
CA TYR P 73 31.86 37.86 20.46
C TYR P 73 30.82 36.76 20.67
N ARG P 74 30.96 35.63 19.99
CA ARG P 74 30.19 34.45 20.32
C ARG P 74 30.41 33.99 21.76
N TYR P 75 31.65 33.97 22.22
CA TYR P 75 31.95 33.50 23.57
C TYR P 75 31.53 34.48 24.67
N ARG P 76 31.43 35.78 24.36
CA ARG P 76 30.72 36.67 25.28
C ARG P 76 29.23 36.37 25.33
N HIS P 77 28.64 35.93 24.21
CA HIS P 77 27.19 35.79 24.12
C HIS P 77 26.79 34.34 23.88
N LYS P 78 27.27 33.45 24.75
CA LYS P 78 26.99 32.04 24.65
C LYS P 78 25.48 31.77 24.68
N PRO P 79 25.04 30.68 24.04
CA PRO P 79 23.61 30.31 24.07
C PRO P 79 23.16 29.94 25.48
N GLN P 80 22.21 30.70 26.00
CA GLN P 80 21.72 30.52 27.36
C GLN P 80 20.56 29.53 27.36
N GLN P 81 20.69 28.48 28.16
CA GLN P 81 19.67 27.46 28.32
C GLN P 81 18.52 27.93 29.21
N GLU P 82 17.35 27.34 28.98
CA GLU P 82 16.20 27.47 29.88
C GLU P 82 15.44 26.15 29.94
N ALA P 83 14.87 25.87 31.11
CA ALA P 83 14.22 24.60 31.40
C ALA P 83 13.06 24.26 30.46
N GLY P 84 13.25 23.24 29.63
CA GLY P 84 12.23 22.74 28.73
C GLY P 84 12.00 23.55 27.48
N ARG P 85 12.83 24.55 27.20
CA ARG P 85 12.69 25.42 26.05
C ARG P 85 13.90 25.23 25.15
N PRO P 86 13.78 25.50 23.85
CA PRO P 86 14.97 25.77 23.05
C PRO P 86 15.82 26.85 23.68
N PRO P 87 17.14 26.78 23.52
CA PRO P 87 18.01 27.80 24.11
C PRO P 87 17.73 29.16 23.50
N THR P 88 17.89 30.20 24.30
CA THR P 88 17.97 31.56 23.79
C THR P 88 19.37 31.82 23.27
N VAL P 89 19.48 32.13 21.98
CA VAL P 89 20.78 32.20 21.32
C VAL P 89 20.86 33.52 20.56
N PRO P 90 21.18 34.62 21.22
CA PRO P 90 21.08 35.93 20.56
C PRO P 90 22.07 36.12 19.42
N VAL P 91 23.24 35.50 19.48
CA VAL P 91 24.22 35.55 18.38
C VAL P 91 24.38 34.14 17.83
N VAL P 92 24.08 33.98 16.55
CA VAL P 92 24.43 32.78 15.79
C VAL P 92 25.68 33.06 15.00
N TYR P 93 26.67 32.17 15.09
CA TYR P 93 27.85 32.24 14.24
C TYR P 93 27.85 30.99 13.36
N ILE P 94 27.96 31.20 12.06
CA ILE P 94 28.08 30.11 11.10
C ILE P 94 29.29 30.34 10.21
N ARG P 95 30.00 29.26 9.92
CA ARG P 95 31.13 29.20 8.99
C ARG P 95 30.69 28.35 7.81
N PRO P 96 30.14 28.96 6.75
CA PRO P 96 29.68 28.18 5.59
C PRO P 96 30.78 27.30 5.01
N HIS P 97 30.35 26.20 4.40
CA HIS P 97 31.20 25.43 3.52
C HIS P 97 31.33 26.12 2.17
N GLN P 98 32.21 25.58 1.33
CA GLN P 98 32.45 26.12 0.00
C GLN P 98 31.19 26.12 -0.85
N LYS P 99 30.96 27.24 -1.54
CA LYS P 99 29.78 27.47 -2.38
C LYS P 99 28.49 27.06 -1.68
N CYS P 100 28.23 27.71 -0.56
CA CYS P 100 27.10 27.35 0.30
C CYS P 100 25.78 27.67 -0.38
N GLY P 101 24.96 26.64 -0.62
CA GLY P 101 23.60 26.84 -1.05
C GLY P 101 22.68 27.14 0.12
N PRO P 102 21.45 27.54 -0.20
CA PRO P 102 20.47 27.80 0.87
C PRO P 102 20.26 26.61 1.79
N LYS P 103 20.16 25.40 1.25
CA LYS P 103 19.97 24.22 2.09
C LYS P 103 21.14 24.03 3.05
N ASP P 104 22.36 24.26 2.57
CA ASP P 104 23.53 24.18 3.45
C ASP P 104 23.57 25.33 4.45
N LEU P 105 23.15 26.52 4.03
CA LEU P 105 22.98 27.62 4.97
C LEU P 105 21.97 27.27 6.07
N PHE P 106 20.79 26.82 5.67
CA PHE P 106 19.73 26.46 6.62
C PHE P 106 20.15 25.35 7.57
N LYS P 107 20.79 24.30 7.03
CA LYS P 107 21.33 23.24 7.86
C LYS P 107 22.32 23.72 8.90
N LYS P 108 23.24 24.61 8.53
CA LYS P 108 24.18 25.16 9.52
C LYS P 108 23.49 25.99 10.59
N ILE P 109 22.56 26.86 10.22
CA ILE P 109 21.85 27.64 11.22
C ILE P 109 21.08 26.74 12.18
N THR P 110 20.32 25.78 11.63
CA THR P 110 19.49 24.93 12.48
C THR P 110 20.31 23.97 13.33
N GLU P 111 21.41 23.43 12.79
CA GLU P 111 22.34 22.63 13.59
C GLU P 111 23.03 23.46 14.68
N TYR P 112 23.40 24.71 14.39
CA TYR P 112 23.99 25.55 15.43
C TYR P 112 22.99 25.80 16.56
N LEU P 113 21.72 25.95 16.23
CA LEU P 113 20.66 26.02 17.23
C LEU P 113 20.30 24.65 17.81
N LYS P 114 21.06 23.60 17.43
CA LYS P 114 20.95 22.25 18.01
C LYS P 114 19.67 21.52 17.63
N TYR P 115 19.31 21.62 16.35
CA TYR P 115 18.22 20.85 15.76
C TYR P 115 18.78 19.91 14.70
N ARG P 116 18.18 18.73 14.58
CA ARG P 116 18.68 17.69 13.71
C ARG P 116 17.75 17.54 12.51
N VAL P 117 17.82 18.52 11.62
CA VAL P 117 16.91 18.63 10.48
C VAL P 117 16.90 17.35 9.66
N THR P 118 15.71 16.82 9.43
CA THR P 118 15.49 15.65 8.61
C THR P 118 15.38 16.01 7.13
N LYS P 119 15.45 15.00 6.28
CA LYS P 119 15.27 15.16 4.83
C LYS P 119 14.02 15.95 4.50
N GLY P 120 14.14 16.86 3.54
CA GLY P 120 13.02 17.69 3.12
C GLY P 120 13.41 18.55 1.94
N THR P 121 12.42 19.28 1.43
CA THR P 121 12.67 20.26 0.38
C THR P 121 13.35 21.49 0.96
N VAL P 122 13.96 22.29 0.06
CA VAL P 122 14.52 23.58 0.46
C VAL P 122 13.46 24.48 1.10
N SER P 123 12.20 24.37 0.66
CA SER P 123 11.13 25.11 1.30
C SER P 123 10.84 24.62 2.72
N ASP P 124 11.04 23.32 2.98
CA ASP P 124 10.95 22.82 4.35
C ASP P 124 12.14 23.23 5.20
N PHE P 125 13.35 23.17 4.65
CA PHE P 125 14.53 23.65 5.36
C PHE P 125 14.44 25.13 5.70
N ARG P 126 13.90 25.93 4.79
CA ARG P 126 13.63 27.34 5.07
C ARG P 126 12.64 27.52 6.23
N ASP P 127 11.47 26.89 6.15
CA ASP P 127 10.47 27.03 7.21
C ASP P 127 10.98 26.55 8.57
N ARG P 128 11.67 25.42 8.61
CA ARG P 128 12.32 24.98 9.84
C ARG P 128 13.31 26.01 10.37
N THR P 129 14.10 26.62 9.49
CA THR P 129 15.08 27.59 9.94
C THR P 129 14.45 28.87 10.45
N ILE P 130 13.50 29.44 9.71
CA ILE P 130 12.85 30.67 10.15
C ILE P 130 12.07 30.45 11.45
N GLU P 131 11.43 29.30 11.61
CA GLU P 131 10.73 29.03 12.87
C GLU P 131 11.65 28.76 14.04
N VAL P 132 12.94 28.50 13.83
CA VAL P 132 13.88 28.37 14.94
C VAL P 132 14.79 29.58 15.12
N LEU P 133 14.93 30.42 14.10
CA LEU P 133 15.51 31.74 14.33
C LEU P 133 14.62 32.56 15.25
N LYS P 134 13.31 32.41 15.10
CA LYS P 134 12.36 32.77 16.15
C LYS P 134 12.30 31.68 17.20
N GLY P 135 11.94 32.06 18.42
CA GLY P 135 11.85 31.11 19.52
C GLY P 135 13.19 30.76 20.15
N CYS P 136 14.24 30.63 19.35
CA CYS P 136 15.57 30.84 19.89
C CYS P 136 15.91 32.31 20.06
N GLY P 137 15.08 33.21 19.57
CA GLY P 137 15.26 34.63 19.80
C GLY P 137 16.56 35.19 19.26
N VAL P 138 17.00 34.67 18.11
CA VAL P 138 18.24 35.13 17.50
C VAL P 138 18.17 36.62 17.24
N GLU P 139 19.23 37.33 17.60
CA GLU P 139 19.37 38.77 17.40
C GLU P 139 20.37 39.11 16.31
N MET P 140 21.44 38.34 16.19
CA MET P 140 22.53 38.63 15.29
C MET P 140 22.98 37.33 14.63
N LEU P 141 23.30 37.41 13.33
CA LEU P 141 23.72 36.26 12.55
C LEU P 141 25.04 36.60 11.88
N ILE P 142 26.15 36.19 12.49
CA ILE P 142 27.46 36.40 11.90
C ILE P 142 27.73 35.32 10.87
N ILE P 143 27.90 35.71 9.62
CA ILE P 143 28.27 34.80 8.55
C ILE P 143 29.71 35.13 8.21
N ASP P 144 30.62 34.27 8.68
CA ASP P 144 32.05 34.52 8.43
C ASP P 144 32.39 33.94 7.06
N GLU P 145 33.19 34.66 6.27
CA GLU P 145 33.52 34.21 4.90
C GLU P 145 32.23 34.24 4.07
N ALA P 146 31.38 35.22 4.32
CA ALA P 146 30.12 35.36 3.57
C ALA P 146 30.43 35.32 2.07
N ASP P 147 31.60 35.81 1.66
CA ASP P 147 31.99 35.70 0.26
C ASP P 147 31.95 34.26 -0.26
N ARG P 148 31.80 33.29 0.62
CA ARG P 148 31.64 31.89 0.24
C ARG P 148 30.19 31.51 -0.08
N LEU P 149 29.23 32.38 0.24
CA LEU P 149 27.84 32.14 -0.17
C LEU P 149 27.67 32.24 -1.68
N LYS P 150 26.82 31.38 -2.24
CA LYS P 150 26.40 31.53 -3.63
C LYS P 150 25.46 32.71 -3.81
N PRO P 151 25.46 33.32 -5.01
CA PRO P 151 24.60 34.49 -5.27
C PRO P 151 23.11 34.33 -4.97
N GLU P 152 22.52 33.16 -5.22
CA GLU P 152 21.11 32.99 -4.85
C GLU P 152 20.91 32.89 -3.33
N THR P 153 21.92 32.43 -2.60
CA THR P 153 21.78 32.27 -1.16
C THR P 153 21.65 33.62 -0.46
N PHE P 154 22.26 34.67 -1.02
CA PHE P 154 22.09 36.02 -0.50
C PHE P 154 20.64 36.49 -0.48
N ALA P 155 19.79 35.94 -1.34
CA ALA P 155 18.38 36.29 -1.28
C ALA P 155 17.72 35.74 -0.02
N ASP P 156 18.09 34.53 0.39
CA ASP P 156 17.63 34.03 1.68
C ASP P 156 18.26 34.79 2.84
N VAL P 157 19.56 35.10 2.74
CA VAL P 157 20.24 35.90 3.76
C VAL P 157 19.61 37.28 3.91
N ARG P 158 19.27 37.94 2.80
CA ARG P 158 18.56 39.22 2.87
C ARG P 158 17.18 39.10 3.50
N ASP P 159 16.44 38.06 3.17
CA ASP P 159 15.10 37.90 3.75
C ASP P 159 15.14 37.51 5.22
N ILE P 160 16.09 36.66 5.60
CA ILE P 160 16.35 36.42 7.02
C ILE P 160 16.64 37.73 7.75
N ALA P 161 17.43 38.61 7.13
CA ALA P 161 17.76 39.90 7.72
C ALA P 161 16.59 40.87 7.78
N GLU P 162 15.50 40.62 7.05
CA GLU P 162 14.55 41.71 6.84
C GLU P 162 13.12 41.30 7.13
N ASP P 163 12.77 40.04 6.89
CA ASP P 163 11.54 39.52 7.45
C ASP P 163 11.65 39.35 8.96
N LEU P 164 12.82 38.94 9.42
CA LEU P 164 13.13 38.90 10.85
C LEU P 164 14.03 40.09 11.16
N GLY P 165 13.81 40.72 12.29
CA GLY P 165 14.68 41.81 12.71
C GLY P 165 16.04 41.33 13.19
N ILE P 166 16.82 40.71 12.30
CA ILE P 166 18.09 40.09 12.67
C ILE P 166 19.23 40.89 12.07
N ALA P 167 20.19 41.26 12.91
CA ALA P 167 21.48 41.83 12.49
C ALA P 167 22.35 40.76 11.86
N VAL P 168 22.14 40.54 10.56
CA VAL P 168 23.05 39.70 9.79
C VAL P 168 24.37 40.45 9.58
N VAL P 169 25.47 39.82 9.94
CA VAL P 169 26.81 40.38 9.79
C VAL P 169 27.58 39.54 8.79
N LEU P 170 28.07 40.19 7.74
CA LEU P 170 28.90 39.52 6.73
C LEU P 170 30.36 39.85 7.00
N VAL P 171 31.20 38.83 7.01
CA VAL P 171 32.61 38.98 7.37
C VAL P 171 33.46 38.40 6.26
N GLY P 172 34.46 39.15 5.82
CA GLY P 172 35.29 38.68 4.72
C GLY P 172 36.42 39.65 4.44
N THR P 173 37.17 39.30 3.39
CA THR P 173 38.22 40.15 2.84
C THR P 173 37.60 41.19 1.91
N ASP P 174 38.46 41.95 1.21
CA ASP P 174 37.99 42.80 0.11
C ASP P 174 37.24 42.02 -0.97
N ARG P 175 37.42 40.69 -1.02
CA ARG P 175 36.63 39.85 -1.90
C ARG P 175 35.14 39.85 -1.53
N LEU P 176 34.82 40.14 -0.27
CA LEU P 176 33.43 40.32 0.11
C LEU P 176 32.83 41.60 -0.50
N ASP P 177 33.61 42.69 -0.52
CA ASP P 177 33.17 43.89 -1.23
C ASP P 177 32.91 43.63 -2.71
N ALA P 178 33.74 42.80 -3.35
CA ALA P 178 33.51 42.46 -4.75
C ALA P 178 32.23 41.66 -4.95
N VAL P 179 31.92 40.74 -4.02
CA VAL P 179 30.68 39.97 -4.11
C VAL P 179 29.45 40.83 -3.87
N ILE P 180 29.42 41.57 -2.76
CA ILE P 180 28.23 42.37 -2.42
C ILE P 180 28.00 43.49 -3.42
N LYS P 181 29.05 44.01 -4.04
CA LYS P 181 28.87 45.04 -5.07
C LYS P 181 28.15 44.51 -6.31
N ARG P 182 28.21 43.20 -6.55
CA ARG P 182 27.63 42.62 -7.75
C ARG P 182 26.10 42.56 -7.73
N ASP P 183 25.45 42.64 -6.57
CA ASP P 183 24.01 42.84 -6.48
C ASP P 183 23.71 44.10 -5.68
N GLU P 184 23.10 45.09 -6.34
CA GLU P 184 22.74 46.35 -5.67
C GLU P 184 21.88 46.12 -4.43
N GLN P 185 21.08 45.05 -4.40
CA GLN P 185 20.23 44.82 -3.24
C GLN P 185 21.05 44.39 -2.04
N VAL P 186 22.10 43.61 -2.28
CA VAL P 186 23.03 43.26 -1.20
C VAL P 186 23.89 44.46 -0.82
N LEU P 187 24.50 45.10 -1.81
CA LEU P 187 25.31 46.29 -1.59
C LEU P 187 24.62 47.33 -0.72
N GLU P 188 23.42 47.74 -1.12
CA GLU P 188 22.73 48.81 -0.41
C GLU P 188 22.13 48.40 0.93
N ARG P 189 22.08 47.11 1.23
CA ARG P 189 21.72 46.63 2.56
C ARG P 189 22.93 46.56 3.50
N PHE P 190 24.06 46.10 2.99
CA PHE P 190 25.28 45.87 3.77
C PHE P 190 26.31 47.00 3.58
N ARG P 191 25.82 48.19 3.26
CA ARG P 191 26.67 49.36 3.04
C ARG P 191 27.47 49.74 4.28
N ALA P 192 26.87 49.63 5.47
CA ALA P 192 27.58 49.88 6.72
C ALA P 192 28.72 48.87 6.89
N HIS P 193 29.92 49.39 7.18
CA HIS P 193 31.08 48.55 7.36
C HIS P 193 31.95 49.06 8.50
N LEU P 194 32.69 48.13 9.10
CA LEU P 194 33.82 48.42 9.98
C LEU P 194 35.12 48.03 9.32
N ARG P 195 36.05 48.97 9.25
CA ARG P 195 37.36 48.75 8.65
C ARG P 195 38.31 48.14 9.68
N PHE P 196 38.57 46.85 9.55
CA PHE P 196 39.70 46.19 10.19
C PHE P 196 40.97 46.42 9.37
N GLY P 197 42.12 46.31 10.04
CA GLY P 197 43.37 46.47 9.30
C GLY P 197 44.58 46.39 10.21
N LYS P 198 45.72 46.72 9.61
CA LYS P 198 47.00 46.76 10.32
C LYS P 198 46.97 47.73 11.51
N LEU P 199 47.51 47.27 12.63
CA LEU P 199 47.76 48.14 13.77
C LEU P 199 48.91 49.09 13.44
N SER P 200 48.79 50.34 13.87
CA SER P 200 49.88 51.30 13.71
C SER P 200 51.09 50.89 14.55
N GLY P 201 52.26 51.36 14.10
CA GLY P 201 53.53 50.91 14.68
C GLY P 201 53.59 50.98 16.19
N GLU P 202 52.97 52.00 16.80
CA GLU P 202 52.93 52.11 18.24
C GLU P 202 52.02 51.05 18.87
N ASP P 203 50.92 50.68 18.20
CA ASP P 203 50.13 49.56 18.69
C ASP P 203 50.76 48.23 18.31
N PHE P 204 51.44 48.19 17.16
CA PHE P 204 52.25 47.04 16.81
C PHE P 204 53.36 46.82 17.84
N LYS P 205 54.03 47.91 18.23
CA LYS P 205 54.95 47.87 19.38
C LYS P 205 54.30 47.30 20.63
N ASN P 206 53.12 47.81 20.99
CA ASN P 206 52.43 47.35 22.20
C ASN P 206 51.90 45.93 22.08
N THR P 207 51.69 45.42 20.86
CA THR P 207 51.25 44.03 20.70
C THR P 207 52.37 43.03 20.97
N VAL P 208 53.55 43.25 20.40
CA VAL P 208 54.69 42.38 20.66
C VAL P 208 55.08 42.40 22.14
N GLU P 209 54.99 43.57 22.78
CA GLU P 209 55.12 43.65 24.23
C GLU P 209 54.12 42.76 24.96
N MET P 210 52.91 42.59 24.43
CA MET P 210 51.87 41.85 25.13
C MET P 210 51.92 40.34 24.91
N TRP P 211 52.47 39.89 23.77
CA TRP P 211 52.50 38.46 23.48
C TRP P 211 53.34 37.67 24.47
N GLU P 212 54.44 38.27 24.95
CA GLU P 212 55.23 37.62 26.00
C GLU P 212 54.43 37.41 27.28
N GLN P 213 53.53 38.33 27.60
CA GLN P 213 52.80 38.26 28.85
C GLN P 213 51.58 37.34 28.76
N MET P 214 50.85 37.41 27.65
CA MET P 214 49.59 36.69 27.49
C MET P 214 49.74 35.34 26.81
N VAL P 215 50.78 35.12 26.01
CA VAL P 215 50.77 33.97 25.11
C VAL P 215 51.91 33.01 25.39
N LEU P 216 53.16 33.50 25.31
CA LEU P 216 54.30 32.58 25.40
C LEU P 216 54.41 31.95 26.77
N LYS P 217 54.39 32.77 27.83
CA LYS P 217 54.58 32.31 29.21
C LYS P 217 55.89 31.53 29.39
N LEU P 218 56.86 31.72 28.49
CA LEU P 218 58.10 30.97 28.55
C LEU P 218 58.85 31.22 29.86
N PRO P 219 59.70 30.27 30.27
CA PRO P 219 60.41 30.42 31.54
C PRO P 219 61.21 31.70 31.68
N VAL P 220 61.82 32.20 30.60
CA VAL P 220 62.60 33.42 30.63
C VAL P 220 62.18 34.33 29.48
N SER P 221 62.05 35.62 29.77
CA SER P 221 61.64 36.61 28.80
C SER P 221 62.76 36.92 27.80
N SER P 222 62.34 37.38 26.62
CA SER P 222 63.23 37.82 25.55
C SER P 222 63.19 39.33 25.33
N ASN P 223 62.23 40.03 25.94
CA ASN P 223 62.05 41.48 25.81
C ASN P 223 61.82 41.87 24.34
N LEU P 224 60.87 41.19 23.72
CA LEU P 224 60.65 41.27 22.27
C LEU P 224 60.23 42.65 21.81
N LYS P 225 59.76 43.51 22.72
CA LYS P 225 59.51 44.92 22.40
C LYS P 225 60.78 45.71 22.12
N SER P 226 61.96 45.11 22.31
CA SER P 226 63.20 45.77 21.92
C SER P 226 63.19 46.15 20.45
N LYS P 227 63.85 47.27 20.16
CA LYS P 227 63.79 47.91 18.85
C LYS P 227 64.33 47.00 17.75
N GLU P 228 65.41 46.26 18.02
CA GLU P 228 65.94 45.35 17.02
C GLU P 228 65.03 44.14 16.79
N MET P 229 64.34 43.67 17.83
CA MET P 229 63.32 42.65 17.61
C MET P 229 62.15 43.18 16.79
N LEU P 230 61.68 44.39 17.11
CA LEU P 230 60.66 45.06 16.30
C LEU P 230 61.09 45.21 14.85
N ARG P 231 62.36 45.55 14.62
CA ARG P 231 62.88 45.65 13.25
C ARG P 231 62.88 44.31 12.52
N ILE P 232 63.42 43.26 13.15
CA ILE P 232 63.43 41.95 12.48
C ILE P 232 62.02 41.38 12.32
N LEU P 233 61.11 41.65 13.26
CA LEU P 233 59.71 41.32 13.03
C LEU P 233 59.12 42.09 11.85
N THR P 234 59.37 43.41 11.80
CA THR P 234 58.88 44.20 10.67
C THR P 234 59.44 43.72 9.35
N SER P 235 60.63 43.12 9.37
CA SER P 235 61.20 42.53 8.16
C SER P 235 60.39 41.34 7.66
N ALA P 236 59.50 40.78 8.49
CA ALA P 236 58.85 39.53 8.15
C ALA P 236 57.36 39.47 8.48
N THR P 237 56.85 40.31 9.38
CA THR P 237 55.55 40.08 10.00
C THR P 237 54.95 41.39 10.51
N GLU P 238 55.14 42.45 9.73
CA GLU P 238 54.69 43.78 10.11
C GLU P 238 53.18 43.88 10.17
N GLY P 239 52.68 44.39 11.30
CA GLY P 239 51.33 44.92 11.43
C GLY P 239 50.21 43.92 11.62
N TYR P 240 50.40 42.64 11.30
CA TYR P 240 49.31 41.68 11.32
C TYR P 240 49.37 40.81 12.57
N ILE P 241 48.26 40.80 13.32
CA ILE P 241 48.17 40.00 14.54
C ILE P 241 48.36 38.52 14.23
N GLY P 242 47.66 38.03 13.21
CA GLY P 242 47.71 36.63 12.86
C GLY P 242 49.02 36.19 12.22
N ARG P 243 49.91 37.11 11.91
CA ARG P 243 51.26 36.76 11.47
C ARG P 243 52.30 36.83 12.59
N LEU P 244 52.24 37.84 13.47
CA LEU P 244 53.21 37.91 14.56
C LEU P 244 52.98 36.81 15.59
N ASP P 245 51.75 36.34 15.74
CA ASP P 245 51.48 35.21 16.62
C ASP P 245 52.24 33.96 16.17
N GLU P 246 51.99 33.54 14.93
CA GLU P 246 52.62 32.32 14.40
C GLU P 246 54.13 32.45 14.32
N ILE P 247 54.64 33.67 14.10
CA ILE P 247 56.08 33.91 14.15
C ILE P 247 56.64 33.56 15.54
N LEU P 248 56.06 34.15 16.59
CA LEU P 248 56.61 33.95 17.93
C LEU P 248 56.37 32.54 18.45
N ARG P 249 55.26 31.89 18.09
CA ARG P 249 55.08 30.47 18.39
C ARG P 249 56.14 29.61 17.74
N GLU P 250 56.38 29.79 16.44
CA GLU P 250 57.42 29.04 15.76
C GLU P 250 58.80 29.33 16.32
N ALA P 251 59.08 30.61 16.60
CA ALA P 251 60.35 30.98 17.23
C ALA P 251 60.51 30.34 18.60
N ALA P 252 59.44 30.26 19.39
CA ALA P 252 59.48 29.51 20.64
C ALA P 252 59.69 28.02 20.41
N ILE P 253 58.95 27.41 19.49
CA ILE P 253 59.09 25.98 19.24
C ILE P 253 60.49 25.63 18.76
N ARG P 254 61.06 26.44 17.86
CA ARG P 254 62.43 26.24 17.42
C ARG P 254 63.46 26.59 18.49
N SER P 255 63.09 27.44 19.47
CA SER P 255 63.96 27.71 20.61
C SER P 255 63.95 26.56 21.63
N LEU P 256 62.75 26.12 22.01
CA LEU P 256 62.63 25.04 22.98
C LEU P 256 63.26 23.74 22.51
N SER P 257 63.07 23.38 21.22
CA SER P 257 63.72 22.20 20.67
C SER P 257 65.24 22.33 20.58
N ARG P 258 65.78 23.53 20.81
CA ARG P 258 67.23 23.72 20.95
C ARG P 258 67.67 23.84 22.41
N GLY P 259 66.77 23.55 23.36
CA GLY P 259 67.10 23.57 24.77
C GLY P 259 67.18 24.93 25.41
N LEU P 260 66.83 25.99 24.68
CA LEU P 260 66.89 27.35 25.20
C LEU P 260 65.71 27.62 26.12
N LYS P 261 65.96 28.37 27.19
CA LYS P 261 64.90 28.79 28.09
C LYS P 261 64.13 29.99 27.53
N LYS P 262 64.58 30.55 26.43
CA LYS P 262 64.09 31.83 25.91
C LYS P 262 64.18 31.79 24.40
N ILE P 263 63.40 32.67 23.76
CA ILE P 263 63.61 32.98 22.36
C ILE P 263 64.95 33.68 22.19
N ASP P 264 65.83 33.08 21.40
CA ASP P 264 67.11 33.68 21.06
C ASP P 264 66.96 34.56 19.83
N LYS P 265 67.68 35.69 19.85
CA LYS P 265 67.69 36.64 18.73
C LYS P 265 67.90 35.95 17.39
N ALA P 266 68.88 35.05 17.32
CA ALA P 266 69.18 34.37 16.06
C ALA P 266 68.13 33.34 15.69
N VAL P 267 67.55 32.67 16.68
CA VAL P 267 66.46 31.74 16.40
C VAL P 267 65.22 32.49 15.88
N LEU P 268 64.89 33.63 16.50
CA LEU P 268 63.80 34.45 15.98
C LEU P 268 64.06 34.93 14.56
N GLN P 269 65.27 35.40 14.29
CA GLN P 269 65.63 35.79 12.93
C GLN P 269 65.59 34.60 11.96
N GLU P 270 66.06 33.43 12.39
CA GLU P 270 65.96 32.25 11.56
C GLU P 270 64.51 31.85 11.30
N VAL P 271 63.61 32.12 12.25
CA VAL P 271 62.19 31.95 11.98
C VAL P 271 61.66 33.07 11.10
N ALA P 272 62.09 34.31 11.35
CA ALA P 272 61.67 35.43 10.51
C ALA P 272 62.12 35.25 9.07
N LYS P 273 63.20 34.50 8.85
CA LYS P 273 63.60 34.12 7.50
C LYS P 273 62.57 33.22 6.80
N GLU P 274 61.72 32.53 7.56
CA GLU P 274 60.85 31.53 6.97
C GLU P 274 59.56 32.09 6.40
N TYR P 275 59.21 33.33 6.75
CA TYR P 275 57.91 33.88 6.38
C TYR P 275 58.04 35.06 5.42
#